data_7UEH
#
_entry.id   7UEH
#
_cell.length_a   207.929
_cell.length_b   256.126
_cell.length_c   82.683
_cell.angle_alpha   90.000
_cell.angle_beta   90.000
_cell.angle_gamma   90.000
#
_symmetry.space_group_name_H-M   'P 21 21 2'
#
loop_
_entity.id
_entity.type
_entity.pdbx_description
1 polymer 'Pyruvate kinase'
2 non-polymer GLYCEROL
3 non-polymer 'PHOSPHATE ION'
4 water water
#
_entity_poly.entity_id   1
_entity_poly.type   'polypeptide(L)'
_entity_poly.pdbx_seq_one_letter_code
;MTEGLFPRGRKVRVVSTLGPASSTAEQIRDRFLAGADVFRINMSHGTHDEKKVIVDNIRALEKEFNRPTTILFDLQGPKL
RVGDFKEGKVQLKEGQTFTFDQDPTLGDETRVNLPHPEIFKALDKGHRLLLDDGKIVVRCVESSPTKIVTRVEVPGPLSD
HKGFNVPDVVIPLAALTPKDRKDLDFALKEKADWVALSFVQRVEDVIEAKELIKGRAPLLVKLEKPAAIENLESILAATD
AVMVARGDLGVECLPESVPPTQKRIVERSRQLGKPVVVATAMLESMIKAPAPTRAEVSDVANAIYEGADGIMLSAESAAG
DWPHEAVNMMHRIASYVENAPGYIERVRFTPTPAEPTTVDALAENASKTAETVGAKAIIVFTETGKTAQRVSRARPVAPI
LSLTPDAEVARRLGLVWGAQPVQVSTVKTLDEAKKLAAETAKKYGFAKAGDKLVVVAGEPFGKAGTTNIVDVIEA
;
_entity_poly.pdbx_strand_id   G,A,B,H,E,F,C,D
#
loop_
_chem_comp.id
_chem_comp.type
_chem_comp.name
_chem_comp.formula
GOL non-polymer GLYCEROL 'C3 H8 O3'
PO4 non-polymer 'PHOSPHATE ION' 'O4 P -3'
#
# COMPACT_ATOMS: atom_id res chain seq x y z
N GLU A 3 15.06 40.35 20.32
CA GLU A 3 16.02 39.61 21.13
C GLU A 3 15.37 38.62 22.07
N GLY A 4 15.84 37.38 22.01
CA GLY A 4 15.16 36.28 22.65
C GLY A 4 13.95 35.83 21.86
N LEU A 5 13.69 36.50 20.74
CA LEU A 5 12.55 36.21 19.88
C LEU A 5 12.97 35.33 18.71
N PHE A 6 13.90 35.83 17.89
CA PHE A 6 14.49 35.09 16.79
C PHE A 6 15.96 35.44 16.59
N PRO A 7 16.90 34.46 16.74
CA PRO A 7 16.71 33.07 17.22
C PRO A 7 16.33 32.97 18.72
N ARG A 8 15.59 31.93 19.05
CA ARG A 8 15.12 31.75 20.41
C ARG A 8 16.12 31.10 21.34
N GLY A 9 17.19 30.54 20.81
CA GLY A 9 18.14 29.85 21.64
C GLY A 9 17.72 28.45 21.99
N ARG A 10 16.68 27.94 21.36
CA ARG A 10 16.27 26.57 21.55
C ARG A 10 15.38 26.19 20.38
N LYS A 11 15.29 24.89 20.15
CA LYS A 11 14.71 24.35 18.94
C LYS A 11 13.31 23.81 19.11
N VAL A 12 12.95 23.33 20.31
CA VAL A 12 11.58 22.89 20.55
C VAL A 12 10.65 24.08 20.37
N ARG A 13 9.41 23.80 20.02
CA ARG A 13 8.40 24.80 19.76
C ARG A 13 7.35 24.85 20.86
N VAL A 14 6.93 26.06 21.21
CA VAL A 14 5.93 26.28 22.24
C VAL A 14 4.58 26.55 21.56
N VAL A 15 3.60 25.70 21.84
CA VAL A 15 2.21 25.91 21.44
C VAL A 15 1.46 26.48 22.64
N SER A 16 0.95 27.71 22.54
CA SER A 16 0.19 28.33 23.64
C SER A 16 -1.25 28.53 23.22
N THR A 17 -2.17 28.04 24.04
CA THR A 17 -3.59 28.24 23.78
C THR A 17 -4.04 29.65 24.17
N LEU A 18 -4.75 30.32 23.26
CA LEU A 18 -5.32 31.62 23.51
C LEU A 18 -6.71 31.49 24.08
N GLY A 19 -7.11 32.53 24.79
CA GLY A 19 -8.38 32.56 25.47
C GLY A 19 -8.51 33.81 26.31
N PRO A 20 -9.42 33.78 27.28
CA PRO A 20 -9.69 34.99 28.08
C PRO A 20 -8.47 35.66 28.69
N ALA A 21 -7.49 34.89 29.17
CA ALA A 21 -6.31 35.45 29.81
C ALA A 21 -5.29 35.96 28.82
N SER A 22 -5.46 35.66 27.53
CA SER A 22 -4.43 35.93 26.52
C SER A 22 -5.18 36.11 25.20
N SER A 23 -5.69 37.33 24.98
CA SER A 23 -6.52 37.57 23.83
C SER A 23 -6.28 38.94 23.22
N THR A 24 -6.06 39.95 24.04
CA THR A 24 -5.93 41.28 23.46
C THR A 24 -4.62 41.37 22.69
N ALA A 25 -4.61 42.26 21.70
CA ALA A 25 -3.39 42.55 20.95
C ALA A 25 -2.15 42.62 21.84
N GLU A 26 -2.15 43.49 22.87
CA GLU A 26 -0.97 43.61 23.72
C GLU A 26 -0.62 42.27 24.37
N GLN A 27 -1.64 41.51 24.79
CA GLN A 27 -1.38 40.22 25.42
C GLN A 27 -0.76 39.24 24.41
N ILE A 28 -1.41 39.06 23.26
CA ILE A 28 -0.89 38.15 22.25
C ILE A 28 0.54 38.52 21.88
N ARG A 29 0.83 39.81 21.79
CA ARG A 29 2.20 40.24 21.51
C ARG A 29 3.14 39.81 22.64
N ASP A 30 2.73 40.07 23.89
CA ASP A 30 3.50 39.62 25.06
C ASP A 30 3.88 38.15 24.98
N ARG A 31 2.91 37.26 24.76
CA ARG A 31 3.20 35.83 24.76
C ARG A 31 4.20 35.48 23.67
N PHE A 32 4.05 36.08 22.50
CA PHE A 32 5.00 35.87 21.40
C PHE A 32 6.41 36.16 21.89
N LEU A 33 6.60 37.33 22.49
CA LEU A 33 7.92 37.70 22.99
C LEU A 33 8.36 36.79 24.10
N ALA A 34 7.42 36.34 24.93
CA ALA A 34 7.72 35.53 26.10
C ALA A 34 8.22 34.15 25.72
N GLY A 35 7.96 33.69 24.49
CA GLY A 35 8.40 32.38 24.03
C GLY A 35 7.38 31.56 23.26
N ALA A 36 6.15 32.04 23.11
CA ALA A 36 5.14 31.27 22.41
C ALA A 36 5.39 31.27 20.89
N ASP A 37 5.38 30.09 20.27
CA ASP A 37 5.65 29.98 18.84
C ASP A 37 4.42 29.68 18.01
N VAL A 38 3.59 28.75 18.43
CA VAL A 38 2.36 28.43 17.74
C VAL A 38 1.18 28.84 18.61
N PHE A 39 0.25 29.61 18.04
CA PHE A 39 -0.96 29.99 18.76
C PHE A 39 -2.09 29.02 18.46
N ARG A 40 -2.64 28.41 19.51
CA ARG A 40 -3.73 27.46 19.37
C ARG A 40 -5.04 28.20 19.67
N ILE A 41 -5.95 28.17 18.72
CA ILE A 41 -7.27 28.75 18.86
C ILE A 41 -8.26 27.59 18.94
N ASN A 42 -8.91 27.46 20.08
CA ASN A 42 -9.86 26.37 20.31
C ASN A 42 -11.23 26.80 19.80
N MET A 43 -11.81 26.01 18.90
CA MET A 43 -13.06 26.45 18.31
C MET A 43 -14.29 26.04 19.12
N SER A 44 -14.11 25.36 20.25
CA SER A 44 -15.28 24.84 20.95
C SER A 44 -16.09 25.96 21.60
N HIS A 45 -15.45 27.04 22.03
CA HIS A 45 -16.16 28.16 22.63
C HIS A 45 -15.87 29.44 21.86
N GLY A 46 -16.68 30.46 22.11
CA GLY A 46 -16.56 31.74 21.42
C GLY A 46 -17.21 31.72 20.06
N THR A 47 -17.21 32.91 19.44
CA THR A 47 -17.81 33.14 18.14
C THR A 47 -16.73 33.42 17.12
N HIS A 48 -17.10 33.27 15.85
CA HIS A 48 -16.16 33.55 14.78
C HIS A 48 -15.70 35.00 14.84
N ASP A 49 -16.63 35.93 15.07
CA ASP A 49 -16.29 37.35 15.05
C ASP A 49 -15.13 37.67 16.00
N GLU A 50 -15.09 36.99 17.16
CA GLU A 50 -14.00 37.21 18.12
C GLU A 50 -12.70 36.55 17.67
N LYS A 51 -12.80 35.34 17.09
CA LYS A 51 -11.61 34.69 16.55
C LYS A 51 -10.96 35.58 15.49
N LYS A 52 -11.77 36.12 14.58
CA LYS A 52 -11.27 36.99 13.52
C LYS A 52 -10.45 38.13 14.10
N VAL A 53 -10.87 38.68 15.26
CA VAL A 53 -10.08 39.72 15.91
C VAL A 53 -8.75 39.16 16.38
N ILE A 54 -8.79 38.00 17.05
CA ILE A 54 -7.58 37.35 17.51
C ILE A 54 -6.66 37.05 16.32
N VAL A 55 -7.17 36.37 15.31
CA VAL A 55 -6.36 36.05 14.15
C VAL A 55 -5.62 37.28 13.66
N ASP A 56 -6.36 38.36 13.44
CA ASP A 56 -5.74 39.59 12.94
C ASP A 56 -4.67 40.07 13.89
N ASN A 57 -4.91 39.97 15.21
CA ASN A 57 -3.92 40.34 16.21
C ASN A 57 -2.69 39.42 16.16
N ILE A 58 -2.86 38.13 15.93
CA ILE A 58 -1.69 37.29 15.76
C ILE A 58 -0.90 37.75 14.52
N ARG A 59 -1.61 37.90 13.40
CA ARG A 59 -0.98 38.23 12.13
C ARG A 59 -0.31 39.58 12.14
N ALA A 60 -0.71 40.47 13.03
CA ALA A 60 -0.09 41.78 13.11
C ALA A 60 1.33 41.70 13.58
N LEU A 61 1.67 40.63 14.29
CA LEU A 61 3.05 40.43 14.73
C LEU A 61 4.01 40.38 13.56
N GLU A 62 3.54 40.00 12.37
CA GLU A 62 4.45 39.74 11.29
C GLU A 62 5.14 41.01 10.84
N LYS A 63 4.40 42.13 10.80
CA LYS A 63 5.03 43.40 10.43
C LYS A 63 5.94 43.91 11.55
N GLU A 64 5.48 43.85 12.80
CA GLU A 64 6.30 44.37 13.88
C GLU A 64 7.65 43.67 13.92
N PHE A 65 7.65 42.33 13.79
CA PHE A 65 8.85 41.55 14.04
C PHE A 65 9.47 40.88 12.82
N ASN A 66 8.90 41.02 11.63
CA ASN A 66 9.40 40.35 10.43
C ASN A 66 9.65 38.87 10.70
N ARG A 67 8.64 38.26 11.30
CA ARG A 67 8.62 36.84 11.53
C ARG A 67 7.27 36.32 11.07
N PRO A 68 7.26 35.14 10.44
CA PRO A 68 6.00 34.47 10.15
C PRO A 68 5.41 33.92 11.44
N THR A 69 4.11 34.12 11.63
CA THR A 69 3.36 33.53 12.72
C THR A 69 2.76 32.19 12.31
N THR A 70 2.24 31.46 13.30
CA THR A 70 1.70 30.12 13.08
C THR A 70 0.42 29.93 13.91
N ILE A 71 -0.68 29.56 13.26
CA ILE A 71 -1.98 29.46 13.93
C ILE A 71 -2.52 28.05 13.78
N LEU A 72 -2.76 27.37 14.92
CA LEU A 72 -3.35 26.04 14.93
C LEU A 72 -4.79 26.15 15.41
N PHE A 73 -5.74 25.68 14.59
CA PHE A 73 -7.17 25.72 14.88
C PHE A 73 -7.60 24.32 15.33
N ASP A 74 -8.10 24.21 16.55
CA ASP A 74 -8.46 22.94 17.17
C ASP A 74 -9.98 22.78 17.16
N LEU A 75 -10.46 21.77 16.44
CA LEU A 75 -11.88 21.47 16.32
C LEU A 75 -12.33 20.48 17.40
N GLN A 76 -13.49 20.78 18.00
CA GLN A 76 -13.94 20.10 19.22
C GLN A 76 -14.22 18.62 18.97
N GLY A 77 -14.94 18.30 17.90
CA GLY A 77 -15.44 16.97 17.70
C GLY A 77 -16.66 16.69 18.54
N PRO A 78 -17.08 15.43 18.56
CA PRO A 78 -18.29 15.04 19.30
C PRO A 78 -18.18 15.25 20.80
N LYS A 79 -19.30 15.63 21.40
CA LYS A 79 -19.44 15.91 22.83
C LYS A 79 -20.48 14.94 23.38
N LEU A 80 -20.03 13.81 23.90
CA LEU A 80 -20.94 12.77 24.35
C LEU A 80 -21.36 13.04 25.79
N ARG A 81 -22.67 13.19 26.02
CA ARG A 81 -23.23 13.52 27.32
C ARG A 81 -24.49 12.73 27.63
N VAL A 82 -24.66 12.36 28.90
CA VAL A 82 -25.89 11.70 29.28
C VAL A 82 -26.98 12.74 29.40
N GLY A 83 -28.19 12.28 29.72
CA GLY A 83 -29.35 13.13 29.87
C GLY A 83 -29.46 13.68 31.27
N ASP A 84 -30.67 14.12 31.61
CA ASP A 84 -30.90 14.76 32.89
C ASP A 84 -31.70 13.86 33.83
N PHE A 85 -31.55 14.13 35.13
CA PHE A 85 -32.19 13.37 36.21
C PHE A 85 -33.23 14.21 36.95
N LYS A 86 -34.21 13.52 37.52
CA LYS A 86 -35.34 14.19 38.17
C LYS A 86 -34.88 15.09 39.31
N GLU A 87 -33.92 14.62 40.09
CA GLU A 87 -33.39 15.40 41.20
C GLU A 87 -32.08 16.08 40.87
N GLY A 88 -31.71 16.14 39.59
CA GLY A 88 -30.44 16.69 39.18
C GLY A 88 -29.25 15.78 39.35
N LYS A 89 -29.32 14.80 40.26
CA LYS A 89 -28.23 13.86 40.43
C LYS A 89 -28.76 12.60 41.10
N VAL A 90 -27.91 11.57 41.12
CA VAL A 90 -28.20 10.30 41.77
C VAL A 90 -26.88 9.76 42.26
N GLN A 91 -26.95 8.83 43.22
CA GLN A 91 -25.79 8.04 43.63
C GLN A 91 -25.91 6.65 43.02
N LEU A 92 -24.85 6.19 42.38
CA LEU A 92 -24.81 4.86 41.80
C LEU A 92 -24.06 3.98 42.78
N LYS A 93 -24.68 2.90 43.22
CA LYS A 93 -24.07 1.99 44.18
C LYS A 93 -23.43 0.83 43.44
N GLU A 94 -22.29 0.36 43.97
CA GLU A 94 -21.53 -0.62 43.22
C GLU A 94 -22.40 -1.84 42.97
N GLY A 95 -22.32 -2.37 41.75
CA GLY A 95 -22.99 -3.61 41.42
C GLY A 95 -24.45 -3.49 41.09
N GLN A 96 -25.02 -2.29 41.18
CA GLN A 96 -26.41 -2.10 40.78
C GLN A 96 -26.54 -2.12 39.26
N THR A 97 -27.78 -2.32 38.82
CA THR A 97 -28.13 -2.24 37.42
C THR A 97 -28.47 -0.79 37.06
N PHE A 98 -27.93 -0.31 35.94
CA PHE A 98 -28.23 1.05 35.51
C PHE A 98 -28.48 1.04 34.01
N THR A 99 -29.59 1.64 33.59
CA THR A 99 -30.04 1.51 32.21
C THR A 99 -29.96 2.81 31.43
N PHE A 100 -29.50 2.71 30.18
CA PHE A 100 -29.42 3.81 29.25
C PHE A 100 -30.39 3.55 28.10
N ASP A 101 -31.28 4.49 27.83
CA ASP A 101 -32.26 4.26 26.77
C ASP A 101 -32.45 5.56 25.99
N GLN A 102 -33.47 5.59 25.15
CA GLN A 102 -33.77 6.76 24.35
C GLN A 102 -35.07 7.43 24.79
N ASP A 103 -35.51 7.14 26.00
CA ASP A 103 -36.66 7.81 26.57
C ASP A 103 -36.20 9.15 27.13
N PRO A 104 -36.77 10.27 26.68
CA PRO A 104 -36.38 11.57 27.21
C PRO A 104 -36.84 11.81 28.63
N THR A 105 -37.69 10.95 29.17
CA THR A 105 -38.20 11.16 30.51
C THR A 105 -37.03 11.37 31.46
N LEU A 106 -37.25 12.22 32.46
CA LEU A 106 -36.20 12.52 33.41
C LEU A 106 -35.76 11.28 34.15
N GLY A 107 -34.47 11.20 34.38
CA GLY A 107 -33.85 9.98 34.82
C GLY A 107 -33.92 9.83 36.32
N ASP A 108 -33.49 8.68 36.79
CA ASP A 108 -33.50 8.34 38.20
C ASP A 108 -32.32 7.42 38.51
N GLU A 109 -32.37 6.78 39.66
CA GLU A 109 -31.30 5.91 40.11
C GLU A 109 -31.17 4.67 39.25
N THR A 110 -32.16 4.37 38.42
CA THR A 110 -32.07 3.20 37.55
C THR A 110 -31.81 3.52 36.08
N ARG A 111 -32.06 4.76 35.65
CA ARG A 111 -32.34 5.05 34.25
C ARG A 111 -31.84 6.47 33.95
N VAL A 112 -31.25 6.64 32.76
CA VAL A 112 -31.10 7.97 32.21
C VAL A 112 -31.14 7.87 30.70
N ASN A 113 -31.61 8.94 30.06
CA ASN A 113 -31.48 9.12 28.64
C ASN A 113 -30.01 9.22 28.22
N LEU A 114 -29.62 8.43 27.20
CA LEU A 114 -28.33 8.56 26.52
C LEU A 114 -28.63 9.08 25.10
N PRO A 115 -28.64 10.39 24.88
CA PRO A 115 -29.20 10.96 23.66
C PRO A 115 -28.26 10.98 22.47
N HIS A 116 -27.61 9.85 22.22
CA HIS A 116 -26.66 9.74 21.10
C HIS A 116 -26.91 8.40 20.44
N PRO A 117 -27.72 8.37 19.36
CA PRO A 117 -28.08 7.10 18.72
C PRO A 117 -26.91 6.20 18.31
N GLU A 118 -25.75 6.80 18.09
CA GLU A 118 -24.64 6.02 17.56
C GLU A 118 -24.10 5.05 18.61
N ILE A 119 -24.17 5.40 19.89
CA ILE A 119 -23.73 4.48 20.95
C ILE A 119 -24.51 3.18 20.87
N PHE A 120 -25.82 3.30 20.65
CA PHE A 120 -26.69 2.14 20.60
C PHE A 120 -26.43 1.25 19.41
N LYS A 121 -25.67 1.72 18.43
CA LYS A 121 -25.32 0.86 17.31
C LYS A 121 -24.00 0.13 17.50
N ALA A 122 -23.19 0.47 18.51
CA ALA A 122 -21.91 -0.20 18.62
C ALA A 122 -21.67 -0.84 19.99
N LEU A 123 -22.26 -0.28 21.03
CA LEU A 123 -21.98 -0.76 22.37
C LEU A 123 -22.58 -2.16 22.62
N ASP A 124 -21.77 -3.05 23.18
CA ASP A 124 -22.16 -4.44 23.33
C ASP A 124 -21.56 -4.98 24.62
N LYS A 125 -21.75 -6.29 24.87
CA LYS A 125 -21.48 -6.83 26.20
C LYS A 125 -19.99 -6.88 26.47
N GLY A 126 -19.61 -6.47 27.69
CA GLY A 126 -18.23 -6.30 28.04
C GLY A 126 -17.69 -4.90 27.86
N HIS A 127 -18.35 -4.08 27.01
CA HIS A 127 -17.89 -2.72 26.79
C HIS A 127 -18.25 -1.83 27.99
N ARG A 128 -17.37 -0.90 28.29
CA ARG A 128 -17.59 0.06 29.36
C ARG A 128 -18.08 1.40 28.83
N LEU A 129 -18.71 2.15 29.72
CA LEU A 129 -18.91 3.58 29.53
C LEU A 129 -18.28 4.26 30.73
N LEU A 130 -17.50 5.29 30.50
CA LEU A 130 -16.92 6.08 31.57
C LEU A 130 -17.66 7.41 31.65
N LEU A 131 -18.01 7.86 32.86
CA LEU A 131 -18.78 9.08 33.02
C LEU A 131 -18.09 9.99 34.04
N ASP A 132 -18.28 11.30 33.87
CA ASP A 132 -17.67 12.31 34.73
C ASP A 132 -16.14 12.18 34.79
N ASP A 133 -15.52 12.32 33.63
CA ASP A 133 -14.07 12.22 33.55
C ASP A 133 -13.59 10.89 34.12
N GLY A 134 -14.24 9.82 33.72
CA GLY A 134 -13.83 8.52 34.21
C GLY A 134 -14.06 8.26 35.68
N LYS A 135 -14.67 9.19 36.44
CA LYS A 135 -14.93 8.93 37.87
C LYS A 135 -15.85 7.74 38.08
N ILE A 136 -16.78 7.50 37.16
CA ILE A 136 -17.71 6.37 37.25
C ILE A 136 -17.48 5.42 36.09
N VAL A 137 -17.52 4.12 36.37
CA VAL A 137 -17.42 3.10 35.35
C VAL A 137 -18.63 2.20 35.42
N VAL A 138 -19.25 1.95 34.29
CA VAL A 138 -20.33 0.99 34.23
C VAL A 138 -19.97 0.04 33.11
N ARG A 139 -20.45 -1.20 33.20
CA ARG A 139 -20.20 -2.19 32.18
C ARG A 139 -21.47 -2.77 31.58
N CYS A 140 -21.52 -2.79 30.25
CA CYS A 140 -22.68 -3.27 29.55
C CYS A 140 -22.78 -4.76 29.81
N VAL A 141 -23.91 -5.17 30.37
CA VAL A 141 -24.28 -6.58 30.45
C VAL A 141 -25.27 -6.99 29.37
N GLU A 142 -25.91 -6.03 28.70
CA GLU A 142 -27.00 -6.29 27.76
C GLU A 142 -27.21 -5.08 26.87
N SER A 143 -27.35 -5.31 25.56
CA SER A 143 -27.59 -4.15 24.71
C SER A 143 -28.47 -4.52 23.53
N SER A 144 -29.35 -3.60 23.22
CA SER A 144 -30.33 -3.71 22.16
C SER A 144 -30.25 -2.41 21.39
N PRO A 145 -30.88 -2.32 20.23
CA PRO A 145 -30.80 -1.07 19.46
C PRO A 145 -31.38 0.11 20.20
N THR A 146 -32.18 -0.12 21.24
CA THR A 146 -32.80 0.99 21.94
C THR A 146 -32.61 0.99 23.46
N LYS A 147 -31.87 0.03 24.02
CA LYS A 147 -31.64 -0.10 25.46
C LYS A 147 -30.24 -0.63 25.69
N ILE A 148 -29.52 -0.02 26.63
CA ILE A 148 -28.20 -0.47 27.07
C ILE A 148 -28.29 -0.68 28.58
N VAL A 149 -28.09 -1.92 29.03
CA VAL A 149 -28.19 -2.27 30.43
C VAL A 149 -26.79 -2.48 30.98
N THR A 150 -26.47 -1.84 32.09
CA THR A 150 -25.14 -1.93 32.64
C THR A 150 -25.14 -2.32 34.10
N ARG A 151 -24.00 -2.84 34.50
CA ARG A 151 -23.65 -3.04 35.90
C ARG A 151 -22.63 -1.99 36.33
N VAL A 152 -22.90 -1.31 37.45
CA VAL A 152 -21.99 -0.29 37.95
C VAL A 152 -20.80 -0.96 38.61
N GLU A 153 -19.60 -0.73 38.05
CA GLU A 153 -18.35 -1.20 38.65
C GLU A 153 -17.69 -0.16 39.55
N VAL A 154 -17.80 1.11 39.22
CA VAL A 154 -17.18 2.12 40.06
C VAL A 154 -18.20 3.20 40.38
N PRO A 155 -18.72 3.24 41.62
CA PRO A 155 -19.83 4.13 41.95
C PRO A 155 -19.39 5.55 42.20
N GLY A 156 -20.38 6.42 42.30
CA GLY A 156 -20.15 7.79 42.62
C GLY A 156 -21.39 8.54 42.27
N PRO A 157 -21.41 9.83 42.57
CA PRO A 157 -22.53 10.67 42.11
C PRO A 157 -22.51 10.73 40.60
N LEU A 158 -23.68 10.89 40.01
CA LEU A 158 -23.82 11.09 38.58
C LEU A 158 -24.87 12.15 38.40
N SER A 159 -24.47 13.33 37.92
CA SER A 159 -25.33 14.49 37.78
C SER A 159 -25.70 14.78 36.32
N ASP A 160 -26.62 15.73 36.18
CA ASP A 160 -27.25 16.04 34.90
C ASP A 160 -26.23 16.35 33.80
N HIS A 161 -26.50 15.81 32.62
CA HIS A 161 -25.67 15.90 31.40
C HIS A 161 -24.16 15.93 31.68
N LYS A 162 -23.70 14.91 32.38
CA LYS A 162 -22.28 14.67 32.49
C LYS A 162 -21.75 14.06 31.20
N GLY A 163 -20.48 14.31 30.94
CA GLY A 163 -19.86 13.71 29.78
C GLY A 163 -19.54 12.27 30.01
N PHE A 164 -19.40 11.54 28.89
CA PHE A 164 -18.97 10.16 28.97
C PHE A 164 -18.01 9.81 27.84
N ASN A 165 -17.40 8.64 27.94
CA ASN A 165 -16.39 8.14 27.03
C ASN A 165 -16.64 6.67 26.74
N VAL A 166 -16.29 6.26 25.52
CA VAL A 166 -16.54 4.93 24.99
C VAL A 166 -15.21 4.33 24.59
N PRO A 167 -14.41 3.87 25.54
CA PRO A 167 -13.02 3.48 25.21
C PRO A 167 -12.87 2.20 24.43
N ASP A 168 -13.78 1.24 24.58
CA ASP A 168 -13.52 -0.15 24.23
C ASP A 168 -14.03 -0.56 22.85
N VAL A 169 -14.81 0.29 22.17
CA VAL A 169 -15.36 -0.02 20.86
C VAL A 169 -15.50 1.26 20.04
N VAL A 170 -15.17 1.15 18.76
CA VAL A 170 -15.33 2.21 17.79
C VAL A 170 -16.82 2.52 17.61
N ILE A 171 -17.17 3.78 17.59
CA ILE A 171 -18.59 4.13 17.43
C ILE A 171 -18.82 4.82 16.09
N PRO A 172 -19.94 4.54 15.41
CA PRO A 172 -20.16 5.04 14.05
C PRO A 172 -20.63 6.48 14.04
N LEU A 173 -19.70 7.36 14.44
CA LEU A 173 -19.95 8.79 14.61
C LEU A 173 -18.78 9.55 14.02
N ALA A 174 -19.06 10.54 13.18
CA ALA A 174 -17.98 11.21 12.51
C ALA A 174 -17.20 12.06 13.50
N ALA A 175 -15.88 12.05 13.33
CA ALA A 175 -14.97 12.86 14.13
C ALA A 175 -15.15 14.36 13.89
N LEU A 176 -15.77 14.75 12.78
CA LEU A 176 -16.12 16.14 12.52
C LEU A 176 -17.63 16.31 12.61
N THR A 177 -18.07 17.04 13.62
CA THR A 177 -19.48 17.30 13.81
C THR A 177 -19.93 18.44 12.90
N PRO A 178 -21.25 18.64 12.77
CA PRO A 178 -21.72 19.83 12.03
C PRO A 178 -21.12 21.14 12.51
N LYS A 179 -21.06 21.36 13.83
CA LYS A 179 -20.38 22.55 14.34
C LYS A 179 -18.94 22.62 13.82
N ASP A 180 -18.24 21.47 13.82
CA ASP A 180 -16.84 21.41 13.37
C ASP A 180 -16.71 21.75 11.89
N ARG A 181 -17.60 21.21 11.05
CA ARG A 181 -17.51 21.55 9.65
C ARG A 181 -17.60 23.05 9.43
N LYS A 182 -18.46 23.71 10.18
CA LYS A 182 -18.63 25.15 9.97
C LYS A 182 -17.42 25.87 10.54
N ASP A 183 -16.93 25.44 11.70
CA ASP A 183 -15.70 26.02 12.24
C ASP A 183 -14.51 25.76 11.35
N LEU A 184 -14.51 24.66 10.62
CA LEU A 184 -13.39 24.38 9.74
C LEU A 184 -13.37 25.35 8.57
N ASP A 185 -14.53 25.60 7.97
CA ASP A 185 -14.58 26.54 6.87
C ASP A 185 -14.15 27.91 7.31
N PHE A 186 -14.47 28.26 8.54
CA PHE A 186 -14.02 29.55 9.07
C PHE A 186 -12.50 29.54 9.26
N ALA A 187 -11.97 28.45 9.81
CA ALA A 187 -10.52 28.34 9.96
C ALA A 187 -9.82 28.45 8.62
N LEU A 188 -10.32 27.74 7.59
CA LEU A 188 -9.65 27.82 6.29
C LEU A 188 -9.76 29.21 5.66
N LYS A 189 -10.95 29.83 5.72
CA LYS A 189 -11.10 31.22 5.26
C LYS A 189 -10.13 32.15 6.01
N GLU A 190 -9.89 31.87 7.29
CA GLU A 190 -8.89 32.62 8.04
C GLU A 190 -7.48 32.13 7.79
N LYS A 191 -7.31 31.20 6.82
CA LYS A 191 -6.00 30.74 6.40
C LYS A 191 -5.23 30.06 7.53
N ALA A 192 -5.87 29.06 8.16
CA ALA A 192 -5.22 28.30 9.21
C ALA A 192 -3.94 27.68 8.66
N ASP A 193 -2.85 27.82 9.43
CA ASP A 193 -1.64 27.10 9.15
C ASP A 193 -1.75 25.61 9.52
N TRP A 194 -2.45 25.29 10.61
CA TRP A 194 -2.64 23.90 11.00
C TRP A 194 -4.06 23.71 11.52
N VAL A 195 -4.60 22.54 11.26
CA VAL A 195 -5.96 22.22 11.65
C VAL A 195 -5.88 20.95 12.47
N ALA A 196 -6.55 20.95 13.60
CA ALA A 196 -6.46 19.87 14.58
C ALA A 196 -7.78 19.13 14.65
N LEU A 197 -7.72 17.82 14.37
CA LEU A 197 -8.87 16.94 14.41
C LEU A 197 -8.97 16.22 15.75
N SER A 198 -10.19 16.17 16.28
CA SER A 198 -10.50 15.44 17.51
C SER A 198 -11.24 14.15 17.21
N PHE A 199 -11.34 13.31 18.26
CA PHE A 199 -12.18 12.11 18.29
C PHE A 199 -11.77 11.12 17.21
N VAL A 200 -10.47 11.04 16.98
CA VAL A 200 -9.95 10.15 15.97
C VAL A 200 -10.02 8.72 16.47
N GLN A 201 -10.60 7.85 15.66
CA GLN A 201 -10.67 6.43 16.01
C GLN A 201 -9.96 5.54 14.98
N ARG A 202 -10.06 5.86 13.70
CA ARG A 202 -9.57 5.04 12.60
C ARG A 202 -8.92 5.96 11.57
N VAL A 203 -8.13 5.35 10.68
CA VAL A 203 -7.53 6.11 9.58
C VAL A 203 -8.61 6.78 8.71
N GLU A 204 -9.77 6.14 8.55
CA GLU A 204 -10.82 6.74 7.75
C GLU A 204 -11.19 8.13 8.22
N ASP A 205 -11.03 8.41 9.51
CA ASP A 205 -11.36 9.74 10.04
C ASP A 205 -10.36 10.79 9.54
N VAL A 206 -9.12 10.39 9.30
CA VAL A 206 -8.10 11.30 8.79
C VAL A 206 -8.31 11.54 7.31
N ILE A 207 -8.54 10.46 6.56
CA ILE A 207 -8.88 10.58 5.14
C ILE A 207 -10.11 11.48 4.96
N GLU A 208 -11.16 11.23 5.73
CA GLU A 208 -12.36 12.07 5.64
C GLU A 208 -12.01 13.53 5.86
N ALA A 209 -11.25 13.82 6.92
CA ALA A 209 -10.85 15.20 7.18
C ALA A 209 -10.00 15.79 6.04
N LYS A 210 -9.14 15.00 5.42
CA LYS A 210 -8.29 15.62 4.40
C LYS A 210 -9.08 15.86 3.12
N GLU A 211 -10.11 15.06 2.87
CA GLU A 211 -10.96 15.31 1.72
C GLU A 211 -11.72 16.63 1.86
N LEU A 212 -12.27 16.90 3.04
CA LEU A 212 -12.89 18.20 3.24
C LEU A 212 -11.88 19.32 3.05
N ILE A 213 -10.64 19.10 3.48
CA ILE A 213 -9.72 20.23 3.52
C ILE A 213 -9.12 20.53 2.16
N LYS A 214 -9.07 19.57 1.24
CA LYS A 214 -8.59 19.78 -0.13
C LYS A 214 -7.28 20.57 -0.16
N GLY A 215 -6.35 20.14 0.70
CA GLY A 215 -4.98 20.62 0.65
C GLY A 215 -4.83 22.07 1.01
N ARG A 216 -5.77 22.63 1.79
CA ARG A 216 -5.76 24.05 2.12
C ARG A 216 -4.99 24.34 3.40
N ALA A 217 -4.71 23.31 4.20
CA ALA A 217 -3.86 23.42 5.37
C ALA A 217 -3.51 22.00 5.78
N PRO A 218 -2.34 21.81 6.37
CA PRO A 218 -1.98 20.48 6.89
C PRO A 218 -2.77 20.12 8.13
N LEU A 219 -2.85 18.80 8.35
CA LEU A 219 -3.73 18.21 9.32
C LEU A 219 -2.95 17.60 10.48
N LEU A 220 -3.22 18.08 11.71
CA LEU A 220 -2.75 17.45 12.93
C LEU A 220 -3.89 16.61 13.52
N VAL A 221 -3.55 15.38 13.91
CA VAL A 221 -4.47 14.47 14.57
C VAL A 221 -4.14 14.43 16.05
N LYS A 222 -5.17 14.60 16.90
CA LYS A 222 -5.05 14.43 18.34
C LYS A 222 -5.32 12.96 18.66
N LEU A 223 -4.41 12.35 19.46
CA LEU A 223 -4.50 10.94 19.81
C LEU A 223 -5.04 10.87 21.24
N GLU A 224 -6.28 10.47 21.36
CA GLU A 224 -7.01 10.55 22.60
C GLU A 224 -7.55 9.22 23.07
N LYS A 225 -7.80 8.29 22.15
CA LYS A 225 -8.71 7.19 22.34
C LYS A 225 -8.03 5.86 22.09
N PRO A 226 -8.36 4.84 22.89
CA PRO A 226 -7.75 3.51 22.69
C PRO A 226 -7.87 2.97 21.27
N ALA A 227 -8.97 3.21 20.58
CA ALA A 227 -9.04 2.82 19.18
C ALA A 227 -7.86 3.39 18.37
N ALA A 228 -7.53 4.66 18.56
CA ALA A 228 -6.48 5.27 17.74
C ALA A 228 -5.09 4.71 18.07
N ILE A 229 -4.86 4.30 19.31
CA ILE A 229 -3.58 3.68 19.66
C ILE A 229 -3.48 2.30 19.05
N GLU A 230 -4.57 1.55 19.05
CA GLU A 230 -4.56 0.29 18.33
C GLU A 230 -4.25 0.52 16.85
N ASN A 231 -4.77 1.61 16.27
CA ASN A 231 -4.60 1.91 14.86
C ASN A 231 -3.46 2.90 14.59
N LEU A 232 -2.42 2.88 15.43
CA LEU A 232 -1.49 4.01 15.46
C LEU A 232 -0.78 4.17 14.13
N GLU A 233 -0.33 3.05 13.56
CA GLU A 233 0.48 3.11 12.36
C GLU A 233 -0.31 3.67 11.18
N SER A 234 -1.55 3.21 11.01
CA SER A 234 -2.27 3.67 9.84
C SER A 234 -2.60 5.15 10.00
N ILE A 235 -2.97 5.58 11.22
CA ILE A 235 -3.25 7.00 11.48
C ILE A 235 -1.99 7.87 11.35
N LEU A 236 -0.87 7.44 11.95
CA LEU A 236 0.34 8.24 11.81
C LEU A 236 0.70 8.44 10.35
N ALA A 237 0.58 7.38 9.54
CA ALA A 237 0.97 7.46 8.14
C ALA A 237 0.16 8.50 7.38
N ALA A 238 -1.14 8.58 7.65
CA ALA A 238 -2.06 9.41 6.89
C ALA A 238 -2.00 10.87 7.31
N THR A 239 -1.59 11.14 8.55
CA THR A 239 -1.66 12.48 9.11
C THR A 239 -0.42 13.27 8.72
N ASP A 240 -0.45 14.57 8.98
CA ASP A 240 0.74 15.41 8.77
C ASP A 240 1.41 15.76 10.09
N ALA A 241 0.66 15.85 11.18
CA ALA A 241 1.24 16.11 12.49
C ALA A 241 0.43 15.37 13.57
N VAL A 242 0.99 15.38 14.78
CA VAL A 242 0.46 14.62 15.91
C VAL A 242 0.39 15.49 17.18
N MET A 243 -0.62 15.24 17.99
CA MET A 243 -0.63 15.74 19.36
C MET A 243 -0.92 14.58 20.30
N VAL A 244 -0.11 14.46 21.34
CA VAL A 244 -0.37 13.54 22.43
C VAL A 244 -1.30 14.22 23.38
N ALA A 245 -2.59 14.00 23.19
CA ALA A 245 -3.62 14.70 23.94
C ALA A 245 -3.85 13.95 25.25
N ARG A 246 -2.98 14.21 26.23
CA ARG A 246 -2.92 13.35 27.42
C ARG A 246 -4.18 13.41 28.27
N GLY A 247 -4.87 14.56 28.29
CA GLY A 247 -6.07 14.71 29.10
C GLY A 247 -7.10 13.64 28.82
N ASP A 248 -7.43 13.45 27.56
CA ASP A 248 -8.43 12.45 27.23
C ASP A 248 -7.85 11.04 27.22
N LEU A 249 -6.57 10.90 26.89
CA LEU A 249 -5.93 9.59 26.90
C LEU A 249 -5.96 9.00 28.30
N GLY A 250 -5.64 9.82 29.30
CA GLY A 250 -5.62 9.36 30.68
C GLY A 250 -6.99 9.11 31.29
N VAL A 251 -8.06 9.59 30.67
CA VAL A 251 -9.39 9.17 31.02
C VAL A 251 -9.75 7.87 30.32
N GLU A 252 -9.52 7.81 29.02
CA GLU A 252 -9.96 6.64 28.29
C GLU A 252 -9.06 5.46 28.54
N CYS A 253 -7.81 5.69 28.90
CA CYS A 253 -6.95 4.61 29.36
C CYS A 253 -6.54 4.89 30.79
N LEU A 254 -5.84 3.93 31.38
CA LEU A 254 -5.29 4.16 32.70
C LEU A 254 -4.36 5.38 32.66
N PRO A 255 -4.44 6.31 33.62
CA PRO A 255 -3.49 7.42 33.62
C PRO A 255 -2.05 6.92 33.72
N GLU A 256 -1.80 5.83 34.45
CA GLU A 256 -0.43 5.28 34.52
C GLU A 256 0.03 4.69 33.21
N SER A 257 -0.86 4.51 32.23
CA SER A 257 -0.44 4.00 30.93
C SER A 257 -0.10 5.08 29.92
N VAL A 258 -0.36 6.34 30.22
CA VAL A 258 -0.04 7.40 29.28
C VAL A 258 1.45 7.48 28.98
N PRO A 259 2.35 7.40 29.97
CA PRO A 259 3.78 7.72 29.69
C PRO A 259 4.38 6.74 28.69
N PRO A 260 4.18 5.42 28.84
CA PRO A 260 4.65 4.49 27.79
C PRO A 260 3.99 4.72 26.46
N THR A 261 2.75 5.14 26.45
CA THR A 261 2.09 5.44 25.18
C THR A 261 2.62 6.75 24.58
N GLN A 262 3.02 7.72 25.42
CA GLN A 262 3.69 8.92 24.94
C GLN A 262 5.07 8.59 24.36
N LYS A 263 5.85 7.75 25.05
CA LYS A 263 7.11 7.26 24.51
C LYS A 263 6.93 6.67 23.12
N ARG A 264 5.90 5.83 22.94
CA ARG A 264 5.64 5.19 21.65
C ARG A 264 5.26 6.22 20.59
N ILE A 265 4.31 7.09 20.90
CA ILE A 265 3.85 8.07 19.92
C ILE A 265 4.99 8.96 19.48
N VAL A 266 5.78 9.48 20.44
CA VAL A 266 6.81 10.42 20.05
C VAL A 266 7.87 9.72 19.20
N GLU A 267 8.27 8.50 19.58
CA GLU A 267 9.23 7.74 18.77
C GLU A 267 8.73 7.60 17.33
N ARG A 268 7.51 7.05 17.15
CA ARG A 268 7.10 6.71 15.81
C ARG A 268 6.90 7.96 14.99
N SER A 269 6.43 9.06 15.64
CA SER A 269 6.27 10.35 14.95
C SER A 269 7.59 10.89 14.40
N ARG A 270 8.66 10.77 15.18
CA ARG A 270 9.96 11.18 14.67
C ARG A 270 10.42 10.28 13.54
N GLN A 271 10.25 8.96 13.71
CA GLN A 271 10.78 8.06 12.69
C GLN A 271 10.01 8.23 11.38
N LEU A 272 8.75 8.66 11.46
CA LEU A 272 7.94 8.91 10.28
C LEU A 272 8.04 10.35 9.76
N GLY A 273 8.72 11.23 10.48
CA GLY A 273 8.88 12.59 10.01
C GLY A 273 7.71 13.51 10.24
N LYS A 274 6.90 13.24 11.28
CA LYS A 274 5.65 13.96 11.55
C LYS A 274 5.78 14.81 12.81
N PRO A 275 5.67 16.13 12.74
CA PRO A 275 5.86 16.93 13.94
C PRO A 275 4.90 16.45 15.03
N VAL A 276 5.42 16.33 16.27
CA VAL A 276 4.64 15.77 17.38
C VAL A 276 4.62 16.76 18.55
N VAL A 277 3.42 17.00 19.12
CA VAL A 277 3.24 17.93 20.24
C VAL A 277 2.80 17.18 21.49
N VAL A 278 3.39 17.50 22.63
CA VAL A 278 2.99 16.93 23.92
C VAL A 278 2.11 17.96 24.64
N ALA A 279 0.89 17.55 25.01
CA ALA A 279 -0.05 18.49 25.61
C ALA A 279 -0.72 17.95 26.88
N THR A 280 -1.25 18.91 27.63
CA THR A 280 -2.06 18.79 28.82
C THR A 280 -1.26 18.82 30.10
N ALA A 281 -1.55 19.85 30.90
CA ALA A 281 -1.17 20.01 32.32
C ALA A 281 0.34 20.08 32.51
N MET A 282 1.07 20.46 31.47
CA MET A 282 2.53 20.50 31.61
C MET A 282 2.98 21.49 32.68
N LEU A 283 2.27 22.61 32.85
CA LEU A 283 2.53 23.57 33.91
C LEU A 283 1.21 23.92 34.64
N GLU A 284 0.42 22.89 34.92
CA GLU A 284 -0.96 23.07 35.37
C GLU A 284 -1.06 23.91 36.65
N SER A 285 -0.13 23.73 37.60
CA SER A 285 -0.24 24.49 38.84
C SER A 285 -0.09 25.98 38.62
N MET A 286 0.40 26.39 37.44
CA MET A 286 0.55 27.81 37.18
C MET A 286 -0.75 28.43 36.70
N ILE A 287 -1.81 27.64 36.59
CA ILE A 287 -3.13 28.25 36.51
C ILE A 287 -3.37 29.17 37.70
N LYS A 288 -2.92 28.78 38.91
CA LYS A 288 -3.10 29.64 40.09
C LYS A 288 -1.80 30.19 40.66
N ALA A 289 -0.65 29.54 40.44
CA ALA A 289 0.61 29.99 41.04
C ALA A 289 1.57 30.60 40.01
N PRO A 290 2.41 31.56 40.42
CA PRO A 290 3.35 32.18 39.49
C PRO A 290 4.63 31.41 39.25
N ALA A 291 4.73 30.20 39.79
CA ALA A 291 5.88 29.34 39.54
C ALA A 291 5.43 27.90 39.54
N PRO A 292 6.11 27.04 38.78
CA PRO A 292 5.63 25.66 38.60
C PRO A 292 6.07 24.73 39.72
N THR A 293 5.48 23.53 39.73
CA THR A 293 6.03 22.50 40.60
C THR A 293 7.26 21.85 39.98
N ARG A 294 7.98 21.08 40.78
CA ARG A 294 9.12 20.34 40.25
C ARG A 294 8.69 19.25 39.29
N ALA A 295 7.57 18.59 39.56
CA ALA A 295 7.10 17.57 38.64
C ALA A 295 6.84 18.17 37.27
N GLU A 296 6.28 19.38 37.27
CA GLU A 296 5.85 19.99 36.02
C GLU A 296 7.06 20.35 35.16
N VAL A 297 8.11 20.89 35.76
CA VAL A 297 9.31 21.28 35.02
C VAL A 297 10.00 20.03 34.49
N SER A 298 9.97 18.94 35.28
CA SER A 298 10.51 17.66 34.83
C SER A 298 9.73 17.13 33.64
N ASP A 299 8.41 17.28 33.67
CA ASP A 299 7.56 16.84 32.56
C ASP A 299 7.93 17.55 31.26
N VAL A 300 8.11 18.88 31.31
CA VAL A 300 8.43 19.62 30.08
C VAL A 300 9.79 19.17 29.56
N ALA A 301 10.77 19.06 30.46
CA ALA A 301 12.11 18.63 30.09
C ALA A 301 12.11 17.21 29.52
N ASN A 302 11.25 16.33 30.05
CA ASN A 302 11.30 14.96 29.56
C ASN A 302 10.68 14.85 28.19
N ALA A 303 9.74 15.72 27.85
CA ALA A 303 9.26 15.80 26.47
C ALA A 303 10.36 16.31 25.53
N ILE A 304 11.16 17.27 25.99
CA ILE A 304 12.23 17.82 25.16
C ILE A 304 13.29 16.75 24.91
N TYR A 305 13.62 15.95 25.94
CA TYR A 305 14.63 14.89 25.84
C TYR A 305 14.15 13.73 24.95
N GLU A 306 12.84 13.52 24.86
CA GLU A 306 12.26 12.61 23.88
C GLU A 306 12.46 13.12 22.47
N GLY A 307 12.82 14.40 22.32
CA GLY A 307 12.97 14.96 20.99
C GLY A 307 11.68 15.45 20.36
N ALA A 308 10.62 15.64 21.13
CA ALA A 308 9.35 16.08 20.55
C ALA A 308 9.50 17.46 19.90
N ASP A 309 8.71 17.68 18.84
CA ASP A 309 8.75 18.97 18.17
C ASP A 309 8.16 20.08 19.03
N GLY A 310 7.19 19.76 19.88
CA GLY A 310 6.46 20.81 20.57
C GLY A 310 6.00 20.46 21.98
N ILE A 311 5.71 21.52 22.73
CA ILE A 311 5.25 21.45 24.10
C ILE A 311 4.20 22.54 24.25
N MET A 312 3.08 22.20 24.86
CA MET A 312 1.85 22.95 24.69
C MET A 312 1.27 23.37 26.04
N LEU A 313 0.65 24.53 26.03
CA LEU A 313 -0.13 25.00 27.16
C LEU A 313 -1.57 25.21 26.71
N SER A 314 -2.48 24.85 27.61
CA SER A 314 -3.91 24.97 27.41
C SER A 314 -4.40 26.11 28.33
N ALA A 315 -5.05 25.79 29.46
CA ALA A 315 -5.54 26.85 30.36
C ALA A 315 -4.43 27.68 30.99
N GLU A 316 -3.21 27.14 31.10
CA GLU A 316 -2.11 27.90 31.70
C GLU A 316 -1.93 29.24 31.01
N SER A 317 -2.18 29.33 29.71
CA SER A 317 -2.07 30.57 28.97
C SER A 317 -3.42 31.10 28.55
N ALA A 318 -4.39 30.20 28.38
CA ALA A 318 -5.73 30.56 27.94
C ALA A 318 -6.58 31.20 29.03
N ALA A 319 -6.50 30.68 30.24
CA ALA A 319 -7.47 31.04 31.27
C ALA A 319 -6.88 31.33 32.64
N GLY A 320 -5.59 31.16 32.85
CA GLY A 320 -5.05 31.22 34.19
C GLY A 320 -4.68 32.62 34.59
N ASP A 321 -4.20 32.72 35.81
CA ASP A 321 -3.81 33.99 36.39
C ASP A 321 -2.39 34.39 36.04
N TRP A 322 -1.58 33.50 35.48
CA TRP A 322 -0.16 33.82 35.24
C TRP A 322 0.25 33.34 33.85
N PRO A 323 -0.43 33.79 32.81
CA PRO A 323 -0.07 33.30 31.48
C PRO A 323 1.28 33.81 30.97
N HIS A 324 1.72 35.02 31.33
CA HIS A 324 3.03 35.46 30.89
C HIS A 324 4.13 34.59 31.51
N GLU A 325 4.06 34.37 32.82
CA GLU A 325 5.07 33.56 33.48
C GLU A 325 5.03 32.12 32.96
N ALA A 326 3.83 31.61 32.64
CA ALA A 326 3.69 30.24 32.16
C ALA A 326 4.34 30.06 30.79
N VAL A 327 4.04 30.95 29.84
CA VAL A 327 4.73 30.88 28.55
C VAL A 327 6.23 31.00 28.75
N ASN A 328 6.67 32.06 29.45
CA ASN A 328 8.11 32.27 29.65
C ASN A 328 8.78 31.05 30.26
N MET A 329 8.08 30.33 31.15
CA MET A 329 8.67 29.18 31.83
C MET A 329 8.93 28.06 30.84
N MET A 330 8.03 27.88 29.87
CA MET A 330 8.30 26.92 28.80
C MET A 330 9.58 27.28 28.07
N HIS A 331 9.73 28.56 27.74
CA HIS A 331 10.96 29.04 27.08
C HIS A 331 12.18 28.83 27.96
N ARG A 332 12.06 29.10 29.25
CA ARG A 332 13.23 28.92 30.12
C ARG A 332 13.63 27.46 30.23
N ILE A 333 12.66 26.55 30.35
CA ILE A 333 13.03 25.14 30.48
C ILE A 333 13.72 24.65 29.20
N ALA A 334 13.18 25.03 28.03
CA ALA A 334 13.77 24.61 26.77
C ALA A 334 15.18 25.16 26.56
N SER A 335 15.38 26.45 26.89
CA SER A 335 16.69 27.06 26.74
C SER A 335 17.72 26.38 27.61
N TYR A 336 17.36 26.06 28.86
CA TYR A 336 18.34 25.45 29.76
C TYR A 336 18.58 23.99 29.39
N VAL A 337 17.52 23.23 29.14
CA VAL A 337 17.71 21.80 28.95
C VAL A 337 18.45 21.54 27.64
N GLU A 338 18.04 22.19 26.54
CA GLU A 338 18.68 21.90 25.27
C GLU A 338 20.15 22.28 25.26
N ASN A 339 20.55 23.22 26.13
CA ASN A 339 21.92 23.72 26.10
C ASN A 339 22.77 23.17 27.22
N ALA A 340 22.22 22.32 28.03
CA ALA A 340 22.88 21.66 29.13
C ALA A 340 23.36 20.27 28.72
N PRO A 341 24.31 19.68 29.46
CA PRO A 341 24.79 18.33 29.09
C PRO A 341 23.70 17.30 29.24
N GLY A 342 23.83 16.21 28.47
CA GLY A 342 22.89 15.13 28.50
C GLY A 342 21.79 15.20 27.47
N TYR A 343 21.67 16.32 26.74
CA TYR A 343 20.51 16.54 25.88
C TYR A 343 20.60 15.75 24.57
N ILE A 344 21.67 15.95 23.79
CA ILE A 344 21.70 15.31 22.46
C ILE A 344 21.72 13.79 22.60
N GLU A 345 22.40 13.27 23.62
CA GLU A 345 22.40 11.81 23.80
C GLU A 345 21.00 11.26 24.00
N ARG A 346 20.16 11.96 24.73
CA ARG A 346 18.82 11.43 24.94
C ARG A 346 17.98 11.53 23.69
N VAL A 347 18.18 12.59 22.92
CA VAL A 347 17.45 12.72 21.65
C VAL A 347 17.85 11.61 20.70
N ARG A 348 19.14 11.32 20.64
CA ARG A 348 19.67 10.33 19.68
C ARG A 348 19.31 8.90 20.05
N PHE A 349 18.76 8.65 21.23
CA PHE A 349 18.31 7.32 21.58
C PHE A 349 17.25 6.80 20.65
N THR A 350 16.48 7.68 20.02
CA THR A 350 15.50 7.22 19.05
C THR A 350 16.16 7.21 17.69
N PRO A 351 16.32 6.06 17.06
CA PRO A 351 16.97 6.04 15.74
C PRO A 351 16.00 6.57 14.70
N THR A 352 16.52 7.32 13.72
CA THR A 352 15.73 7.89 12.64
C THR A 352 16.52 7.71 11.35
N PRO A 353 16.61 6.48 10.87
CA PRO A 353 17.42 6.20 9.68
C PRO A 353 16.83 6.77 8.41
N ALA A 354 17.73 7.01 7.47
CA ALA A 354 17.36 7.54 6.17
C ALA A 354 16.50 6.53 5.43
N GLU A 355 15.38 7.02 4.91
CA GLU A 355 14.70 6.33 3.84
C GLU A 355 15.59 6.29 2.61
N PRO A 356 15.31 5.39 1.69
CA PRO A 356 16.14 5.27 0.47
C PRO A 356 15.77 6.31 -0.57
N THR A 357 15.94 7.58 -0.18
CA THR A 357 15.60 8.71 -1.03
C THR A 357 16.76 9.69 -1.04
N THR A 358 16.85 10.45 -2.12
CA THR A 358 17.94 11.40 -2.20
C THR A 358 17.83 12.39 -1.06
N VAL A 359 16.63 12.87 -0.79
CA VAL A 359 16.47 13.89 0.26
C VAL A 359 16.83 13.33 1.63
N ASP A 360 16.41 12.09 1.95
CA ASP A 360 16.80 11.56 3.26
C ASP A 360 18.31 11.33 3.35
N ALA A 361 18.94 10.82 2.27
CA ALA A 361 20.40 10.66 2.32
C ALA A 361 21.09 12.00 2.50
N LEU A 362 20.59 13.06 1.85
CA LEU A 362 21.27 14.35 1.97
C LEU A 362 20.97 15.01 3.31
N ALA A 363 19.76 14.81 3.86
CA ALA A 363 19.49 15.29 5.20
C ALA A 363 20.52 14.76 6.18
N GLU A 364 20.85 13.47 6.05
CA GLU A 364 21.81 12.79 6.94
C GLU A 364 23.25 13.26 6.68
N ASN A 365 23.65 13.30 5.42
CA ASN A 365 24.98 13.75 4.98
C ASN A 365 25.28 15.13 5.51
N ALA A 366 24.32 16.05 5.36
CA ALA A 366 24.49 17.42 5.82
C ALA A 366 24.73 17.46 7.32
N SER A 367 23.93 16.72 8.07
CA SER A 367 24.09 16.75 9.52
C SER A 367 25.46 16.22 9.91
N LYS A 368 25.88 15.10 9.31
CA LYS A 368 27.18 14.54 9.61
C LYS A 368 28.30 15.44 9.10
N THR A 369 28.09 16.08 7.96
CA THR A 369 29.12 17.00 7.47
C THR A 369 29.24 18.22 8.37
N ALA A 370 28.11 18.79 8.81
CA ALA A 370 28.15 19.94 9.71
C ALA A 370 28.99 19.65 10.95
N GLU A 371 28.82 18.47 11.55
CA GLU A 371 29.59 18.13 12.75
C GLU A 371 31.07 18.09 12.43
N THR A 372 31.47 17.34 11.40
CA THR A 372 32.87 17.16 11.09
C THR A 372 33.61 18.47 10.78
N VAL A 373 32.97 19.39 10.05
CA VAL A 373 33.65 20.63 9.65
C VAL A 373 33.39 21.74 10.62
N GLY A 374 32.59 21.50 11.66
CA GLY A 374 32.31 22.56 12.61
C GLY A 374 31.38 23.64 12.10
N ALA A 375 30.44 23.30 11.22
CA ALA A 375 29.56 24.31 10.63
C ALA A 375 28.66 24.95 11.67
N LYS A 376 28.37 26.23 11.43
CA LYS A 376 27.57 27.03 12.34
C LYS A 376 26.09 26.92 12.05
N ALA A 377 25.73 26.61 10.82
CA ALA A 377 24.32 26.43 10.50
C ALA A 377 24.19 25.46 9.33
N ILE A 378 22.96 25.00 9.14
CA ILE A 378 22.57 24.17 8.01
C ILE A 378 21.45 24.93 7.33
N ILE A 379 21.73 25.56 6.20
CA ILE A 379 20.74 26.35 5.50
C ILE A 379 20.06 25.43 4.48
N VAL A 380 18.74 25.33 4.58
CA VAL A 380 17.96 24.42 3.78
C VAL A 380 17.07 25.25 2.88
N PHE A 381 17.13 25.01 1.59
CA PHE A 381 16.28 25.70 0.66
C PHE A 381 15.09 24.80 0.42
N THR A 382 13.89 25.36 0.43
CA THR A 382 12.71 24.50 0.36
C THR A 382 11.52 25.25 -0.23
N GLU A 383 10.84 24.62 -1.18
CA GLU A 383 9.70 25.28 -1.77
C GLU A 383 8.39 24.99 -1.04
N THR A 384 8.20 23.75 -0.53
CA THR A 384 6.98 23.38 0.19
C THR A 384 7.20 23.10 1.67
N GLY A 385 8.46 23.03 2.14
CA GLY A 385 8.80 22.67 3.51
C GLY A 385 9.30 21.24 3.69
N LYS A 386 9.24 20.42 2.64
CA LYS A 386 9.50 18.98 2.75
C LYS A 386 10.94 18.71 3.14
N THR A 387 11.89 19.33 2.44
CA THR A 387 13.29 19.17 2.77
C THR A 387 13.56 19.65 4.20
N ALA A 388 12.88 20.74 4.63
CA ALA A 388 13.07 21.23 6.00
C ALA A 388 12.72 20.14 7.02
N GLN A 389 11.58 19.48 6.84
CA GLN A 389 11.19 18.41 7.77
C GLN A 389 12.24 17.32 7.80
N ARG A 390 12.66 16.85 6.62
CA ARG A 390 13.55 15.69 6.58
C ARG A 390 14.86 16.01 7.29
N VAL A 391 15.32 17.26 7.21
CA VAL A 391 16.53 17.67 7.91
C VAL A 391 16.25 17.88 9.38
N SER A 392 15.14 18.54 9.68
CA SER A 392 14.65 18.62 11.05
C SER A 392 14.61 17.23 11.67
N ARG A 393 14.07 16.26 10.92
CA ARG A 393 13.95 14.89 11.42
C ARG A 393 15.30 14.33 11.91
N ALA A 394 16.41 14.68 11.24
CA ALA A 394 17.71 14.17 11.73
C ALA A 394 18.18 14.86 13.02
N ARG A 395 17.49 15.88 13.48
CA ARG A 395 17.80 16.51 14.76
C ARG A 395 19.27 16.90 14.84
N PRO A 396 19.79 17.69 13.91
CA PRO A 396 21.21 18.02 13.95
C PRO A 396 21.53 18.98 15.08
N VAL A 397 22.81 18.96 15.46
CA VAL A 397 23.34 19.87 16.45
C VAL A 397 23.41 21.29 15.89
N ALA A 398 23.95 21.42 14.69
CA ALA A 398 24.03 22.74 14.08
C ALA A 398 22.62 23.26 13.82
N PRO A 399 22.34 24.53 14.10
CA PRO A 399 20.99 25.05 13.86
C PRO A 399 20.65 25.09 12.39
N ILE A 400 19.36 24.92 12.13
CA ILE A 400 18.81 24.93 10.78
C ILE A 400 18.24 26.30 10.47
N LEU A 401 18.44 26.78 9.24
CA LEU A 401 17.67 27.89 8.68
C LEU A 401 16.97 27.39 7.43
N SER A 402 15.65 27.47 7.43
CA SER A 402 14.81 26.95 6.36
C SER A 402 14.33 28.12 5.49
N LEU A 403 14.99 28.32 4.36
CA LEU A 403 14.67 29.40 3.45
C LEU A 403 13.67 28.89 2.42
N THR A 404 12.53 29.58 2.30
CA THR A 404 11.45 29.26 1.40
C THR A 404 10.98 30.57 0.78
N PRO A 405 10.58 30.58 -0.48
CA PRO A 405 9.96 31.78 -1.05
C PRO A 405 8.53 32.00 -0.63
N ASP A 406 7.88 30.99 -0.02
CA ASP A 406 6.43 30.98 0.13
C ASP A 406 6.00 31.34 1.53
N ALA A 407 5.18 32.40 1.64
CA ALA A 407 4.76 32.87 2.96
C ALA A 407 4.02 31.77 3.75
N GLU A 408 3.17 30.99 3.06
CA GLU A 408 2.40 29.97 3.74
C GLU A 408 3.30 28.86 4.28
N VAL A 409 4.30 28.47 3.49
CA VAL A 409 5.26 27.49 3.99
C VAL A 409 5.99 28.03 5.21
N ALA A 410 6.32 29.32 5.19
CA ALA A 410 7.08 29.87 6.29
C ALA A 410 6.27 29.87 7.59
N ARG A 411 4.96 30.16 7.51
CA ARG A 411 4.08 30.03 8.68
C ARG A 411 4.00 28.58 9.17
N ARG A 412 3.68 27.64 8.28
CA ARG A 412 3.42 26.27 8.70
C ARG A 412 4.63 25.67 9.39
N LEU A 413 5.85 25.98 8.91
CA LEU A 413 7.03 25.38 9.48
C LEU A 413 7.25 25.81 10.92
N GLY A 414 6.51 26.80 11.42
CA GLY A 414 6.62 27.23 12.81
C GLY A 414 6.35 26.15 13.84
N LEU A 415 5.74 25.04 13.40
CA LEU A 415 5.48 23.87 14.23
C LEU A 415 6.52 22.79 14.08
N VAL A 416 7.48 22.96 13.15
CA VAL A 416 8.51 21.95 12.93
C VAL A 416 9.70 22.24 13.83
N TRP A 417 10.14 21.20 14.54
CA TRP A 417 11.33 21.27 15.37
C TRP A 417 12.49 21.96 14.68
N GLY A 418 13.06 22.95 15.37
CA GLY A 418 14.23 23.68 14.91
C GLY A 418 14.24 24.21 13.48
N ALA A 419 13.09 24.33 12.81
CA ALA A 419 13.14 24.61 11.38
C ALA A 419 13.59 26.04 11.06
N GLN A 420 13.28 27.00 11.92
CA GLN A 420 13.71 28.38 11.77
C GLN A 420 13.40 28.91 10.36
N PRO A 421 12.14 28.98 10.00
CA PRO A 421 11.75 29.41 8.65
C PRO A 421 12.09 30.89 8.40
N VAL A 422 12.62 31.19 7.22
CA VAL A 422 12.75 32.56 6.75
C VAL A 422 12.19 32.65 5.35
N GLN A 423 11.27 33.58 5.15
CA GLN A 423 10.79 33.84 3.80
C GLN A 423 11.82 34.70 3.10
N VAL A 424 12.20 34.28 1.89
CA VAL A 424 13.21 34.97 1.08
C VAL A 424 12.72 35.09 -0.36
N SER A 425 13.51 35.81 -1.16
CA SER A 425 13.34 35.89 -2.60
C SER A 425 13.79 34.59 -3.26
N THR A 426 13.26 34.36 -4.44
CA THR A 426 13.68 33.20 -5.20
C THR A 426 15.13 33.38 -5.64
N VAL A 427 15.84 32.27 -5.80
CA VAL A 427 17.16 32.29 -6.39
C VAL A 427 17.10 31.50 -7.67
N LYS A 428 18.06 31.74 -8.54
CA LYS A 428 18.07 31.13 -9.85
C LYS A 428 19.39 30.43 -10.18
N THR A 429 20.42 30.56 -9.36
CA THR A 429 21.67 29.83 -9.54
C THR A 429 22.24 29.39 -8.19
N LEU A 430 23.22 28.47 -8.26
CA LEU A 430 23.84 27.99 -7.04
C LEU A 430 24.49 29.15 -6.29
N ASP A 431 25.20 30.00 -7.02
CA ASP A 431 25.90 31.10 -6.37
C ASP A 431 24.91 32.05 -5.69
N GLU A 432 23.79 32.33 -6.35
CA GLU A 432 22.78 33.14 -5.69
C GLU A 432 22.30 32.48 -4.41
N ALA A 433 22.22 31.14 -4.40
CA ALA A 433 21.82 30.46 -3.18
C ALA A 433 22.89 30.55 -2.09
N LYS A 434 24.16 30.41 -2.46
CA LYS A 434 25.22 30.46 -1.47
C LYS A 434 25.31 31.84 -0.84
N LYS A 435 25.27 32.86 -1.70
CA LYS A 435 25.30 34.24 -1.26
C LYS A 435 24.14 34.54 -0.33
N LEU A 436 22.92 34.14 -0.70
CA LEU A 436 21.76 34.38 0.17
C LEU A 436 21.86 33.59 1.44
N ALA A 437 22.48 32.40 1.37
CA ALA A 437 22.63 31.56 2.55
C ALA A 437 23.61 32.18 3.54
N ALA A 438 24.74 32.70 3.05
CA ALA A 438 25.70 33.33 3.93
C ALA A 438 25.16 34.63 4.49
N GLU A 439 24.47 35.43 3.68
CA GLU A 439 24.02 36.71 4.22
C GLU A 439 22.88 36.50 5.23
N THR A 440 22.16 35.36 5.18
CA THR A 440 21.10 35.10 6.13
C THR A 440 21.67 34.58 7.44
N ALA A 441 22.65 33.70 7.35
CA ALA A 441 23.30 33.21 8.55
C ALA A 441 24.00 34.36 9.30
N LYS A 442 24.47 35.39 8.59
CA LYS A 442 25.20 36.44 9.31
C LYS A 442 24.22 37.46 9.90
N LYS A 443 23.12 37.72 9.19
CA LYS A 443 22.17 38.73 9.61
C LYS A 443 21.45 38.38 10.91
N TYR A 444 21.33 37.10 11.26
CA TYR A 444 20.64 36.67 12.47
C TYR A 444 21.59 36.21 13.56
N GLY A 445 22.89 36.26 13.33
CA GLY A 445 23.84 36.03 14.38
C GLY A 445 24.42 34.64 14.45
N PHE A 446 24.15 33.77 13.50
CA PHE A 446 24.63 32.41 13.60
C PHE A 446 26.07 32.25 13.13
N ALA A 447 26.55 33.15 12.28
CA ALA A 447 27.82 32.97 11.63
C ALA A 447 28.45 34.33 11.47
N LYS A 448 29.76 34.33 11.45
CA LYS A 448 30.56 35.51 11.14
C LYS A 448 31.40 35.15 9.93
N ALA A 449 31.98 36.16 9.30
CA ALA A 449 32.74 35.92 8.08
C ALA A 449 33.80 34.88 8.36
N GLY A 450 33.84 33.85 7.51
CA GLY A 450 34.81 32.78 7.61
C GLY A 450 34.28 31.51 8.23
N ASP A 451 33.17 31.58 8.96
CA ASP A 451 32.54 30.37 9.46
C ASP A 451 32.05 29.51 8.31
N LYS A 452 32.03 28.20 8.55
CA LYS A 452 31.53 27.22 7.58
C LYS A 452 30.03 27.05 7.77
N LEU A 453 29.35 26.90 6.67
CA LEU A 453 27.95 26.56 6.62
C LEU A 453 27.76 25.41 5.64
N VAL A 454 26.71 24.63 5.85
CA VAL A 454 26.30 23.54 4.97
C VAL A 454 25.00 23.97 4.34
N VAL A 455 24.98 24.02 3.01
CA VAL A 455 23.78 24.37 2.26
C VAL A 455 23.21 23.11 1.64
N VAL A 456 21.90 22.93 1.79
CA VAL A 456 21.16 21.82 1.20
C VAL A 456 20.19 22.47 0.22
N ALA A 457 20.21 22.02 -1.04
CA ALA A 457 19.33 22.64 -2.02
C ALA A 457 19.08 21.69 -3.20
N GLY A 458 18.32 22.21 -4.18
CA GLY A 458 17.99 21.47 -5.37
C GLY A 458 18.44 22.20 -6.62
N GLU A 459 19.09 21.50 -7.59
CA GLU A 459 19.77 22.21 -8.67
C GLU A 459 18.82 22.81 -9.69
N PRO A 460 17.82 22.11 -10.23
CA PRO A 460 16.81 22.91 -10.95
C PRO A 460 16.16 23.81 -9.91
N PHE A 461 16.65 25.03 -9.79
CA PHE A 461 16.14 25.91 -8.75
C PHE A 461 14.72 26.29 -9.05
N GLY A 462 13.93 26.42 -8.00
CA GLY A 462 12.56 26.83 -8.13
C GLY A 462 11.59 25.69 -8.22
N LYS A 463 12.06 24.46 -8.13
CA LYS A 463 11.24 23.29 -8.37
C LYS A 463 11.21 22.47 -7.10
N ALA A 464 10.01 22.07 -6.69
CA ALA A 464 9.82 21.29 -5.47
C ALA A 464 10.17 19.83 -5.74
N GLY A 465 10.77 19.19 -4.75
CA GLY A 465 11.13 17.80 -4.86
C GLY A 465 12.49 17.53 -5.44
N THR A 466 13.33 18.53 -5.61
CA THR A 466 14.56 18.36 -6.38
C THR A 466 15.82 18.36 -5.54
N THR A 467 15.72 18.43 -4.22
CA THR A 467 16.91 18.51 -3.38
C THR A 467 17.94 17.46 -3.82
N ASN A 468 19.11 17.92 -4.17
CA ASN A 468 20.16 17.01 -4.62
C ASN A 468 21.56 17.52 -4.35
N ILE A 469 21.74 18.59 -3.58
CA ILE A 469 23.05 19.19 -3.38
C ILE A 469 23.30 19.41 -1.90
N VAL A 470 24.49 19.00 -1.46
CA VAL A 470 25.10 19.49 -0.24
C VAL A 470 26.36 20.25 -0.61
N ASP A 471 26.50 21.45 -0.05
CA ASP A 471 27.55 22.39 -0.42
C ASP A 471 28.06 23.07 0.83
N VAL A 472 29.37 22.94 1.09
CA VAL A 472 30.01 23.57 2.23
C VAL A 472 30.57 24.89 1.73
N ILE A 473 30.28 25.97 2.45
CA ILE A 473 30.68 27.31 2.03
C ILE A 473 31.21 28.08 3.24
N GLU A 474 31.92 29.18 2.98
CA GLU A 474 32.29 30.10 4.04
C GLU A 474 31.37 31.30 4.01
N ALA A 475 30.99 31.78 5.17
CA ALA A 475 30.23 33.02 5.29
C ALA A 475 31.14 34.26 5.40
N GLU B 3 6.13 -7.10 -44.63
CA GLU B 3 7.03 -7.74 -43.69
C GLU B 3 6.22 -8.59 -42.71
N GLY B 4 5.44 -7.95 -41.85
CA GLY B 4 4.85 -8.68 -40.75
C GLY B 4 5.80 -8.93 -39.61
N LEU B 5 6.97 -8.25 -39.61
CA LEU B 5 7.89 -8.25 -38.48
C LEU B 5 7.67 -7.04 -37.59
N PHE B 6 7.82 -5.82 -38.16
CA PHE B 6 7.47 -4.58 -37.48
C PHE B 6 6.77 -3.63 -38.42
N PRO B 7 5.50 -3.27 -38.18
CA PRO B 7 4.61 -3.72 -37.11
C PRO B 7 4.08 -5.13 -37.30
N ARG B 8 3.70 -5.78 -36.20
CA ARG B 8 3.22 -7.14 -36.24
C ARG B 8 1.79 -7.24 -36.72
N GLY B 9 1.03 -6.18 -36.63
CA GLY B 9 -0.39 -6.32 -36.80
C GLY B 9 -1.10 -6.90 -35.60
N ARG B 10 -0.41 -6.99 -34.46
CA ARG B 10 -1.03 -7.45 -33.23
C ARG B 10 -0.13 -7.07 -32.06
N LYS B 11 -0.74 -6.94 -30.89
CA LYS B 11 -0.13 -6.26 -29.74
C LYS B 11 0.33 -7.20 -28.63
N VAL B 12 -0.27 -8.38 -28.51
CA VAL B 12 0.27 -9.36 -27.58
C VAL B 12 1.69 -9.73 -28.03
N ARG B 13 2.49 -10.12 -27.08
CA ARG B 13 3.89 -10.46 -27.31
C ARG B 13 4.08 -11.97 -27.21
N VAL B 14 4.73 -12.55 -28.22
CA VAL B 14 4.98 -13.99 -28.29
C VAL B 14 6.33 -14.28 -27.66
N VAL B 15 6.34 -15.14 -26.65
CA VAL B 15 7.57 -15.55 -25.98
C VAL B 15 7.89 -16.97 -26.41
N SER B 16 9.08 -17.17 -27.01
CA SER B 16 9.47 -18.44 -27.61
C SER B 16 10.71 -18.96 -26.92
N THR B 17 10.61 -20.13 -26.30
CA THR B 17 11.79 -20.72 -25.68
C THR B 17 12.68 -21.37 -26.74
N LEU B 18 14.00 -21.24 -26.55
CA LEU B 18 14.99 -21.73 -27.51
C LEU B 18 15.60 -23.04 -26.97
N GLY B 19 16.07 -23.89 -27.89
CA GLY B 19 16.58 -25.20 -27.53
C GLY B 19 17.11 -25.94 -28.73
N PRO B 20 17.31 -27.27 -28.60
CA PRO B 20 17.81 -28.08 -29.72
C PRO B 20 17.14 -27.78 -31.04
N ALA B 21 15.81 -27.55 -31.04
CA ALA B 21 15.08 -27.38 -32.29
C ALA B 21 15.14 -25.96 -32.83
N SER B 22 15.50 -25.01 -31.97
CA SER B 22 15.61 -23.60 -32.38
C SER B 22 16.83 -22.98 -31.68
N SER B 23 18.02 -23.11 -32.29
CA SER B 23 19.25 -22.57 -31.70
C SER B 23 20.24 -22.03 -32.68
N THR B 24 20.15 -22.35 -33.96
CA THR B 24 21.11 -21.82 -34.93
C THR B 24 20.75 -20.40 -35.30
N ALA B 25 21.69 -19.74 -35.96
CA ALA B 25 21.49 -18.37 -36.40
C ALA B 25 20.30 -18.28 -37.34
N GLU B 26 20.24 -19.18 -38.30
CA GLU B 26 19.13 -19.23 -39.24
C GLU B 26 17.83 -19.56 -38.52
N GLN B 27 17.89 -20.45 -37.54
CA GLN B 27 16.67 -20.85 -36.85
C GLN B 27 16.11 -19.71 -36.00
N ILE B 28 16.97 -19.09 -35.19
CA ILE B 28 16.57 -17.93 -34.40
C ILE B 28 15.95 -16.87 -35.30
N ARG B 29 16.63 -16.57 -36.41
CA ARG B 29 16.12 -15.57 -37.36
C ARG B 29 14.77 -15.99 -37.94
N ASP B 30 14.61 -17.29 -38.25
CA ASP B 30 13.30 -17.78 -38.70
C ASP B 30 12.22 -17.59 -37.63
N ARG B 31 12.54 -17.79 -36.35
CA ARG B 31 11.49 -17.68 -35.36
C ARG B 31 11.08 -16.22 -35.19
N PHE B 32 12.06 -15.35 -34.96
CA PHE B 32 11.85 -13.90 -35.02
C PHE B 32 10.92 -13.54 -36.16
N LEU B 33 11.24 -13.93 -37.40
CA LEU B 33 10.39 -13.47 -38.50
C LEU B 33 9.02 -14.12 -38.46
N ALA B 34 8.92 -15.32 -37.89
CA ALA B 34 7.64 -15.99 -37.88
C ALA B 34 6.70 -15.51 -36.78
N GLY B 35 7.17 -14.66 -35.85
CA GLY B 35 6.31 -14.15 -34.81
C GLY B 35 6.96 -14.01 -33.43
N ALA B 36 8.06 -14.69 -33.18
CA ALA B 36 8.67 -14.63 -31.87
C ALA B 36 9.21 -13.23 -31.60
N ASP B 37 8.81 -12.68 -30.44
CA ASP B 37 9.20 -11.35 -30.01
C ASP B 37 10.16 -11.36 -28.84
N VAL B 38 10.07 -12.37 -27.99
CA VAL B 38 10.90 -12.49 -26.79
C VAL B 38 11.45 -13.91 -26.75
N PHE B 39 12.76 -14.01 -26.58
CA PHE B 39 13.43 -15.30 -26.58
C PHE B 39 13.71 -15.68 -25.13
N ARG B 40 13.20 -16.83 -24.73
CA ARG B 40 13.43 -17.36 -23.40
C ARG B 40 14.57 -18.38 -23.46
N ILE B 41 15.57 -18.14 -22.64
CA ILE B 41 16.73 -18.99 -22.51
C ILE B 41 16.63 -19.65 -21.14
N ASN B 42 16.37 -20.95 -21.15
CA ASN B 42 16.28 -21.77 -19.95
C ASN B 42 17.66 -22.26 -19.53
N MET B 43 18.09 -21.85 -18.34
CA MET B 43 19.39 -22.26 -17.82
C MET B 43 19.37 -23.65 -17.17
N SER B 44 18.26 -24.38 -17.25
CA SER B 44 18.23 -25.72 -16.70
C SER B 44 19.17 -26.65 -17.46
N HIS B 45 19.11 -26.60 -18.78
CA HIS B 45 19.94 -27.43 -19.63
C HIS B 45 20.97 -26.55 -20.33
N GLY B 46 22.04 -27.18 -20.79
CA GLY B 46 22.98 -26.53 -21.66
C GLY B 46 24.08 -25.86 -20.87
N THR B 47 25.14 -25.51 -21.58
CA THR B 47 26.28 -24.84 -20.98
C THR B 47 26.23 -23.33 -21.24
N HIS B 48 27.09 -22.64 -20.50
CA HIS B 48 27.28 -21.22 -20.72
C HIS B 48 27.83 -20.94 -22.11
N ASP B 49 28.81 -21.71 -22.57
CA ASP B 49 29.34 -21.48 -23.91
C ASP B 49 28.26 -21.60 -24.97
N GLU B 50 27.40 -22.61 -24.86
CA GLU B 50 26.30 -22.72 -25.81
C GLU B 50 25.43 -21.45 -25.81
N LYS B 51 25.04 -20.98 -24.63
CA LYS B 51 24.10 -19.88 -24.51
C LYS B 51 24.69 -18.59 -25.05
N LYS B 52 26.01 -18.38 -24.90
CA LYS B 52 26.64 -17.19 -25.47
C LYS B 52 26.44 -17.08 -26.98
N VAL B 53 26.56 -18.20 -27.72
CA VAL B 53 26.41 -18.12 -29.17
C VAL B 53 24.94 -17.92 -29.53
N ILE B 54 24.05 -18.53 -28.75
CA ILE B 54 22.63 -18.24 -28.92
C ILE B 54 22.34 -16.76 -28.69
N VAL B 55 23.04 -16.13 -27.72
CA VAL B 55 22.80 -14.72 -27.42
C VAL B 55 23.33 -13.85 -28.54
N ASP B 56 24.50 -14.19 -29.08
CA ASP B 56 24.99 -13.48 -30.26
C ASP B 56 24.11 -13.74 -31.45
N ASN B 57 23.52 -14.94 -31.57
CA ASN B 57 22.59 -15.18 -32.68
C ASN B 57 21.35 -14.28 -32.58
N ILE B 58 20.87 -14.02 -31.35
CA ILE B 58 19.70 -13.15 -31.18
C ILE B 58 20.09 -11.70 -31.43
N ARG B 59 21.13 -11.24 -30.78
CA ARG B 59 21.49 -9.84 -30.89
C ARG B 59 21.79 -9.46 -32.34
N ALA B 60 22.30 -10.40 -33.15
CA ALA B 60 22.64 -10.08 -34.53
C ALA B 60 21.41 -9.69 -35.32
N LEU B 61 20.22 -10.13 -34.88
CA LEU B 61 19.00 -9.69 -35.55
C LEU B 61 18.89 -8.17 -35.52
N GLU B 62 19.48 -7.51 -34.53
CA GLU B 62 19.27 -6.07 -34.39
C GLU B 62 19.87 -5.33 -35.55
N LYS B 63 21.04 -5.78 -36.01
CA LYS B 63 21.75 -5.10 -37.09
C LYS B 63 21.11 -5.39 -38.42
N GLU B 64 20.55 -6.59 -38.57
CA GLU B 64 19.93 -6.93 -39.85
C GLU B 64 18.59 -6.20 -40.05
N PHE B 65 17.74 -6.16 -39.01
CA PHE B 65 16.37 -5.65 -39.14
C PHE B 65 16.10 -4.32 -38.42
N ASN B 66 17.07 -3.75 -37.71
CA ASN B 66 16.91 -2.43 -37.10
C ASN B 66 15.82 -2.42 -36.03
N ARG B 67 15.75 -3.48 -35.24
CA ARG B 67 14.80 -3.61 -34.18
C ARG B 67 15.55 -4.08 -32.95
N PRO B 68 15.15 -3.67 -31.75
CA PRO B 68 15.73 -4.28 -30.56
C PRO B 68 15.15 -5.67 -30.34
N THR B 69 15.95 -6.53 -29.77
CA THR B 69 15.55 -7.87 -29.39
C THR B 69 15.35 -7.94 -27.89
N THR B 70 14.68 -9.01 -27.47
CA THR B 70 14.36 -9.21 -26.07
C THR B 70 14.73 -10.62 -25.63
N ILE B 71 15.62 -10.72 -24.62
CA ILE B 71 16.04 -12.01 -24.07
C ILE B 71 15.64 -12.15 -22.60
N LEU B 72 14.95 -13.25 -22.28
CA LEU B 72 14.60 -13.60 -20.90
C LEU B 72 15.37 -14.85 -20.49
N PHE B 73 16.14 -14.74 -19.41
CA PHE B 73 16.85 -15.85 -18.80
C PHE B 73 16.02 -16.42 -17.67
N ASP B 74 15.65 -17.69 -17.78
CA ASP B 74 14.79 -18.37 -16.83
C ASP B 74 15.64 -19.28 -15.94
N LEU B 75 15.73 -18.94 -14.65
CA LEU B 75 16.53 -19.69 -13.69
C LEU B 75 15.74 -20.85 -13.12
N GLN B 76 16.44 -21.93 -12.80
CA GLN B 76 15.76 -23.19 -12.53
C GLN B 76 15.15 -23.23 -11.14
N GLY B 77 15.83 -22.69 -10.15
CA GLY B 77 15.43 -22.93 -8.78
C GLY B 77 15.67 -24.37 -8.38
N PRO B 78 15.28 -24.72 -7.15
CA PRO B 78 15.56 -26.06 -6.68
C PRO B 78 14.79 -27.08 -7.49
N LYS B 79 15.40 -28.23 -7.69
CA LYS B 79 14.71 -29.39 -8.24
C LYS B 79 14.78 -30.51 -7.20
N LEU B 80 13.65 -30.74 -6.56
CA LEU B 80 13.54 -31.69 -5.46
C LEU B 80 13.32 -33.10 -6.00
N ARG B 81 14.16 -34.03 -5.57
CA ARG B 81 14.12 -35.37 -6.10
C ARG B 81 14.28 -36.39 -4.99
N VAL B 82 13.57 -37.48 -5.16
CA VAL B 82 13.63 -38.61 -4.24
C VAL B 82 14.89 -39.41 -4.52
N GLY B 83 15.27 -40.30 -3.62
CA GLY B 83 16.43 -41.17 -3.80
C GLY B 83 16.16 -42.31 -4.78
N ASP B 84 17.00 -43.36 -4.68
CA ASP B 84 16.98 -44.50 -5.62
C ASP B 84 16.47 -45.76 -4.95
N PHE B 85 15.91 -46.67 -5.74
CA PHE B 85 15.30 -47.90 -5.21
C PHE B 85 16.13 -49.15 -5.54
N LYS B 86 15.93 -50.18 -4.70
CA LYS B 86 16.67 -51.43 -4.86
C LYS B 86 16.44 -52.03 -6.25
N GLU B 87 15.19 -52.12 -6.67
CA GLU B 87 14.82 -52.67 -7.96
C GLU B 87 14.48 -51.58 -8.98
N GLY B 88 14.71 -50.32 -8.66
CA GLY B 88 14.48 -49.23 -9.60
C GLY B 88 13.12 -48.60 -9.49
N LYS B 89 12.22 -49.21 -8.74
CA LYS B 89 10.79 -49.02 -8.86
C LYS B 89 10.19 -49.64 -7.62
N VAL B 90 9.00 -49.19 -7.27
CA VAL B 90 8.10 -49.96 -6.45
C VAL B 90 6.71 -49.71 -6.99
N GLN B 91 5.73 -50.40 -6.42
CA GLN B 91 4.34 -49.99 -6.48
C GLN B 91 3.95 -49.58 -5.08
N LEU B 92 3.44 -48.38 -4.93
CA LEU B 92 2.81 -48.01 -3.67
C LEU B 92 1.33 -48.39 -3.75
N LYS B 93 0.89 -49.17 -2.78
CA LYS B 93 -0.51 -49.47 -2.57
C LYS B 93 -1.14 -48.44 -1.65
N GLU B 94 -2.37 -48.03 -1.96
CA GLU B 94 -3.12 -47.10 -1.11
C GLU B 94 -3.22 -47.65 0.31
N GLY B 95 -3.14 -46.75 1.29
CA GLY B 95 -3.19 -47.13 2.68
C GLY B 95 -1.88 -47.53 3.29
N GLN B 96 -0.85 -47.81 2.49
CA GLN B 96 0.42 -48.28 3.03
C GLN B 96 1.17 -47.14 3.69
N THR B 97 2.16 -47.47 4.50
CA THR B 97 3.07 -46.45 5.01
C THR B 97 4.30 -46.39 4.12
N PHE B 98 4.79 -45.17 3.90
CA PHE B 98 6.02 -44.97 3.17
C PHE B 98 6.81 -43.93 3.93
N THR B 99 8.04 -44.25 4.26
CA THR B 99 8.87 -43.41 5.08
C THR B 99 9.98 -42.78 4.25
N PHE B 100 10.23 -41.52 4.51
CA PHE B 100 11.30 -40.77 3.89
C PHE B 100 12.32 -40.47 4.98
N ASP B 101 13.58 -40.83 4.75
CA ASP B 101 14.60 -40.68 5.79
C ASP B 101 15.88 -40.13 5.16
N GLN B 102 16.93 -40.03 5.98
CA GLN B 102 18.23 -39.58 5.55
C GLN B 102 19.23 -40.72 5.54
N ASP B 103 18.71 -41.92 5.30
CA ASP B 103 19.51 -43.12 5.15
C ASP B 103 19.86 -43.29 3.68
N PRO B 104 21.14 -43.37 3.31
CA PRO B 104 21.49 -43.51 1.88
C PRO B 104 21.07 -44.82 1.27
N THR B 105 20.82 -45.82 2.11
CA THR B 105 20.58 -47.18 1.65
C THR B 105 19.41 -47.26 0.66
N LEU B 106 19.60 -48.07 -0.38
CA LEU B 106 18.63 -48.15 -1.47
C LEU B 106 17.25 -48.56 -0.95
N GLY B 107 16.21 -48.10 -1.66
CA GLY B 107 14.86 -48.08 -1.13
C GLY B 107 14.06 -49.36 -1.31
N ASP B 108 13.16 -49.58 -0.35
CA ASP B 108 12.20 -50.67 -0.28
C ASP B 108 10.89 -50.24 -0.95
N GLU B 109 9.83 -51.01 -0.79
CA GLU B 109 8.49 -50.45 -0.94
C GLU B 109 8.01 -49.86 0.38
N THR B 110 8.87 -49.78 1.39
CA THR B 110 8.58 -49.09 2.63
C THR B 110 9.34 -47.79 2.83
N ARG B 111 10.36 -47.50 2.02
CA ARG B 111 11.24 -46.40 2.39
C ARG B 111 12.14 -45.99 1.24
N VAL B 112 12.47 -44.70 1.22
CA VAL B 112 13.41 -44.16 0.25
C VAL B 112 14.14 -43.00 0.87
N ASN B 113 15.38 -42.81 0.45
CA ASN B 113 16.15 -41.65 0.83
C ASN B 113 15.51 -40.39 0.23
N LEU B 114 15.40 -39.34 1.04
CA LEU B 114 14.95 -38.01 0.62
C LEU B 114 16.09 -37.05 0.86
N PRO B 115 17.01 -36.88 -0.12
CA PRO B 115 18.26 -36.14 0.13
C PRO B 115 18.06 -34.64 -0.03
N HIS B 116 17.17 -34.08 0.79
CA HIS B 116 16.91 -32.65 0.81
C HIS B 116 16.65 -32.28 2.27
N PRO B 117 17.71 -31.95 3.01
CA PRO B 117 17.54 -31.76 4.44
C PRO B 117 16.49 -30.73 4.79
N GLU B 118 16.24 -29.76 3.91
CA GLU B 118 15.35 -28.67 4.25
C GLU B 118 13.92 -29.15 4.46
N ILE B 119 13.51 -30.22 3.78
CA ILE B 119 12.16 -30.73 4.00
C ILE B 119 12.01 -31.27 5.40
N PHE B 120 13.03 -31.93 5.92
CA PHE B 120 12.95 -32.47 7.27
C PHE B 120 12.87 -31.38 8.33
N LYS B 121 12.93 -30.10 7.94
CA LYS B 121 12.69 -29.02 8.87
C LYS B 121 11.26 -28.50 8.83
N ALA B 122 10.57 -28.60 7.70
CA ALA B 122 9.27 -27.97 7.54
C ALA B 122 8.09 -28.93 7.58
N LEU B 123 8.26 -30.16 7.12
CA LEU B 123 7.12 -31.05 6.95
C LEU B 123 6.62 -31.57 8.30
N ASP B 124 5.29 -31.48 8.49
CA ASP B 124 4.62 -31.77 9.74
C ASP B 124 3.32 -32.53 9.45
N LYS B 125 2.70 -33.07 10.51
CA LYS B 125 1.46 -33.82 10.36
C LYS B 125 0.46 -33.07 9.49
N GLY B 126 -0.07 -33.75 8.49
CA GLY B 126 -1.11 -33.20 7.65
C GLY B 126 -0.65 -32.73 6.28
N HIS B 127 0.65 -32.58 6.07
CA HIS B 127 1.17 -32.06 4.81
C HIS B 127 1.39 -33.19 3.81
N ARG B 128 1.31 -32.82 2.54
CA ARG B 128 1.47 -33.78 1.47
C ARG B 128 2.84 -33.66 0.84
N LEU B 129 3.26 -34.76 0.24
CA LEU B 129 4.28 -34.79 -0.80
C LEU B 129 3.56 -35.34 -2.03
N LEU B 130 3.76 -34.70 -3.18
CA LEU B 130 3.30 -35.18 -4.47
C LEU B 130 4.55 -35.61 -5.23
N LEU B 131 4.50 -36.74 -5.93
CA LEU B 131 5.73 -37.48 -6.20
C LEU B 131 6.08 -37.74 -7.66
N ASP B 132 5.16 -37.75 -8.58
CA ASP B 132 5.57 -38.04 -9.96
C ASP B 132 4.71 -37.18 -10.89
N ASP B 133 5.02 -35.88 -10.90
CA ASP B 133 4.10 -34.91 -11.47
C ASP B 133 2.75 -35.05 -10.82
N GLY B 134 2.76 -35.36 -9.52
CA GLY B 134 1.54 -35.47 -8.74
C GLY B 134 0.69 -36.71 -8.96
N LYS B 135 1.16 -37.67 -9.77
CA LYS B 135 0.40 -38.92 -9.94
C LYS B 135 0.32 -39.71 -8.63
N ILE B 136 1.34 -39.61 -7.78
CA ILE B 136 1.37 -40.28 -6.49
C ILE B 136 1.32 -39.23 -5.40
N VAL B 137 0.53 -39.50 -4.37
CA VAL B 137 0.27 -38.53 -3.31
C VAL B 137 0.31 -39.26 -1.98
N VAL B 138 0.85 -38.58 -0.96
CA VAL B 138 1.04 -39.17 0.36
C VAL B 138 0.95 -38.04 1.37
N ARG B 139 0.63 -38.38 2.59
CA ARG B 139 0.42 -37.40 3.64
C ARG B 139 1.22 -37.73 4.89
N CYS B 140 1.78 -36.70 5.50
CA CYS B 140 2.63 -36.88 6.66
C CYS B 140 1.78 -37.27 7.86
N VAL B 141 2.09 -38.44 8.43
CA VAL B 141 1.46 -38.89 9.67
C VAL B 141 2.27 -38.50 10.89
N GLU B 142 3.59 -38.67 10.82
CA GLU B 142 4.49 -38.32 11.92
C GLU B 142 5.78 -37.75 11.35
N SER B 143 6.36 -36.79 12.08
CA SER B 143 7.47 -36.01 11.54
C SER B 143 8.56 -35.87 12.59
N SER B 144 9.75 -36.27 12.24
CA SER B 144 10.91 -36.05 13.07
C SER B 144 11.96 -35.31 12.25
N PRO B 145 13.06 -34.86 12.87
CA PRO B 145 14.11 -34.18 12.08
C PRO B 145 14.79 -35.09 11.10
N THR B 146 14.65 -36.42 11.23
CA THR B 146 15.30 -37.35 10.33
C THR B 146 14.35 -38.33 9.66
N LYS B 147 13.11 -38.45 10.13
CA LYS B 147 12.17 -39.43 9.59
C LYS B 147 10.88 -38.72 9.20
N ILE B 148 10.42 -38.96 7.99
CA ILE B 148 9.15 -38.43 7.55
C ILE B 148 8.29 -39.64 7.19
N VAL B 149 7.28 -39.89 8.00
CA VAL B 149 6.45 -41.07 7.85
C VAL B 149 5.08 -40.63 7.35
N THR B 150 4.63 -41.25 6.28
CA THR B 150 3.47 -40.78 5.52
C THR B 150 2.62 -41.99 5.19
N ARG B 151 1.32 -41.75 4.93
CA ARG B 151 0.44 -42.81 4.47
C ARG B 151 -0.08 -42.49 3.07
N VAL B 152 0.10 -43.46 2.16
CA VAL B 152 -0.24 -43.27 0.77
C VAL B 152 -1.73 -43.01 0.64
N GLU B 153 -2.06 -41.95 -0.08
CA GLU B 153 -3.44 -41.60 -0.37
C GLU B 153 -3.82 -41.83 -1.82
N VAL B 154 -2.87 -41.66 -2.74
CA VAL B 154 -3.08 -41.91 -4.15
C VAL B 154 -1.97 -42.88 -4.54
N PRO B 155 -2.30 -44.06 -5.06
CA PRO B 155 -1.28 -45.07 -5.32
C PRO B 155 -0.59 -44.82 -6.65
N GLY B 156 0.41 -45.66 -6.92
CA GLY B 156 1.04 -45.67 -8.20
C GLY B 156 2.49 -46.11 -8.10
N PRO B 157 3.12 -46.33 -9.26
CA PRO B 157 4.53 -46.69 -9.29
C PRO B 157 5.43 -45.48 -9.09
N LEU B 158 6.54 -45.72 -8.38
CA LEU B 158 7.47 -44.67 -8.00
C LEU B 158 8.88 -45.18 -8.27
N SER B 159 9.58 -44.48 -9.14
CA SER B 159 10.84 -44.94 -9.71
C SER B 159 12.02 -44.13 -9.16
N ASP B 160 13.20 -44.39 -9.71
CA ASP B 160 14.42 -43.78 -9.22
C ASP B 160 14.44 -42.27 -9.44
N HIS B 161 14.82 -41.55 -8.39
CA HIS B 161 15.04 -40.09 -8.38
C HIS B 161 13.92 -39.31 -9.09
N LYS B 162 12.69 -39.78 -8.92
CA LYS B 162 11.54 -39.00 -9.37
C LYS B 162 11.45 -37.70 -8.61
N GLY B 163 10.84 -36.69 -9.24
CA GLY B 163 10.70 -35.40 -8.62
C GLY B 163 9.52 -35.37 -7.72
N PHE B 164 9.51 -34.45 -6.73
CA PHE B 164 8.33 -34.26 -5.90
C PHE B 164 8.08 -32.77 -5.63
N ASN B 165 6.87 -32.48 -5.15
CA ASN B 165 6.45 -31.14 -4.81
C ASN B 165 5.92 -31.12 -3.39
N VAL B 166 5.97 -29.94 -2.77
CA VAL B 166 5.59 -29.72 -1.39
C VAL B 166 4.55 -28.59 -1.35
N PRO B 167 3.29 -28.89 -1.60
CA PRO B 167 2.32 -27.83 -1.87
C PRO B 167 1.83 -27.08 -0.65
N ASP B 168 1.78 -27.76 0.47
CA ASP B 168 1.02 -27.27 1.60
C ASP B 168 1.80 -26.38 2.54
N VAL B 169 3.11 -26.45 2.52
CA VAL B 169 3.87 -25.69 3.50
C VAL B 169 5.10 -25.15 2.81
N VAL B 170 5.52 -24.00 3.31
CA VAL B 170 6.70 -23.29 2.84
C VAL B 170 7.95 -23.98 3.37
N ILE B 171 8.96 -24.13 2.51
CA ILE B 171 10.16 -24.82 2.95
C ILE B 171 11.33 -23.84 3.02
N PRO B 172 12.20 -23.97 4.03
CA PRO B 172 13.33 -23.03 4.21
C PRO B 172 14.46 -23.34 3.24
N LEU B 173 14.22 -22.95 1.99
CA LEU B 173 15.10 -23.24 0.87
C LEU B 173 15.08 -22.01 -0.03
N ALA B 174 16.24 -21.55 -0.46
CA ALA B 174 16.27 -20.34 -1.27
C ALA B 174 15.83 -20.63 -2.69
N ALA B 175 15.05 -19.71 -3.24
CA ALA B 175 14.63 -19.81 -4.62
C ALA B 175 15.81 -19.74 -5.58
N LEU B 176 16.89 -19.09 -5.14
CA LEU B 176 18.14 -19.07 -5.90
C LEU B 176 19.11 -20.06 -5.29
N THR B 177 19.25 -21.21 -5.93
CA THR B 177 20.25 -22.21 -5.58
C THR B 177 21.64 -21.71 -5.92
N PRO B 178 22.67 -22.44 -5.49
CA PRO B 178 24.04 -22.11 -5.94
C PRO B 178 24.19 -22.17 -7.46
N LYS B 179 23.58 -23.15 -8.13
CA LYS B 179 23.61 -23.16 -9.59
C LYS B 179 22.97 -21.89 -10.14
N ASP B 180 21.79 -21.52 -9.60
CA ASP B 180 21.11 -20.36 -10.13
C ASP B 180 21.98 -19.12 -10.00
N ARG B 181 22.69 -18.99 -8.89
CA ARG B 181 23.50 -17.81 -8.70
C ARG B 181 24.60 -17.71 -9.76
N LYS B 182 25.24 -18.82 -10.11
CA LYS B 182 26.20 -18.72 -11.20
C LYS B 182 25.49 -18.45 -12.52
N ASP B 183 24.31 -19.05 -12.72
CA ASP B 183 23.55 -18.79 -13.94
C ASP B 183 23.12 -17.33 -14.02
N LEU B 184 22.82 -16.70 -12.88
CA LEU B 184 22.44 -15.30 -12.87
C LEU B 184 23.61 -14.40 -13.23
N ASP B 185 24.80 -14.66 -12.66
CA ASP B 185 25.98 -13.91 -13.04
C ASP B 185 26.17 -13.98 -14.54
N PHE B 186 26.08 -15.18 -15.11
CA PHE B 186 26.21 -15.30 -16.54
C PHE B 186 25.16 -14.44 -17.25
N ALA B 187 23.89 -14.61 -16.91
CA ALA B 187 22.82 -13.90 -17.60
C ALA B 187 23.04 -12.39 -17.62
N LEU B 188 23.45 -11.82 -16.47
CA LEU B 188 23.69 -10.38 -16.35
C LEU B 188 24.98 -9.93 -17.03
N LYS B 189 25.98 -10.81 -17.06
CA LYS B 189 27.17 -10.56 -17.87
C LYS B 189 26.81 -10.50 -19.36
N GLU B 190 25.79 -11.25 -19.75
CA GLU B 190 25.24 -11.25 -21.09
C GLU B 190 24.17 -10.20 -21.31
N LYS B 191 23.96 -9.27 -20.37
CA LYS B 191 23.00 -8.19 -20.54
C LYS B 191 21.59 -8.70 -20.84
N ALA B 192 21.16 -9.69 -20.06
CA ALA B 192 19.76 -10.10 -20.06
C ALA B 192 18.84 -8.88 -19.94
N ASP B 193 17.75 -8.92 -20.68
CA ASP B 193 16.71 -7.90 -20.58
C ASP B 193 15.70 -8.21 -19.48
N TRP B 194 15.54 -9.48 -19.12
CA TRP B 194 14.63 -9.92 -18.07
C TRP B 194 15.14 -11.22 -17.47
N VAL B 195 14.96 -11.39 -16.17
CA VAL B 195 15.35 -12.61 -15.47
C VAL B 195 14.11 -13.19 -14.80
N ALA B 196 13.86 -14.47 -15.03
CA ALA B 196 12.73 -15.18 -14.46
C ALA B 196 13.21 -15.99 -13.25
N LEU B 197 12.58 -15.77 -12.11
CA LEU B 197 12.89 -16.46 -10.87
C LEU B 197 11.86 -17.55 -10.65
N SER B 198 12.34 -18.72 -10.25
CA SER B 198 11.56 -19.92 -10.00
C SER B 198 11.36 -20.17 -8.51
N PHE B 199 10.35 -20.98 -8.17
CA PHE B 199 10.15 -21.49 -6.81
C PHE B 199 9.81 -20.38 -5.81
N VAL B 200 9.08 -19.38 -6.26
CA VAL B 200 8.73 -18.23 -5.44
C VAL B 200 7.64 -18.65 -4.47
N GLN B 201 7.98 -18.66 -3.18
CA GLN B 201 7.03 -18.96 -2.12
C GLN B 201 6.50 -17.71 -1.39
N ARG B 202 7.31 -16.65 -1.28
CA ARG B 202 6.93 -15.44 -0.59
C ARG B 202 7.81 -14.30 -1.05
N VAL B 203 7.45 -13.09 -0.62
CA VAL B 203 8.06 -11.87 -1.14
C VAL B 203 9.53 -11.79 -0.78
N GLU B 204 9.93 -12.42 0.33
CA GLU B 204 11.32 -12.39 0.70
C GLU B 204 12.19 -12.98 -0.39
N ASP B 205 11.65 -13.95 -1.14
CA ASP B 205 12.39 -14.51 -2.27
C ASP B 205 12.61 -13.46 -3.35
N VAL B 206 11.58 -12.67 -3.63
CA VAL B 206 11.71 -11.64 -4.64
C VAL B 206 12.69 -10.58 -4.21
N ILE B 207 12.68 -10.20 -2.93
CA ILE B 207 13.62 -9.19 -2.47
C ILE B 207 15.03 -9.73 -2.56
N GLU B 208 15.23 -10.96 -2.08
CA GLU B 208 16.55 -11.61 -2.15
C GLU B 208 17.07 -11.55 -3.58
N ALA B 209 16.24 -11.97 -4.55
CA ALA B 209 16.68 -11.96 -5.94
C ALA B 209 16.90 -10.54 -6.43
N LYS B 210 16.10 -9.57 -5.97
CA LYS B 210 16.31 -8.19 -6.40
C LYS B 210 17.65 -7.65 -5.92
N GLU B 211 18.06 -7.99 -4.70
CA GLU B 211 19.34 -7.46 -4.22
C GLU B 211 20.57 -8.17 -4.80
N LEU B 212 20.45 -9.41 -5.28
CA LEU B 212 21.52 -9.98 -6.08
C LEU B 212 21.65 -9.24 -7.41
N ILE B 213 20.54 -8.83 -7.99
CA ILE B 213 20.56 -8.25 -9.33
C ILE B 213 21.09 -6.81 -9.35
N LYS B 214 20.97 -6.07 -8.25
CA LYS B 214 21.49 -4.69 -8.15
C LYS B 214 21.02 -3.81 -9.31
N GLY B 215 19.75 -3.99 -9.71
CA GLY B 215 19.15 -3.15 -10.73
C GLY B 215 19.67 -3.38 -12.13
N ARG B 216 20.43 -4.43 -12.35
CA ARG B 216 20.95 -4.67 -13.68
C ARG B 216 19.95 -5.32 -14.62
N ALA B 217 18.83 -5.79 -14.12
CA ALA B 217 17.78 -6.21 -15.04
C ALA B 217 16.47 -6.31 -14.28
N PRO B 218 15.36 -6.00 -14.91
CA PRO B 218 14.06 -6.21 -14.26
C PRO B 218 13.80 -7.69 -14.05
N LEU B 219 12.91 -7.96 -13.09
CA LEU B 219 12.66 -9.29 -12.57
C LEU B 219 11.24 -9.73 -12.89
N LEU B 220 11.13 -10.95 -13.41
CA LEU B 220 9.87 -11.64 -13.64
C LEU B 220 9.76 -12.77 -12.62
N VAL B 221 8.59 -12.96 -12.06
CA VAL B 221 8.36 -13.98 -11.06
C VAL B 221 7.44 -15.01 -11.69
N LYS B 222 7.85 -16.27 -11.63
CA LYS B 222 7.02 -17.38 -12.06
C LYS B 222 6.18 -17.84 -10.87
N LEU B 223 4.86 -17.77 -11.02
CA LEU B 223 3.92 -18.17 -9.98
C LEU B 223 3.54 -19.62 -10.23
N GLU B 224 4.04 -20.51 -9.38
CA GLU B 224 3.72 -21.92 -9.52
C GLU B 224 3.34 -22.53 -8.17
N LYS B 225 3.81 -21.95 -6.99
CA LYS B 225 3.46 -22.66 -5.78
C LYS B 225 2.17 -22.11 -5.16
N PRO B 226 1.41 -22.95 -4.45
CA PRO B 226 0.25 -22.45 -3.70
C PRO B 226 0.59 -21.36 -2.71
N ALA B 227 1.76 -21.43 -2.10
CA ALA B 227 2.16 -20.39 -1.16
C ALA B 227 2.36 -19.04 -1.86
N ALA B 228 2.76 -19.03 -3.13
CA ALA B 228 2.87 -17.77 -3.85
C ALA B 228 1.50 -17.17 -4.08
N ILE B 229 0.52 -18.01 -4.41
CA ILE B 229 -0.85 -17.54 -4.60
C ILE B 229 -1.41 -16.96 -3.31
N GLU B 230 -1.13 -17.60 -2.16
CA GLU B 230 -1.53 -17.02 -0.89
C GLU B 230 -0.91 -15.63 -0.68
N ASN B 231 0.37 -15.49 -1.01
CA ASN B 231 1.12 -14.24 -0.84
C ASN B 231 1.05 -13.35 -2.08
N LEU B 232 0.01 -13.52 -2.88
CA LEU B 232 0.03 -12.97 -4.23
C LEU B 232 0.25 -11.47 -4.24
N GLU B 233 -0.57 -10.72 -3.46
CA GLU B 233 -0.49 -9.26 -3.51
C GLU B 233 0.89 -8.75 -3.14
N SER B 234 1.49 -9.40 -2.15
CA SER B 234 2.81 -9.01 -1.72
C SER B 234 3.84 -9.28 -2.81
N ILE B 235 3.77 -10.48 -3.42
CA ILE B 235 4.70 -10.86 -4.49
C ILE B 235 4.50 -9.97 -5.71
N LEU B 236 3.24 -9.79 -6.12
CA LEU B 236 2.94 -8.98 -7.29
C LEU B 236 3.44 -7.55 -7.13
N ALA B 237 3.43 -7.02 -5.91
CA ALA B 237 3.89 -5.65 -5.72
C ALA B 237 5.41 -5.53 -5.87
N ALA B 238 6.17 -6.53 -5.41
CA ALA B 238 7.62 -6.41 -5.50
C ALA B 238 8.20 -6.73 -6.87
N THR B 239 7.51 -7.48 -7.70
CA THR B 239 8.13 -7.95 -8.93
C THR B 239 7.98 -6.86 -10.00
N ASP B 240 8.79 -6.95 -11.03
CA ASP B 240 8.52 -6.15 -12.23
C ASP B 240 7.58 -6.87 -13.20
N ALA B 241 7.65 -8.21 -13.32
CA ALA B 241 6.80 -8.95 -14.24
C ALA B 241 6.39 -10.29 -13.62
N VAL B 242 5.51 -10.98 -14.34
CA VAL B 242 4.81 -12.12 -13.79
C VAL B 242 4.64 -13.15 -14.89
N MET B 243 4.82 -14.43 -14.52
CA MET B 243 4.51 -15.53 -15.44
C MET B 243 3.55 -16.50 -14.75
N VAL B 244 2.38 -16.67 -15.36
CA VAL B 244 1.45 -17.70 -14.95
C VAL B 244 2.04 -19.00 -15.45
N ALA B 245 2.85 -19.64 -14.62
CA ALA B 245 3.51 -20.89 -14.98
C ALA B 245 2.56 -22.04 -14.66
N ARG B 246 1.65 -22.34 -15.61
CA ARG B 246 0.57 -23.29 -15.35
C ARG B 246 1.06 -24.74 -15.19
N GLY B 247 2.22 -25.11 -15.74
CA GLY B 247 2.70 -26.46 -15.52
C GLY B 247 2.78 -26.92 -14.08
N ASP B 248 3.59 -26.23 -13.29
CA ASP B 248 3.71 -26.58 -11.89
C ASP B 248 2.45 -26.20 -11.10
N LEU B 249 1.83 -25.06 -11.42
CA LEU B 249 0.58 -24.71 -10.73
C LEU B 249 -0.45 -25.83 -10.83
N GLY B 250 -0.53 -26.49 -11.99
CA GLY B 250 -1.41 -27.63 -12.19
C GLY B 250 -0.96 -28.96 -11.60
N VAL B 251 0.16 -28.98 -10.88
CA VAL B 251 0.58 -30.12 -10.10
C VAL B 251 0.45 -29.85 -8.60
N GLU B 252 0.92 -28.68 -8.14
CA GLU B 252 0.84 -28.39 -6.69
C GLU B 252 -0.58 -28.05 -6.27
N CYS B 253 -1.37 -27.40 -7.15
CA CYS B 253 -2.81 -27.22 -7.00
C CYS B 253 -3.56 -28.12 -7.99
N LEU B 254 -4.83 -28.35 -7.71
CA LEU B 254 -5.65 -29.14 -8.61
C LEU B 254 -5.62 -28.53 -10.01
N PRO B 255 -5.57 -29.36 -11.06
CA PRO B 255 -5.52 -28.80 -12.42
C PRO B 255 -6.74 -27.96 -12.73
N GLU B 256 -7.90 -28.32 -12.15
CA GLU B 256 -9.14 -27.64 -12.48
C GLU B 256 -9.23 -26.27 -11.84
N SER B 257 -8.26 -25.91 -11.00
CA SER B 257 -8.25 -24.61 -10.34
C SER B 257 -7.37 -23.58 -11.02
N VAL B 258 -6.55 -24.00 -11.99
CA VAL B 258 -5.68 -23.05 -12.69
C VAL B 258 -6.47 -21.93 -13.35
N PRO B 259 -7.57 -22.17 -14.08
CA PRO B 259 -8.21 -21.09 -14.86
C PRO B 259 -8.73 -19.93 -14.03
N PRO B 260 -9.42 -20.15 -12.89
CA PRO B 260 -9.76 -18.98 -12.06
C PRO B 260 -8.53 -18.32 -11.49
N THR B 261 -7.48 -19.10 -11.19
CA THR B 261 -6.25 -18.48 -10.70
C THR B 261 -5.58 -17.67 -11.80
N GLN B 262 -5.67 -18.15 -13.03
CA GLN B 262 -5.12 -17.40 -14.14
C GLN B 262 -5.87 -16.10 -14.31
N LYS B 263 -7.21 -16.17 -14.29
CA LYS B 263 -8.05 -14.97 -14.40
C LYS B 263 -7.66 -13.93 -13.35
N ARG B 264 -7.58 -14.36 -12.09
CA ARG B 264 -7.16 -13.48 -11.01
C ARG B 264 -5.73 -12.93 -11.23
N ILE B 265 -4.76 -13.79 -11.57
CA ILE B 265 -3.38 -13.33 -11.78
C ILE B 265 -3.31 -12.30 -12.90
N VAL B 266 -3.90 -12.63 -14.07
CA VAL B 266 -3.81 -11.72 -15.20
C VAL B 266 -4.48 -10.37 -14.87
N GLU B 267 -5.60 -10.38 -14.15
CA GLU B 267 -6.28 -9.11 -13.95
C GLU B 267 -5.61 -8.29 -12.87
N ARG B 268 -4.99 -8.91 -11.88
CA ARG B 268 -4.27 -8.10 -10.90
C ARG B 268 -2.98 -7.54 -11.46
N SER B 269 -2.34 -8.26 -12.40
CA SER B 269 -1.12 -7.76 -13.01
C SER B 269 -1.42 -6.59 -13.94
N ARG B 270 -2.48 -6.70 -14.73
CA ARG B 270 -2.89 -5.55 -15.53
C ARG B 270 -3.19 -4.35 -14.65
N GLN B 271 -3.87 -4.57 -13.53
CA GLN B 271 -4.21 -3.48 -12.64
C GLN B 271 -2.95 -2.88 -12.01
N LEU B 272 -1.95 -3.69 -11.71
CA LEU B 272 -0.73 -3.16 -11.11
C LEU B 272 0.26 -2.63 -12.15
N GLY B 273 0.01 -2.86 -13.44
CA GLY B 273 0.93 -2.43 -14.47
C GLY B 273 2.08 -3.37 -14.74
N LYS B 274 1.99 -4.62 -14.31
CA LYS B 274 3.13 -5.52 -14.35
C LYS B 274 2.95 -6.46 -15.52
N PRO B 275 3.88 -6.54 -16.46
CA PRO B 275 3.63 -7.38 -17.63
C PRO B 275 3.39 -8.82 -17.23
N VAL B 276 2.36 -9.45 -17.82
CA VAL B 276 1.98 -10.81 -17.45
C VAL B 276 2.00 -11.74 -18.67
N VAL B 277 2.69 -12.87 -18.52
CA VAL B 277 2.87 -13.89 -19.54
C VAL B 277 2.12 -15.17 -19.14
N VAL B 278 1.29 -15.69 -20.04
CA VAL B 278 0.66 -16.98 -19.81
C VAL B 278 1.50 -18.07 -20.48
N ALA B 279 1.74 -19.17 -19.76
CA ALA B 279 2.64 -20.20 -20.23
C ALA B 279 2.08 -21.59 -20.00
N THR B 280 2.80 -22.54 -20.62
CA THR B 280 2.71 -23.99 -20.44
C THR B 280 1.60 -24.59 -21.31
N ALA B 281 2.01 -25.25 -22.41
CA ALA B 281 1.18 -26.15 -23.27
C ALA B 281 0.14 -25.44 -24.11
N MET B 282 0.39 -24.18 -24.48
CA MET B 282 -0.59 -23.48 -25.29
C MET B 282 -0.80 -24.14 -26.64
N LEU B 283 0.25 -24.73 -27.23
CA LEU B 283 0.14 -25.46 -28.50
C LEU B 283 0.80 -26.83 -28.36
N GLU B 284 0.49 -27.53 -27.27
CA GLU B 284 1.24 -28.72 -26.89
C GLU B 284 1.25 -29.79 -27.99
N SER B 285 0.09 -30.09 -28.58
CA SER B 285 0.07 -31.13 -29.59
C SER B 285 1.02 -30.85 -30.75
N MET B 286 1.40 -29.58 -30.99
CA MET B 286 2.30 -29.22 -32.07
C MET B 286 3.75 -29.55 -31.79
N ILE B 287 4.07 -30.05 -30.60
CA ILE B 287 5.37 -30.68 -30.42
C ILE B 287 5.56 -31.78 -31.46
N LYS B 288 4.49 -32.56 -31.72
CA LYS B 288 4.51 -33.70 -32.65
C LYS B 288 3.68 -33.51 -33.91
N ALA B 289 2.73 -32.58 -33.93
CA ALA B 289 1.89 -32.38 -35.10
C ALA B 289 2.08 -30.97 -35.65
N PRO B 290 2.00 -30.80 -36.99
CA PRO B 290 2.19 -29.48 -37.60
C PRO B 290 0.98 -28.55 -37.47
N ALA B 291 -0.10 -28.98 -36.82
CA ALA B 291 -1.21 -28.08 -36.56
C ALA B 291 -1.84 -28.37 -35.19
N PRO B 292 -2.47 -27.37 -34.60
CA PRO B 292 -2.87 -27.49 -33.20
C PRO B 292 -4.29 -28.01 -33.05
N THR B 293 -4.59 -28.44 -31.84
CA THR B 293 -5.98 -28.77 -31.56
C THR B 293 -6.83 -27.52 -31.41
N ARG B 294 -8.12 -27.71 -31.52
CA ARG B 294 -9.06 -26.62 -31.33
C ARG B 294 -8.93 -25.99 -29.94
N ALA B 295 -8.76 -26.82 -28.89
CA ALA B 295 -8.62 -26.29 -27.54
C ALA B 295 -7.35 -25.49 -27.38
N GLU B 296 -6.27 -25.92 -28.02
CA GLU B 296 -5.04 -25.14 -27.95
C GLU B 296 -5.25 -23.74 -28.55
N VAL B 297 -5.92 -23.64 -29.69
CA VAL B 297 -6.17 -22.34 -30.28
C VAL B 297 -7.08 -21.51 -29.36
N SER B 298 -8.06 -22.15 -28.74
CA SER B 298 -8.96 -21.45 -27.84
C SER B 298 -8.22 -20.91 -26.62
N ASP B 299 -7.27 -21.69 -26.08
CA ASP B 299 -6.49 -21.26 -24.92
C ASP B 299 -5.67 -20.02 -25.25
N VAL B 300 -5.05 -20.01 -26.42
CA VAL B 300 -4.27 -18.85 -26.81
C VAL B 300 -5.18 -17.65 -26.96
N ALA B 301 -6.28 -17.82 -27.69
CA ALA B 301 -7.19 -16.70 -27.89
C ALA B 301 -7.70 -16.15 -26.55
N ASN B 302 -8.06 -17.03 -25.60
CA ASN B 302 -8.62 -16.55 -24.34
C ASN B 302 -7.59 -15.86 -23.44
N ALA B 303 -6.30 -16.17 -23.58
CA ALA B 303 -5.29 -15.35 -22.90
C ALA B 303 -5.24 -13.94 -23.47
N ILE B 304 -5.43 -13.81 -24.79
CA ILE B 304 -5.46 -12.51 -25.44
C ILE B 304 -6.66 -11.70 -25.01
N TYR B 305 -7.84 -12.34 -24.93
CA TYR B 305 -9.05 -11.67 -24.45
C TYR B 305 -8.93 -11.24 -22.99
N GLU B 306 -8.21 -12.00 -22.16
CA GLU B 306 -7.95 -11.52 -20.79
C GLU B 306 -7.09 -10.27 -20.78
N GLY B 307 -6.49 -9.91 -21.92
CA GLY B 307 -5.64 -8.75 -22.00
C GLY B 307 -4.22 -8.98 -21.54
N ALA B 308 -3.74 -10.22 -21.52
CA ALA B 308 -2.40 -10.51 -21.07
C ALA B 308 -1.36 -9.95 -22.04
N ASP B 309 -0.20 -9.57 -21.48
CA ASP B 309 0.89 -9.03 -22.30
C ASP B 309 1.46 -10.09 -23.21
N GLY B 310 1.58 -11.31 -22.72
CA GLY B 310 2.44 -12.30 -23.34
C GLY B 310 1.83 -13.70 -23.41
N ILE B 311 2.24 -14.42 -24.44
CA ILE B 311 1.89 -15.82 -24.62
C ILE B 311 3.17 -16.58 -24.95
N MET B 312 3.38 -17.72 -24.27
CA MET B 312 4.65 -18.43 -24.32
C MET B 312 4.53 -19.81 -24.94
N LEU B 313 5.52 -20.18 -25.74
CA LEU B 313 5.77 -21.55 -26.14
C LEU B 313 7.00 -22.08 -25.40
N SER B 314 6.89 -23.30 -24.89
CA SER B 314 8.04 -23.94 -24.27
C SER B 314 8.60 -24.97 -25.27
N ALA B 315 8.38 -26.27 -25.07
CA ALA B 315 8.94 -27.27 -25.99
C ALA B 315 8.41 -27.13 -27.40
N GLU B 316 7.21 -26.57 -27.58
CA GLU B 316 6.70 -26.36 -28.93
C GLU B 316 7.74 -25.70 -29.85
N SER B 317 8.54 -24.79 -29.31
CA SER B 317 9.60 -24.18 -30.12
C SER B 317 11.00 -24.62 -29.71
N ALA B 318 11.19 -25.10 -28.48
CA ALA B 318 12.53 -25.46 -28.05
C ALA B 318 12.98 -26.86 -28.49
N ALA B 319 12.04 -27.81 -28.72
CA ALA B 319 12.39 -29.21 -28.90
C ALA B 319 11.54 -29.99 -29.91
N GLY B 320 10.42 -29.48 -30.38
CA GLY B 320 9.49 -30.24 -31.18
C GLY B 320 9.85 -30.28 -32.63
N ASP B 321 9.02 -30.99 -33.39
CA ASP B 321 9.26 -31.21 -34.81
C ASP B 321 8.71 -30.09 -35.70
N TRP B 322 7.95 -29.12 -35.14
CA TRP B 322 7.36 -28.05 -35.94
C TRP B 322 7.46 -26.68 -35.26
N PRO B 323 8.65 -26.28 -34.81
CA PRO B 323 8.75 -25.00 -34.15
C PRO B 323 8.42 -23.84 -35.07
N HIS B 324 8.74 -23.91 -36.34
CA HIS B 324 8.30 -22.82 -37.20
C HIS B 324 6.79 -22.68 -37.15
N GLU B 325 6.07 -23.79 -37.31
CA GLU B 325 4.61 -23.71 -37.42
C GLU B 325 3.98 -23.28 -36.09
N ALA B 326 4.62 -23.65 -34.98
CA ALA B 326 4.19 -23.27 -33.64
C ALA B 326 4.26 -21.76 -33.43
N VAL B 327 5.44 -21.18 -33.63
CA VAL B 327 5.60 -19.73 -33.52
C VAL B 327 4.61 -19.02 -34.43
N ASN B 328 4.60 -19.36 -35.72
CA ASN B 328 3.74 -18.62 -36.64
C ASN B 328 2.26 -18.79 -36.29
N MET B 329 1.90 -19.84 -35.55
CA MET B 329 0.51 -20.03 -35.15
C MET B 329 0.13 -19.08 -34.02
N MET B 330 1.00 -18.93 -33.02
CA MET B 330 0.80 -17.89 -32.00
C MET B 330 0.49 -16.55 -32.66
N HIS B 331 1.25 -16.21 -33.70
CA HIS B 331 1.11 -14.91 -34.36
C HIS B 331 -0.17 -14.84 -35.16
N ARG B 332 -0.52 -15.94 -35.83
CA ARG B 332 -1.75 -16.02 -36.59
C ARG B 332 -2.98 -15.88 -35.69
N ILE B 333 -2.93 -16.46 -34.49
CA ILE B 333 -4.06 -16.35 -33.58
C ILE B 333 -4.18 -14.93 -33.04
N ALA B 334 -3.07 -14.39 -32.52
CA ALA B 334 -3.07 -13.00 -32.08
C ALA B 334 -3.52 -12.07 -33.21
N SER B 335 -2.90 -12.19 -34.39
CA SER B 335 -3.24 -11.34 -35.52
C SER B 335 -4.74 -11.38 -35.87
N TYR B 336 -5.40 -12.55 -35.74
CA TYR B 336 -6.80 -12.65 -36.14
C TYR B 336 -7.74 -12.18 -35.02
N VAL B 337 -7.50 -12.65 -33.80
CA VAL B 337 -8.41 -12.37 -32.71
C VAL B 337 -8.41 -10.88 -32.37
N GLU B 338 -7.24 -10.23 -32.38
CA GLU B 338 -7.15 -8.84 -31.95
C GLU B 338 -7.90 -7.93 -32.90
N ASN B 339 -8.15 -8.41 -34.11
CA ASN B 339 -8.75 -7.64 -35.19
C ASN B 339 -10.12 -8.14 -35.58
N ALA B 340 -10.62 -9.14 -34.92
CA ALA B 340 -11.98 -9.61 -35.12
C ALA B 340 -12.91 -9.00 -34.07
N PRO B 341 -14.20 -9.02 -34.35
CA PRO B 341 -15.14 -8.43 -33.38
C PRO B 341 -15.03 -9.13 -32.05
N GLY B 342 -15.35 -8.39 -30.99
CA GLY B 342 -15.42 -8.90 -29.65
C GLY B 342 -14.14 -8.79 -28.87
N TYR B 343 -13.08 -8.24 -29.46
CA TYR B 343 -11.79 -8.19 -28.80
C TYR B 343 -11.75 -7.14 -27.70
N ILE B 344 -11.92 -5.86 -28.07
CA ILE B 344 -11.62 -4.81 -27.10
C ILE B 344 -12.57 -4.89 -25.90
N GLU B 345 -13.86 -5.19 -26.16
CA GLU B 345 -14.81 -5.23 -25.06
C GLU B 345 -14.44 -6.28 -24.02
N ARG B 346 -13.83 -7.40 -24.45
CA ARG B 346 -13.40 -8.42 -23.49
C ARG B 346 -12.17 -7.97 -22.73
N VAL B 347 -11.30 -7.19 -23.38
CA VAL B 347 -10.13 -6.64 -22.69
C VAL B 347 -10.57 -5.59 -21.67
N ARG B 348 -11.52 -4.73 -22.05
CA ARG B 348 -12.05 -3.68 -21.18
C ARG B 348 -12.81 -4.20 -19.97
N PHE B 349 -13.18 -5.48 -19.92
CA PHE B 349 -13.82 -6.07 -18.75
C PHE B 349 -13.01 -5.88 -17.47
N THR B 350 -11.69 -5.83 -17.59
CA THR B 350 -10.84 -5.69 -16.41
C THR B 350 -10.64 -4.20 -16.23
N PRO B 351 -11.26 -3.56 -15.24
CA PRO B 351 -11.03 -2.12 -15.04
C PRO B 351 -9.61 -1.86 -14.65
N THR B 352 -9.05 -0.75 -15.16
CA THR B 352 -7.68 -0.34 -14.82
C THR B 352 -7.65 1.14 -14.57
N PRO B 353 -8.24 1.60 -13.49
CA PRO B 353 -8.33 3.04 -13.25
C PRO B 353 -6.94 3.64 -13.03
N ALA B 354 -6.86 4.93 -13.29
CA ALA B 354 -5.67 5.73 -13.06
C ALA B 354 -5.28 5.84 -11.59
N GLU B 355 -4.02 5.55 -11.27
CA GLU B 355 -3.45 6.08 -10.05
C GLU B 355 -3.62 7.59 -10.03
N PRO B 356 -3.53 8.22 -8.86
CA PRO B 356 -3.51 9.69 -8.76
C PRO B 356 -2.14 10.26 -9.06
N THR B 357 -1.66 10.02 -10.25
CA THR B 357 -0.39 10.54 -10.70
C THR B 357 -0.58 11.23 -12.04
N THR B 358 0.30 12.18 -12.32
CA THR B 358 0.26 12.84 -13.63
C THR B 358 0.39 11.83 -14.77
N VAL B 359 1.34 10.90 -14.66
CA VAL B 359 1.59 9.96 -15.76
C VAL B 359 0.36 9.07 -16.00
N ASP B 360 -0.33 8.65 -14.94
CA ASP B 360 -1.53 7.84 -15.16
C ASP B 360 -2.68 8.65 -15.74
N ALA B 361 -2.85 9.88 -15.24
CA ALA B 361 -3.84 10.77 -15.83
C ALA B 361 -3.58 10.93 -17.32
N LEU B 362 -2.33 11.21 -17.69
CA LEU B 362 -2.04 11.51 -19.08
C LEU B 362 -2.05 10.25 -19.96
N ALA B 363 -1.80 9.06 -19.39
CA ALA B 363 -2.05 7.83 -20.15
C ALA B 363 -3.52 7.68 -20.48
N GLU B 364 -4.37 7.82 -19.47
CA GLU B 364 -5.81 7.79 -19.70
C GLU B 364 -6.24 8.92 -20.67
N ASN B 365 -5.84 10.17 -20.39
CA ASN B 365 -6.16 11.31 -21.28
C ASN B 365 -5.79 10.99 -22.74
N ALA B 366 -4.55 10.57 -22.99
CA ALA B 366 -4.09 10.35 -24.37
C ALA B 366 -4.88 9.25 -25.06
N SER B 367 -5.24 8.18 -24.33
CA SER B 367 -6.00 7.11 -24.97
C SER B 367 -7.40 7.58 -25.38
N LYS B 368 -8.11 8.25 -24.47
CA LYS B 368 -9.43 8.78 -24.83
C LYS B 368 -9.35 9.88 -25.88
N THR B 369 -8.30 10.71 -25.86
CA THR B 369 -8.16 11.75 -26.88
C THR B 369 -7.90 11.13 -28.23
N ALA B 370 -7.11 10.07 -28.27
CA ALA B 370 -6.86 9.38 -29.54
C ALA B 370 -8.15 8.84 -30.14
N GLU B 371 -9.02 8.23 -29.32
CA GLU B 371 -10.32 7.78 -29.82
C GLU B 371 -11.15 8.95 -30.35
N THR B 372 -11.25 10.02 -29.58
CA THR B 372 -12.12 11.12 -29.99
C THR B 372 -11.65 11.75 -31.28
N VAL B 373 -10.35 11.83 -31.47
CA VAL B 373 -9.74 12.51 -32.62
C VAL B 373 -9.48 11.60 -33.80
N GLY B 374 -9.67 10.30 -33.65
CA GLY B 374 -9.30 9.42 -34.75
C GLY B 374 -7.81 9.49 -34.99
N ALA B 375 -7.01 9.47 -33.92
CA ALA B 375 -5.56 9.45 -34.02
C ALA B 375 -5.06 8.11 -34.56
N LYS B 376 -4.05 8.18 -35.41
CA LYS B 376 -3.48 6.94 -35.95
C LYS B 376 -2.47 6.31 -35.02
N ALA B 377 -1.98 7.05 -34.03
CA ALA B 377 -1.00 6.50 -33.14
C ALA B 377 -0.82 7.41 -31.94
N ILE B 378 -0.34 6.80 -30.85
CA ILE B 378 0.02 7.46 -29.59
C ILE B 378 1.52 7.30 -29.44
N ILE B 379 2.24 8.39 -29.66
CA ILE B 379 3.69 8.36 -29.63
C ILE B 379 4.13 8.71 -28.22
N VAL B 380 4.88 7.84 -27.57
CA VAL B 380 5.24 8.05 -26.18
C VAL B 380 6.75 8.19 -26.06
N PHE B 381 7.21 9.34 -25.56
CA PHE B 381 8.61 9.52 -25.19
C PHE B 381 8.87 9.02 -23.77
N THR B 382 9.98 8.31 -23.60
CA THR B 382 10.25 7.72 -22.29
C THR B 382 11.73 7.44 -22.14
N GLU B 383 12.30 7.79 -20.99
CA GLU B 383 13.72 7.60 -20.74
C GLU B 383 14.05 6.21 -20.19
N THR B 384 13.21 5.66 -19.33
CA THR B 384 13.45 4.36 -18.73
C THR B 384 12.34 3.36 -18.99
N GLY B 385 11.23 3.78 -19.58
CA GLY B 385 10.17 2.88 -19.95
C GLY B 385 8.89 3.06 -19.17
N LYS B 386 8.95 3.70 -18.00
CA LYS B 386 7.77 3.83 -17.15
C LYS B 386 6.56 4.37 -17.92
N THR B 387 6.71 5.51 -18.61
CA THR B 387 5.55 6.10 -19.31
C THR B 387 4.99 5.15 -20.38
N ALA B 388 5.85 4.35 -21.03
CA ALA B 388 5.36 3.37 -22.01
C ALA B 388 4.52 2.30 -21.34
N GLN B 389 4.95 1.82 -20.17
CA GLN B 389 4.17 0.79 -19.49
C GLN B 389 2.79 1.30 -19.08
N ARG B 390 2.71 2.52 -18.53
CA ARG B 390 1.43 3.03 -18.03
C ARG B 390 0.46 3.35 -19.17
N VAL B 391 0.98 3.82 -20.31
CA VAL B 391 0.15 3.95 -21.50
C VAL B 391 -0.27 2.56 -22.01
N SER B 392 0.67 1.60 -22.00
CA SER B 392 0.33 0.22 -22.35
C SER B 392 -0.80 -0.32 -21.50
N ARG B 393 -0.75 -0.07 -20.16
CA ARG B 393 -1.75 -0.58 -19.23
C ARG B 393 -3.14 -0.10 -19.55
N ALA B 394 -3.28 1.11 -20.10
CA ALA B 394 -4.58 1.57 -20.54
C ALA B 394 -5.14 0.75 -21.68
N ARG B 395 -4.31 -0.06 -22.39
CA ARG B 395 -4.76 -0.91 -23.48
C ARG B 395 -5.47 -0.07 -24.55
N PRO B 396 -4.83 0.98 -25.04
CA PRO B 396 -5.48 1.81 -26.05
C PRO B 396 -5.76 1.03 -27.34
N VAL B 397 -6.84 1.46 -28.02
CA VAL B 397 -7.14 1.06 -29.38
C VAL B 397 -6.03 1.50 -30.33
N ALA B 398 -5.72 2.82 -30.36
CA ALA B 398 -4.64 3.34 -31.21
C ALA B 398 -3.29 2.66 -30.94
N PRO B 399 -2.50 2.40 -31.97
CA PRO B 399 -1.15 1.84 -31.74
C PRO B 399 -0.26 2.77 -30.93
N ILE B 400 0.56 2.15 -30.06
CA ILE B 400 1.59 2.87 -29.31
C ILE B 400 2.91 2.75 -30.06
N LEU B 401 3.71 3.82 -30.04
CA LEU B 401 5.12 3.77 -30.37
C LEU B 401 5.87 4.36 -29.20
N SER B 402 6.80 3.60 -28.63
CA SER B 402 7.56 4.03 -27.46
C SER B 402 8.96 4.44 -27.92
N LEU B 403 9.20 5.75 -27.93
CA LEU B 403 10.45 6.34 -28.37
C LEU B 403 11.32 6.56 -27.14
N THR B 404 12.48 5.94 -27.16
CA THR B 404 13.43 6.02 -26.07
C THR B 404 14.82 6.18 -26.64
N PRO B 405 15.70 6.88 -25.93
CA PRO B 405 17.09 7.00 -26.40
C PRO B 405 17.96 5.85 -26.00
N ASP B 406 17.47 4.93 -25.16
CA ASP B 406 18.32 3.94 -24.53
C ASP B 406 18.05 2.54 -25.08
N ALA B 407 19.15 1.83 -25.40
CA ALA B 407 19.01 0.57 -26.10
C ALA B 407 18.52 -0.50 -25.18
N GLU B 408 18.95 -0.43 -23.92
CA GLU B 408 18.46 -1.38 -22.93
C GLU B 408 16.97 -1.18 -22.68
N VAL B 409 16.51 0.06 -22.52
CA VAL B 409 15.07 0.27 -22.37
C VAL B 409 14.33 -0.30 -23.58
N ALA B 410 14.84 -0.01 -24.77
CA ALA B 410 14.13 -0.45 -25.97
C ALA B 410 14.07 -1.98 -26.06
N ARG B 411 15.07 -2.67 -25.52
CA ARG B 411 15.03 -4.13 -25.44
C ARG B 411 14.00 -4.60 -24.42
N ARG B 412 14.07 -4.04 -23.20
CA ARG B 412 13.16 -4.46 -22.15
C ARG B 412 11.71 -4.27 -22.55
N LEU B 413 11.41 -3.15 -23.22
CA LEU B 413 10.01 -2.88 -23.61
C LEU B 413 9.43 -3.94 -24.53
N GLY B 414 10.26 -4.89 -25.00
CA GLY B 414 9.77 -5.94 -25.87
C GLY B 414 8.86 -6.95 -25.19
N LEU B 415 8.79 -6.91 -23.85
CA LEU B 415 7.86 -7.74 -23.08
C LEU B 415 6.52 -7.04 -22.82
N VAL B 416 6.43 -5.73 -23.05
CA VAL B 416 5.28 -4.91 -22.69
C VAL B 416 4.23 -4.95 -23.79
N TRP B 417 2.99 -5.25 -23.42
CA TRP B 417 1.89 -5.23 -24.37
C TRP B 417 1.89 -4.00 -25.25
N GLY B 418 1.93 -4.21 -26.55
CA GLY B 418 1.77 -3.16 -27.53
C GLY B 418 2.79 -2.03 -27.55
N ALA B 419 3.88 -2.13 -26.81
CA ALA B 419 4.75 -0.96 -26.56
C ALA B 419 5.49 -0.46 -27.80
N GLN B 420 5.76 -1.33 -28.77
CA GLN B 420 6.45 -1.03 -30.02
C GLN B 420 7.59 0.01 -29.82
N PRO B 421 8.60 -0.39 -29.01
CA PRO B 421 9.72 0.51 -28.77
C PRO B 421 10.54 0.75 -30.03
N VAL B 422 11.05 1.98 -30.14
CA VAL B 422 11.93 2.39 -31.20
C VAL B 422 13.01 3.23 -30.55
N GLN B 423 14.26 2.82 -30.71
CA GLN B 423 15.35 3.63 -30.19
C GLN B 423 15.55 4.84 -31.09
N VAL B 424 15.72 6.02 -30.47
CA VAL B 424 15.79 7.28 -31.21
C VAL B 424 16.89 8.17 -30.63
N SER B 425 17.23 9.21 -31.37
CA SER B 425 18.10 10.22 -30.81
C SER B 425 17.37 11.00 -29.71
N THR B 426 18.15 11.59 -28.81
CA THR B 426 17.57 12.49 -27.82
C THR B 426 17.06 13.76 -28.48
N VAL B 427 15.96 14.29 -27.98
CA VAL B 427 15.43 15.56 -28.46
C VAL B 427 15.46 16.54 -27.31
N LYS B 428 15.62 17.83 -27.65
CA LYS B 428 15.79 18.89 -26.68
C LYS B 428 14.62 19.87 -26.63
N THR B 429 13.69 19.79 -27.57
CA THR B 429 12.56 20.69 -27.58
C THR B 429 11.31 19.95 -28.03
N LEU B 430 10.18 20.55 -27.63
CA LEU B 430 8.88 20.05 -28.05
C LEU B 430 8.80 19.98 -29.55
N ASP B 431 9.27 21.03 -30.24
CA ASP B 431 9.17 21.03 -31.70
C ASP B 431 10.02 19.92 -32.27
N GLU B 432 11.18 19.69 -31.66
CA GLU B 432 11.99 18.53 -32.03
C GLU B 432 11.22 17.25 -31.79
N ALA B 433 10.65 17.09 -30.59
CA ALA B 433 9.83 15.91 -30.30
C ALA B 433 8.71 15.71 -31.31
N LYS B 434 7.97 16.77 -31.66
CA LYS B 434 6.81 16.59 -32.52
C LYS B 434 7.25 16.15 -33.91
N LYS B 435 8.36 16.71 -34.39
CA LYS B 435 8.91 16.31 -35.68
C LYS B 435 9.30 14.84 -35.68
N LEU B 436 10.05 14.41 -34.67
CA LEU B 436 10.39 12.99 -34.57
C LEU B 436 9.15 12.12 -34.44
N ALA B 437 8.14 12.54 -33.66
CA ALA B 437 6.91 11.75 -33.54
C ALA B 437 6.28 11.53 -34.91
N ALA B 438 6.12 12.60 -35.70
CA ALA B 438 5.42 12.48 -36.98
C ALA B 438 6.21 11.64 -37.98
N GLU B 439 7.52 11.90 -38.09
CA GLU B 439 8.38 11.17 -39.01
C GLU B 439 8.39 9.67 -38.69
N THR B 440 8.45 9.30 -37.39
CA THR B 440 8.48 7.89 -37.01
C THR B 440 7.19 7.19 -37.37
N ALA B 441 6.05 7.85 -37.15
CA ALA B 441 4.76 7.22 -37.46
C ALA B 441 4.59 7.08 -38.98
N LYS B 442 5.08 8.07 -39.74
CA LYS B 442 5.08 7.98 -41.19
C LYS B 442 6.04 6.90 -41.67
N LYS B 443 7.22 6.82 -41.08
CA LYS B 443 8.23 5.87 -41.55
C LYS B 443 7.75 4.43 -41.48
N TYR B 444 7.15 4.02 -40.36
CA TYR B 444 6.72 2.63 -40.21
C TYR B 444 5.30 2.41 -40.67
N GLY B 445 4.65 3.42 -41.24
CA GLY B 445 3.40 3.17 -41.91
C GLY B 445 2.15 3.42 -41.10
N PHE B 446 2.25 4.03 -39.93
CA PHE B 446 1.06 4.21 -39.13
C PHE B 446 0.25 5.42 -39.57
N ALA B 447 0.85 6.38 -40.27
CA ALA B 447 0.16 7.60 -40.61
C ALA B 447 0.69 8.14 -41.92
N LYS B 448 -0.16 8.86 -42.66
CA LYS B 448 0.23 9.64 -43.82
C LYS B 448 0.19 11.11 -43.43
N ALA B 449 0.69 11.93 -44.34
CA ALA B 449 0.62 13.37 -44.15
C ALA B 449 -0.80 13.80 -43.83
N GLY B 450 -0.96 14.61 -42.79
CA GLY B 450 -2.27 15.08 -42.41
C GLY B 450 -2.94 14.31 -41.27
N ASP B 451 -2.72 13.00 -41.17
CA ASP B 451 -3.37 12.22 -40.13
C ASP B 451 -3.01 12.78 -38.77
N LYS B 452 -3.89 12.53 -37.82
CA LYS B 452 -3.67 13.01 -36.47
C LYS B 452 -2.94 11.97 -35.65
N LEU B 453 -2.06 12.48 -34.80
CA LEU B 453 -1.26 11.71 -33.87
C LEU B 453 -1.31 12.34 -32.49
N VAL B 454 -1.27 11.51 -31.45
CA VAL B 454 -1.19 11.97 -30.07
C VAL B 454 0.21 11.73 -29.51
N VAL B 455 0.84 12.79 -29.00
CA VAL B 455 2.21 12.70 -28.47
C VAL B 455 2.17 12.90 -26.97
N VAL B 456 2.88 12.04 -26.26
CA VAL B 456 2.95 12.02 -24.80
C VAL B 456 4.41 12.21 -24.47
N ALA B 457 4.72 13.23 -23.68
CA ALA B 457 6.13 13.55 -23.48
C ALA B 457 6.30 14.27 -22.15
N GLY B 458 7.55 14.55 -21.85
CA GLY B 458 7.96 15.18 -20.64
C GLY B 458 8.77 16.40 -21.01
N GLU B 459 8.32 17.54 -20.49
CA GLU B 459 9.05 18.79 -20.47
C GLU B 459 9.50 19.00 -19.03
N PRO B 460 10.81 19.12 -18.71
CA PRO B 460 11.97 19.16 -19.63
C PRO B 460 12.39 17.80 -20.23
N PHE B 461 12.91 17.85 -21.45
CA PHE B 461 13.30 16.65 -22.17
C PHE B 461 14.60 16.09 -21.64
N GLY B 462 14.78 14.78 -21.85
CA GLY B 462 15.98 14.13 -21.40
C GLY B 462 16.06 13.83 -19.92
N LYS B 463 14.94 13.88 -19.21
CA LYS B 463 14.88 13.52 -17.80
C LYS B 463 13.78 12.47 -17.57
N ALA B 464 14.07 11.48 -16.73
CA ALA B 464 13.06 10.50 -16.38
C ALA B 464 12.00 11.11 -15.48
N GLY B 465 10.83 10.48 -15.45
CA GLY B 465 9.85 10.81 -14.43
C GLY B 465 9.15 12.16 -14.58
N THR B 466 9.23 12.76 -15.76
CA THR B 466 8.74 14.12 -15.99
C THR B 466 7.57 14.18 -16.96
N THR B 467 6.97 13.05 -17.31
CA THR B 467 5.88 13.09 -18.27
C THR B 467 4.76 14.00 -17.78
N ASN B 468 4.42 14.99 -18.63
CA ASN B 468 3.40 15.96 -18.29
C ASN B 468 2.70 16.64 -19.46
N ILE B 469 2.93 16.18 -20.70
CA ILE B 469 2.30 16.82 -21.85
C ILE B 469 1.60 15.80 -22.71
N VAL B 470 0.39 16.16 -23.15
CA VAL B 470 -0.34 15.48 -24.21
C VAL B 470 -0.53 16.53 -25.29
N ASP B 471 -0.14 16.20 -26.51
CA ASP B 471 -0.07 17.14 -27.63
C ASP B 471 -0.58 16.44 -28.89
N VAL B 472 -1.57 17.03 -29.53
CA VAL B 472 -2.18 16.46 -30.72
C VAL B 472 -1.57 17.20 -31.91
N ILE B 473 -1.00 16.44 -32.85
CA ILE B 473 -0.28 16.98 -34.00
C ILE B 473 -0.78 16.30 -35.26
N GLU B 474 -0.47 16.93 -36.39
CA GLU B 474 -0.71 16.34 -37.69
C GLU B 474 0.60 15.83 -38.26
N ALA B 475 0.61 14.62 -38.76
CA ALA B 475 1.85 14.01 -39.22
C ALA B 475 2.40 14.66 -40.50
N GLY C 4 -14.64 39.18 -1.13
CA GLY C 4 -15.11 38.09 -1.97
C GLY C 4 -15.60 38.56 -3.34
N LEU C 5 -14.67 39.17 -4.06
CA LEU C 5 -14.97 39.69 -5.39
C LEU C 5 -14.40 38.81 -6.48
N PHE C 6 -13.07 38.59 -6.46
CA PHE C 6 -12.46 37.64 -7.40
C PHE C 6 -11.46 36.77 -6.67
N PRO C 7 -11.62 35.43 -6.64
CA PRO C 7 -12.69 34.60 -7.17
C PRO C 7 -13.97 34.82 -6.41
N ARG C 8 -15.09 34.52 -7.04
CA ARG C 8 -16.38 34.59 -6.38
C ARG C 8 -16.54 33.53 -5.29
N GLY C 9 -15.97 32.35 -5.48
CA GLY C 9 -16.32 31.24 -4.64
C GLY C 9 -17.54 30.50 -5.15
N ARG C 10 -17.90 30.72 -6.41
CA ARG C 10 -18.99 30.03 -7.09
C ARG C 10 -18.84 30.36 -8.56
N LYS C 11 -19.46 29.57 -9.42
CA LYS C 11 -19.16 29.56 -10.84
C LYS C 11 -20.31 30.03 -11.71
N VAL C 12 -21.54 29.87 -11.23
CA VAL C 12 -22.65 30.48 -11.92
C VAL C 12 -22.45 32.00 -11.94
N ARG C 13 -23.01 32.64 -12.95
CA ARG C 13 -22.83 34.08 -13.11
C ARG C 13 -24.13 34.82 -12.82
N VAL C 14 -24.05 35.97 -12.15
CA VAL C 14 -25.23 36.71 -11.72
C VAL C 14 -25.44 37.90 -12.63
N VAL C 15 -26.54 37.89 -13.36
CA VAL C 15 -26.91 39.00 -14.22
C VAL C 15 -27.85 39.91 -13.45
N SER C 16 -27.44 41.17 -13.28
CA SER C 16 -28.22 42.15 -12.55
C SER C 16 -28.63 43.28 -13.48
N THR C 17 -29.92 43.60 -13.48
CA THR C 17 -30.42 44.68 -14.30
C THR C 17 -30.33 46.01 -13.56
N LEU C 18 -29.75 47.01 -14.23
CA LEU C 18 -29.58 48.32 -13.63
C LEU C 18 -30.84 49.13 -13.88
N GLY C 19 -31.05 50.13 -13.04
CA GLY C 19 -32.21 51.00 -13.18
C GLY C 19 -32.37 52.09 -12.12
N PRO C 20 -33.58 52.65 -12.04
CA PRO C 20 -33.84 53.65 -10.99
C PRO C 20 -33.24 53.30 -9.63
N ALA C 21 -33.24 52.00 -9.28
CA ALA C 21 -32.76 51.53 -7.98
C ALA C 21 -31.24 51.28 -7.94
N SER C 22 -30.58 51.21 -9.11
CA SER C 22 -29.16 50.86 -9.20
C SER C 22 -28.59 51.51 -10.46
N SER C 23 -28.05 52.74 -10.32
CA SER C 23 -27.53 53.44 -11.50
C SER C 23 -26.41 54.44 -11.25
N THR C 24 -26.26 54.89 -10.02
CA THR C 24 -25.13 55.74 -9.65
C THR C 24 -23.85 54.93 -9.61
N ALA C 25 -22.72 55.64 -9.70
CA ALA C 25 -21.43 54.97 -9.61
C ALA C 25 -21.35 54.16 -8.32
N GLU C 26 -21.78 54.76 -7.22
CA GLU C 26 -21.73 54.10 -5.93
C GLU C 26 -22.55 52.82 -5.94
N GLN C 27 -23.73 52.88 -6.56
CA GLN C 27 -24.65 51.74 -6.50
C GLN C 27 -24.17 50.63 -7.42
N ILE C 28 -23.67 50.99 -8.59
CA ILE C 28 -23.15 49.99 -9.52
C ILE C 28 -21.99 49.26 -8.84
N ARG C 29 -21.13 50.03 -8.20
CA ARG C 29 -20.03 49.45 -7.45
C ARG C 29 -20.52 48.54 -6.33
N ASP C 30 -21.52 49.00 -5.58
CA ASP C 30 -22.04 48.15 -4.50
C ASP C 30 -22.58 46.83 -5.05
N ARG C 31 -23.27 46.85 -6.19
CA ARG C 31 -23.81 45.59 -6.69
C ARG C 31 -22.70 44.66 -7.18
N PHE C 32 -21.68 45.20 -7.86
CA PHE C 32 -20.48 44.45 -8.22
C PHE C 32 -19.89 43.73 -7.02
N LEU C 33 -19.55 44.47 -5.97
CA LEU C 33 -19.00 43.87 -4.77
C LEU C 33 -19.94 42.83 -4.18
N ALA C 34 -21.23 43.09 -4.22
CA ALA C 34 -22.21 42.21 -3.59
C ALA C 34 -22.50 40.96 -4.43
N GLY C 35 -22.02 40.89 -5.66
CA GLY C 35 -22.05 39.64 -6.38
C GLY C 35 -22.48 39.73 -7.83
N ALA C 36 -22.91 40.91 -8.28
CA ALA C 36 -23.32 41.02 -9.67
C ALA C 36 -22.09 40.94 -10.57
N ASP C 37 -22.20 40.14 -11.63
CA ASP C 37 -21.12 39.94 -12.58
C ASP C 37 -21.42 40.51 -13.96
N VAL C 38 -22.64 40.40 -14.46
CA VAL C 38 -23.02 40.94 -15.75
C VAL C 38 -24.11 41.96 -15.50
N PHE C 39 -23.94 43.17 -16.06
CA PHE C 39 -24.92 44.25 -15.91
C PHE C 39 -25.77 44.35 -17.16
N ARG C 40 -27.07 44.21 -16.99
CA ARG C 40 -28.02 44.30 -18.07
C ARG C 40 -28.53 45.73 -18.16
N ILE C 41 -28.32 46.36 -19.30
CA ILE C 41 -28.84 47.69 -19.54
C ILE C 41 -30.04 47.55 -20.46
N ASN C 42 -31.17 48.07 -20.03
CA ASN C 42 -32.46 47.86 -20.68
C ASN C 42 -32.80 49.06 -21.53
N MET C 43 -32.87 48.86 -22.84
CA MET C 43 -33.10 49.98 -23.75
C MET C 43 -34.58 50.35 -23.86
N SER C 44 -35.47 49.57 -23.24
CA SER C 44 -36.87 49.96 -23.21
C SER C 44 -37.11 51.27 -22.48
N HIS C 45 -36.28 51.64 -21.49
CA HIS C 45 -36.48 52.89 -20.78
C HIS C 45 -35.22 53.75 -20.76
N GLY C 46 -35.44 55.04 -20.63
CA GLY C 46 -34.37 55.99 -20.46
C GLY C 46 -33.80 56.46 -21.76
N THR C 47 -32.75 57.27 -21.64
CA THR C 47 -32.17 57.98 -22.76
C THR C 47 -30.73 57.55 -23.01
N HIS C 48 -30.27 57.81 -24.22
CA HIS C 48 -28.91 57.49 -24.60
C HIS C 48 -27.92 58.19 -23.67
N ASP C 49 -28.23 59.42 -23.23
CA ASP C 49 -27.22 60.14 -22.46
C ASP C 49 -27.09 59.58 -21.05
N GLU C 50 -28.21 59.20 -20.42
CA GLU C 50 -28.10 58.56 -19.11
C GLU C 50 -27.25 57.28 -19.19
N LYS C 51 -27.36 56.55 -20.31
CA LYS C 51 -26.70 55.25 -20.44
C LYS C 51 -25.22 55.43 -20.67
N LYS C 52 -24.80 56.56 -21.26
CA LYS C 52 -23.36 56.81 -21.40
C LYS C 52 -22.71 56.92 -20.03
N VAL C 53 -23.39 57.59 -19.08
CA VAL C 53 -22.86 57.70 -17.72
C VAL C 53 -22.82 56.34 -17.03
N ILE C 54 -23.91 55.58 -17.14
CA ILE C 54 -23.95 54.23 -16.57
C ILE C 54 -22.83 53.36 -17.14
N VAL C 55 -22.66 53.37 -18.45
CA VAL C 55 -21.58 52.60 -19.05
C VAL C 55 -20.22 53.07 -18.51
N ASP C 56 -20.01 54.38 -18.42
CA ASP C 56 -18.71 54.85 -17.92
C ASP C 56 -18.50 54.45 -16.48
N ASN C 57 -19.58 54.43 -15.69
CA ASN C 57 -19.42 54.04 -14.29
C ASN C 57 -19.22 52.52 -14.14
N ILE C 58 -19.74 51.69 -15.05
CA ILE C 58 -19.43 50.27 -15.03
C ILE C 58 -17.96 50.05 -15.39
N ARG C 59 -17.50 50.65 -16.50
CA ARG C 59 -16.11 50.41 -16.90
C ARG C 59 -15.10 50.99 -15.91
N ALA C 60 -15.50 52.01 -15.14
CA ALA C 60 -14.57 52.54 -14.16
C ALA C 60 -14.12 51.45 -13.21
N LEU C 61 -14.95 50.41 -13.02
CA LEU C 61 -14.62 49.37 -12.04
C LEU C 61 -13.39 48.61 -12.46
N GLU C 62 -13.17 48.52 -13.79
CA GLU C 62 -12.01 47.82 -14.33
C GLU C 62 -10.73 48.42 -13.78
N LYS C 63 -10.69 49.75 -13.69
CA LYS C 63 -9.49 50.39 -13.20
C LYS C 63 -9.37 50.22 -11.71
N GLU C 64 -10.47 50.35 -10.96
CA GLU C 64 -10.37 50.24 -9.50
C GLU C 64 -10.08 48.82 -9.02
N PHE C 65 -10.59 47.78 -9.69
CA PHE C 65 -10.46 46.40 -9.21
C PHE C 65 -9.66 45.49 -10.15
N ASN C 66 -9.20 46.00 -11.29
CA ASN C 66 -8.45 45.18 -12.24
C ASN C 66 -9.19 43.93 -12.68
N ARG C 67 -10.48 44.04 -12.90
CA ARG C 67 -11.23 42.91 -13.42
C ARG C 67 -11.95 43.38 -14.66
N PRO C 68 -12.18 42.52 -15.64
CA PRO C 68 -12.98 42.95 -16.79
C PRO C 68 -14.45 42.99 -16.37
N THR C 69 -15.19 43.93 -16.93
CA THR C 69 -16.63 44.03 -16.69
C THR C 69 -17.37 43.53 -17.91
N THR C 70 -18.65 43.23 -17.72
CA THR C 70 -19.47 42.63 -18.76
C THR C 70 -20.79 43.36 -18.82
N ILE C 71 -21.14 43.86 -20.00
CA ILE C 71 -22.34 44.65 -20.21
C ILE C 71 -23.19 44.01 -21.30
N LEU C 72 -24.38 43.58 -20.91
CA LEU C 72 -25.45 43.12 -21.80
C LEU C 72 -26.43 44.27 -22.10
N PHE C 73 -26.60 44.60 -23.37
CA PHE C 73 -27.57 45.58 -23.83
C PHE C 73 -28.81 44.83 -24.31
N ASP C 74 -29.96 45.14 -23.73
CA ASP C 74 -31.21 44.43 -23.99
C ASP C 74 -32.12 45.30 -24.87
N LEU C 75 -32.39 44.81 -26.07
CA LEU C 75 -33.16 45.52 -27.08
C LEU C 75 -34.63 45.19 -26.89
N GLN C 76 -35.47 46.22 -26.91
CA GLN C 76 -36.86 46.05 -26.47
C GLN C 76 -37.64 45.09 -27.34
N GLY C 77 -37.43 45.15 -28.65
CA GLY C 77 -38.40 44.63 -29.60
C GLY C 77 -39.74 45.35 -29.52
N PRO C 78 -40.71 44.88 -30.27
CA PRO C 78 -42.02 45.55 -30.28
C PRO C 78 -42.76 45.38 -28.96
N LYS C 79 -43.47 46.44 -28.58
CA LYS C 79 -44.29 46.47 -27.36
C LYS C 79 -45.72 46.64 -27.85
N LEU C 80 -46.48 45.55 -27.82
CA LEU C 80 -47.81 45.51 -28.37
C LEU C 80 -48.81 45.93 -27.30
N ARG C 81 -49.51 47.04 -27.55
CA ARG C 81 -50.52 47.58 -26.65
C ARG C 81 -51.86 47.71 -27.37
N VAL C 82 -52.92 47.92 -26.59
CA VAL C 82 -54.17 48.43 -27.14
C VAL C 82 -54.26 49.91 -26.84
N GLY C 83 -55.23 50.58 -27.46
CA GLY C 83 -55.41 52.01 -27.30
C GLY C 83 -56.16 52.39 -26.05
N ASP C 84 -56.96 53.47 -26.16
CA ASP C 84 -57.60 54.10 -25.02
C ASP C 84 -59.11 53.98 -25.08
N PHE C 85 -59.72 53.94 -23.89
CA PHE C 85 -61.15 53.76 -23.73
C PHE C 85 -61.80 55.05 -23.20
N LYS C 86 -63.04 55.26 -23.62
CA LYS C 86 -63.77 56.48 -23.30
C LYS C 86 -63.82 56.76 -21.80
N GLU C 87 -63.87 55.72 -20.98
CA GLU C 87 -63.88 55.89 -19.54
C GLU C 87 -62.58 55.45 -18.87
N GLY C 88 -61.56 55.07 -19.63
CA GLY C 88 -60.29 54.60 -19.10
C GLY C 88 -60.27 53.11 -18.85
N LYS C 89 -61.41 52.53 -18.46
CA LYS C 89 -61.57 51.13 -18.13
C LYS C 89 -62.87 50.61 -18.73
N VAL C 90 -62.94 49.31 -19.01
CA VAL C 90 -64.21 48.62 -19.19
C VAL C 90 -64.09 47.24 -18.57
N GLN C 91 -65.23 46.61 -18.33
CA GLN C 91 -65.29 45.19 -17.99
C GLN C 91 -65.75 44.42 -19.23
N LEU C 92 -65.01 43.36 -19.57
CA LEU C 92 -65.41 42.42 -20.60
C LEU C 92 -66.09 41.26 -19.90
N LYS C 93 -67.10 40.68 -20.55
CA LYS C 93 -67.93 39.65 -19.96
C LYS C 93 -67.79 38.38 -20.77
N GLU C 94 -67.89 37.24 -20.08
CA GLU C 94 -67.63 35.97 -20.74
C GLU C 94 -68.60 35.82 -21.91
N GLY C 95 -68.05 35.56 -23.08
CA GLY C 95 -68.85 35.30 -24.25
C GLY C 95 -69.30 36.53 -25.02
N GLN C 96 -68.83 37.71 -24.67
CA GLN C 96 -69.22 38.89 -25.42
C GLN C 96 -68.36 39.00 -26.67
N THR C 97 -68.88 39.75 -27.66
CA THR C 97 -68.04 40.22 -28.75
C THR C 97 -67.19 41.41 -28.30
N PHE C 98 -65.92 41.39 -28.69
CA PHE C 98 -65.07 42.54 -28.48
C PHE C 98 -64.22 42.67 -29.72
N THR C 99 -64.11 43.88 -30.24
CA THR C 99 -63.52 44.08 -31.55
C THR C 99 -62.36 45.06 -31.47
N PHE C 100 -61.34 44.78 -32.26
CA PHE C 100 -60.16 45.63 -32.40
C PHE C 100 -60.15 46.19 -33.82
N ASP C 101 -59.98 47.50 -33.94
CA ASP C 101 -59.92 48.13 -35.25
C ASP C 101 -58.78 49.14 -35.29
N GLN C 102 -58.66 49.85 -36.42
CA GLN C 102 -57.63 50.89 -36.54
C GLN C 102 -58.20 52.30 -36.50
N ASP C 103 -59.26 52.51 -35.72
CA ASP C 103 -59.88 53.82 -35.63
C ASP C 103 -59.50 54.44 -34.32
N PRO C 104 -58.87 55.62 -34.31
CA PRO C 104 -58.36 56.19 -33.05
C PRO C 104 -59.44 56.66 -32.09
N THR C 105 -60.71 56.63 -32.48
CA THR C 105 -61.78 56.99 -31.56
C THR C 105 -61.70 56.20 -30.28
N LEU C 106 -61.93 56.88 -29.16
CA LEU C 106 -61.88 56.20 -27.88
C LEU C 106 -62.85 55.02 -27.87
N GLY C 107 -62.49 54.00 -27.07
CA GLY C 107 -63.17 52.73 -27.08
C GLY C 107 -64.26 52.66 -26.02
N ASP C 108 -64.86 51.49 -25.91
CA ASP C 108 -65.95 51.22 -24.99
C ASP C 108 -66.01 49.72 -24.81
N GLU C 109 -67.07 49.21 -24.16
CA GLU C 109 -67.12 47.79 -23.87
C GLU C 109 -67.16 46.93 -25.13
N THR C 110 -67.37 47.52 -26.30
CA THR C 110 -67.45 46.72 -27.53
C THR C 110 -66.19 46.79 -28.38
N ARG C 111 -65.43 47.88 -28.34
CA ARG C 111 -64.31 48.00 -29.26
C ARG C 111 -63.20 48.86 -28.67
N VAL C 112 -62.01 48.71 -29.26
CA VAL C 112 -60.86 49.55 -28.92
C VAL C 112 -59.91 49.59 -30.11
N ASN C 113 -59.18 50.70 -30.23
CA ASN C 113 -58.14 50.87 -31.22
C ASN C 113 -56.97 49.92 -30.93
N LEU C 114 -56.50 49.23 -31.98
CA LEU C 114 -55.34 48.34 -31.87
C LEU C 114 -54.30 48.78 -32.89
N PRO C 115 -53.37 49.69 -32.50
CA PRO C 115 -52.50 50.44 -33.42
C PRO C 115 -51.26 49.69 -33.92
N HIS C 116 -51.46 48.47 -34.38
CA HIS C 116 -50.37 47.63 -34.86
C HIS C 116 -50.86 46.98 -36.13
N PRO C 117 -50.69 47.65 -37.28
CA PRO C 117 -51.22 47.07 -38.53
C PRO C 117 -50.84 45.61 -38.73
N GLU C 118 -49.66 45.19 -38.27
CA GLU C 118 -49.21 43.83 -38.57
C GLU C 118 -50.08 42.77 -37.93
N ILE C 119 -50.71 43.06 -36.79
CA ILE C 119 -51.58 42.08 -36.17
C ILE C 119 -52.74 41.76 -37.10
N PHE C 120 -53.19 42.76 -37.87
CA PHE C 120 -54.35 42.59 -38.74
C PHE C 120 -54.02 41.72 -39.95
N LYS C 121 -52.76 41.71 -40.35
CA LYS C 121 -52.36 40.88 -41.49
C LYS C 121 -52.26 39.41 -41.14
N ALA C 122 -51.96 39.07 -39.89
CA ALA C 122 -51.61 37.70 -39.52
C ALA C 122 -52.65 37.02 -38.63
N LEU C 123 -53.33 37.75 -37.78
CA LEU C 123 -54.27 37.12 -36.89
C LEU C 123 -55.45 36.55 -37.69
N ASP C 124 -55.87 35.34 -37.34
CA ASP C 124 -56.89 34.66 -38.10
C ASP C 124 -57.80 33.93 -37.12
N LYS C 125 -58.70 33.10 -37.65
CA LYS C 125 -59.75 32.51 -36.83
C LYS C 125 -59.19 31.41 -35.94
N GLY C 126 -59.53 31.47 -34.66
CA GLY C 126 -59.02 30.54 -33.68
C GLY C 126 -57.84 31.07 -32.89
N HIS C 127 -57.07 31.98 -33.48
CA HIS C 127 -55.97 32.58 -32.76
C HIS C 127 -56.48 33.43 -31.61
N ARG C 128 -55.78 33.36 -30.49
CA ARG C 128 -56.13 34.13 -29.31
C ARG C 128 -55.34 35.42 -29.25
N LEU C 129 -55.90 36.39 -28.53
CA LEU C 129 -55.14 37.51 -28.01
C LEU C 129 -55.21 37.42 -26.50
N LEU C 130 -54.06 37.58 -25.83
CA LEU C 130 -54.01 37.53 -24.38
C LEU C 130 -53.66 38.92 -23.90
N LEU C 131 -54.53 39.47 -23.08
CA LEU C 131 -54.42 40.86 -22.68
C LEU C 131 -54.13 40.93 -21.19
N ASP C 132 -53.39 41.97 -20.80
CA ASP C 132 -53.15 42.29 -19.39
C ASP C 132 -52.45 41.12 -18.68
N ASP C 133 -51.23 40.83 -19.12
CA ASP C 133 -50.41 39.76 -18.54
C ASP C 133 -51.15 38.43 -18.58
N GLY C 134 -51.86 38.16 -19.68
CA GLY C 134 -52.65 36.94 -19.77
C GLY C 134 -53.89 36.92 -18.92
N LYS C 135 -54.39 38.06 -18.46
CA LYS C 135 -55.55 38.06 -17.55
C LYS C 135 -56.86 37.99 -18.32
N ILE C 136 -56.90 38.57 -19.51
CA ILE C 136 -58.05 38.46 -20.38
C ILE C 136 -57.67 37.63 -21.58
N VAL C 137 -58.51 36.67 -21.92
CA VAL C 137 -58.34 35.87 -23.13
C VAL C 137 -59.46 36.19 -24.09
N VAL C 138 -59.08 36.39 -25.33
CA VAL C 138 -60.04 36.68 -26.37
C VAL C 138 -59.65 35.85 -27.59
N ARG C 139 -60.63 35.26 -28.26
CA ARG C 139 -60.35 34.44 -29.43
C ARG C 139 -60.98 35.03 -30.68
N CYS C 140 -60.24 34.96 -31.77
CA CYS C 140 -60.67 35.63 -32.98
C CYS C 140 -61.69 34.77 -33.72
N VAL C 141 -62.81 35.39 -34.08
CA VAL C 141 -63.82 34.73 -34.90
C VAL C 141 -63.87 35.23 -36.33
N GLU C 142 -63.36 36.44 -36.61
CA GLU C 142 -63.32 36.96 -37.95
C GLU C 142 -62.24 38.04 -37.96
N SER C 143 -61.64 38.26 -39.11
CA SER C 143 -60.65 39.31 -39.23
C SER C 143 -60.57 39.75 -40.69
N SER C 144 -59.93 40.89 -40.84
CA SER C 144 -59.76 41.54 -42.12
C SER C 144 -58.66 42.57 -41.93
N PRO C 145 -58.24 43.24 -42.99
CA PRO C 145 -57.17 44.24 -42.82
C PRO C 145 -57.54 45.35 -41.84
N THR C 146 -58.81 45.52 -41.52
CA THR C 146 -59.27 46.64 -40.71
C THR C 146 -59.90 46.23 -39.38
N LYS C 147 -60.40 45.02 -39.22
CA LYS C 147 -61.08 44.64 -38.00
C LYS C 147 -60.72 43.23 -37.58
N ILE C 148 -60.49 43.09 -36.29
CA ILE C 148 -60.42 41.78 -35.65
C ILE C 148 -61.62 41.73 -34.70
N VAL C 149 -62.54 40.82 -35.02
CA VAL C 149 -63.71 40.53 -34.21
C VAL C 149 -63.34 39.38 -33.30
N THR C 150 -63.70 39.47 -32.03
CA THR C 150 -63.35 38.40 -31.13
C THR C 150 -64.44 38.10 -30.12
N ARG C 151 -64.31 36.90 -29.55
CA ARG C 151 -65.13 36.44 -28.44
C ARG C 151 -64.31 36.32 -27.16
N VAL C 152 -64.77 36.99 -26.12
CA VAL C 152 -64.08 36.97 -24.83
C VAL C 152 -64.29 35.62 -24.16
N GLU C 153 -63.19 34.94 -23.83
CA GLU C 153 -63.28 33.65 -23.14
C GLU C 153 -62.94 33.74 -21.67
N VAL C 154 -62.06 34.67 -21.29
CA VAL C 154 -61.71 34.90 -19.89
C VAL C 154 -61.97 36.38 -19.63
N PRO C 155 -63.02 36.72 -18.93
CA PRO C 155 -63.43 38.12 -18.81
C PRO C 155 -62.63 38.84 -17.74
N GLY C 156 -62.84 40.14 -17.71
CA GLY C 156 -62.31 40.99 -16.67
C GLY C 156 -62.01 42.39 -17.15
N PRO C 157 -61.29 43.14 -16.35
CA PRO C 157 -61.08 44.55 -16.68
C PRO C 157 -60.05 44.71 -17.78
N LEU C 158 -60.28 45.70 -18.62
CA LEU C 158 -59.35 46.11 -19.66
C LEU C 158 -59.32 47.63 -19.65
N SER C 159 -58.13 48.21 -19.74
CA SER C 159 -57.96 49.66 -19.55
C SER C 159 -56.88 50.20 -20.47
N ASP C 160 -56.78 51.54 -20.51
CA ASP C 160 -55.93 52.24 -21.47
C ASP C 160 -54.53 51.63 -21.53
N HIS C 161 -54.10 51.32 -22.75
CA HIS C 161 -52.73 50.94 -23.10
C HIS C 161 -52.29 49.61 -22.50
N LYS C 162 -53.19 48.78 -22.04
CA LYS C 162 -52.77 47.45 -21.64
C LYS C 162 -52.09 46.73 -22.82
N GLY C 163 -51.07 45.92 -22.47
CA GLY C 163 -50.32 45.19 -23.47
C GLY C 163 -51.01 43.88 -23.81
N PHE C 164 -50.54 43.27 -24.89
CA PHE C 164 -51.10 41.98 -25.26
C PHE C 164 -50.03 41.11 -25.91
N ASN C 165 -50.27 39.82 -25.85
CA ASN C 165 -49.41 38.82 -26.46
C ASN C 165 -50.19 38.07 -27.54
N VAL C 166 -49.45 37.62 -28.56
CA VAL C 166 -50.03 36.88 -29.69
C VAL C 166 -49.37 35.52 -29.71
N PRO C 167 -49.92 34.52 -29.04
CA PRO C 167 -49.21 33.24 -28.90
C PRO C 167 -49.35 32.27 -30.06
N ASP C 168 -50.45 32.32 -30.80
CA ASP C 168 -50.83 31.24 -31.72
C ASP C 168 -50.42 31.42 -33.16
N VAL C 169 -49.72 32.49 -33.53
CA VAL C 169 -49.31 32.66 -34.92
C VAL C 169 -48.13 33.62 -34.99
N VAL C 170 -47.33 33.50 -36.04
CA VAL C 170 -46.20 34.40 -36.24
C VAL C 170 -46.71 35.72 -36.78
N ILE C 171 -46.19 36.80 -36.23
CA ILE C 171 -46.55 38.13 -36.70
C ILE C 171 -45.53 38.54 -37.75
N PRO C 172 -45.97 39.12 -38.88
CA PRO C 172 -45.03 39.70 -39.86
C PRO C 172 -44.42 41.00 -39.36
N LEU C 173 -43.48 40.88 -38.44
CA LEU C 173 -42.94 42.02 -37.70
C LEU C 173 -41.50 41.74 -37.33
N ALA C 174 -40.63 42.68 -37.63
CA ALA C 174 -39.21 42.50 -37.36
C ALA C 174 -38.97 42.53 -35.86
N ALA C 175 -38.26 41.51 -35.36
CA ALA C 175 -37.80 41.51 -33.98
C ALA C 175 -37.11 42.82 -33.63
N LEU C 176 -36.40 43.41 -34.59
CA LEU C 176 -35.76 44.70 -34.38
C LEU C 176 -36.63 45.81 -34.94
N THR C 177 -37.14 46.62 -34.07
CA THR C 177 -37.91 47.78 -34.47
C THR C 177 -36.97 48.87 -34.95
N PRO C 178 -37.52 49.97 -35.44
CA PRO C 178 -36.68 51.12 -35.75
C PRO C 178 -35.97 51.69 -34.55
N LYS C 179 -36.65 51.79 -33.41
CA LYS C 179 -35.97 52.26 -32.22
C LYS C 179 -34.85 51.29 -31.83
N ASP C 180 -35.11 49.99 -31.97
CA ASP C 180 -34.12 48.98 -31.62
C ASP C 180 -32.86 49.09 -32.48
N ARG C 181 -33.01 49.35 -33.78
CA ARG C 181 -31.84 49.60 -34.64
C ARG C 181 -31.01 50.79 -34.17
N LYS C 182 -31.67 51.89 -33.78
CA LYS C 182 -30.95 53.04 -33.24
C LYS C 182 -30.30 52.68 -31.92
N ASP C 183 -30.96 51.84 -31.13
CA ASP C 183 -30.42 51.39 -29.84
C ASP C 183 -29.29 50.38 -30.03
N LEU C 184 -29.38 49.54 -31.06
CA LEU C 184 -28.27 48.63 -31.35
C LEU C 184 -27.04 49.43 -31.74
N ASP C 185 -27.23 50.38 -32.66
CA ASP C 185 -26.13 51.25 -33.05
C ASP C 185 -25.50 51.95 -31.85
N PHE C 186 -26.33 52.44 -30.92
CA PHE C 186 -25.78 53.03 -29.70
C PHE C 186 -25.01 51.99 -28.88
N ALA C 187 -25.60 50.82 -28.66
CA ALA C 187 -24.92 49.82 -27.86
C ALA C 187 -23.57 49.44 -28.48
N LEU C 188 -23.53 49.29 -29.81
CA LEU C 188 -22.25 48.99 -30.46
C LEU C 188 -21.26 50.12 -30.30
N LYS C 189 -21.71 51.37 -30.37
CA LYS C 189 -20.75 52.46 -30.19
C LYS C 189 -20.26 52.52 -28.75
N GLU C 190 -21.03 52.00 -27.80
CA GLU C 190 -20.59 51.93 -26.41
C GLU C 190 -19.82 50.67 -26.08
N LYS C 191 -19.53 49.83 -27.10
CA LYS C 191 -18.73 48.59 -26.96
C LYS C 191 -19.43 47.57 -26.08
N ALA C 192 -20.73 47.41 -26.28
CA ALA C 192 -21.47 46.36 -25.58
C ALA C 192 -20.76 45.02 -25.68
N ASP C 193 -20.82 44.23 -24.63
CA ASP C 193 -20.16 42.91 -24.70
C ASP C 193 -21.13 41.84 -25.20
N TRP C 194 -22.40 42.05 -24.92
CA TRP C 194 -23.45 41.15 -25.34
C TRP C 194 -24.65 41.99 -25.77
N VAL C 195 -25.32 41.53 -26.79
CA VAL C 195 -26.54 42.16 -27.29
C VAL C 195 -27.66 41.15 -27.19
N ALA C 196 -28.80 41.59 -26.63
CA ALA C 196 -29.96 40.74 -26.39
C ALA C 196 -31.10 41.13 -27.32
N LEU C 197 -31.62 40.16 -28.03
CA LEU C 197 -32.68 40.35 -29.02
C LEU C 197 -33.96 39.81 -28.40
N SER C 198 -35.04 40.55 -28.53
CA SER C 198 -36.33 40.16 -27.99
C SER C 198 -37.24 39.80 -29.15
N PHE C 199 -38.41 39.25 -28.77
CA PHE C 199 -39.49 38.93 -29.71
C PHE C 199 -39.03 37.97 -30.81
N VAL C 200 -38.18 37.01 -30.45
CA VAL C 200 -37.74 36.03 -31.45
C VAL C 200 -38.84 35.02 -31.72
N GLN C 201 -39.25 34.93 -32.99
CA GLN C 201 -40.22 33.95 -33.45
C GLN C 201 -39.60 32.86 -34.32
N ARG C 202 -38.54 33.18 -35.06
CA ARG C 202 -37.98 32.39 -36.15
C ARG C 202 -36.46 32.53 -36.20
N VAL C 203 -35.78 31.55 -36.79
CA VAL C 203 -34.33 31.66 -36.90
C VAL C 203 -33.98 32.86 -37.76
N GLU C 204 -34.85 33.20 -38.72
CA GLU C 204 -34.60 34.33 -39.59
C GLU C 204 -34.38 35.62 -38.81
N ASP C 205 -35.07 35.79 -37.69
CA ASP C 205 -34.81 36.93 -36.80
C ASP C 205 -33.35 36.96 -36.35
N VAL C 206 -32.77 35.78 -36.12
CA VAL C 206 -31.47 35.74 -35.47
C VAL C 206 -30.40 36.07 -36.47
N ILE C 207 -30.59 35.58 -37.71
CA ILE C 207 -29.68 35.87 -38.80
C ILE C 207 -29.68 37.35 -39.11
N GLU C 208 -30.85 37.91 -39.35
CA GLU C 208 -30.95 39.34 -39.62
C GLU C 208 -30.21 40.16 -38.56
N ALA C 209 -30.38 39.83 -37.29
CA ALA C 209 -29.72 40.67 -36.29
C ALA C 209 -28.20 40.51 -36.39
N LYS C 210 -27.73 39.28 -36.53
CA LYS C 210 -26.29 39.07 -36.71
C LYS C 210 -25.76 39.87 -37.89
N GLU C 211 -26.49 39.88 -39.00
CA GLU C 211 -26.01 40.59 -40.18
C GLU C 211 -25.84 42.07 -39.87
N LEU C 212 -26.74 42.63 -39.09
CA LEU C 212 -26.63 44.04 -38.70
C LEU C 212 -25.44 44.26 -37.79
N ILE C 213 -25.15 43.30 -36.92
CA ILE C 213 -24.10 43.46 -35.92
C ILE C 213 -22.72 43.28 -36.54
N LYS C 214 -22.59 42.44 -37.56
CA LYS C 214 -21.32 42.18 -38.26
C LYS C 214 -20.17 41.82 -37.33
N GLY C 215 -20.41 40.92 -36.38
CA GLY C 215 -19.29 40.49 -35.56
C GLY C 215 -18.83 41.50 -34.52
N ARG C 216 -19.51 42.63 -34.35
CA ARG C 216 -19.07 43.60 -33.35
C ARG C 216 -19.40 43.18 -31.92
N ALA C 217 -20.34 42.25 -31.74
CA ALA C 217 -20.59 41.68 -30.42
C ALA C 217 -21.40 40.40 -30.56
N PRO C 218 -21.20 39.44 -29.68
CA PRO C 218 -22.02 38.22 -29.73
C PRO C 218 -23.46 38.50 -29.33
N LEU C 219 -24.33 37.61 -29.78
CA LEU C 219 -25.76 37.84 -29.71
C LEU C 219 -26.41 36.89 -28.72
N LEU C 220 -27.17 37.44 -27.76
CA LEU C 220 -27.97 36.62 -26.86
C LEU C 220 -29.43 36.72 -27.32
N VAL C 221 -30.11 35.59 -27.41
CA VAL C 221 -31.50 35.59 -27.86
C VAL C 221 -32.38 35.22 -26.68
N LYS C 222 -33.47 35.96 -26.51
CA LYS C 222 -34.44 35.73 -25.44
C LYS C 222 -35.55 34.81 -25.95
N LEU C 223 -35.78 33.68 -25.26
CA LEU C 223 -36.78 32.73 -25.70
C LEU C 223 -38.05 33.02 -24.90
N GLU C 224 -39.04 33.62 -25.55
CA GLU C 224 -40.23 34.11 -24.89
C GLU C 224 -41.52 33.66 -25.56
N LYS C 225 -41.42 33.04 -26.72
CA LYS C 225 -42.59 32.86 -27.55
C LYS C 225 -42.73 31.41 -27.98
N PRO C 226 -43.96 30.89 -28.07
CA PRO C 226 -44.13 29.50 -28.48
C PRO C 226 -43.50 29.21 -29.79
N ALA C 227 -43.49 30.20 -30.69
CA ALA C 227 -42.84 30.03 -31.97
C ALA C 227 -41.35 29.78 -31.83
N ALA C 228 -40.70 30.36 -30.81
CA ALA C 228 -39.28 30.13 -30.64
C ALA C 228 -39.03 28.72 -30.15
N ILE C 229 -39.82 28.27 -29.19
CA ILE C 229 -39.72 26.91 -28.68
C ILE C 229 -39.95 25.91 -29.80
N GLU C 230 -40.96 26.16 -30.63
CA GLU C 230 -41.22 25.33 -31.80
C GLU C 230 -39.97 25.22 -32.67
N ASN C 231 -39.26 26.33 -32.86
CA ASN C 231 -38.05 26.34 -33.68
C ASN C 231 -36.77 26.38 -32.86
N LEU C 232 -36.76 25.75 -31.68
CA LEU C 232 -35.65 25.89 -30.75
C LEU C 232 -34.31 25.47 -31.36
N GLU C 233 -34.25 24.32 -32.03
CA GLU C 233 -32.94 23.79 -32.46
C GLU C 233 -32.28 24.74 -33.46
N SER C 234 -33.06 25.31 -34.37
CA SER C 234 -32.44 26.16 -35.37
C SER C 234 -32.04 27.50 -34.77
N ILE C 235 -32.87 28.02 -33.86
CA ILE C 235 -32.52 29.23 -33.13
C ILE C 235 -31.27 29.01 -32.31
N LEU C 236 -31.22 27.90 -31.59
CA LEU C 236 -30.07 27.66 -30.74
C LEU C 236 -28.78 27.53 -31.55
N ALA C 237 -28.86 26.99 -32.77
CA ALA C 237 -27.65 26.79 -33.56
C ALA C 237 -27.13 28.10 -34.15
N ALA C 238 -28.02 29.03 -34.42
CA ALA C 238 -27.63 30.33 -34.94
C ALA C 238 -27.12 31.31 -33.89
N THR C 239 -27.41 31.09 -32.61
CA THR C 239 -27.23 32.12 -31.61
C THR C 239 -25.94 31.89 -30.85
N ASP C 240 -25.43 32.93 -30.20
CA ASP C 240 -24.28 32.73 -29.30
C ASP C 240 -24.67 32.33 -27.87
N ALA C 241 -25.76 32.87 -27.34
CA ALA C 241 -26.19 32.64 -25.95
C ALA C 241 -27.72 32.65 -25.89
N VAL C 242 -28.23 32.32 -24.73
CA VAL C 242 -29.66 32.04 -24.55
C VAL C 242 -30.12 32.56 -23.18
N MET C 243 -31.24 33.28 -23.17
CA MET C 243 -32.03 33.57 -21.99
C MET C 243 -33.36 32.84 -21.99
N VAL C 244 -33.62 32.09 -20.92
CA VAL C 244 -34.94 31.55 -20.63
C VAL C 244 -35.75 32.69 -20.03
N ALA C 245 -36.52 33.37 -20.87
CA ALA C 245 -37.23 34.58 -20.46
C ALA C 245 -38.62 34.21 -19.99
N ARG C 246 -38.68 33.69 -18.78
CA ARG C 246 -39.88 33.00 -18.31
C ARG C 246 -41.06 33.95 -18.15
N GLY C 247 -40.80 35.24 -18.09
CA GLY C 247 -41.89 36.18 -17.96
C GLY C 247 -42.93 36.02 -19.05
N ASP C 248 -42.55 36.31 -20.28
CA ASP C 248 -43.49 36.17 -21.38
C ASP C 248 -43.73 34.72 -21.75
N LEU C 249 -42.74 33.85 -21.55
CA LEU C 249 -42.92 32.44 -21.88
C LEU C 249 -44.11 31.84 -21.18
N GLY C 250 -44.38 32.29 -19.93
CA GLY C 250 -45.43 31.78 -19.08
C GLY C 250 -46.76 32.48 -19.16
N VAL C 251 -46.83 33.55 -19.95
CA VAL C 251 -48.09 34.08 -20.47
C VAL C 251 -48.54 33.34 -21.72
N GLU C 252 -47.67 33.26 -22.72
CA GLU C 252 -48.05 32.77 -24.04
C GLU C 252 -48.16 31.26 -24.07
N CYS C 253 -47.33 30.57 -23.30
CA CYS C 253 -47.50 29.16 -23.03
C CYS C 253 -48.16 29.01 -21.67
N LEU C 254 -48.67 27.81 -21.39
CA LEU C 254 -49.18 27.53 -20.05
C LEU C 254 -48.10 27.80 -19.00
N PRO C 255 -48.42 28.46 -17.89
CA PRO C 255 -47.38 28.66 -16.87
C PRO C 255 -46.82 27.35 -16.33
N GLU C 256 -47.59 26.26 -16.33
CA GLU C 256 -47.11 24.96 -15.88
C GLU C 256 -46.22 24.27 -16.90
N SER C 257 -46.11 24.83 -18.11
CA SER C 257 -45.25 24.26 -19.11
C SER C 257 -43.83 24.85 -19.08
N VAL C 258 -43.59 25.93 -18.37
CA VAL C 258 -42.28 26.58 -18.40
C VAL C 258 -41.23 25.67 -17.77
N PRO C 259 -41.49 24.98 -16.66
CA PRO C 259 -40.41 24.19 -16.02
C PRO C 259 -39.85 23.12 -16.94
N PRO C 260 -40.69 22.26 -17.56
CA PRO C 260 -40.11 21.25 -18.48
C PRO C 260 -39.40 21.88 -19.69
N THR C 261 -39.91 23.03 -20.19
CA THR C 261 -39.24 23.75 -21.26
C THR C 261 -37.88 24.27 -20.80
N GLN C 262 -37.80 24.85 -19.60
CA GLN C 262 -36.51 25.35 -19.11
C GLN C 262 -35.49 24.21 -18.98
N LYS C 263 -35.92 23.06 -18.44
CA LYS C 263 -35.05 21.91 -18.37
C LYS C 263 -34.51 21.58 -19.74
N ARG C 264 -35.36 21.64 -20.75
CA ARG C 264 -34.94 21.33 -22.10
C ARG C 264 -34.02 22.41 -22.64
N ILE C 265 -34.37 23.69 -22.42
CA ILE C 265 -33.54 24.77 -22.97
C ILE C 265 -32.17 24.74 -22.33
N VAL C 266 -32.10 24.49 -21.01
CA VAL C 266 -30.80 24.47 -20.37
C VAL C 266 -30.00 23.24 -20.83
N GLU C 267 -30.63 22.06 -20.89
CA GLU C 267 -29.95 20.86 -21.39
C GLU C 267 -29.29 21.15 -22.72
N ARG C 268 -30.10 21.69 -23.65
CA ARG C 268 -29.67 21.88 -25.02
C ARG C 268 -28.65 23.00 -25.14
N SER C 269 -28.85 24.13 -24.46
CA SER C 269 -27.82 25.15 -24.48
C SER C 269 -26.49 24.55 -24.05
N ARG C 270 -26.51 23.83 -22.92
CA ARG C 270 -25.30 23.22 -22.39
C ARG C 270 -24.69 22.27 -23.40
N GLN C 271 -25.51 21.41 -24.00
CA GLN C 271 -24.94 20.41 -24.88
C GLN C 271 -24.34 21.10 -26.10
N LEU C 272 -24.85 22.26 -26.49
CA LEU C 272 -24.27 22.99 -27.63
C LEU C 272 -23.15 23.93 -27.21
N GLY C 273 -22.91 24.12 -25.92
CA GLY C 273 -21.90 25.07 -25.50
C GLY C 273 -22.29 26.51 -25.70
N LYS C 274 -23.54 26.86 -25.46
CA LYS C 274 -24.00 28.24 -25.55
C LYS C 274 -24.46 28.70 -24.18
N PRO C 275 -23.89 29.74 -23.61
CA PRO C 275 -24.29 30.16 -22.28
C PRO C 275 -25.79 30.27 -22.22
N VAL C 276 -26.36 29.83 -21.10
CA VAL C 276 -27.79 29.93 -20.88
C VAL C 276 -28.06 30.64 -19.55
N VAL C 277 -28.93 31.65 -19.61
CA VAL C 277 -29.32 32.45 -18.45
C VAL C 277 -30.80 32.19 -18.12
N VAL C 278 -31.08 31.85 -16.86
CA VAL C 278 -32.45 31.71 -16.38
C VAL C 278 -32.87 33.07 -15.82
N ALA C 279 -34.04 33.54 -16.25
CA ALA C 279 -34.50 34.88 -15.91
C ALA C 279 -35.95 34.88 -15.43
N THR C 280 -36.26 35.90 -14.62
CA THR C 280 -37.59 36.38 -14.28
C THR C 280 -38.08 35.90 -12.92
N ALA C 281 -38.32 36.86 -12.03
CA ALA C 281 -38.94 36.65 -10.73
C ALA C 281 -38.16 35.65 -9.89
N MET C 282 -36.86 35.49 -10.14
CA MET C 282 -36.11 34.55 -9.32
C MET C 282 -36.21 34.92 -7.84
N LEU C 283 -36.19 36.20 -7.52
CA LEU C 283 -36.35 36.66 -6.14
C LEU C 283 -37.44 37.75 -6.07
N GLU C 284 -38.55 37.51 -6.76
CA GLU C 284 -39.54 38.56 -7.02
C GLU C 284 -40.01 39.23 -5.73
N SER C 285 -40.20 38.45 -4.66
CA SER C 285 -40.74 39.02 -3.43
C SER C 285 -39.81 40.05 -2.83
N MET C 286 -38.57 40.09 -3.28
CA MET C 286 -37.63 41.06 -2.74
C MET C 286 -37.72 42.41 -3.40
N ILE C 287 -38.54 42.57 -4.44
CA ILE C 287 -38.88 43.92 -4.84
C ILE C 287 -39.37 44.70 -3.63
N LYS C 288 -40.10 44.04 -2.73
CA LYS C 288 -40.68 44.70 -1.57
C LYS C 288 -40.12 44.25 -0.23
N ALA C 289 -39.64 42.99 -0.14
CA ALA C 289 -39.20 42.43 1.13
C ALA C 289 -37.70 42.25 1.15
N PRO C 290 -37.05 42.47 2.29
CA PRO C 290 -35.59 42.33 2.35
C PRO C 290 -35.11 40.90 2.49
N ALA C 291 -35.99 39.91 2.42
CA ALA C 291 -35.60 38.52 2.34
C ALA C 291 -36.56 37.79 1.43
N PRO C 292 -36.12 36.72 0.80
CA PRO C 292 -36.93 36.04 -0.23
C PRO C 292 -37.84 34.96 0.32
N THR C 293 -38.69 34.43 -0.55
CA THR C 293 -39.50 33.33 -0.09
C THR C 293 -38.73 32.02 -0.29
N ARG C 294 -39.21 30.98 0.38
CA ARG C 294 -38.62 29.67 0.21
C ARG C 294 -38.71 29.21 -1.23
N ALA C 295 -39.81 29.50 -1.93
CA ALA C 295 -39.92 29.03 -3.30
C ALA C 295 -38.88 29.71 -4.20
N GLU C 296 -38.58 30.97 -3.91
CA GLU C 296 -37.63 31.72 -4.73
C GLU C 296 -36.23 31.19 -4.55
N VAL C 297 -35.80 30.95 -3.29
CA VAL C 297 -34.50 30.36 -3.02
C VAL C 297 -34.40 28.98 -3.68
N SER C 298 -35.49 28.21 -3.66
CA SER C 298 -35.53 26.92 -4.34
C SER C 298 -35.35 27.08 -5.83
N ASP C 299 -35.94 28.13 -6.40
CA ASP C 299 -35.89 28.29 -7.85
C ASP C 299 -34.47 28.66 -8.32
N VAL C 300 -33.78 29.52 -7.57
CA VAL C 300 -32.41 29.87 -7.93
C VAL C 300 -31.53 28.63 -7.80
N ALA C 301 -31.68 27.94 -6.69
CA ALA C 301 -30.89 26.74 -6.44
C ALA C 301 -31.11 25.71 -7.53
N ASN C 302 -32.35 25.60 -8.05
CA ASN C 302 -32.60 24.60 -9.09
C ASN C 302 -32.06 25.01 -10.47
N ALA C 303 -31.98 26.31 -10.81
CA ALA C 303 -31.28 26.62 -12.07
C ALA C 303 -29.80 26.35 -11.92
N ILE C 304 -29.27 26.46 -10.71
CA ILE C 304 -27.87 26.15 -10.49
C ILE C 304 -27.64 24.66 -10.68
N TYR C 305 -28.52 23.80 -10.13
CA TYR C 305 -28.31 22.37 -10.27
C TYR C 305 -28.50 21.90 -11.71
N GLU C 306 -29.30 22.62 -12.50
CA GLU C 306 -29.35 22.33 -13.94
C GLU C 306 -28.05 22.72 -14.63
N GLY C 307 -27.21 23.50 -13.95
CA GLY C 307 -25.94 23.88 -14.52
C GLY C 307 -26.02 25.01 -15.51
N ALA C 308 -26.98 25.91 -15.35
CA ALA C 308 -27.05 27.08 -16.21
C ALA C 308 -25.86 28.02 -15.97
N ASP C 309 -25.50 28.78 -17.00
CA ASP C 309 -24.36 29.69 -16.83
C ASP C 309 -24.74 30.87 -15.94
N GLY C 310 -26.00 31.22 -15.93
CA GLY C 310 -26.41 32.51 -15.39
C GLY C 310 -27.75 32.47 -14.71
N ILE C 311 -27.92 33.35 -13.72
CA ILE C 311 -29.18 33.60 -13.06
C ILE C 311 -29.40 35.10 -12.99
N MET C 312 -30.60 35.53 -13.32
CA MET C 312 -30.81 36.94 -13.57
C MET C 312 -31.73 37.50 -12.52
N LEU C 313 -31.54 38.79 -12.26
CA LEU C 313 -32.43 39.64 -11.50
C LEU C 313 -32.91 40.73 -12.45
N SER C 314 -34.20 41.03 -12.40
CA SER C 314 -34.74 42.13 -13.19
C SER C 314 -35.12 43.27 -12.26
N ALA C 315 -36.41 43.49 -12.06
CA ALA C 315 -36.82 44.53 -11.12
C ALA C 315 -36.18 44.36 -9.74
N GLU C 316 -35.86 43.11 -9.33
CA GLU C 316 -35.29 42.91 -8.00
C GLU C 316 -34.11 43.86 -7.73
N SER C 317 -33.33 44.19 -8.75
CA SER C 317 -32.17 45.06 -8.62
C SER C 317 -32.36 46.36 -9.38
N ALA C 318 -33.21 46.36 -10.40
CA ALA C 318 -33.44 47.57 -11.20
C ALA C 318 -34.31 48.60 -10.49
N ALA C 319 -35.30 48.15 -9.75
CA ALA C 319 -36.32 49.07 -9.27
C ALA C 319 -36.88 48.78 -7.89
N GLY C 320 -36.42 47.79 -7.18
CA GLY C 320 -37.01 47.46 -5.91
C GLY C 320 -36.44 48.26 -4.77
N ASP C 321 -36.92 47.92 -3.60
CA ASP C 321 -36.51 48.59 -2.38
C ASP C 321 -35.27 48.00 -1.76
N TRP C 322 -34.80 46.84 -2.24
CA TRP C 322 -33.74 46.09 -1.61
C TRP C 322 -32.76 45.51 -2.65
N PRO C 323 -32.20 46.34 -3.51
CA PRO C 323 -31.34 45.79 -4.57
C PRO C 323 -30.06 45.17 -4.05
N HIS C 324 -29.46 45.75 -3.01
CA HIS C 324 -28.25 45.16 -2.47
C HIS C 324 -28.55 43.77 -1.95
N GLU C 325 -29.57 43.67 -1.08
CA GLU C 325 -29.97 42.41 -0.48
C GLU C 325 -30.22 41.33 -1.54
N ALA C 326 -30.94 41.69 -2.61
CA ALA C 326 -31.26 40.70 -3.64
C ALA C 326 -30.01 40.29 -4.43
N VAL C 327 -29.12 41.22 -4.79
CA VAL C 327 -27.91 40.79 -5.48
C VAL C 327 -27.09 39.87 -4.57
N ASN C 328 -26.93 40.26 -3.31
CA ASN C 328 -26.13 39.44 -2.43
C ASN C 328 -26.78 38.09 -2.15
N MET C 329 -28.11 38.01 -2.16
CA MET C 329 -28.77 36.71 -1.93
C MET C 329 -28.52 35.73 -3.06
N MET C 330 -28.46 36.22 -4.33
CA MET C 330 -28.02 35.37 -5.45
C MET C 330 -26.62 34.83 -5.17
N HIS C 331 -25.69 35.72 -4.77
CA HIS C 331 -24.35 35.28 -4.42
C HIS C 331 -24.39 34.18 -3.36
N ARG C 332 -25.16 34.41 -2.28
CA ARG C 332 -25.15 33.49 -1.16
C ARG C 332 -25.69 32.12 -1.55
N ILE C 333 -26.76 32.08 -2.34
CA ILE C 333 -27.33 30.80 -2.79
C ILE C 333 -26.34 30.07 -3.67
N ALA C 334 -25.76 30.78 -4.65
CA ALA C 334 -24.73 30.19 -5.50
C ALA C 334 -23.62 29.59 -4.64
N SER C 335 -23.08 30.40 -3.74
CA SER C 335 -21.92 29.95 -2.98
C SER C 335 -22.27 28.77 -2.05
N TYR C 336 -23.46 28.75 -1.46
CA TYR C 336 -23.83 27.64 -0.58
C TYR C 336 -24.15 26.36 -1.38
N VAL C 337 -24.96 26.48 -2.44
CA VAL C 337 -25.44 25.32 -3.18
C VAL C 337 -24.30 24.64 -3.93
N GLU C 338 -23.43 25.42 -4.59
CA GLU C 338 -22.29 24.86 -5.32
C GLU C 338 -21.30 24.18 -4.39
N ASN C 339 -21.23 24.60 -3.13
CA ASN C 339 -20.25 24.03 -2.23
C ASN C 339 -20.85 22.99 -1.29
N ALA C 340 -22.13 22.65 -1.45
CA ALA C 340 -22.83 21.69 -0.64
C ALA C 340 -22.91 20.34 -1.33
N PRO C 341 -23.17 19.27 -0.57
CA PRO C 341 -23.35 17.93 -1.15
C PRO C 341 -24.50 17.85 -2.16
N GLY C 342 -24.27 17.12 -3.25
CA GLY C 342 -25.29 16.91 -4.25
C GLY C 342 -25.30 17.86 -5.43
N TYR C 343 -24.38 18.84 -5.47
CA TYR C 343 -24.26 19.72 -6.63
C TYR C 343 -23.72 19.00 -7.85
N ILE C 344 -22.53 18.43 -7.76
CA ILE C 344 -21.90 18.07 -9.03
C ILE C 344 -22.65 16.92 -9.71
N GLU C 345 -23.24 15.99 -8.94
CA GLU C 345 -23.98 14.87 -9.55
C GLU C 345 -25.17 15.38 -10.35
N ARG C 346 -25.85 16.42 -9.83
CA ARG C 346 -26.97 16.99 -10.54
C ARG C 346 -26.53 17.68 -11.81
N VAL C 347 -25.48 18.49 -11.75
CA VAL C 347 -24.91 19.06 -12.98
C VAL C 347 -24.54 17.96 -13.97
N ARG C 348 -23.93 16.86 -13.48
CA ARG C 348 -23.46 15.79 -14.37
C ARG C 348 -24.60 15.00 -14.99
N PHE C 349 -25.82 15.12 -14.45
CA PHE C 349 -27.01 14.46 -15.04
C PHE C 349 -27.14 14.72 -16.53
N THR C 350 -26.73 15.90 -16.97
CA THR C 350 -26.85 16.26 -18.38
C THR C 350 -25.60 15.83 -19.11
N PRO C 351 -25.66 14.87 -20.03
CA PRO C 351 -24.48 14.53 -20.84
C PRO C 351 -24.07 15.65 -21.80
N THR C 352 -22.78 15.94 -21.82
CA THR C 352 -22.16 16.87 -22.76
C THR C 352 -21.00 16.14 -23.47
N PRO C 353 -21.32 15.22 -24.38
CA PRO C 353 -20.25 14.49 -25.05
C PRO C 353 -19.35 15.41 -25.87
N ALA C 354 -18.14 14.93 -26.06
CA ALA C 354 -17.18 15.61 -26.91
C ALA C 354 -17.56 15.46 -28.37
N GLU C 355 -17.56 16.58 -29.09
CA GLU C 355 -17.49 16.58 -30.53
C GLU C 355 -16.20 15.89 -30.96
N PRO C 356 -16.12 15.40 -32.14
CA PRO C 356 -14.87 14.76 -32.59
C PRO C 356 -13.83 15.79 -33.02
N THR C 357 -13.48 16.67 -32.10
CA THR C 357 -12.51 17.70 -32.39
C THR C 357 -11.40 17.63 -31.36
N THR C 358 -10.23 18.13 -31.75
CA THR C 358 -9.14 18.26 -30.81
C THR C 358 -9.55 19.08 -29.59
N VAL C 359 -10.28 20.17 -29.77
CA VAL C 359 -10.55 21.05 -28.63
C VAL C 359 -11.53 20.40 -27.66
N ASP C 360 -12.52 19.66 -28.16
CA ASP C 360 -13.41 18.96 -27.24
C ASP C 360 -12.69 17.83 -26.55
N ALA C 361 -11.85 17.08 -27.27
CA ALA C 361 -11.11 16.00 -26.62
C ALA C 361 -10.22 16.55 -25.53
N LEU C 362 -9.55 17.69 -25.80
CA LEU C 362 -8.65 18.24 -24.81
C LEU C 362 -9.40 18.91 -23.67
N ALA C 363 -10.64 19.39 -23.89
CA ALA C 363 -11.39 19.96 -22.77
C ALA C 363 -11.83 18.87 -21.82
N GLU C 364 -12.51 17.85 -22.36
CA GLU C 364 -12.83 16.64 -21.62
C GLU C 364 -11.65 16.16 -20.79
N ASN C 365 -10.50 15.99 -21.39
CA ASN C 365 -9.48 15.22 -20.71
C ASN C 365 -8.59 16.09 -19.81
N ALA C 366 -8.55 17.41 -20.01
CA ALA C 366 -7.91 18.26 -19.02
C ALA C 366 -8.73 18.29 -17.73
N SER C 367 -10.06 18.23 -17.85
CA SER C 367 -10.92 18.17 -16.68
C SER C 367 -10.70 16.87 -15.92
N LYS C 368 -10.70 15.74 -16.63
CA LYS C 368 -10.44 14.44 -16.01
C LYS C 368 -9.04 14.38 -15.42
N THR C 369 -8.05 14.95 -16.11
CA THR C 369 -6.68 14.99 -15.62
C THR C 369 -6.59 15.82 -14.35
N ALA C 370 -7.29 16.97 -14.32
CA ALA C 370 -7.26 17.84 -13.14
C ALA C 370 -7.85 17.16 -11.91
N GLU C 371 -8.94 16.41 -12.08
CA GLU C 371 -9.47 15.63 -10.96
C GLU C 371 -8.40 14.63 -10.47
N THR C 372 -7.88 13.82 -11.38
CA THR C 372 -6.97 12.74 -11.03
C THR C 372 -5.74 13.26 -10.27
N VAL C 373 -5.09 14.32 -10.75
CA VAL C 373 -3.89 14.83 -10.08
C VAL C 373 -4.20 15.85 -8.99
N GLY C 374 -5.48 16.15 -8.73
CA GLY C 374 -5.79 17.11 -7.69
C GLY C 374 -5.33 18.53 -7.98
N ALA C 375 -5.34 18.95 -9.25
CA ALA C 375 -4.85 20.28 -9.61
C ALA C 375 -5.72 21.39 -9.02
N LYS C 376 -5.10 22.56 -8.84
CA LYS C 376 -5.79 23.68 -8.21
C LYS C 376 -6.57 24.52 -9.21
N ALA C 377 -6.32 24.33 -10.51
CA ALA C 377 -7.00 25.10 -11.53
C ALA C 377 -6.65 24.56 -12.90
N ILE C 378 -7.55 24.78 -13.85
CA ILE C 378 -7.30 24.51 -15.27
C ILE C 378 -7.09 25.85 -15.96
N ILE C 379 -5.93 26.05 -16.58
CA ILE C 379 -5.59 27.36 -17.15
C ILE C 379 -5.68 27.26 -18.66
N VAL C 380 -6.45 28.16 -19.26
CA VAL C 380 -6.85 28.02 -20.65
C VAL C 380 -6.40 29.25 -21.40
N PHE C 381 -5.42 29.10 -22.28
CA PHE C 381 -5.03 30.17 -23.17
C PHE C 381 -6.05 30.21 -24.31
N THR C 382 -6.65 31.38 -24.55
CA THR C 382 -7.65 31.50 -25.63
C THR C 382 -7.56 32.86 -26.33
N GLU C 383 -7.62 32.83 -27.66
CA GLU C 383 -7.48 34.07 -28.43
C GLU C 383 -8.82 34.77 -28.56
N THR C 384 -9.86 33.99 -28.87
CA THR C 384 -11.23 34.47 -29.05
C THR C 384 -12.17 34.12 -27.90
N GLY C 385 -11.79 33.23 -27.00
CA GLY C 385 -12.70 32.66 -25.99
C GLY C 385 -13.23 31.27 -26.31
N LYS C 386 -13.09 30.80 -27.54
CA LYS C 386 -13.66 29.52 -27.94
C LYS C 386 -13.18 28.36 -27.04
N THR C 387 -11.87 28.26 -26.80
CA THR C 387 -11.39 27.13 -26.01
C THR C 387 -11.91 27.21 -24.58
N ALA C 388 -12.06 28.42 -24.06
CA ALA C 388 -12.63 28.54 -22.72
C ALA C 388 -14.08 28.07 -22.71
N GLN C 389 -14.85 28.38 -23.76
CA GLN C 389 -16.23 27.92 -23.77
C GLN C 389 -16.28 26.40 -23.76
N ARG C 390 -15.42 25.74 -24.55
CA ARG C 390 -15.48 24.28 -24.57
C ARG C 390 -15.01 23.69 -23.24
N VAL C 391 -14.03 24.28 -22.59
CA VAL C 391 -13.63 23.79 -21.27
C VAL C 391 -14.73 24.06 -20.25
N SER C 392 -15.28 25.27 -20.27
CA SER C 392 -16.45 25.58 -19.43
C SER C 392 -17.57 24.58 -19.60
N ARG C 393 -17.83 24.20 -20.85
CA ARG C 393 -18.96 23.32 -21.13
C ARG C 393 -18.84 21.99 -20.36
N ALA C 394 -17.60 21.49 -20.21
CA ALA C 394 -17.43 20.24 -19.52
C ALA C 394 -17.64 20.35 -18.03
N ARG C 395 -17.94 21.53 -17.53
CA ARG C 395 -18.25 21.75 -16.12
C ARG C 395 -17.25 21.13 -15.14
N PRO C 396 -15.94 21.36 -15.32
CA PRO C 396 -14.95 20.81 -14.39
C PRO C 396 -15.14 21.23 -12.94
N VAL C 397 -14.75 20.34 -12.03
CA VAL C 397 -14.65 20.63 -10.60
C VAL C 397 -13.56 21.66 -10.34
N ALA C 398 -12.37 21.42 -10.86
CA ALA C 398 -11.32 22.40 -10.63
C ALA C 398 -11.72 23.74 -11.27
N PRO C 399 -11.38 24.87 -10.64
CA PRO C 399 -11.61 26.17 -11.26
C PRO C 399 -10.85 26.36 -12.56
N ILE C 400 -11.43 27.23 -13.38
CA ILE C 400 -10.90 27.63 -14.67
C ILE C 400 -10.37 29.05 -14.54
N LEU C 401 -9.23 29.33 -15.15
CA LEU C 401 -8.80 30.68 -15.48
C LEU C 401 -8.62 30.80 -16.98
N SER C 402 -9.29 31.76 -17.60
CA SER C 402 -9.26 31.89 -19.06
C SER C 402 -8.36 33.06 -19.45
N LEU C 403 -7.13 32.77 -19.88
CA LEU C 403 -6.15 33.80 -20.17
C LEU C 403 -6.24 34.22 -21.62
N THR C 404 -6.47 35.49 -21.86
CA THR C 404 -6.62 35.99 -23.23
C THR C 404 -5.88 37.31 -23.33
N PRO C 405 -5.23 37.56 -24.47
CA PRO C 405 -4.64 38.89 -24.68
C PRO C 405 -5.66 39.95 -25.08
N ASP C 406 -6.88 39.58 -25.45
CA ASP C 406 -7.84 40.49 -26.06
C ASP C 406 -8.84 40.95 -25.00
N ALA C 407 -8.89 42.27 -24.77
CA ALA C 407 -9.71 42.78 -23.67
C ALA C 407 -11.20 42.65 -23.95
N GLU C 408 -11.63 42.73 -25.22
CA GLU C 408 -13.02 42.46 -25.53
C GLU C 408 -13.39 41.04 -25.18
N VAL C 409 -12.47 40.10 -25.40
CA VAL C 409 -12.75 38.71 -25.06
C VAL C 409 -12.88 38.57 -23.57
N ALA C 410 -12.00 39.24 -22.84
CA ALA C 410 -12.05 39.19 -21.39
C ALA C 410 -13.40 39.66 -20.88
N ARG C 411 -13.97 40.69 -21.52
CA ARG C 411 -15.26 41.20 -21.07
C ARG C 411 -16.39 40.23 -21.39
N ARG C 412 -16.39 39.69 -22.60
CA ARG C 412 -17.49 38.86 -23.05
C ARG C 412 -17.55 37.58 -22.24
N LEU C 413 -16.38 37.03 -21.88
CA LEU C 413 -16.30 35.80 -21.11
C LEU C 413 -16.93 35.93 -19.73
N GLY C 414 -17.28 37.16 -19.31
CA GLY C 414 -17.95 37.39 -18.05
C GLY C 414 -19.29 36.69 -17.94
N LEU C 415 -19.85 36.25 -19.07
CA LEU C 415 -21.14 35.55 -19.06
C LEU C 415 -21.00 34.04 -19.07
N VAL C 416 -19.81 33.49 -19.32
CA VAL C 416 -19.61 32.06 -19.45
C VAL C 416 -19.41 31.44 -18.08
N TRP C 417 -20.15 30.39 -17.78
CA TRP C 417 -20.00 29.66 -16.52
C TRP C 417 -18.55 29.43 -16.13
N GLY C 418 -18.21 29.88 -14.92
CA GLY C 418 -16.90 29.59 -14.35
C GLY C 418 -15.67 29.91 -15.15
N ALA C 419 -15.76 30.80 -16.12
CA ALA C 419 -14.64 31.05 -17.02
C ALA C 419 -13.53 31.91 -16.40
N GLN C 420 -13.82 32.82 -15.49
CA GLN C 420 -12.82 33.60 -14.78
C GLN C 420 -11.75 34.22 -15.69
N PRO C 421 -12.15 35.02 -16.67
CA PRO C 421 -11.17 35.60 -17.60
C PRO C 421 -10.17 36.50 -16.92
N VAL C 422 -8.95 36.49 -17.44
CA VAL C 422 -7.89 37.43 -17.09
C VAL C 422 -7.28 37.89 -18.40
N GLN C 423 -7.05 39.19 -18.50
CA GLN C 423 -6.33 39.73 -19.65
C GLN C 423 -4.85 39.61 -19.34
N VAL C 424 -4.10 39.12 -20.31
CA VAL C 424 -2.67 38.85 -20.14
C VAL C 424 -1.93 39.42 -21.34
N SER C 425 -0.62 39.53 -21.18
CA SER C 425 0.20 39.78 -22.33
C SER C 425 0.23 38.57 -23.23
N THR C 426 0.64 38.81 -24.47
CA THR C 426 0.83 37.72 -25.39
C THR C 426 2.02 36.88 -24.91
N VAL C 427 2.05 35.62 -25.32
CA VAL C 427 3.24 34.84 -25.05
C VAL C 427 3.68 34.18 -26.33
N LYS C 428 4.99 33.97 -26.44
CA LYS C 428 5.58 33.45 -27.67
C LYS C 428 6.03 32.00 -27.55
N THR C 429 6.34 31.53 -26.34
CA THR C 429 6.86 30.20 -26.11
C THR C 429 6.06 29.45 -25.05
N LEU C 430 6.25 28.13 -25.01
CA LEU C 430 5.64 27.34 -23.96
C LEU C 430 6.21 27.71 -22.59
N ASP C 431 7.51 27.99 -22.51
CA ASP C 431 8.03 28.38 -21.20
C ASP C 431 7.42 29.71 -20.73
N GLU C 432 7.15 30.63 -21.65
CA GLU C 432 6.47 31.86 -21.27
C GLU C 432 5.07 31.55 -20.78
N ALA C 433 4.34 30.72 -21.53
CA ALA C 433 3.02 30.28 -21.12
C ALA C 433 3.06 29.68 -19.72
N LYS C 434 4.00 28.78 -19.47
CA LYS C 434 4.03 28.10 -18.19
C LYS C 434 4.27 29.11 -17.08
N LYS C 435 5.21 30.04 -17.27
CA LYS C 435 5.43 31.03 -16.22
C LYS C 435 4.16 31.86 -15.98
N LEU C 436 3.44 32.21 -17.04
CA LEU C 436 2.29 33.10 -16.89
C LEU C 436 1.13 32.37 -16.22
N ALA C 437 0.95 31.09 -16.54
CA ALA C 437 -0.09 30.29 -15.88
C ALA C 437 0.19 30.17 -14.38
N ALA C 438 1.43 29.88 -14.03
CA ALA C 438 1.77 29.73 -12.63
C ALA C 438 1.63 31.06 -11.89
N GLU C 439 2.21 32.15 -12.41
CA GLU C 439 2.07 33.47 -11.78
C GLU C 439 0.59 33.87 -11.62
N THR C 440 -0.21 33.70 -12.69
CA THR C 440 -1.62 34.07 -12.58
C THR C 440 -2.28 33.29 -11.45
N ALA C 441 -2.09 31.96 -11.43
CA ALA C 441 -2.76 31.16 -10.41
C ALA C 441 -2.29 31.54 -9.01
N LYS C 442 -1.00 31.80 -8.85
CA LYS C 442 -0.50 32.17 -7.53
C LYS C 442 -1.02 33.54 -7.15
N LYS C 443 -0.97 34.46 -8.11
CA LYS C 443 -1.38 35.83 -7.86
C LYS C 443 -2.77 35.91 -7.23
N TYR C 444 -3.72 35.11 -7.70
CA TYR C 444 -5.10 35.20 -7.21
C TYR C 444 -5.43 34.14 -6.18
N GLY C 445 -4.43 33.52 -5.56
CA GLY C 445 -4.67 32.59 -4.46
C GLY C 445 -5.22 31.22 -4.82
N PHE C 446 -5.19 30.81 -6.08
CA PHE C 446 -5.52 29.42 -6.34
C PHE C 446 -4.39 28.47 -5.96
N ALA C 447 -3.14 28.90 -6.04
CA ALA C 447 -2.10 27.90 -5.91
C ALA C 447 -0.89 28.49 -5.23
N LYS C 448 -0.04 27.56 -4.79
CA LYS C 448 1.18 27.70 -4.03
C LYS C 448 2.28 27.03 -4.85
N ALA C 449 3.53 27.47 -4.69
CA ALA C 449 4.64 26.74 -5.29
C ALA C 449 4.53 25.25 -4.98
N GLY C 450 4.60 24.44 -6.03
CA GLY C 450 4.42 23.03 -5.86
C GLY C 450 3.08 22.48 -6.31
N ASP C 451 2.00 23.26 -6.22
CA ASP C 451 0.70 22.74 -6.62
C ASP C 451 0.65 22.48 -8.12
N LYS C 452 -0.18 21.55 -8.50
CA LYS C 452 -0.39 21.23 -9.89
C LYS C 452 -1.47 22.09 -10.53
N LEU C 453 -1.22 22.42 -11.81
CA LEU C 453 -2.05 23.23 -12.66
C LEU C 453 -2.15 22.52 -14.00
N VAL C 454 -3.34 22.43 -14.58
CA VAL C 454 -3.48 21.87 -15.92
C VAL C 454 -3.56 23.04 -16.91
N VAL C 455 -2.65 23.07 -17.87
CA VAL C 455 -2.65 24.11 -18.87
C VAL C 455 -3.17 23.58 -20.18
N VAL C 456 -4.04 24.37 -20.82
CA VAL C 456 -4.66 24.08 -22.11
C VAL C 456 -4.33 25.26 -23.02
N ALA C 457 -3.73 24.97 -24.16
CA ALA C 457 -3.32 26.07 -25.04
C ALA C 457 -3.09 25.51 -26.43
N GLY C 458 -2.66 26.41 -27.33
CA GLY C 458 -2.28 26.08 -28.70
C GLY C 458 -0.85 26.49 -28.92
N GLU C 459 -0.01 25.53 -29.31
CA GLU C 459 1.39 25.79 -29.56
C GLU C 459 1.71 25.36 -30.99
N PRO C 460 2.54 26.13 -31.69
CA PRO C 460 3.04 27.47 -31.42
C PRO C 460 1.92 28.48 -31.24
N PHE C 461 2.25 29.61 -30.61
CA PHE C 461 1.24 30.46 -30.02
C PHE C 461 0.80 31.60 -30.93
N GLY C 462 -0.30 32.24 -30.54
CA GLY C 462 -0.78 33.43 -31.19
C GLY C 462 -1.85 33.25 -32.25
N LYS C 463 -2.19 32.03 -32.62
CA LYS C 463 -3.18 31.82 -33.66
C LYS C 463 -4.40 31.14 -33.09
N ALA C 464 -5.58 31.71 -33.37
CA ALA C 464 -6.85 31.22 -32.85
C ALA C 464 -7.30 29.93 -33.54
N GLY C 465 -7.98 29.08 -32.77
CA GLY C 465 -8.39 27.76 -33.26
C GLY C 465 -7.33 26.66 -33.22
N THR C 466 -6.18 26.91 -32.62
CA THR C 466 -5.04 26.01 -32.72
C THR C 466 -4.91 25.13 -31.51
N THR C 467 -5.87 25.14 -30.60
CA THR C 467 -5.69 24.53 -29.28
C THR C 467 -5.31 23.06 -29.43
N ASN C 468 -4.15 22.67 -28.87
CA ASN C 468 -3.71 21.29 -29.06
C ASN C 468 -2.83 20.69 -27.97
N ILE C 469 -2.63 21.33 -26.84
CA ILE C 469 -1.73 20.77 -25.82
C ILE C 469 -2.34 20.90 -24.45
N VAL C 470 -2.30 19.80 -23.69
CA VAL C 470 -2.58 19.79 -22.26
C VAL C 470 -1.23 19.59 -21.58
N ASP C 471 -0.91 20.46 -20.63
CA ASP C 471 0.39 20.46 -19.96
C ASP C 471 0.14 20.61 -18.48
N VAL C 472 0.51 19.58 -17.70
CA VAL C 472 0.40 19.56 -16.25
C VAL C 472 1.72 20.12 -15.71
N ILE C 473 1.63 21.16 -14.90
CA ILE C 473 2.80 21.87 -14.41
C ILE C 473 2.66 22.02 -12.92
N GLU C 474 3.75 22.47 -12.32
CA GLU C 474 3.80 22.92 -10.94
C GLU C 474 3.97 24.43 -10.93
N ALA C 475 3.22 25.09 -10.05
CA ALA C 475 3.32 26.54 -9.96
C ALA C 475 4.70 26.94 -9.40
N GLU D 3 60.55 -27.89 29.08
CA GLU D 3 60.78 -27.31 27.75
C GLU D 3 59.46 -26.85 27.15
N GLY D 4 59.48 -26.38 25.90
CA GLY D 4 58.28 -25.85 25.26
C GLY D 4 57.30 -26.89 24.73
N LEU D 5 57.01 -27.88 25.57
CA LEU D 5 56.10 -28.95 25.20
C LEU D 5 54.71 -28.70 25.73
N PHE D 6 54.61 -28.46 27.03
CA PHE D 6 53.34 -28.17 27.66
C PHE D 6 53.56 -27.23 28.84
N PRO D 7 53.07 -25.99 28.76
CA PRO D 7 52.33 -25.39 27.63
C PRO D 7 53.20 -25.12 26.41
N ARG D 8 52.53 -24.97 25.28
CA ARG D 8 53.18 -24.67 24.01
C ARG D 8 53.47 -23.20 23.81
N GLY D 9 52.75 -22.32 24.48
CA GLY D 9 52.87 -20.90 24.24
C GLY D 9 52.00 -20.40 23.11
N ARG D 10 51.03 -21.19 22.69
CA ARG D 10 50.11 -20.86 21.61
C ARG D 10 49.00 -21.89 21.66
N LYS D 11 47.85 -21.53 21.11
CA LYS D 11 46.63 -22.31 21.33
C LYS D 11 46.13 -23.00 20.08
N VAL D 12 46.57 -22.57 18.90
CA VAL D 12 46.30 -23.33 17.69
C VAL D 12 47.00 -24.67 17.79
N ARG D 13 46.38 -25.69 17.23
CA ARG D 13 46.91 -27.03 17.26
C ARG D 13 47.55 -27.34 15.91
N VAL D 14 48.80 -27.80 15.94
CA VAL D 14 49.53 -28.22 14.76
C VAL D 14 49.28 -29.70 14.49
N VAL D 15 48.70 -29.98 13.31
CA VAL D 15 48.43 -31.33 12.81
C VAL D 15 49.47 -31.74 11.77
N SER D 16 50.11 -32.88 12.00
CA SER D 16 51.33 -33.28 11.29
C SER D 16 51.13 -34.66 10.70
N THR D 17 51.20 -34.76 9.37
CA THR D 17 51.05 -36.05 8.70
C THR D 17 52.33 -36.87 8.84
N LEU D 18 52.20 -38.06 9.39
CA LEU D 18 53.34 -38.97 9.38
C LEU D 18 53.53 -39.66 8.01
N GLY D 19 54.72 -40.20 7.82
CA GLY D 19 55.09 -40.88 6.60
C GLY D 19 56.58 -41.19 6.55
N PRO D 20 57.10 -41.40 5.35
CA PRO D 20 58.50 -41.85 5.25
C PRO D 20 59.49 -40.91 5.91
N ALA D 21 59.28 -39.61 5.85
CA ALA D 21 60.25 -38.70 6.44
C ALA D 21 60.09 -38.60 7.95
N SER D 22 58.95 -39.05 8.47
CA SER D 22 58.57 -38.93 9.89
C SER D 22 57.77 -40.20 10.22
N SER D 23 58.49 -41.31 10.51
CA SER D 23 57.77 -42.49 11.01
C SER D 23 58.49 -43.27 12.08
N THR D 24 59.77 -43.03 12.33
CA THR D 24 60.43 -43.80 13.37
C THR D 24 60.08 -43.21 14.73
N ALA D 25 60.31 -44.00 15.77
CA ALA D 25 60.08 -43.49 17.10
C ALA D 25 60.84 -42.20 17.32
N GLU D 26 62.15 -42.22 17.03
CA GLU D 26 62.94 -41.01 17.18
C GLU D 26 62.30 -39.86 16.45
N GLN D 27 61.76 -40.13 15.27
CA GLN D 27 61.25 -39.05 14.44
C GLN D 27 59.92 -38.55 15.00
N ILE D 28 59.07 -39.46 15.48
CA ILE D 28 57.81 -39.04 16.07
C ILE D 28 58.08 -38.13 17.26
N ARG D 29 58.96 -38.58 18.17
CA ARG D 29 59.31 -37.79 19.35
C ARG D 29 59.83 -36.42 18.94
N ASP D 30 60.72 -36.40 17.96
CA ASP D 30 61.26 -35.13 17.49
C ASP D 30 60.16 -34.17 17.04
N ARG D 31 59.25 -34.62 16.14
CA ARG D 31 58.21 -33.72 15.66
C ARG D 31 57.37 -33.18 16.83
N PHE D 32 57.03 -34.07 17.76
CA PHE D 32 56.21 -33.73 18.90
C PHE D 32 56.83 -32.61 19.72
N LEU D 33 58.10 -32.79 20.12
CA LEU D 33 58.78 -31.73 20.85
C LEU D 33 58.89 -30.46 20.01
N ALA D 34 59.05 -30.59 18.69
CA ALA D 34 59.20 -29.46 17.80
C ALA D 34 57.90 -28.71 17.53
N GLY D 35 56.74 -29.24 17.92
CA GLY D 35 55.48 -28.50 17.84
C GLY D 35 54.24 -29.29 17.40
N ALA D 36 54.42 -30.52 16.94
CA ALA D 36 53.27 -31.25 16.43
C ALA D 36 52.36 -31.72 17.57
N ASP D 37 51.05 -31.51 17.43
CA ASP D 37 50.11 -31.95 18.46
C ASP D 37 49.23 -33.11 18.04
N VAL D 38 48.88 -33.17 16.78
CA VAL D 38 48.00 -34.20 16.30
C VAL D 38 48.73 -34.87 15.17
N PHE D 39 48.91 -36.18 15.28
CA PHE D 39 49.55 -36.98 14.26
C PHE D 39 48.47 -37.51 13.36
N ARG D 40 48.65 -37.31 12.08
CA ARG D 40 47.74 -37.79 11.06
C ARG D 40 48.34 -39.03 10.41
N ILE D 41 47.62 -40.14 10.49
CA ILE D 41 47.98 -41.39 9.86
C ILE D 41 47.10 -41.54 8.62
N ASN D 42 47.73 -41.49 7.46
CA ASN D 42 47.03 -41.59 6.19
C ASN D 42 46.92 -43.06 5.85
N MET D 43 45.70 -43.56 5.69
CA MET D 43 45.48 -44.98 5.43
C MET D 43 45.54 -45.34 3.96
N SER D 44 45.76 -44.37 3.09
CA SER D 44 45.85 -44.63 1.66
C SER D 44 47.04 -45.50 1.28
N HIS D 45 47.99 -45.73 2.20
CA HIS D 45 49.23 -46.44 1.88
C HIS D 45 49.72 -47.15 3.14
N GLY D 46 50.72 -48.01 2.95
CA GLY D 46 51.29 -48.79 4.03
C GLY D 46 50.45 -50.00 4.40
N THR D 47 51.00 -50.83 5.28
CA THR D 47 50.23 -51.95 5.81
C THR D 47 49.76 -51.66 7.21
N HIS D 48 48.67 -52.35 7.59
CA HIS D 48 48.22 -52.34 8.97
C HIS D 48 49.35 -52.69 9.93
N ASP D 49 50.29 -53.53 9.47
CA ASP D 49 51.37 -53.97 10.35
C ASP D 49 52.36 -52.84 10.59
N GLU D 50 52.65 -52.04 9.58
CA GLU D 50 53.46 -50.85 9.78
C GLU D 50 52.73 -49.81 10.62
N LYS D 51 51.47 -49.51 10.29
CA LYS D 51 50.65 -48.65 11.14
C LYS D 51 50.82 -49.03 12.60
N LYS D 52 50.51 -50.29 12.93
CA LYS D 52 50.45 -50.70 14.33
C LYS D 52 51.69 -50.26 15.07
N VAL D 53 52.83 -50.22 14.38
CA VAL D 53 54.05 -49.84 15.07
C VAL D 53 54.25 -48.33 15.09
N ILE D 54 53.75 -47.61 14.07
CA ILE D 54 53.70 -46.16 14.15
C ILE D 54 52.80 -45.72 15.31
N VAL D 55 51.59 -46.28 15.40
CA VAL D 55 50.73 -46.00 16.54
C VAL D 55 51.50 -46.21 17.84
N ASP D 56 52.17 -47.36 17.99
CA ASP D 56 52.78 -47.68 19.28
C ASP D 56 53.86 -46.68 19.65
N ASN D 57 54.58 -46.16 18.66
CA ASN D 57 55.55 -45.10 18.92
C ASN D 57 54.91 -43.75 19.32
N ILE D 58 53.73 -43.42 18.79
CA ILE D 58 53.05 -42.22 19.24
C ILE D 58 52.62 -42.41 20.69
N ARG D 59 51.91 -43.50 20.98
CA ARG D 59 51.48 -43.80 22.34
C ARG D 59 52.67 -43.85 23.32
N ALA D 60 53.83 -44.24 22.86
CA ALA D 60 54.93 -44.37 23.80
C ALA D 60 55.28 -43.02 24.44
N LEU D 61 55.07 -41.92 23.72
CA LEU D 61 55.33 -40.60 24.26
C LEU D 61 54.57 -40.31 25.55
N GLU D 62 53.41 -40.92 25.75
CA GLU D 62 52.64 -40.65 26.96
C GLU D 62 53.43 -41.08 28.20
N LYS D 63 54.14 -42.22 28.11
CA LYS D 63 55.01 -42.64 29.21
C LYS D 63 56.13 -41.65 29.44
N GLU D 64 56.72 -41.12 28.38
CA GLU D 64 57.89 -40.25 28.59
C GLU D 64 57.48 -38.90 29.16
N PHE D 65 56.48 -38.26 28.57
CA PHE D 65 56.19 -36.87 28.89
C PHE D 65 54.92 -36.68 29.71
N ASN D 66 54.22 -37.75 30.08
CA ASN D 66 52.95 -37.67 30.76
C ASN D 66 52.05 -36.62 30.14
N ARG D 67 51.89 -36.76 28.83
CA ARG D 67 50.97 -35.98 28.06
C ARG D 67 50.13 -36.92 27.20
N PRO D 68 48.83 -36.66 27.08
CA PRO D 68 48.02 -37.42 26.14
C PRO D 68 48.40 -37.08 24.71
N THR D 69 48.53 -38.12 23.88
CA THR D 69 48.74 -37.93 22.46
C THR D 69 47.40 -37.91 21.73
N THR D 70 47.44 -37.57 20.46
CA THR D 70 46.22 -37.47 19.67
C THR D 70 46.46 -38.03 18.28
N ILE D 71 45.73 -39.07 17.88
CA ILE D 71 45.95 -39.67 16.57
C ILE D 71 44.70 -39.49 15.71
N LEU D 72 44.89 -38.92 14.52
CA LEU D 72 43.84 -38.77 13.51
C LEU D 72 44.06 -39.79 12.39
N PHE D 73 43.12 -40.72 12.23
CA PHE D 73 43.18 -41.72 11.17
C PHE D 73 42.37 -41.18 9.99
N ASP D 74 43.03 -40.99 8.86
CA ASP D 74 42.40 -40.49 7.64
C ASP D 74 42.12 -41.65 6.69
N LEU D 75 40.83 -41.92 6.44
CA LEU D 75 40.41 -42.93 5.48
C LEU D 75 40.37 -42.34 4.07
N GLN D 76 40.84 -43.14 3.11
CA GLN D 76 41.09 -42.66 1.75
C GLN D 76 39.81 -42.27 1.03
N GLY D 77 38.78 -43.10 1.14
CA GLY D 77 37.60 -42.91 0.34
C GLY D 77 37.81 -43.45 -1.06
N PRO D 78 36.84 -43.26 -1.94
CA PRO D 78 36.94 -43.84 -3.28
C PRO D 78 38.10 -43.20 -4.02
N LYS D 79 38.86 -44.01 -4.75
CA LYS D 79 39.95 -43.48 -5.55
C LYS D 79 39.65 -43.64 -7.05
N LEU D 80 39.22 -42.53 -7.66
CA LEU D 80 38.70 -42.51 -9.03
C LEU D 80 39.84 -42.40 -10.02
N ARG D 81 39.98 -43.40 -10.88
CA ARG D 81 41.06 -43.46 -11.84
C ARG D 81 40.58 -43.96 -13.18
N VAL D 82 41.21 -43.46 -14.26
CA VAL D 82 40.98 -43.99 -15.59
C VAL D 82 41.70 -45.33 -15.68
N GLY D 83 41.38 -46.09 -16.71
CA GLY D 83 42.04 -47.33 -16.95
C GLY D 83 43.35 -47.12 -17.65
N ASP D 84 43.81 -48.17 -18.32
CA ASP D 84 45.12 -48.24 -18.94
C ASP D 84 45.08 -47.98 -20.45
N PHE D 85 46.19 -47.51 -20.97
CA PHE D 85 46.33 -47.22 -22.40
C PHE D 85 47.27 -48.23 -23.04
N LYS D 86 46.99 -48.63 -24.27
CA LYS D 86 47.86 -49.57 -24.95
C LYS D 86 49.32 -49.12 -24.89
N GLU D 87 49.55 -47.82 -24.92
CA GLU D 87 50.90 -47.30 -24.95
C GLU D 87 51.32 -46.56 -23.70
N GLY D 88 50.56 -46.63 -22.60
CA GLY D 88 50.95 -45.97 -21.36
C GLY D 88 50.54 -44.50 -21.28
N LYS D 89 50.69 -43.75 -22.37
CA LYS D 89 50.42 -42.32 -22.40
C LYS D 89 49.99 -41.91 -23.80
N VAL D 90 49.05 -40.96 -23.86
CA VAL D 90 48.53 -40.41 -25.12
C VAL D 90 48.45 -38.90 -24.95
N GLN D 91 48.49 -38.19 -26.08
CA GLN D 91 48.31 -36.74 -26.07
C GLN D 91 46.90 -36.35 -26.51
N LEU D 92 46.18 -35.68 -25.64
CA LEU D 92 44.85 -35.19 -25.99
C LEU D 92 44.96 -33.77 -26.53
N LYS D 93 44.12 -33.48 -27.50
CA LYS D 93 44.22 -32.26 -28.30
C LYS D 93 42.94 -31.44 -28.14
N GLU D 94 43.08 -30.12 -28.15
CA GLU D 94 41.93 -29.28 -27.88
C GLU D 94 40.81 -29.58 -28.87
N GLY D 95 39.61 -29.77 -28.35
CA GLY D 95 38.44 -29.94 -29.17
C GLY D 95 38.21 -31.34 -29.69
N GLN D 96 39.17 -32.24 -29.60
CA GLN D 96 38.90 -33.57 -30.09
C GLN D 96 37.75 -34.20 -29.30
N THR D 97 37.28 -35.33 -29.81
CA THR D 97 36.37 -36.21 -29.11
C THR D 97 37.20 -37.25 -28.39
N PHE D 98 36.75 -37.62 -27.18
CA PHE D 98 37.39 -38.65 -26.40
C PHE D 98 36.33 -39.37 -25.59
N THR D 99 36.38 -40.68 -25.60
CA THR D 99 35.30 -41.51 -25.13
C THR D 99 35.72 -42.33 -23.91
N PHE D 100 34.84 -42.38 -22.93
CA PHE D 100 35.01 -43.28 -21.79
C PHE D 100 34.04 -44.46 -21.92
N ASP D 101 34.57 -45.69 -21.74
CA ASP D 101 33.90 -46.97 -22.00
C ASP D 101 33.83 -47.86 -20.76
N GLN D 102 33.03 -48.93 -20.89
CA GLN D 102 33.13 -50.09 -20.02
C GLN D 102 33.77 -51.27 -20.73
N ASP D 103 34.51 -50.99 -21.78
CA ASP D 103 35.19 -52.00 -22.56
C ASP D 103 36.61 -52.14 -22.02
N PRO D 104 37.02 -53.30 -21.53
CA PRO D 104 38.37 -53.44 -20.95
C PRO D 104 39.51 -53.23 -21.92
N THR D 105 39.25 -53.19 -23.23
CA THR D 105 40.35 -53.05 -24.18
C THR D 105 41.22 -51.82 -23.88
N LEU D 106 42.53 -52.02 -23.90
CA LEU D 106 43.47 -50.94 -23.66
C LEU D 106 43.16 -49.74 -24.53
N GLY D 107 43.43 -48.55 -23.96
CA GLY D 107 43.04 -47.30 -24.55
C GLY D 107 44.06 -46.70 -25.53
N ASP D 108 43.64 -45.59 -26.11
CA ASP D 108 44.45 -44.81 -27.04
C ASP D 108 43.89 -43.38 -27.05
N GLU D 109 44.28 -42.59 -28.05
CA GLU D 109 43.92 -41.18 -28.13
C GLU D 109 42.43 -40.93 -28.31
N THR D 110 41.65 -41.98 -28.58
CA THR D 110 40.21 -41.81 -28.76
C THR D 110 39.38 -42.32 -27.60
N ARG D 111 39.95 -43.14 -26.72
CA ARG D 111 39.10 -43.73 -25.69
C ARG D 111 39.95 -44.38 -24.61
N VAL D 112 39.33 -44.60 -23.46
CA VAL D 112 39.91 -45.35 -22.38
C VAL D 112 38.77 -45.96 -21.56
N ASN D 113 39.09 -47.09 -20.93
CA ASN D 113 38.17 -47.72 -19.99
C ASN D 113 38.06 -46.86 -18.74
N LEU D 114 36.84 -46.69 -18.26
CA LEU D 114 36.59 -45.93 -17.04
C LEU D 114 35.99 -46.92 -16.04
N PRO D 115 36.80 -47.51 -15.16
CA PRO D 115 36.32 -48.68 -14.40
C PRO D 115 35.47 -48.40 -13.18
N HIS D 116 34.54 -47.45 -13.29
CA HIS D 116 33.72 -47.01 -12.16
C HIS D 116 32.29 -46.84 -12.64
N PRO D 117 31.53 -47.91 -12.65
CA PRO D 117 30.18 -47.85 -13.25
C PRO D 117 29.31 -46.75 -12.68
N GLU D 118 29.66 -46.22 -11.51
CA GLU D 118 28.86 -45.13 -10.92
C GLU D 118 28.93 -43.84 -11.73
N ILE D 119 29.98 -43.62 -12.51
CA ILE D 119 30.01 -42.39 -13.29
C ILE D 119 29.00 -42.46 -14.41
N PHE D 120 28.83 -43.64 -15.00
CA PHE D 120 27.85 -43.82 -16.07
C PHE D 120 26.43 -43.70 -15.55
N LYS D 121 26.24 -43.89 -14.24
CA LYS D 121 24.93 -43.70 -13.66
C LYS D 121 24.56 -42.22 -13.66
N ALA D 122 25.50 -41.37 -13.25
CA ALA D 122 25.19 -40.00 -12.88
C ALA D 122 25.51 -38.97 -13.95
N LEU D 123 26.63 -39.11 -14.68
CA LEU D 123 27.11 -38.06 -15.57
C LEU D 123 26.12 -37.83 -16.71
N ASP D 124 26.11 -36.60 -17.21
CA ASP D 124 25.14 -36.17 -18.23
C ASP D 124 25.74 -34.99 -18.99
N LYS D 125 25.11 -34.67 -20.12
CA LYS D 125 25.53 -33.56 -20.97
C LYS D 125 25.89 -32.32 -20.14
N GLY D 126 27.04 -31.70 -20.48
CA GLY D 126 27.51 -30.49 -19.83
C GLY D 126 28.39 -30.70 -18.60
N HIS D 127 28.18 -31.79 -17.86
CA HIS D 127 29.07 -32.15 -16.75
C HIS D 127 30.53 -32.34 -17.19
N ARG D 128 31.46 -31.94 -16.32
CA ARG D 128 32.87 -32.12 -16.61
C ARG D 128 33.45 -33.36 -15.92
N LEU D 129 34.49 -33.91 -16.51
CA LEU D 129 35.49 -34.70 -15.80
C LEU D 129 36.78 -33.91 -15.86
N LEU D 130 37.48 -33.81 -14.73
CA LEU D 130 38.78 -33.18 -14.64
C LEU D 130 39.79 -34.29 -14.39
N LEU D 131 40.90 -34.30 -15.14
CA LEU D 131 41.85 -35.42 -15.05
C LEU D 131 43.26 -34.92 -14.74
N ASP D 132 44.02 -35.76 -14.05
CA ASP D 132 45.38 -35.44 -13.60
C ASP D 132 45.43 -34.07 -12.90
N ASP D 133 44.91 -34.08 -11.68
CA ASP D 133 44.86 -32.93 -10.80
C ASP D 133 44.26 -31.71 -11.50
N GLY D 134 43.26 -31.96 -12.34
CA GLY D 134 42.56 -30.93 -13.05
C GLY D 134 43.30 -30.31 -14.21
N LYS D 135 44.43 -30.88 -14.62
CA LYS D 135 45.21 -30.34 -15.73
C LYS D 135 44.64 -30.70 -17.10
N ILE D 136 43.83 -31.75 -17.20
CA ILE D 136 43.03 -32.04 -18.40
C ILE D 136 41.55 -31.79 -18.06
N VAL D 137 40.84 -31.04 -18.93
CA VAL D 137 39.40 -30.86 -18.78
C VAL D 137 38.68 -31.42 -20.01
N VAL D 138 37.58 -32.13 -19.76
CA VAL D 138 36.75 -32.70 -20.81
C VAL D 138 35.32 -32.46 -20.38
N ARG D 139 34.42 -32.42 -21.35
CA ARG D 139 33.02 -32.17 -21.01
C ARG D 139 32.11 -33.11 -21.77
N CYS D 140 31.17 -33.70 -21.03
CA CYS D 140 30.26 -34.68 -21.57
C CYS D 140 29.35 -34.06 -22.62
N VAL D 141 29.37 -34.65 -23.83
CA VAL D 141 28.44 -34.31 -24.90
C VAL D 141 27.44 -35.42 -25.19
N GLU D 142 27.63 -36.62 -24.68
CA GLU D 142 26.75 -37.75 -24.97
C GLU D 142 26.92 -38.75 -23.84
N SER D 143 25.83 -39.15 -23.24
CA SER D 143 25.90 -40.04 -22.11
C SER D 143 24.97 -41.20 -22.35
N SER D 144 25.49 -42.39 -22.19
CA SER D 144 24.76 -43.65 -22.26
C SER D 144 25.10 -44.38 -20.97
N PRO D 145 24.35 -45.42 -20.65
CA PRO D 145 24.76 -46.31 -19.54
C PRO D 145 26.03 -47.12 -19.86
N THR D 146 26.55 -47.04 -21.10
CA THR D 146 27.77 -47.73 -21.49
C THR D 146 28.83 -46.83 -22.11
N LYS D 147 28.49 -45.60 -22.50
CA LYS D 147 29.41 -44.71 -23.18
C LYS D 147 29.30 -43.30 -22.61
N ILE D 148 30.43 -42.64 -22.44
CA ILE D 148 30.47 -41.22 -22.12
C ILE D 148 31.37 -40.59 -23.17
N VAL D 149 30.78 -39.88 -24.12
CA VAL D 149 31.55 -39.16 -25.13
C VAL D 149 31.77 -37.75 -24.60
N THR D 150 32.96 -37.22 -24.82
CA THR D 150 33.33 -35.92 -24.27
C THR D 150 34.15 -35.17 -25.31
N ARG D 151 34.21 -33.85 -25.10
CA ARG D 151 35.09 -32.96 -25.84
C ARG D 151 36.21 -32.46 -24.94
N VAL D 152 37.42 -32.42 -25.48
CA VAL D 152 38.59 -31.97 -24.73
C VAL D 152 38.57 -30.45 -24.74
N GLU D 153 38.33 -29.86 -23.58
CA GLU D 153 38.32 -28.39 -23.49
C GLU D 153 39.70 -27.85 -23.17
N VAL D 154 40.40 -28.46 -22.22
CA VAL D 154 41.78 -28.14 -21.88
C VAL D 154 42.64 -29.36 -22.17
N PRO D 155 43.65 -29.25 -23.02
CA PRO D 155 44.37 -30.44 -23.51
C PRO D 155 45.58 -30.79 -22.66
N GLY D 156 46.08 -32.02 -22.87
CA GLY D 156 47.29 -32.49 -22.23
C GLY D 156 47.50 -33.98 -22.36
N PRO D 157 48.56 -34.45 -21.76
CA PRO D 157 48.80 -35.89 -21.73
C PRO D 157 47.91 -36.56 -20.70
N LEU D 158 47.47 -37.77 -21.03
CA LEU D 158 46.69 -38.63 -20.15
C LEU D 158 47.40 -39.98 -20.09
N SER D 159 47.48 -40.57 -18.90
CA SER D 159 48.33 -41.75 -18.67
C SER D 159 47.58 -42.83 -17.93
N ASP D 160 48.19 -44.01 -17.91
CA ASP D 160 47.67 -45.13 -17.15
C ASP D 160 47.27 -44.70 -15.73
N HIS D 161 46.03 -44.99 -15.36
CA HIS D 161 45.52 -44.87 -14.01
C HIS D 161 45.47 -43.43 -13.48
N LYS D 162 45.48 -42.43 -14.34
CA LYS D 162 45.40 -41.10 -13.78
C LYS D 162 44.12 -40.93 -12.99
N GLY D 163 44.23 -40.19 -11.89
CA GLY D 163 43.04 -39.72 -11.20
C GLY D 163 42.22 -38.74 -12.02
N PHE D 164 40.94 -38.69 -11.65
CA PHE D 164 40.02 -37.69 -12.16
C PHE D 164 39.05 -37.26 -11.07
N ASN D 165 38.35 -36.18 -11.35
CA ASN D 165 37.41 -35.54 -10.43
C ASN D 165 36.11 -35.24 -11.15
N VAL D 166 34.99 -35.48 -10.48
CA VAL D 166 33.66 -35.16 -10.96
C VAL D 166 33.06 -33.98 -10.20
N PRO D 167 33.32 -32.77 -10.59
CA PRO D 167 32.90 -31.63 -9.76
C PRO D 167 31.41 -31.32 -9.83
N ASP D 168 30.79 -31.58 -10.97
CA ASP D 168 29.54 -30.96 -11.31
C ASP D 168 28.31 -31.80 -11.01
N VAL D 169 28.47 -33.00 -10.44
CA VAL D 169 27.32 -33.84 -10.12
C VAL D 169 27.68 -34.78 -8.99
N VAL D 170 26.72 -34.98 -8.10
CA VAL D 170 26.85 -35.95 -7.03
C VAL D 170 26.75 -37.33 -7.63
N ILE D 171 27.65 -38.23 -7.24
CA ILE D 171 27.75 -39.54 -7.85
C ILE D 171 27.40 -40.60 -6.81
N PRO D 172 26.52 -41.56 -7.15
CA PRO D 172 25.94 -42.47 -6.15
C PRO D 172 26.94 -43.46 -5.60
N LEU D 173 27.96 -42.93 -4.96
CA LEU D 173 29.10 -43.68 -4.46
C LEU D 173 29.25 -43.36 -2.99
N ALA D 174 29.54 -44.38 -2.20
CA ALA D 174 29.66 -44.22 -0.75
C ALA D 174 31.02 -43.64 -0.42
N ALA D 175 31.03 -42.62 0.45
CA ALA D 175 32.29 -42.03 0.88
C ALA D 175 33.14 -43.05 1.62
N LEU D 176 32.50 -44.01 2.23
CA LEU D 176 33.20 -45.10 2.89
C LEU D 176 33.21 -46.30 1.95
N THR D 177 34.40 -46.64 1.45
CA THR D 177 34.54 -47.78 0.57
C THR D 177 34.70 -49.06 1.36
N PRO D 178 34.57 -50.19 0.70
CA PRO D 178 35.06 -51.46 1.26
C PRO D 178 36.44 -51.44 1.88
N LYS D 179 37.43 -50.81 1.22
CA LYS D 179 38.75 -50.73 1.85
C LYS D 179 38.72 -49.87 3.11
N ASP D 180 37.94 -48.78 3.08
CA ASP D 180 37.81 -47.91 4.24
C ASP D 180 37.20 -48.63 5.42
N ARG D 181 36.21 -49.49 5.17
CA ARG D 181 35.62 -50.22 6.27
C ARG D 181 36.66 -51.06 6.99
N LYS D 182 37.64 -51.63 6.27
CA LYS D 182 38.62 -52.45 6.94
C LYS D 182 39.62 -51.58 7.66
N ASP D 183 39.98 -50.46 7.05
CA ASP D 183 40.84 -49.49 7.68
C ASP D 183 40.18 -48.86 8.91
N LEU D 184 38.85 -48.69 8.91
CA LEU D 184 38.17 -48.15 10.09
C LEU D 184 38.17 -49.19 11.21
N ASP D 185 37.80 -50.43 10.87
CA ASP D 185 37.98 -51.54 11.81
C ASP D 185 39.32 -51.44 12.52
N PHE D 186 40.39 -51.32 11.72
CA PHE D 186 41.72 -51.30 12.28
C PHE D 186 41.92 -50.06 13.14
N ALA D 187 41.52 -48.88 12.64
CA ALA D 187 41.69 -47.67 13.43
C ALA D 187 40.92 -47.77 14.73
N LEU D 188 39.71 -48.34 14.70
CA LEU D 188 38.97 -48.44 15.95
C LEU D 188 39.55 -49.51 16.86
N LYS D 189 40.40 -50.39 16.34
CA LYS D 189 41.10 -51.35 17.19
C LYS D 189 42.33 -50.70 17.81
N GLU D 190 43.02 -49.83 17.06
CA GLU D 190 44.14 -49.08 17.59
C GLU D 190 43.70 -47.86 18.38
N LYS D 191 42.42 -47.77 18.75
CA LYS D 191 41.87 -46.75 19.66
C LYS D 191 42.02 -45.36 19.08
N ALA D 192 41.68 -45.23 17.81
CA ALA D 192 41.72 -43.94 17.14
C ALA D 192 41.04 -42.84 17.96
N ASP D 193 41.73 -41.71 18.09
CA ASP D 193 41.14 -40.55 18.74
C ASP D 193 40.19 -39.82 17.82
N TRP D 194 40.54 -39.65 16.55
CA TRP D 194 39.65 -39.06 15.56
C TRP D 194 39.72 -39.88 14.29
N VAL D 195 38.66 -39.85 13.49
CA VAL D 195 38.57 -40.51 12.20
C VAL D 195 38.13 -39.49 11.14
N ALA D 196 38.90 -39.39 10.04
CA ALA D 196 38.60 -38.42 8.98
C ALA D 196 37.97 -39.11 7.76
N LEU D 197 36.81 -38.61 7.34
CA LEU D 197 36.07 -39.07 6.17
C LEU D 197 36.38 -38.20 4.95
N SER D 198 36.65 -38.87 3.85
CA SER D 198 36.91 -38.29 2.54
C SER D 198 35.65 -38.38 1.68
N PHE D 199 35.68 -37.63 0.57
CA PHE D 199 34.70 -37.74 -0.50
C PHE D 199 33.27 -37.52 -0.02
N VAL D 200 33.10 -36.57 0.91
CA VAL D 200 31.78 -36.21 1.40
C VAL D 200 31.06 -35.35 0.38
N GLN D 201 29.85 -35.79 0.02
CA GLN D 201 29.00 -35.05 -0.89
C GLN D 201 27.75 -34.51 -0.21
N ARG D 202 27.19 -35.25 0.75
CA ARG D 202 25.96 -34.89 1.40
C ARG D 202 26.00 -35.35 2.85
N VAL D 203 24.97 -34.94 3.60
CA VAL D 203 24.81 -35.36 4.98
C VAL D 203 24.58 -36.87 5.05
N GLU D 204 24.04 -37.47 3.98
CA GLU D 204 23.90 -38.92 3.93
C GLU D 204 25.25 -39.62 4.19
N ASP D 205 26.35 -39.04 3.70
CA ASP D 205 27.63 -39.70 3.88
C ASP D 205 28.08 -39.66 5.33
N VAL D 206 27.78 -38.58 6.05
CA VAL D 206 28.20 -38.53 7.44
C VAL D 206 27.36 -39.48 8.28
N ILE D 207 26.04 -39.47 8.07
CA ILE D 207 25.15 -40.31 8.87
C ILE D 207 25.54 -41.79 8.74
N GLU D 208 25.81 -42.22 7.50
CA GLU D 208 26.16 -43.61 7.24
C GLU D 208 27.47 -43.97 7.92
N ALA D 209 28.44 -43.08 7.86
CA ALA D 209 29.72 -43.30 8.51
C ALA D 209 29.56 -43.38 10.01
N LYS D 210 28.65 -42.59 10.57
CA LYS D 210 28.50 -42.54 12.02
C LYS D 210 27.75 -43.74 12.56
N GLU D 211 26.75 -44.24 11.81
CA GLU D 211 26.06 -45.47 12.18
C GLU D 211 27.02 -46.65 12.23
N LEU D 212 28.05 -46.60 11.42
CA LEU D 212 29.05 -47.66 11.33
C LEU D 212 30.04 -47.58 12.48
N ILE D 213 30.34 -46.37 12.98
CA ILE D 213 31.36 -46.17 14.01
C ILE D 213 30.80 -46.45 15.40
N LYS D 214 29.49 -46.25 15.56
CA LYS D 214 28.72 -46.56 16.76
C LYS D 214 29.38 -45.98 18.01
N GLY D 215 29.61 -44.67 17.98
CA GLY D 215 30.09 -43.95 19.16
C GLY D 215 31.52 -44.19 19.56
N ARG D 216 32.27 -44.99 18.80
CA ARG D 216 33.60 -45.43 19.20
C ARG D 216 34.68 -44.41 18.91
N ALA D 217 34.38 -43.40 18.14
CA ALA D 217 35.32 -42.32 17.90
C ALA D 217 34.59 -41.21 17.17
N PRO D 218 34.91 -39.95 17.45
CA PRO D 218 34.25 -38.83 16.78
C PRO D 218 34.78 -38.63 15.35
N LEU D 219 33.92 -38.02 14.53
CA LEU D 219 34.09 -37.97 13.09
C LEU D 219 34.49 -36.57 12.65
N LEU D 220 35.53 -36.51 11.82
CA LEU D 220 35.90 -35.28 11.13
C LEU D 220 35.61 -35.47 9.65
N VAL D 221 35.08 -34.42 9.04
CA VAL D 221 34.68 -34.43 7.64
C VAL D 221 35.63 -33.52 6.88
N LYS D 222 36.24 -34.08 5.82
CA LYS D 222 37.08 -33.34 4.89
C LYS D 222 36.16 -32.69 3.87
N LEU D 223 36.29 -31.37 3.69
CA LEU D 223 35.46 -30.63 2.75
C LEU D 223 36.30 -30.41 1.49
N GLU D 224 35.97 -31.18 0.46
CA GLU D 224 36.70 -31.20 -0.78
C GLU D 224 35.82 -30.98 -2.01
N LYS D 225 34.52 -31.17 -1.93
CA LYS D 225 33.72 -31.24 -3.14
C LYS D 225 32.63 -30.17 -3.15
N PRO D 226 32.37 -29.56 -4.32
CA PRO D 226 31.28 -28.56 -4.41
C PRO D 226 29.96 -29.00 -3.81
N ALA D 227 29.56 -30.26 -3.98
CA ALA D 227 28.35 -30.76 -3.32
C ALA D 227 28.40 -30.49 -1.82
N ALA D 228 29.56 -30.70 -1.20
CA ALA D 228 29.70 -30.54 0.24
C ALA D 228 29.65 -29.08 0.65
N ILE D 229 30.12 -28.20 -0.22
CA ILE D 229 29.99 -26.78 0.02
C ILE D 229 28.54 -26.36 -0.12
N GLU D 230 27.85 -26.90 -1.13
CA GLU D 230 26.44 -26.60 -1.32
C GLU D 230 25.61 -27.18 -0.17
N ASN D 231 26.02 -28.31 0.38
CA ASN D 231 25.31 -28.92 1.51
C ASN D 231 25.98 -28.62 2.85
N LEU D 232 26.76 -27.55 2.94
CA LEU D 232 27.63 -27.32 4.07
C LEU D 232 26.87 -27.34 5.40
N GLU D 233 25.73 -26.66 5.47
CA GLU D 233 25.08 -26.53 6.76
C GLU D 233 24.61 -27.88 7.22
N SER D 234 23.98 -28.61 6.32
CA SER D 234 23.58 -29.98 6.59
C SER D 234 24.73 -30.79 7.17
N ILE D 235 25.91 -30.66 6.58
CA ILE D 235 27.03 -31.54 6.91
C ILE D 235 27.70 -31.10 8.20
N LEU D 236 27.91 -29.81 8.35
CA LEU D 236 28.49 -29.25 9.58
C LEU D 236 27.68 -29.61 10.81
N ALA D 237 26.35 -29.66 10.68
CA ALA D 237 25.56 -30.05 11.84
C ALA D 237 25.81 -31.49 12.24
N ALA D 238 26.07 -32.37 11.28
CA ALA D 238 26.14 -33.81 11.55
C ALA D 238 27.51 -34.30 12.00
N THR D 239 28.56 -33.54 11.73
CA THR D 239 29.92 -33.92 12.07
C THR D 239 30.35 -33.44 13.46
N ASP D 240 31.47 -33.98 13.93
CA ASP D 240 32.10 -33.48 15.15
C ASP D 240 33.24 -32.50 14.88
N ALA D 241 34.00 -32.68 13.78
CA ALA D 241 35.02 -31.72 13.40
C ALA D 241 35.07 -31.61 11.88
N VAL D 242 35.90 -30.68 11.40
CA VAL D 242 35.92 -30.25 10.01
C VAL D 242 37.36 -30.09 9.53
N MET D 243 37.64 -30.45 8.28
CA MET D 243 38.92 -30.08 7.68
C MET D 243 38.67 -29.34 6.37
N VAL D 244 39.19 -28.12 6.26
CA VAL D 244 39.15 -27.41 4.98
C VAL D 244 40.28 -28.02 4.16
N ALA D 245 39.93 -29.00 3.34
CA ALA D 245 40.92 -29.78 2.63
C ALA D 245 41.15 -29.16 1.26
N ARG D 246 41.97 -28.12 1.26
CA ARG D 246 41.97 -27.18 0.15
C ARG D 246 42.56 -27.78 -1.12
N GLY D 247 43.39 -28.82 -1.02
CA GLY D 247 44.00 -29.36 -2.22
C GLY D 247 42.99 -29.81 -3.26
N ASP D 248 41.99 -30.59 -2.86
CA ASP D 248 41.02 -31.02 -3.85
C ASP D 248 39.95 -29.97 -4.04
N LEU D 249 39.73 -29.16 -3.01
CA LEU D 249 38.77 -28.09 -3.11
C LEU D 249 39.17 -27.13 -4.24
N GLY D 250 40.46 -26.80 -4.31
CA GLY D 250 40.99 -25.96 -5.36
C GLY D 250 41.13 -26.60 -6.72
N VAL D 251 40.84 -27.89 -6.86
CA VAL D 251 40.82 -28.57 -8.15
C VAL D 251 39.41 -28.65 -8.69
N GLU D 252 38.47 -29.07 -7.85
CA GLU D 252 37.08 -29.26 -8.27
C GLU D 252 36.29 -27.96 -8.24
N CYS D 253 36.76 -26.98 -7.48
CA CYS D 253 36.29 -25.61 -7.52
C CYS D 253 37.39 -24.74 -8.09
N LEU D 254 37.01 -23.58 -8.55
CA LEU D 254 37.98 -22.57 -8.90
C LEU D 254 38.94 -22.37 -7.74
N PRO D 255 40.23 -22.52 -7.96
CA PRO D 255 41.18 -22.22 -6.88
C PRO D 255 40.98 -20.85 -6.29
N GLU D 256 40.65 -19.83 -7.08
CA GLU D 256 40.43 -18.51 -6.50
C GLU D 256 39.17 -18.43 -5.65
N SER D 257 38.35 -19.49 -5.65
CA SER D 257 37.15 -19.58 -4.80
C SER D 257 37.38 -20.19 -3.42
N VAL D 258 38.59 -20.67 -3.12
CA VAL D 258 38.84 -21.35 -1.85
C VAL D 258 38.88 -20.35 -0.68
N PRO D 259 39.53 -19.19 -0.77
CA PRO D 259 39.68 -18.32 0.43
C PRO D 259 38.33 -17.92 1.01
N PRO D 260 37.37 -17.45 0.19
CA PRO D 260 36.10 -17.01 0.78
C PRO D 260 35.38 -18.18 1.40
N THR D 261 35.49 -19.34 0.76
CA THR D 261 34.90 -20.58 1.24
C THR D 261 35.55 -21.04 2.54
N GLN D 262 36.88 -21.01 2.60
CA GLN D 262 37.57 -21.14 3.88
C GLN D 262 37.00 -20.17 4.93
N LYS D 263 36.88 -18.87 4.61
CA LYS D 263 36.38 -17.92 5.62
C LYS D 263 35.01 -18.36 6.16
N ARG D 264 34.18 -18.90 5.27
CA ARG D 264 32.86 -19.36 5.64
C ARG D 264 32.90 -20.67 6.41
N ILE D 265 33.80 -21.58 6.08
CA ILE D 265 33.85 -22.86 6.80
C ILE D 265 34.34 -22.63 8.22
N VAL D 266 35.41 -21.85 8.37
CA VAL D 266 35.98 -21.62 9.69
C VAL D 266 34.95 -20.93 10.58
N GLU D 267 34.27 -19.89 10.06
CA GLU D 267 33.36 -19.10 10.88
C GLU D 267 32.11 -19.90 11.25
N ARG D 268 31.55 -20.66 10.30
CA ARG D 268 30.43 -21.55 10.64
C ARG D 268 30.87 -22.68 11.59
N SER D 269 32.07 -23.23 11.41
CA SER D 269 32.53 -24.27 12.33
C SER D 269 32.72 -23.68 13.73
N ARG D 270 33.37 -22.54 13.81
CA ARG D 270 33.46 -21.89 15.10
C ARG D 270 32.07 -21.62 15.69
N GLN D 271 31.12 -21.17 14.88
CA GLN D 271 29.81 -20.83 15.46
C GLN D 271 29.05 -22.06 15.92
N LEU D 272 29.28 -23.22 15.29
CA LEU D 272 28.68 -24.46 15.72
C LEU D 272 29.47 -25.21 16.80
N GLY D 273 30.66 -24.74 17.16
CA GLY D 273 31.50 -25.41 18.13
C GLY D 273 32.11 -26.72 17.66
N LYS D 274 32.43 -26.84 16.37
CA LYS D 274 33.10 -28.00 15.81
C LYS D 274 34.55 -27.65 15.49
N PRO D 275 35.53 -28.41 15.96
CA PRO D 275 36.92 -28.04 15.68
C PRO D 275 37.16 -28.04 14.19
N VAL D 276 37.87 -27.02 13.70
CA VAL D 276 38.12 -26.86 12.28
C VAL D 276 39.62 -26.77 12.02
N VAL D 277 40.09 -27.53 11.02
CA VAL D 277 41.51 -27.63 10.65
C VAL D 277 41.67 -27.12 9.24
N VAL D 278 42.71 -26.33 9.00
CA VAL D 278 42.98 -25.80 7.67
C VAL D 278 44.16 -26.55 7.07
N ALA D 279 43.98 -27.10 5.85
CA ALA D 279 44.97 -28.00 5.30
C ALA D 279 45.39 -27.62 3.89
N THR D 280 46.59 -28.13 3.57
CA THR D 280 47.20 -28.31 2.26
C THR D 280 48.11 -27.15 1.89
N ALA D 281 49.37 -27.48 1.66
CA ALA D 281 50.36 -26.56 1.08
C ALA D 281 50.64 -25.34 1.94
N MET D 282 50.43 -25.42 3.25
CA MET D 282 50.67 -24.23 4.07
C MET D 282 52.15 -23.87 4.06
N LEU D 283 53.04 -24.86 4.05
CA LEU D 283 54.46 -24.60 3.92
C LEU D 283 55.05 -25.41 2.76
N GLU D 284 54.33 -25.42 1.62
CA GLU D 284 54.66 -26.33 0.54
C GLU D 284 56.14 -26.23 0.15
N SER D 285 56.66 -25.01 -0.03
CA SER D 285 58.03 -24.90 -0.50
C SER D 285 59.02 -25.53 0.45
N MET D 286 58.62 -25.81 1.69
CA MET D 286 59.57 -26.43 2.60
C MET D 286 59.70 -27.93 2.37
N ILE D 287 58.91 -28.50 1.48
CA ILE D 287 59.16 -29.87 1.04
C ILE D 287 60.58 -30.00 0.53
N LYS D 288 61.07 -28.96 -0.16
CA LYS D 288 62.39 -28.92 -0.79
C LYS D 288 63.34 -27.92 -0.14
N ALA D 289 62.84 -26.82 0.39
CA ALA D 289 63.68 -25.79 0.97
C ALA D 289 63.54 -25.83 2.47
N PRO D 290 64.56 -25.39 3.21
CA PRO D 290 64.50 -25.45 4.68
C PRO D 290 63.84 -24.25 5.35
N ALA D 291 63.40 -23.25 4.60
CA ALA D 291 62.63 -22.12 5.10
C ALA D 291 61.43 -21.87 4.18
N PRO D 292 60.34 -21.31 4.71
CA PRO D 292 59.13 -21.12 3.89
C PRO D 292 59.19 -19.83 3.08
N THR D 293 58.24 -19.72 2.14
CA THR D 293 58.09 -18.45 1.43
C THR D 293 57.28 -17.46 2.26
N ARG D 294 57.25 -16.20 1.81
CA ARG D 294 56.42 -15.19 2.45
C ARG D 294 54.94 -15.51 2.33
N ALA D 295 54.50 -15.96 1.16
CA ALA D 295 53.10 -16.33 1.01
C ALA D 295 52.72 -17.41 2.00
N GLU D 296 53.65 -18.29 2.33
CA GLU D 296 53.27 -19.42 3.17
C GLU D 296 53.13 -18.98 4.61
N VAL D 297 54.01 -18.14 5.10
CA VAL D 297 53.86 -17.67 6.47
C VAL D 297 52.61 -16.83 6.59
N SER D 298 52.30 -16.03 5.57
CA SER D 298 51.04 -15.31 5.53
C SER D 298 49.86 -16.26 5.64
N ASP D 299 49.89 -17.36 4.91
CA ASP D 299 48.77 -18.29 4.90
C ASP D 299 48.55 -18.86 6.30
N VAL D 300 49.63 -19.31 6.95
CA VAL D 300 49.50 -19.88 8.29
C VAL D 300 49.04 -18.81 9.28
N ALA D 301 49.62 -17.62 9.21
CA ALA D 301 49.18 -16.55 10.10
C ALA D 301 47.68 -16.28 9.94
N ASN D 302 47.15 -16.30 8.70
CA ASN D 302 45.78 -15.91 8.49
C ASN D 302 44.79 -16.99 8.87
N ALA D 303 45.22 -18.25 8.92
CA ALA D 303 44.32 -19.25 9.47
C ALA D 303 44.24 -19.09 10.97
N ILE D 304 45.35 -18.70 11.58
CA ILE D 304 45.36 -18.37 13.01
C ILE D 304 44.45 -17.19 13.29
N TYR D 305 44.52 -16.12 12.47
CA TYR D 305 43.70 -14.94 12.72
C TYR D 305 42.22 -15.21 12.53
N GLU D 306 41.86 -16.14 11.64
CA GLU D 306 40.48 -16.59 11.51
C GLU D 306 40.01 -17.36 12.74
N GLY D 307 40.93 -17.76 13.60
CA GLY D 307 40.54 -18.46 14.79
C GLY D 307 40.40 -19.95 14.64
N ALA D 308 40.96 -20.55 13.60
CA ALA D 308 40.80 -21.98 13.38
C ALA D 308 41.43 -22.79 14.52
N ASP D 309 40.87 -23.97 14.77
CA ASP D 309 41.47 -24.81 15.81
C ASP D 309 42.80 -25.37 15.38
N GLY D 310 42.99 -25.63 14.09
CA GLY D 310 44.12 -26.41 13.63
C GLY D 310 44.67 -25.97 12.29
N ILE D 311 45.96 -26.24 12.15
CA ILE D 311 46.73 -25.98 10.95
C ILE D 311 47.57 -27.21 10.71
N MET D 312 47.71 -27.58 9.44
CA MET D 312 48.15 -28.91 9.07
C MET D 312 49.29 -28.86 8.05
N LEU D 313 50.11 -29.90 8.12
CA LEU D 313 51.13 -30.22 7.12
C LEU D 313 50.84 -31.61 6.56
N SER D 314 51.03 -31.77 5.26
CA SER D 314 50.95 -33.08 4.68
C SER D 314 52.37 -33.45 4.28
N ALA D 315 52.75 -33.36 3.01
CA ALA D 315 54.06 -33.85 2.62
C ALA D 315 55.19 -33.12 3.33
N GLU D 316 54.97 -31.90 3.81
CA GLU D 316 56.08 -31.17 4.42
C GLU D 316 56.59 -31.88 5.67
N SER D 317 55.76 -32.67 6.35
CA SER D 317 56.18 -33.48 7.47
C SER D 317 56.27 -34.95 7.13
N ALA D 318 55.42 -35.43 6.23
CA ALA D 318 55.35 -36.85 5.91
C ALA D 318 56.43 -37.31 4.92
N ALA D 319 56.80 -36.46 3.96
CA ALA D 319 57.61 -36.92 2.84
C ALA D 319 58.78 -36.02 2.46
N GLY D 320 58.80 -34.75 2.82
CA GLY D 320 59.78 -33.82 2.28
C GLY D 320 61.11 -33.94 2.98
N ASP D 321 61.99 -32.98 2.64
CA ASP D 321 63.39 -32.96 3.07
C ASP D 321 63.64 -32.22 4.37
N TRP D 322 62.69 -31.43 4.89
CA TRP D 322 62.88 -30.65 6.13
C TRP D 322 61.71 -30.76 7.10
N PRO D 323 61.34 -31.97 7.48
CA PRO D 323 60.11 -32.10 8.30
C PRO D 323 60.25 -31.52 9.69
N HIS D 324 61.42 -31.59 10.32
CA HIS D 324 61.57 -30.94 11.62
C HIS D 324 61.37 -29.44 11.48
N GLU D 325 62.01 -28.86 10.48
CA GLU D 325 61.94 -27.44 10.28
C GLU D 325 60.53 -26.99 9.95
N ALA D 326 59.78 -27.82 9.26
CA ALA D 326 58.43 -27.44 8.87
C ALA D 326 57.53 -27.46 10.07
N VAL D 327 57.55 -28.58 10.81
CA VAL D 327 56.78 -28.64 12.04
C VAL D 327 57.10 -27.46 12.94
N ASN D 328 58.39 -27.18 13.13
CA ASN D 328 58.78 -26.10 14.02
C ASN D 328 58.30 -24.76 13.51
N MET D 329 58.31 -24.55 12.19
CA MET D 329 57.90 -23.26 11.64
C MET D 329 56.42 -23.02 11.95
N MET D 330 55.57 -24.04 11.76
CA MET D 330 54.20 -23.92 12.20
C MET D 330 54.15 -23.42 13.64
N HIS D 331 55.00 -23.99 14.51
CA HIS D 331 54.96 -23.63 15.91
C HIS D 331 55.43 -22.21 16.11
N ARG D 332 56.48 -21.82 15.41
CA ARG D 332 57.03 -20.48 15.54
C ARG D 332 56.05 -19.41 15.08
N ILE D 333 55.29 -19.69 14.02
CA ILE D 333 54.34 -18.71 13.51
C ILE D 333 53.18 -18.57 14.47
N ALA D 334 52.60 -19.70 14.88
CA ALA D 334 51.57 -19.68 15.88
C ALA D 334 52.03 -18.92 17.10
N SER D 335 53.25 -19.18 17.54
CA SER D 335 53.70 -18.59 18.79
C SER D 335 53.88 -17.08 18.65
N TYR D 336 54.37 -16.59 17.51
CA TYR D 336 54.58 -15.15 17.35
C TYR D 336 53.27 -14.39 17.04
N VAL D 337 52.42 -14.95 16.20
CA VAL D 337 51.20 -14.27 15.79
C VAL D 337 50.23 -14.15 16.95
N GLU D 338 49.97 -15.26 17.65
CA GLU D 338 48.99 -15.21 18.75
C GLU D 338 49.40 -14.26 19.88
N ASN D 339 50.69 -13.92 19.99
CA ASN D 339 51.19 -13.04 21.06
C ASN D 339 51.58 -11.67 20.56
N ALA D 340 51.43 -11.39 19.30
CA ALA D 340 51.64 -10.07 18.72
C ALA D 340 50.34 -9.28 18.72
N PRO D 341 50.43 -7.98 18.53
CA PRO D 341 49.21 -7.16 18.45
C PRO D 341 48.35 -7.54 17.27
N GLY D 342 47.04 -7.32 17.42
CA GLY D 342 46.09 -7.53 16.34
C GLY D 342 45.45 -8.88 16.32
N TYR D 343 45.85 -9.76 17.22
CA TYR D 343 45.41 -11.15 17.14
C TYR D 343 44.00 -11.35 17.66
N ILE D 344 43.74 -10.99 18.92
CA ILE D 344 42.44 -11.25 19.54
C ILE D 344 41.32 -10.55 18.79
N GLU D 345 41.54 -9.30 18.36
CA GLU D 345 40.51 -8.55 17.65
C GLU D 345 40.09 -9.25 16.35
N ARG D 346 41.03 -9.90 15.68
CA ARG D 346 40.68 -10.58 14.45
C ARG D 346 39.90 -11.87 14.74
N VAL D 347 40.29 -12.60 15.79
CA VAL D 347 39.51 -13.74 16.25
C VAL D 347 38.10 -13.32 16.60
N ARG D 348 37.98 -12.21 17.35
CA ARG D 348 36.68 -11.76 17.86
C ARG D 348 35.75 -11.29 16.75
N PHE D 349 36.30 -11.06 15.55
CA PHE D 349 35.51 -10.61 14.40
C PHE D 349 34.38 -11.56 14.08
N THR D 350 34.59 -12.83 14.33
CA THR D 350 33.57 -13.84 14.15
C THR D 350 32.70 -13.94 15.41
N PRO D 351 31.39 -13.70 15.35
CA PRO D 351 30.57 -13.76 16.57
C PRO D 351 30.17 -15.17 16.90
N THR D 352 30.22 -15.49 18.18
CA THR D 352 29.95 -16.84 18.66
C THR D 352 29.05 -16.73 19.87
N PRO D 353 27.81 -16.29 19.66
CA PRO D 353 26.90 -16.07 20.78
C PRO D 353 26.48 -17.38 21.44
N ALA D 354 26.03 -17.25 22.67
CA ALA D 354 25.70 -18.40 23.49
C ALA D 354 24.34 -18.98 23.08
N GLU D 355 24.26 -20.26 23.01
CA GLU D 355 22.99 -20.89 22.88
C GLU D 355 22.27 -20.70 24.20
N PRO D 356 20.98 -20.96 24.22
CA PRO D 356 20.19 -20.80 25.45
C PRO D 356 20.32 -22.00 26.37
N THR D 357 21.53 -22.26 26.82
CA THR D 357 21.84 -23.39 27.68
C THR D 357 22.70 -22.91 28.83
N THR D 358 22.65 -23.65 29.95
CA THR D 358 23.49 -23.33 31.10
C THR D 358 24.97 -23.38 30.71
N VAL D 359 25.36 -24.37 29.92
CA VAL D 359 26.78 -24.54 29.62
C VAL D 359 27.30 -23.45 28.70
N ASP D 360 26.49 -22.99 27.72
CA ASP D 360 26.95 -21.84 26.94
C ASP D 360 26.97 -20.55 27.77
N ALA D 361 25.97 -20.35 28.63
CA ALA D 361 25.97 -19.19 29.51
C ALA D 361 27.22 -19.15 30.36
N LEU D 362 27.56 -20.27 31.01
CA LEU D 362 28.70 -20.27 31.90
C LEU D 362 30.03 -20.22 31.13
N ALA D 363 30.09 -20.73 29.90
CA ALA D 363 31.34 -20.58 29.15
C ALA D 363 31.59 -19.11 28.82
N GLU D 364 30.52 -18.43 28.40
CA GLU D 364 30.55 -16.99 28.20
C GLU D 364 30.78 -16.24 29.54
N ASN D 365 30.07 -16.62 30.60
CA ASN D 365 30.28 -16.03 31.94
C ASN D 365 31.74 -16.16 32.37
N ALA D 366 32.28 -17.39 32.34
CA ALA D 366 33.64 -17.60 32.80
C ALA D 366 34.66 -16.79 31.99
N SER D 367 34.46 -16.68 30.68
CA SER D 367 35.45 -15.95 29.90
C SER D 367 35.50 -14.48 30.28
N LYS D 368 34.34 -13.82 30.34
CA LYS D 368 34.28 -12.43 30.80
C LYS D 368 34.78 -12.27 32.22
N THR D 369 34.40 -13.19 33.10
CA THR D 369 34.85 -13.13 34.49
C THR D 369 36.36 -13.21 34.57
N ALA D 370 36.97 -14.01 33.69
CA ALA D 370 38.42 -14.13 33.74
C ALA D 370 39.10 -12.82 33.35
N GLU D 371 38.57 -12.12 32.35
CA GLU D 371 39.14 -10.83 31.98
C GLU D 371 38.98 -9.83 33.13
N THR D 372 37.81 -9.79 33.74
CA THR D 372 37.55 -8.73 34.71
C THR D 372 38.41 -8.87 35.94
N VAL D 373 38.64 -10.08 36.45
CA VAL D 373 39.46 -10.29 37.64
C VAL D 373 40.93 -10.59 37.30
N GLY D 374 41.28 -10.64 36.03
CA GLY D 374 42.64 -11.04 35.70
C GLY D 374 43.02 -12.47 36.06
N ALA D 375 42.13 -13.43 35.82
CA ALA D 375 42.48 -14.79 36.17
C ALA D 375 43.62 -15.28 35.28
N LYS D 376 44.51 -16.05 35.87
CA LYS D 376 45.62 -16.64 35.15
C LYS D 376 45.23 -17.91 34.40
N ALA D 377 44.10 -18.54 34.75
CA ALA D 377 43.67 -19.68 33.96
C ALA D 377 42.17 -19.87 34.15
N ILE D 378 41.57 -20.55 33.18
CA ILE D 378 40.20 -21.04 33.26
C ILE D 378 40.27 -22.57 33.29
N ILE D 379 39.88 -23.16 34.41
CA ILE D 379 40.02 -24.59 34.67
C ILE D 379 38.65 -25.22 34.57
N VAL D 380 38.49 -26.09 33.57
CA VAL D 380 37.21 -26.64 33.17
C VAL D 380 37.19 -28.14 33.50
N PHE D 381 36.29 -28.52 34.43
CA PHE D 381 36.05 -29.94 34.72
C PHE D 381 35.06 -30.49 33.71
N THR D 382 35.42 -31.60 33.08
CA THR D 382 34.57 -32.16 32.04
C THR D 382 34.76 -33.66 32.00
N GLU D 383 33.65 -34.42 31.85
CA GLU D 383 33.70 -35.89 31.78
C GLU D 383 33.86 -36.44 30.36
N THR D 384 33.19 -35.84 29.37
CA THR D 384 33.30 -36.26 27.98
C THR D 384 33.96 -35.22 27.07
N GLY D 385 34.16 -33.98 27.54
CA GLY D 385 34.86 -32.95 26.79
C GLY D 385 33.96 -31.85 26.31
N LYS D 386 32.65 -31.99 26.53
CA LYS D 386 31.65 -31.05 26.04
C LYS D 386 31.88 -29.64 26.57
N THR D 387 32.07 -29.51 27.89
CA THR D 387 32.20 -28.18 28.47
C THR D 387 33.50 -27.55 28.01
N ALA D 388 34.55 -28.35 27.84
CA ALA D 388 35.82 -27.81 27.38
C ALA D 388 35.63 -27.25 26.00
N GLN D 389 34.89 -27.95 25.16
CA GLN D 389 34.70 -27.47 23.81
C GLN D 389 33.95 -26.15 23.83
N ARG D 390 32.96 -26.04 24.71
CA ARG D 390 32.15 -24.83 24.76
C ARG D 390 32.93 -23.65 25.30
N VAL D 391 33.82 -23.87 26.27
CA VAL D 391 34.70 -22.81 26.71
C VAL D 391 35.67 -22.46 25.59
N SER D 392 36.26 -23.48 24.97
CA SER D 392 37.15 -23.28 23.84
C SER D 392 36.49 -22.42 22.78
N ARG D 393 35.22 -22.70 22.46
CA ARG D 393 34.51 -21.94 21.43
C ARG D 393 34.52 -20.46 21.72
N ALA D 394 34.48 -20.05 23.00
CA ALA D 394 34.47 -18.62 23.29
C ALA D 394 35.82 -17.96 23.07
N ARG D 395 36.85 -18.72 22.74
CA ARG D 395 38.20 -18.18 22.49
C ARG D 395 38.60 -17.22 23.61
N PRO D 396 38.62 -17.68 24.86
CA PRO D 396 39.06 -16.82 25.94
C PRO D 396 40.51 -16.41 25.79
N VAL D 397 40.82 -15.26 26.36
CA VAL D 397 42.19 -14.77 26.49
C VAL D 397 42.98 -15.62 27.45
N ALA D 398 42.46 -15.79 28.66
CA ALA D 398 43.08 -16.63 29.67
C ALA D 398 43.27 -18.07 29.19
N PRO D 399 44.40 -18.70 29.48
CA PRO D 399 44.57 -20.10 29.10
C PRO D 399 43.54 -20.99 29.76
N ILE D 400 43.11 -22.02 29.01
CA ILE D 400 42.20 -23.07 29.47
C ILE D 400 43.01 -24.29 29.92
N LEU D 401 42.54 -24.94 30.98
CA LEU D 401 43.02 -26.25 31.43
C LEU D 401 41.80 -27.16 31.49
N SER D 402 41.77 -28.19 30.65
CA SER D 402 40.62 -29.07 30.63
C SER D 402 40.93 -30.32 31.43
N LEU D 403 40.23 -30.51 32.53
CA LEU D 403 40.48 -31.59 33.48
C LEU D 403 39.43 -32.68 33.36
N THR D 404 39.86 -33.86 32.92
CA THR D 404 38.95 -34.97 32.71
C THR D 404 39.53 -36.23 33.36
N PRO D 405 38.68 -37.09 33.92
CA PRO D 405 39.20 -38.35 34.43
C PRO D 405 39.41 -39.39 33.35
N ASP D 406 38.84 -39.19 32.18
CA ASP D 406 38.78 -40.21 31.13
C ASP D 406 39.98 -40.03 30.21
N ALA D 407 40.83 -41.05 30.14
CA ALA D 407 42.05 -40.95 29.34
C ALA D 407 41.76 -40.77 27.85
N GLU D 408 40.68 -41.37 27.34
CA GLU D 408 40.28 -41.12 25.94
C GLU D 408 39.86 -39.67 25.70
N VAL D 409 39.13 -39.05 26.63
CA VAL D 409 38.75 -37.65 26.44
C VAL D 409 40.03 -36.79 26.34
N ALA D 410 40.98 -37.03 27.23
CA ALA D 410 42.19 -36.22 27.23
C ALA D 410 42.94 -36.31 25.91
N ARG D 411 42.89 -37.46 25.25
CA ARG D 411 43.46 -37.58 23.91
C ARG D 411 42.65 -36.79 22.88
N ARG D 412 41.33 -37.03 22.84
CA ARG D 412 40.46 -36.39 21.87
C ARG D 412 40.55 -34.87 21.91
N LEU D 413 40.50 -34.29 23.10
CA LEU D 413 40.59 -32.83 23.25
C LEU D 413 41.87 -32.25 22.65
N GLY D 414 42.86 -33.06 22.34
CA GLY D 414 44.07 -32.55 21.72
C GLY D 414 43.88 -31.95 20.34
N LEU D 415 42.70 -32.07 19.74
CA LEU D 415 42.33 -31.36 18.50
C LEU D 415 41.60 -30.03 18.73
N VAL D 416 41.12 -29.75 19.95
CA VAL D 416 40.28 -28.59 20.23
C VAL D 416 41.15 -27.39 20.56
N TRP D 417 40.88 -26.26 19.92
CA TRP D 417 41.63 -25.03 20.18
C TRP D 417 41.81 -24.75 21.67
N GLY D 418 43.05 -24.53 22.07
CA GLY D 418 43.40 -24.09 23.40
C GLY D 418 43.01 -24.98 24.55
N ALA D 419 42.64 -26.22 24.29
CA ALA D 419 41.96 -27.00 25.31
C ALA D 419 42.87 -27.41 26.46
N GLN D 420 44.16 -27.67 26.19
CA GLN D 420 45.16 -28.11 27.16
C GLN D 420 44.58 -29.17 28.10
N PRO D 421 44.28 -30.33 27.58
CA PRO D 421 43.75 -31.40 28.43
C PRO D 421 44.75 -31.88 29.44
N VAL D 422 44.22 -32.31 30.59
CA VAL D 422 45.02 -32.92 31.64
C VAL D 422 44.18 -34.00 32.32
N GLN D 423 44.67 -35.24 32.31
CA GLN D 423 43.91 -36.32 32.92
C GLN D 423 44.13 -36.27 34.41
N VAL D 424 43.02 -36.28 35.15
CA VAL D 424 43.02 -36.11 36.59
C VAL D 424 42.20 -37.22 37.22
N SER D 425 42.34 -37.30 38.53
CA SER D 425 41.50 -38.14 39.36
C SER D 425 40.10 -37.53 39.45
N THR D 426 39.11 -38.41 39.61
CA THR D 426 37.74 -37.98 39.84
C THR D 426 37.66 -37.26 41.18
N VAL D 427 36.83 -36.23 41.23
CA VAL D 427 36.65 -35.48 42.47
C VAL D 427 35.17 -35.57 42.79
N LYS D 428 34.87 -35.55 44.08
CA LYS D 428 33.52 -35.75 44.55
C LYS D 428 32.94 -34.51 45.22
N THR D 429 33.72 -33.44 45.31
CA THR D 429 33.40 -32.32 46.17
C THR D 429 33.98 -31.01 45.64
N LEU D 430 33.16 -29.96 45.61
CA LEU D 430 33.63 -28.63 45.24
C LEU D 430 34.99 -28.30 45.84
N ASP D 431 35.21 -28.62 47.12
CA ASP D 431 36.51 -28.32 47.73
C ASP D 431 37.61 -29.17 47.09
N GLU D 432 37.38 -30.47 46.92
CA GLU D 432 38.34 -31.28 46.18
C GLU D 432 38.65 -30.63 44.83
N ALA D 433 37.59 -30.22 44.10
CA ALA D 433 37.77 -29.66 42.77
C ALA D 433 38.56 -28.36 42.81
N LYS D 434 38.25 -27.47 43.75
CA LYS D 434 38.99 -26.22 43.85
C LYS D 434 40.45 -26.50 44.15
N LYS D 435 40.71 -27.48 45.00
CA LYS D 435 42.09 -27.81 45.36
C LYS D 435 42.85 -28.38 44.16
N LEU D 436 42.26 -29.35 43.47
CA LEU D 436 42.89 -29.95 42.31
C LEU D 436 43.12 -28.92 41.22
N ALA D 437 42.27 -27.91 41.14
CA ALA D 437 42.46 -26.85 40.15
C ALA D 437 43.60 -25.93 40.53
N ALA D 438 43.69 -25.50 41.79
CA ALA D 438 44.85 -24.71 42.16
C ALA D 438 46.14 -25.51 41.96
N GLU D 439 46.13 -26.80 42.33
CA GLU D 439 47.33 -27.63 42.17
C GLU D 439 47.78 -27.67 40.72
N THR D 440 46.86 -27.90 39.80
CA THR D 440 47.27 -28.10 38.43
C THR D 440 47.77 -26.80 37.84
N ALA D 441 47.12 -25.68 38.16
CA ALA D 441 47.57 -24.43 37.58
C ALA D 441 48.98 -24.09 38.03
N LYS D 442 49.27 -24.28 39.34
CA LYS D 442 50.62 -24.03 39.85
C LYS D 442 51.63 -25.05 39.33
N LYS D 443 51.19 -26.29 39.17
CA LYS D 443 52.08 -27.37 38.76
C LYS D 443 52.69 -27.11 37.38
N TYR D 444 51.87 -26.69 36.41
CA TYR D 444 52.34 -26.47 35.06
C TYR D 444 52.72 -25.02 34.83
N GLY D 445 52.80 -24.22 35.88
CA GLY D 445 53.35 -22.88 35.78
C GLY D 445 52.42 -21.80 35.27
N PHE D 446 51.12 -22.08 35.19
CA PHE D 446 50.16 -21.05 34.85
C PHE D 446 49.94 -20.07 36.00
N ALA D 447 50.23 -20.47 37.24
CA ALA D 447 49.83 -19.64 38.37
C ALA D 447 50.81 -19.77 39.53
N LYS D 448 51.14 -18.62 40.12
CA LYS D 448 51.73 -18.62 41.45
C LYS D 448 50.62 -18.52 42.49
N ALA D 449 50.98 -18.79 43.74
CA ALA D 449 49.98 -18.77 44.80
C ALA D 449 49.39 -17.38 44.94
N GLY D 450 48.10 -17.32 45.23
CA GLY D 450 47.40 -16.07 45.30
C GLY D 450 46.82 -15.55 43.99
N ASP D 451 47.30 -16.06 42.86
CA ASP D 451 46.68 -15.66 41.60
C ASP D 451 45.24 -16.15 41.54
N LYS D 452 44.42 -15.44 40.79
CA LYS D 452 43.02 -15.81 40.67
C LYS D 452 42.87 -16.84 39.57
N LEU D 453 42.06 -17.83 39.85
CA LEU D 453 41.63 -18.79 38.85
C LEU D 453 40.10 -18.75 38.74
N VAL D 454 39.61 -19.14 37.57
CA VAL D 454 38.20 -19.32 37.33
C VAL D 454 37.95 -20.80 37.13
N VAL D 455 36.92 -21.35 37.77
CA VAL D 455 36.66 -22.78 37.69
C VAL D 455 35.28 -22.97 37.16
N VAL D 456 35.18 -23.79 36.13
CA VAL D 456 33.92 -24.20 35.53
C VAL D 456 33.71 -25.67 35.92
N ALA D 457 32.56 -25.99 36.46
CA ALA D 457 32.35 -27.34 36.95
C ALA D 457 30.87 -27.67 37.01
N GLY D 458 30.60 -28.90 37.43
CA GLY D 458 29.27 -29.44 37.48
C GLY D 458 29.05 -30.22 38.76
N GLU D 459 27.98 -29.89 39.44
CA GLU D 459 27.44 -30.70 40.51
C GLU D 459 26.09 -31.25 40.07
N PRO D 460 25.84 -32.56 40.17
CA PRO D 460 26.67 -33.64 40.72
C PRO D 460 28.01 -33.87 40.02
N PHE D 461 29.09 -33.92 40.79
CA PHE D 461 30.40 -34.25 40.22
C PHE D 461 30.41 -35.68 39.65
N GLY D 462 31.29 -35.90 38.67
CA GLY D 462 31.50 -37.22 38.09
C GLY D 462 30.52 -37.64 37.02
N LYS D 463 29.60 -36.75 36.59
CA LYS D 463 28.51 -37.08 35.71
C LYS D 463 28.40 -36.06 34.58
N ALA D 464 28.47 -36.53 33.33
CA ALA D 464 28.50 -35.63 32.19
C ALA D 464 27.23 -34.78 32.13
N GLY D 465 27.32 -33.68 31.38
CA GLY D 465 26.16 -32.84 31.12
C GLY D 465 25.65 -32.06 32.31
N THR D 466 26.46 -31.81 33.34
CA THR D 466 25.98 -31.17 34.54
C THR D 466 26.55 -29.79 34.77
N THR D 467 27.28 -29.23 33.82
CA THR D 467 28.02 -28.01 34.08
C THR D 467 27.08 -26.92 34.58
N ASN D 468 27.36 -26.36 35.77
CA ASN D 468 26.54 -25.33 36.35
C ASN D 468 27.21 -24.41 37.36
N ILE D 469 28.54 -24.41 37.44
CA ILE D 469 29.23 -23.62 38.44
C ILE D 469 30.37 -22.84 37.81
N VAL D 470 30.38 -21.53 38.04
CA VAL D 470 31.59 -20.72 37.91
C VAL D 470 31.99 -20.32 39.31
N ASP D 471 33.27 -20.56 39.65
CA ASP D 471 33.80 -20.29 40.97
C ASP D 471 35.14 -19.56 40.85
N VAL D 472 35.27 -18.41 41.50
CA VAL D 472 36.51 -17.65 41.46
C VAL D 472 37.30 -17.99 42.71
N ILE D 473 38.57 -18.36 42.52
CA ILE D 473 39.42 -18.88 43.59
C ILE D 473 40.83 -18.35 43.48
N GLU D 474 41.56 -18.44 44.59
CA GLU D 474 42.98 -18.12 44.61
C GLU D 474 43.77 -19.42 44.49
N ALA D 475 44.85 -19.39 43.71
CA ALA D 475 45.79 -20.53 43.57
C ALA D 475 46.54 -20.90 44.85
N GLY E 4 -1.20 -8.86 48.08
CA GLY E 4 -0.21 -8.46 47.08
C GLY E 4 0.92 -7.55 47.62
N LEU E 5 1.35 -7.83 48.86
CA LEU E 5 2.31 -6.96 49.53
C LEU E 5 3.74 -7.31 49.16
N PHE E 6 4.07 -8.60 49.13
CA PHE E 6 5.38 -9.07 48.74
C PHE E 6 5.26 -10.37 47.97
N PRO E 7 5.75 -10.43 46.73
CA PRO E 7 6.41 -9.34 45.99
C PRO E 7 5.45 -8.23 45.57
N ARG E 8 6.02 -7.11 45.15
CA ARG E 8 5.22 -5.97 44.73
C ARG E 8 4.87 -5.97 43.25
N GLY E 9 5.58 -6.71 42.42
CA GLY E 9 5.31 -6.61 41.00
C GLY E 9 6.00 -5.45 40.32
N ARG E 10 6.87 -4.74 41.04
CA ARG E 10 7.74 -3.72 40.48
C ARG E 10 8.95 -3.61 41.41
N LYS E 11 10.03 -3.01 40.88
CA LYS E 11 11.29 -3.00 41.62
C LYS E 11 11.68 -1.62 42.13
N VAL E 12 11.19 -0.54 41.54
CA VAL E 12 11.43 0.76 42.15
C VAL E 12 10.86 0.77 43.57
N ARG E 13 11.48 1.57 44.43
CA ARG E 13 11.10 1.65 45.83
C ARG E 13 10.31 2.94 46.07
N VAL E 14 9.17 2.82 46.77
CA VAL E 14 8.34 3.97 47.10
C VAL E 14 8.73 4.43 48.51
N VAL E 15 9.16 5.67 48.62
CA VAL E 15 9.49 6.32 49.89
C VAL E 15 8.33 7.23 50.27
N SER E 16 7.79 7.07 51.48
CA SER E 16 6.59 7.79 51.89
C SER E 16 6.85 8.49 53.21
N THR E 17 6.64 9.80 53.22
CA THR E 17 6.86 10.60 54.41
C THR E 17 5.65 10.55 55.33
N LEU E 18 5.91 10.36 56.62
CA LEU E 18 4.87 10.30 57.62
C LEU E 18 4.68 11.66 58.30
N GLY E 19 3.48 11.87 58.82
CA GLY E 19 3.08 13.13 59.38
C GLY E 19 1.64 13.08 59.84
N PRO E 20 1.00 14.24 59.99
CA PRO E 20 -0.34 14.23 60.60
C PRO E 20 -1.33 13.35 59.88
N ALA E 21 -1.34 13.36 58.55
CA ALA E 21 -2.29 12.56 57.75
C ALA E 21 -1.95 11.07 57.71
N SER E 22 -0.71 10.70 58.10
CA SER E 22 -0.20 9.32 58.07
C SER E 22 0.69 9.11 59.31
N SER E 23 0.07 8.81 60.45
CA SER E 23 0.87 8.62 61.67
C SER E 23 0.37 7.54 62.61
N THR E 24 -0.90 7.15 62.58
CA THR E 24 -1.33 6.09 63.47
C THR E 24 -0.89 4.73 62.96
N ALA E 25 -0.89 3.75 63.85
CA ALA E 25 -0.59 2.37 63.44
C ALA E 25 -1.47 1.97 62.26
N GLU E 26 -2.77 2.25 62.33
CA GLU E 26 -3.65 1.85 61.23
C GLU E 26 -3.26 2.59 59.95
N GLN E 27 -2.84 3.84 60.08
CA GLN E 27 -2.47 4.60 58.88
C GLN E 27 -1.18 4.07 58.28
N ILE E 28 -0.19 3.80 59.12
CA ILE E 28 1.07 3.30 58.61
C ILE E 28 0.86 1.93 57.98
N ARG E 29 0.12 1.04 58.65
CA ARG E 29 -0.18 -0.23 58.03
C ARG E 29 -0.72 -0.03 56.64
N ASP E 30 -1.62 0.95 56.49
CA ASP E 30 -2.38 1.10 55.23
C ASP E 30 -1.51 1.59 54.11
N ARG E 31 -0.62 2.55 54.38
CA ARG E 31 0.32 3.00 53.38
C ARG E 31 1.18 1.82 52.90
N PHE E 32 1.66 0.99 53.84
CA PHE E 32 2.53 -0.15 53.55
C PHE E 32 1.85 -1.15 52.63
N LEU E 33 0.59 -1.47 52.90
CA LEU E 33 -0.15 -2.35 52.00
C LEU E 33 -0.44 -1.69 50.65
N ALA E 34 -0.69 -0.38 50.68
CA ALA E 34 -0.98 0.40 49.48
C ALA E 34 0.24 0.64 48.61
N GLY E 35 1.44 0.36 49.11
CA GLY E 35 2.61 0.43 48.22
C GLY E 35 3.86 1.09 48.77
N ALA E 36 3.72 1.75 49.92
CA ALA E 36 4.86 2.37 50.58
C ALA E 36 5.82 1.30 51.07
N ASP E 37 7.11 1.49 50.75
CA ASP E 37 8.20 0.57 51.13
C ASP E 37 9.17 1.15 52.16
N VAL E 38 9.46 2.44 52.11
CA VAL E 38 10.35 3.09 53.06
C VAL E 38 9.62 4.26 53.67
N PHE E 39 9.64 4.33 54.99
CA PHE E 39 9.00 5.44 55.69
C PHE E 39 10.04 6.47 56.07
N ARG E 40 9.75 7.73 55.74
CA ARG E 40 10.64 8.84 56.08
C ARG E 40 10.05 9.63 57.23
N ILE E 41 10.81 9.73 58.30
CA ILE E 41 10.48 10.50 59.48
C ILE E 41 11.30 11.78 59.43
N ASN E 42 10.63 12.92 59.37
CA ASN E 42 11.34 14.19 59.24
C ASN E 42 11.55 14.81 60.62
N MET E 43 12.82 14.97 61.03
CA MET E 43 13.13 15.47 62.37
C MET E 43 13.09 17.00 62.49
N SER E 44 12.67 17.74 61.45
CA SER E 44 12.61 19.19 61.59
C SER E 44 11.61 19.60 62.64
N HIS E 45 10.54 18.82 62.80
CA HIS E 45 9.39 19.19 63.58
C HIS E 45 8.93 18.02 64.42
N GLY E 46 8.03 18.30 65.35
CA GLY E 46 7.58 17.29 66.28
C GLY E 46 8.65 16.93 67.27
N THR E 47 8.31 16.04 68.18
CA THR E 47 9.15 15.76 69.32
C THR E 47 9.62 14.32 69.29
N HIS E 48 10.69 14.02 70.02
CA HIS E 48 11.18 12.66 70.04
C HIS E 48 10.15 11.71 70.62
N ASP E 49 9.25 12.24 71.48
CA ASP E 49 8.18 11.44 72.08
C ASP E 49 7.29 10.85 71.01
N GLU E 50 6.88 11.69 70.06
CA GLU E 50 5.94 11.26 69.03
C GLU E 50 6.60 10.36 67.99
N LYS E 51 7.92 10.51 67.76
CA LYS E 51 8.59 9.66 66.79
C LYS E 51 8.67 8.23 67.30
N LYS E 52 8.92 8.06 68.61
CA LYS E 52 9.08 6.74 69.20
C LYS E 52 7.81 5.91 69.01
N VAL E 53 6.64 6.54 69.18
CA VAL E 53 5.39 5.84 68.93
C VAL E 53 5.27 5.45 67.45
N ILE E 54 5.66 6.36 66.55
CA ILE E 54 5.65 6.09 65.11
C ILE E 54 6.63 4.99 64.76
N VAL E 55 7.82 5.00 65.34
CA VAL E 55 8.76 3.93 65.09
C VAL E 55 8.19 2.59 65.56
N ASP E 56 7.66 2.53 66.80
CA ASP E 56 7.12 1.28 67.29
C ASP E 56 5.98 0.83 66.39
N ASN E 57 5.23 1.78 65.84
CA ASN E 57 4.15 1.37 64.95
C ASN E 57 4.65 0.91 63.58
N ILE E 58 5.80 1.41 63.12
CA ILE E 58 6.33 0.87 61.87
C ILE E 58 6.83 -0.56 62.11
N ARG E 59 7.51 -0.75 63.23
CA ARG E 59 8.14 -2.05 63.48
C ARG E 59 7.10 -3.11 63.78
N ALA E 60 5.97 -2.72 64.34
CA ALA E 60 4.89 -3.66 64.55
C ALA E 60 4.60 -4.48 63.31
N LEU E 61 4.83 -3.90 62.12
CA LEU E 61 4.42 -4.53 60.87
C LEU E 61 5.23 -5.77 60.56
N GLU E 62 6.44 -5.86 61.12
CA GLU E 62 7.26 -7.03 60.87
C GLU E 62 6.57 -8.27 61.40
N LYS E 63 5.89 -8.14 62.55
CA LYS E 63 5.24 -9.31 63.16
C LYS E 63 3.99 -9.71 62.39
N GLU E 64 3.18 -8.73 61.92
CA GLU E 64 1.94 -9.07 61.21
C GLU E 64 2.18 -9.69 59.83
N PHE E 65 3.21 -9.23 59.08
CA PHE E 65 3.39 -9.65 57.68
C PHE E 65 4.73 -10.30 57.39
N ASN E 66 5.59 -10.45 58.39
CA ASN E 66 6.87 -11.09 58.18
C ASN E 66 7.61 -10.45 57.01
N ARG E 67 7.89 -9.16 57.15
CA ARG E 67 8.70 -8.48 56.16
C ARG E 67 9.54 -7.46 56.90
N PRO E 68 10.80 -7.25 56.50
CA PRO E 68 11.59 -6.17 57.10
C PRO E 68 11.06 -4.79 56.69
N THR E 69 10.92 -3.91 57.67
CA THR E 69 10.55 -2.53 57.43
C THR E 69 11.81 -1.71 57.22
N THR E 70 11.64 -0.47 56.74
CA THR E 70 12.74 0.44 56.41
C THR E 70 12.39 1.86 56.82
N ILE E 71 13.15 2.41 57.75
CA ILE E 71 12.88 3.72 58.32
C ILE E 71 14.04 4.63 57.99
N LEU E 72 13.74 5.83 57.47
CA LEU E 72 14.73 6.83 57.08
C LEU E 72 14.55 8.09 57.94
N PHE E 73 15.50 8.36 58.81
CA PHE E 73 15.47 9.52 59.68
C PHE E 73 16.16 10.65 58.93
N ASP E 74 15.45 11.77 58.77
CA ASP E 74 15.87 12.91 57.98
C ASP E 74 16.27 14.02 58.96
N LEU E 75 17.56 14.34 59.02
CA LEU E 75 18.04 15.44 59.85
C LEU E 75 17.81 16.77 59.16
N GLN E 76 17.29 17.74 59.91
CA GLN E 76 16.86 19.01 59.32
C GLN E 76 18.03 19.77 58.71
N GLY E 77 19.18 19.80 59.39
CA GLY E 77 20.32 20.55 58.92
C GLY E 77 20.20 22.03 59.26
N PRO E 78 21.12 22.85 58.74
CA PRO E 78 21.11 24.29 59.04
C PRO E 78 20.13 25.08 58.21
N LYS E 79 18.86 24.71 58.29
CA LYS E 79 17.79 25.55 57.79
C LYS E 79 17.91 26.97 58.32
N LEU E 80 17.67 27.95 57.46
CA LEU E 80 17.74 29.37 57.83
C LEU E 80 16.36 29.98 57.83
N ARG E 81 15.97 30.59 58.96
CA ARG E 81 14.65 31.23 59.07
C ARG E 81 14.70 32.48 59.97
N PRO E 172 28.47 28.66 54.12
CA PRO E 172 29.60 28.86 55.02
C PRO E 172 29.47 28.25 56.41
N LEU E 173 28.48 27.37 56.63
CA LEU E 173 28.11 27.01 57.99
C LEU E 173 27.95 25.50 58.20
N ALA E 174 27.82 25.16 59.50
CA ALA E 174 27.99 23.82 60.04
C ALA E 174 27.08 22.75 59.45
N ALA E 175 27.67 21.57 59.26
CA ALA E 175 27.01 20.43 58.62
C ALA E 175 25.89 19.86 59.48
N LEU E 176 26.20 19.63 60.75
CA LEU E 176 25.25 19.14 61.71
C LEU E 176 25.15 20.18 62.82
N THR E 177 23.98 20.78 62.94
CA THR E 177 23.66 21.72 63.97
C THR E 177 23.58 20.98 65.30
N PRO E 178 23.52 21.71 66.42
CA PRO E 178 23.27 21.04 67.70
C PRO E 178 21.93 20.31 67.78
N LYS E 179 20.89 20.83 67.12
CA LYS E 179 19.65 20.06 66.99
C LYS E 179 19.89 18.73 66.26
N ASP E 180 20.66 18.75 65.16
CA ASP E 180 20.86 17.51 64.40
C ASP E 180 21.60 16.47 65.22
N ARG E 181 22.65 16.87 65.92
CA ARG E 181 23.43 15.93 66.69
C ARG E 181 22.57 15.27 67.74
N LYS E 182 21.61 16.00 68.30
CA LYS E 182 20.64 15.39 69.19
C LYS E 182 19.71 14.45 68.43
N ASP E 183 19.14 14.93 67.33
CA ASP E 183 18.16 14.10 66.64
C ASP E 183 18.82 12.84 66.14
N LEU E 184 20.07 12.96 65.72
CA LEU E 184 20.85 11.80 65.29
C LEU E 184 20.97 10.80 66.43
N ASP E 185 21.38 11.26 67.61
CA ASP E 185 21.54 10.31 68.70
C ASP E 185 20.23 9.62 68.98
N PHE E 186 19.11 10.35 68.85
CA PHE E 186 17.81 9.69 68.99
C PHE E 186 17.58 8.66 67.89
N ALA E 187 17.89 9.02 66.63
CA ALA E 187 17.66 8.12 65.51
C ALA E 187 18.45 6.83 65.70
N LEU E 188 19.66 6.92 66.27
CA LEU E 188 20.48 5.74 66.48
C LEU E 188 20.00 4.95 67.70
N LYS E 189 19.48 5.62 68.73
CA LYS E 189 18.73 4.89 69.75
C LYS E 189 17.62 4.03 69.12
N GLU E 190 16.87 4.64 68.18
CA GLU E 190 15.75 3.98 67.52
C GLU E 190 16.19 3.05 66.40
N LYS E 191 17.49 2.77 66.27
CA LYS E 191 17.97 1.77 65.33
C LYS E 191 17.54 2.14 63.91
N ALA E 192 17.83 3.41 63.56
CA ALA E 192 17.61 3.92 62.21
C ALA E 192 18.23 2.99 61.19
N ASP E 193 17.44 2.66 60.17
CA ASP E 193 18.01 1.93 59.06
C ASP E 193 18.80 2.86 58.16
N TRP E 194 18.29 4.06 57.90
CA TRP E 194 18.99 5.06 57.11
C TRP E 194 18.88 6.42 57.80
N VAL E 195 19.96 7.18 57.80
CA VAL E 195 19.93 8.57 58.27
C VAL E 195 20.21 9.45 57.08
N ALA E 196 19.42 10.51 56.92
CA ALA E 196 19.68 11.46 55.85
C ALA E 196 20.12 12.81 56.41
N LEU E 197 20.95 13.49 55.64
CA LEU E 197 21.56 14.73 56.07
C LEU E 197 21.24 15.80 55.02
N SER E 198 20.80 16.96 55.49
CA SER E 198 20.36 18.02 54.58
C SER E 198 21.43 19.08 54.37
N PHE E 199 21.33 19.74 53.23
CA PHE E 199 22.12 20.92 52.90
C PHE E 199 23.61 20.62 52.87
N VAL E 200 24.00 19.40 52.51
CA VAL E 200 25.42 19.18 52.40
C VAL E 200 25.91 20.09 51.28
N GLN E 201 27.15 20.54 51.41
CA GLN E 201 27.74 21.37 50.39
C GLN E 201 29.06 20.85 49.89
N ARG E 202 29.65 19.89 50.59
CA ARG E 202 30.97 19.39 50.20
C ARG E 202 31.21 18.08 50.95
N VAL E 203 32.26 17.39 50.51
CA VAL E 203 32.47 16.02 50.95
C VAL E 203 32.72 15.99 52.46
N GLU E 204 33.42 17.01 53.00
CA GLU E 204 33.76 17.07 54.43
C GLU E 204 32.52 16.99 55.31
N ASP E 205 31.37 17.45 54.80
CA ASP E 205 30.13 17.34 55.57
C ASP E 205 29.59 15.90 55.58
N VAL E 206 29.76 15.16 54.51
CA VAL E 206 29.45 13.75 54.58
C VAL E 206 30.37 13.06 55.56
N ILE E 207 31.65 13.44 55.53
CA ILE E 207 32.63 12.82 56.43
C ILE E 207 32.27 13.11 57.87
N GLU E 208 31.97 14.36 58.20
CA GLU E 208 31.60 14.72 59.56
C GLU E 208 30.48 13.81 60.02
N ALA E 209 29.46 13.67 59.20
CA ALA E 209 28.32 12.84 59.58
C ALA E 209 28.73 11.38 59.82
N LYS E 210 29.40 10.76 58.84
CA LYS E 210 29.79 9.37 59.00
C LYS E 210 30.66 9.16 60.26
N GLU E 211 31.44 10.18 60.67
CA GLU E 211 32.32 10.00 61.82
C GLU E 211 31.54 9.99 63.12
N LEU E 212 30.51 10.82 63.19
CA LEU E 212 29.55 10.75 64.28
C LEU E 212 28.78 9.44 64.26
N ILE E 213 28.33 9.01 63.07
CA ILE E 213 27.44 7.87 63.01
C ILE E 213 28.17 6.60 63.40
N LYS E 214 29.47 6.50 63.12
CA LYS E 214 30.28 5.36 63.56
C LYS E 214 29.71 4.02 63.12
N GLY E 215 29.37 3.90 61.84
CA GLY E 215 28.95 2.63 61.32
C GLY E 215 27.62 2.11 61.83
N ARG E 216 26.94 2.86 62.68
CA ARG E 216 25.68 2.37 63.22
C ARG E 216 24.57 2.41 62.20
N ALA E 217 24.67 3.28 61.20
CA ALA E 217 23.67 3.32 60.14
C ALA E 217 24.29 3.89 58.87
N PRO E 218 23.82 3.45 57.71
CA PRO E 218 24.32 4.01 56.46
C PRO E 218 23.73 5.39 56.22
N LEU E 219 24.43 6.19 55.41
CA LEU E 219 24.10 7.61 55.21
C LEU E 219 23.58 7.86 53.80
N LEU E 220 22.47 8.59 53.72
CA LEU E 220 21.92 9.15 52.48
C LEU E 220 22.15 10.65 52.51
N VAL E 221 22.55 11.22 51.39
CA VAL E 221 22.82 12.66 51.29
C VAL E 221 21.72 13.32 50.47
N LYS E 222 21.19 14.42 50.98
CA LYS E 222 20.22 15.22 50.25
C LYS E 222 20.99 16.31 49.49
N LEU E 223 20.89 16.28 48.18
CA LEU E 223 21.59 17.24 47.33
C LEU E 223 20.62 18.37 47.00
N GLU E 224 20.92 19.54 47.50
CA GLU E 224 19.96 20.62 47.35
C GLU E 224 20.68 21.95 47.38
N LYS E 225 22.00 21.98 47.23
CA LYS E 225 22.69 23.25 47.27
C LYS E 225 23.65 23.35 46.10
N PRO E 226 23.81 24.56 45.54
CA PRO E 226 24.63 24.72 44.35
C PRO E 226 26.01 24.13 44.56
N ALA E 227 26.57 24.32 45.76
CA ALA E 227 27.89 23.77 46.04
C ALA E 227 27.87 22.24 46.00
N ALA E 228 26.79 21.63 46.49
CA ALA E 228 26.75 20.18 46.46
C ALA E 228 26.89 19.67 45.02
N ILE E 229 26.28 20.38 44.06
CA ILE E 229 26.29 19.92 42.67
C ILE E 229 27.68 20.08 42.08
N GLU E 230 28.38 21.16 42.42
CA GLU E 230 29.76 21.34 41.96
C GLU E 230 30.70 20.30 42.55
N ASN E 231 30.43 19.87 43.79
CA ASN E 231 31.25 18.89 44.49
C ASN E 231 30.66 17.49 44.38
N LEU E 232 29.92 17.24 43.30
CA LEU E 232 29.10 16.04 43.18
C LEU E 232 29.92 14.76 43.25
N GLU E 233 31.04 14.68 42.54
CA GLU E 233 31.77 13.40 42.51
C GLU E 233 32.30 13.05 43.89
N SER E 234 32.87 14.02 44.60
CA SER E 234 33.35 13.74 45.95
C SER E 234 32.22 13.35 46.88
N ILE E 235 31.13 14.13 46.87
CA ILE E 235 30.00 13.82 47.73
C ILE E 235 29.47 12.42 47.45
N LEU E 236 29.29 12.07 46.17
CA LEU E 236 28.68 10.77 45.86
C LEU E 236 29.59 9.63 46.25
N ALA E 237 30.90 9.80 46.10
CA ALA E 237 31.83 8.77 46.55
C ALA E 237 31.67 8.49 48.04
N ALA E 238 31.54 9.55 48.85
CA ALA E 238 31.61 9.37 50.30
C ALA E 238 30.30 8.85 50.87
N THR E 239 29.18 9.12 50.19
CA THR E 239 27.87 8.79 50.70
C THR E 239 27.55 7.31 50.47
N ASP E 240 26.52 6.84 51.11
CA ASP E 240 26.02 5.50 50.82
C ASP E 240 24.81 5.53 49.91
N ALA E 241 23.98 6.58 50.01
CA ALA E 241 22.79 6.74 49.19
C ALA E 241 22.55 8.23 48.95
N VAL E 242 21.59 8.53 48.08
CA VAL E 242 21.45 9.86 47.52
C VAL E 242 19.99 10.22 47.43
N MET E 243 19.67 11.48 47.70
CA MET E 243 18.36 12.02 47.37
C MET E 243 18.48 13.27 46.51
N VAL E 244 17.87 13.23 45.33
CA VAL E 244 17.69 14.41 44.49
C VAL E 244 16.57 15.21 45.12
N ALA E 245 16.91 16.15 45.99
CA ALA E 245 15.92 16.84 46.81
C ALA E 245 15.49 18.15 46.13
N ARG E 246 14.51 18.03 45.20
CA ARG E 246 14.30 19.05 44.16
C ARG E 246 13.66 20.31 44.71
N GLY E 247 12.82 20.19 45.73
CA GLY E 247 12.25 21.35 46.38
C GLY E 247 13.24 22.45 46.68
N ASP E 248 14.25 22.15 47.51
CA ASP E 248 15.24 23.16 47.84
C ASP E 248 16.21 23.39 46.70
N LEU E 249 16.52 22.35 45.92
CA LEU E 249 17.44 22.52 44.80
C LEU E 249 16.96 23.60 43.84
N GLY E 250 15.66 23.62 43.52
CA GLY E 250 15.14 24.65 42.62
C GLY E 250 14.85 25.99 43.24
N VAL E 251 15.07 26.12 44.55
CA VAL E 251 15.08 27.40 45.22
C VAL E 251 16.45 28.06 45.06
N GLU E 252 17.51 27.33 45.40
CA GLU E 252 18.86 27.90 45.37
C GLU E 252 19.53 27.78 44.00
N CYS E 253 19.01 26.94 43.12
CA CYS E 253 19.34 26.95 41.69
C CYS E 253 18.08 27.25 40.91
N LEU E 254 18.26 27.71 39.68
CA LEU E 254 17.16 27.85 38.75
C LEU E 254 16.34 26.55 38.72
N PRO E 255 15.01 26.65 38.72
CA PRO E 255 14.19 25.43 38.58
C PRO E 255 14.32 24.75 37.23
N GLU E 256 14.70 25.49 36.19
CA GLU E 256 14.93 24.85 34.90
C GLU E 256 16.24 24.08 34.86
N SER E 257 17.10 24.24 35.86
CA SER E 257 18.34 23.48 35.92
C SER E 257 18.18 22.12 36.59
N VAL E 258 17.03 21.82 37.18
CA VAL E 258 16.90 20.59 37.96
C VAL E 258 16.91 19.36 37.04
N PRO E 259 16.17 19.33 35.95
CA PRO E 259 16.08 18.07 35.18
C PRO E 259 17.45 17.58 34.72
N PRO E 260 18.29 18.43 34.11
CA PRO E 260 19.61 17.96 33.70
C PRO E 260 20.47 17.58 34.88
N THR E 261 20.31 18.29 35.98
CA THR E 261 21.05 17.95 37.20
C THR E 261 20.54 16.65 37.78
N GLN E 262 19.22 16.43 37.73
CA GLN E 262 18.67 15.13 38.09
C GLN E 262 19.22 14.02 37.19
N LYS E 263 19.22 14.19 35.86
CA LYS E 263 19.76 13.12 35.04
C LYS E 263 21.20 12.81 35.48
N ARG E 264 21.95 13.87 35.78
CA ARG E 264 23.35 13.68 36.17
C ARG E 264 23.46 12.91 37.47
N ILE E 265 22.64 13.25 38.47
CA ILE E 265 22.73 12.56 39.76
C ILE E 265 22.34 11.08 39.62
N VAL E 266 21.21 10.80 38.93
CA VAL E 266 20.77 9.41 38.80
C VAL E 266 21.81 8.57 38.05
N GLU E 267 22.27 9.07 36.88
CA GLU E 267 23.31 8.35 36.11
C GLU E 267 24.46 7.97 37.01
N ARG E 268 24.99 8.96 37.72
CA ARG E 268 26.26 8.74 38.37
C ARG E 268 26.05 7.89 39.60
N SER E 269 24.92 8.10 40.28
CA SER E 269 24.56 7.28 41.43
C SER E 269 24.51 5.80 41.03
N ARG E 270 23.82 5.50 39.92
CA ARG E 270 23.75 4.11 39.42
C ARG E 270 25.12 3.58 39.11
N GLN E 271 25.93 4.36 38.41
CA GLN E 271 27.28 3.92 38.06
C GLN E 271 28.13 3.70 39.30
N LEU E 272 27.99 4.56 40.33
CA LEU E 272 28.73 4.33 41.57
C LEU E 272 28.11 3.26 42.46
N GLY E 273 26.87 2.87 42.19
CA GLY E 273 26.21 1.87 43.01
C GLY E 273 25.68 2.42 44.31
N LYS E 274 25.15 3.64 44.29
CA LYS E 274 24.57 4.26 45.47
C LYS E 274 23.07 4.39 45.27
N PRO E 275 22.20 3.83 46.12
CA PRO E 275 20.75 4.01 45.89
C PRO E 275 20.39 5.48 45.79
N VAL E 276 19.55 5.80 44.82
CA VAL E 276 19.18 7.19 44.57
C VAL E 276 17.66 7.30 44.51
N VAL E 277 17.15 8.33 45.19
CA VAL E 277 15.73 8.62 45.34
C VAL E 277 15.43 9.97 44.70
N VAL E 278 14.42 10.01 43.88
CA VAL E 278 13.95 11.29 43.34
C VAL E 278 12.83 11.80 44.24
N ALA E 279 12.82 13.11 44.48
CA ALA E 279 11.96 13.67 45.51
C ALA E 279 11.35 15.01 45.12
N THR E 280 10.19 15.27 45.73
CA THR E 280 9.51 16.55 45.83
C THR E 280 8.49 16.74 44.72
N ALA E 281 7.23 16.86 45.12
CA ALA E 281 6.13 17.27 44.25
C ALA E 281 5.81 16.25 43.17
N MET E 282 6.29 15.02 43.32
CA MET E 282 5.98 14.01 42.33
C MET E 282 4.48 13.88 42.11
N LEU E 283 3.67 13.96 43.16
CA LEU E 283 2.23 13.95 42.97
C LEU E 283 1.56 15.12 43.68
N GLU E 284 2.12 16.33 43.46
CA GLU E 284 1.77 17.46 44.31
C GLU E 284 0.27 17.71 44.29
N SER E 285 -0.36 17.64 43.12
CA SER E 285 -1.76 18.02 43.04
C SER E 285 -2.61 17.16 43.98
N MET E 286 -2.13 15.96 44.34
CA MET E 286 -2.90 15.01 45.14
C MET E 286 -2.93 15.38 46.62
N ILE E 287 -2.19 16.39 47.04
CA ILE E 287 -2.42 17.00 48.34
C ILE E 287 -3.88 17.39 48.49
N LYS E 288 -4.49 17.87 47.40
CA LYS E 288 -5.88 18.29 47.38
C LYS E 288 -6.80 17.45 46.48
N ALA E 289 -6.30 16.87 45.42
CA ALA E 289 -7.20 16.13 44.56
C ALA E 289 -6.96 14.63 44.72
N PRO E 290 -7.98 13.80 44.52
CA PRO E 290 -7.80 12.35 44.65
C PRO E 290 -7.14 11.69 43.46
N ALA E 291 -6.74 12.45 42.45
CA ALA E 291 -6.14 11.90 41.24
C ALA E 291 -5.07 12.85 40.73
N PRO E 292 -4.07 12.35 40.02
CA PRO E 292 -2.90 13.17 39.69
C PRO E 292 -3.07 13.88 38.35
N THR E 293 -2.18 14.84 38.10
CA THR E 293 -2.18 15.48 36.80
C THR E 293 -1.34 14.65 35.85
N ARG E 294 -1.52 14.91 34.55
CA ARG E 294 -0.74 14.19 33.54
C ARG E 294 0.74 14.48 33.69
N ALA E 295 1.10 15.71 34.08
CA ALA E 295 2.52 16.04 34.26
C ALA E 295 3.11 15.29 35.44
N GLU E 296 2.31 15.06 36.49
CA GLU E 296 2.80 14.33 37.65
C GLU E 296 3.02 12.86 37.33
N VAL E 297 2.14 12.23 36.56
CA VAL E 297 2.38 10.82 36.29
C VAL E 297 3.63 10.67 35.41
N SER E 298 3.85 11.62 34.48
CA SER E 298 5.01 11.60 33.61
C SER E 298 6.31 11.68 34.41
N ASP E 299 6.35 12.57 35.40
CA ASP E 299 7.53 12.77 36.24
C ASP E 299 7.91 11.48 36.96
N VAL E 300 6.93 10.80 37.56
CA VAL E 300 7.21 9.51 38.19
C VAL E 300 7.72 8.49 37.18
N ALA E 301 7.00 8.32 36.07
CA ALA E 301 7.47 7.38 35.06
C ALA E 301 8.89 7.71 34.58
N ASN E 302 9.20 9.01 34.38
CA ASN E 302 10.53 9.37 33.91
C ASN E 302 11.61 9.15 34.97
N ALA E 303 11.25 9.19 36.25
CA ALA E 303 12.20 8.77 37.27
C ALA E 303 12.44 7.29 37.20
N ILE E 304 11.42 6.51 36.85
CA ILE E 304 11.60 5.08 36.78
C ILE E 304 12.51 4.71 35.59
N TYR E 305 12.21 5.29 34.42
CA TYR E 305 12.97 5.08 33.19
C TYR E 305 14.44 5.48 33.33
N GLU E 306 14.74 6.47 34.16
CA GLU E 306 16.14 6.77 34.49
C GLU E 306 16.79 5.65 35.28
N GLY E 307 16.00 4.70 35.79
CA GLY E 307 16.53 3.62 36.58
C GLY E 307 16.72 3.92 38.04
N ALA E 308 16.10 4.96 38.58
CA ALA E 308 16.28 5.33 39.98
C ALA E 308 15.80 4.24 40.94
N ASP E 309 16.48 4.14 42.08
CA ASP E 309 16.07 3.18 43.10
C ASP E 309 14.75 3.59 43.73
N GLY E 310 14.47 4.87 43.83
CA GLY E 310 13.43 5.35 44.69
C GLY E 310 12.74 6.57 44.16
N ILE E 311 11.43 6.64 44.43
CA ILE E 311 10.56 7.80 44.20
C ILE E 311 9.81 8.13 45.50
N MET E 312 9.78 9.41 45.84
CA MET E 312 9.35 9.84 47.16
C MET E 312 8.08 10.66 47.06
N LEU E 313 7.29 10.56 48.11
CA LEU E 313 6.20 11.47 48.40
C LEU E 313 6.55 12.20 49.70
N SER E 314 6.26 13.49 49.73
CA SER E 314 6.49 14.27 50.93
C SER E 314 5.12 14.63 51.47
N ALA E 315 4.66 15.87 51.31
CA ALA E 315 3.40 16.27 51.90
C ALA E 315 2.22 15.51 51.33
N GLU E 316 2.37 14.77 50.22
CA GLU E 316 1.27 14.00 49.66
C GLU E 316 0.85 12.85 50.58
N SER E 317 1.77 12.33 51.38
CA SER E 317 1.41 11.35 52.39
C SER E 317 1.50 11.90 53.81
N ALA E 318 2.35 12.88 54.04
CA ALA E 318 2.52 13.41 55.39
C ALA E 318 1.36 14.32 55.81
N ALA E 319 0.84 15.17 54.90
CA ALA E 319 -0.03 16.28 55.27
C ALA E 319 -1.25 16.49 54.40
N GLY E 320 -1.51 15.64 53.39
CA GLY E 320 -2.54 15.90 52.41
C GLY E 320 -3.88 15.23 52.70
N ASP E 321 -4.87 15.57 51.88
CA ASP E 321 -6.22 15.05 52.06
C ASP E 321 -6.41 13.66 51.49
N TRP E 322 -5.43 13.13 50.75
CA TRP E 322 -5.60 11.87 50.04
C TRP E 322 -4.34 11.02 50.13
N PRO E 323 -3.81 10.76 51.32
CA PRO E 323 -2.51 10.06 51.39
C PRO E 323 -2.51 8.66 50.84
N HIS E 324 -3.63 7.94 50.99
CA HIS E 324 -3.69 6.57 50.53
C HIS E 324 -3.70 6.49 49.01
N GLU E 325 -4.44 7.38 48.35
CA GLU E 325 -4.44 7.40 46.89
C GLU E 325 -3.09 7.82 46.34
N ALA E 326 -2.44 8.77 46.99
CA ALA E 326 -1.13 9.19 46.55
C ALA E 326 -0.14 8.03 46.61
N VAL E 327 -0.07 7.35 47.74
CA VAL E 327 0.85 6.23 47.85
C VAL E 327 0.51 5.18 46.80
N ASN E 328 -0.78 4.91 46.60
CA ASN E 328 -1.14 3.82 45.71
C ASN E 328 -0.87 4.19 44.26
N MET E 329 -1.10 5.45 43.90
CA MET E 329 -0.81 5.87 42.54
C MET E 329 0.68 5.64 42.22
N MET E 330 1.57 5.91 43.18
CA MET E 330 3.00 5.59 43.00
C MET E 330 3.19 4.12 42.65
N HIS E 331 2.48 3.23 43.36
CA HIS E 331 2.64 1.82 43.10
C HIS E 331 2.05 1.47 41.76
N ARG E 332 0.93 2.10 41.41
CA ARG E 332 0.28 1.80 40.13
C ARG E 332 1.12 2.28 38.95
N ILE E 333 1.80 3.42 39.07
CA ILE E 333 2.62 3.91 37.97
C ILE E 333 3.79 2.98 37.72
N ALA E 334 4.48 2.56 38.80
CA ALA E 334 5.61 1.63 38.62
C ALA E 334 5.15 0.26 38.12
N SER E 335 4.07 -0.28 38.70
CA SER E 335 3.60 -1.57 38.21
C SER E 335 3.44 -1.53 36.70
N TYR E 336 2.81 -0.46 36.18
CA TYR E 336 2.52 -0.41 34.76
C TYR E 336 3.77 -0.11 33.94
N VAL E 337 4.52 0.92 34.31
CA VAL E 337 5.66 1.35 33.50
C VAL E 337 6.71 0.25 33.44
N GLU E 338 7.04 -0.35 34.58
CA GLU E 338 8.10 -1.36 34.54
C GLU E 338 7.73 -2.55 33.69
N ASN E 339 6.44 -2.85 33.56
CA ASN E 339 5.99 -4.01 32.80
C ASN E 339 5.40 -3.63 31.44
N ALA E 340 5.51 -2.32 31.02
CA ALA E 340 5.10 -1.87 29.69
C ALA E 340 6.30 -1.86 28.74
N PRO E 341 6.10 -1.81 27.42
CA PRO E 341 7.27 -1.76 26.53
C PRO E 341 8.05 -0.48 26.68
N GLY E 342 9.35 -0.59 26.41
CA GLY E 342 10.26 0.53 26.43
C GLY E 342 10.95 0.76 27.75
N TYR E 343 10.70 -0.07 28.76
CA TYR E 343 11.29 0.17 30.06
C TYR E 343 12.77 -0.18 30.10
N ILE E 344 13.12 -1.45 29.83
CA ILE E 344 14.50 -1.87 30.07
C ILE E 344 15.45 -1.17 29.11
N GLU E 345 15.01 -0.89 27.89
CA GLU E 345 15.85 -0.16 26.94
C GLU E 345 16.31 1.16 27.52
N ARG E 346 15.38 1.89 28.14
CA ARG E 346 15.70 3.17 28.76
C ARG E 346 16.54 2.98 30.00
N VAL E 347 16.30 1.92 30.77
CA VAL E 347 17.13 1.73 31.95
C VAL E 347 18.57 1.45 31.52
N ARG E 348 18.72 0.72 30.41
CA ARG E 348 20.02 0.29 29.91
C ARG E 348 20.80 1.41 29.25
N PHE E 349 20.15 2.55 28.98
CA PHE E 349 20.84 3.72 28.45
C PHE E 349 22.05 4.11 29.30
N THR E 350 22.02 3.86 30.61
CA THR E 350 23.08 4.29 31.51
C THR E 350 24.04 3.12 31.69
N PRO E 351 25.26 3.18 31.16
CA PRO E 351 26.17 2.03 31.28
C PRO E 351 26.68 1.92 32.71
N THR E 352 26.71 0.70 33.21
CA THR E 352 27.14 0.41 34.58
C THR E 352 28.14 -0.72 34.54
N PRO E 353 29.29 -0.50 33.95
CA PRO E 353 30.26 -1.59 33.76
C PRO E 353 30.86 -2.02 35.07
N ALA E 354 31.49 -3.18 35.02
CA ALA E 354 32.02 -3.79 36.21
C ALA E 354 33.33 -3.15 36.59
N GLU E 355 33.47 -2.78 37.87
CA GLU E 355 34.78 -2.60 38.47
C GLU E 355 35.60 -3.88 38.29
N PRO E 356 36.90 -3.82 38.48
CA PRO E 356 37.74 -5.01 38.32
C PRO E 356 37.75 -5.89 39.56
N THR E 357 36.57 -6.32 39.98
CA THR E 357 36.46 -7.09 41.21
C THR E 357 35.74 -8.40 40.91
N THR E 358 35.87 -9.32 41.86
CA THR E 358 35.15 -10.58 41.75
C THR E 358 33.65 -10.34 41.88
N VAL E 359 33.25 -9.50 42.82
CA VAL E 359 31.83 -9.27 43.05
C VAL E 359 31.19 -8.59 41.83
N ASP E 360 31.83 -7.58 41.26
CA ASP E 360 31.18 -6.97 40.09
C ASP E 360 31.16 -7.94 38.90
N ALA E 361 32.22 -8.74 38.72
CA ALA E 361 32.24 -9.68 37.59
C ALA E 361 31.13 -10.70 37.70
N LEU E 362 30.96 -11.26 38.90
CA LEU E 362 29.92 -12.23 39.14
C LEU E 362 28.53 -11.58 39.16
N ALA E 363 28.42 -10.30 39.50
CA ALA E 363 27.11 -9.67 39.37
C ALA E 363 26.70 -9.56 37.92
N GLU E 364 27.56 -8.96 37.08
CA GLU E 364 27.25 -8.82 35.66
C GLU E 364 26.98 -10.19 35.03
N ASN E 365 27.80 -11.16 35.33
CA ASN E 365 27.65 -12.39 34.57
C ASN E 365 26.57 -13.28 35.15
N ALA E 366 26.22 -13.12 36.42
CA ALA E 366 25.00 -13.74 36.91
C ALA E 366 23.77 -13.17 36.21
N SER E 367 23.70 -11.85 36.04
CA SER E 367 22.61 -11.28 35.27
C SER E 367 22.53 -11.85 33.84
N LYS E 368 23.64 -11.82 33.11
CA LYS E 368 23.62 -12.30 31.74
C LYS E 368 23.26 -13.78 31.68
N THR E 369 23.89 -14.58 32.53
CA THR E 369 23.57 -16.00 32.60
C THR E 369 22.09 -16.22 32.84
N ALA E 370 21.49 -15.44 33.75
CA ALA E 370 20.07 -15.53 34.02
C ALA E 370 19.22 -15.24 32.78
N GLU E 371 19.59 -14.20 32.01
CA GLU E 371 18.89 -13.92 30.77
C GLU E 371 19.01 -15.10 29.79
N THR E 372 20.23 -15.62 29.62
CA THR E 372 20.47 -16.66 28.62
C THR E 372 19.74 -17.96 28.92
N VAL E 373 19.64 -18.34 30.19
CA VAL E 373 18.98 -19.59 30.55
C VAL E 373 17.54 -19.37 30.94
N GLY E 374 17.04 -18.15 30.90
CA GLY E 374 15.66 -17.93 31.29
C GLY E 374 15.36 -18.15 32.77
N ALA E 375 16.28 -17.77 33.65
CA ALA E 375 16.10 -18.03 35.07
C ALA E 375 14.93 -17.20 35.61
N LYS E 376 14.21 -17.77 36.56
CA LYS E 376 13.11 -17.06 37.22
C LYS E 376 13.60 -16.12 38.31
N ALA E 377 14.85 -16.25 38.75
CA ALA E 377 15.29 -15.33 39.78
C ALA E 377 16.77 -15.47 39.97
N ILE E 378 17.35 -14.43 40.56
CA ILE E 378 18.74 -14.41 40.97
C ILE E 378 18.72 -14.29 42.48
N ILE E 379 19.22 -15.32 43.16
CA ILE E 379 19.25 -15.38 44.62
C ILE E 379 20.66 -15.06 45.11
N VAL E 380 20.80 -14.01 45.92
CA VAL E 380 22.10 -13.48 46.34
C VAL E 380 22.24 -13.65 47.85
N PHE E 381 23.22 -14.45 48.27
CA PHE E 381 23.57 -14.56 49.69
C PHE E 381 24.54 -13.45 50.05
N THR E 382 24.18 -12.64 51.04
CA THR E 382 24.94 -11.44 51.39
C THR E 382 24.97 -11.29 52.91
N GLU E 383 26.17 -11.22 53.50
CA GLU E 383 26.28 -10.95 54.92
C GLU E 383 25.92 -9.50 55.22
N THR E 384 26.57 -8.53 54.56
CA THR E 384 26.34 -7.13 54.89
C THR E 384 25.46 -6.39 53.88
N GLY E 385 25.11 -7.00 52.75
CA GLY E 385 24.35 -6.37 51.70
C GLY E 385 25.16 -5.94 50.47
N LYS E 386 26.49 -5.87 50.57
CA LYS E 386 27.29 -5.40 49.43
C LYS E 386 26.97 -6.16 48.14
N THR E 387 26.99 -7.49 48.19
CA THR E 387 26.77 -8.24 46.96
C THR E 387 25.40 -7.92 46.40
N ALA E 388 24.39 -7.82 47.29
CA ALA E 388 23.04 -7.60 46.80
C ALA E 388 22.99 -6.26 46.08
N GLN E 389 23.75 -5.29 46.57
CA GLN E 389 23.81 -3.98 45.95
C GLN E 389 24.45 -4.06 44.57
N ARG E 390 25.48 -4.89 44.42
CA ARG E 390 26.16 -4.96 43.12
C ARG E 390 25.27 -5.62 42.09
N VAL E 391 24.53 -6.65 42.47
CA VAL E 391 23.60 -7.26 41.52
C VAL E 391 22.50 -6.27 41.16
N SER E 392 21.96 -5.58 42.15
CA SER E 392 20.96 -4.54 41.92
C SER E 392 21.47 -3.51 40.93
N ARG E 393 22.75 -3.11 41.07
CA ARG E 393 23.34 -2.15 40.15
C ARG E 393 23.24 -2.59 38.69
N ALA E 394 23.42 -3.88 38.41
CA ALA E 394 23.30 -4.37 37.02
C ALA E 394 21.88 -4.26 36.44
N ARG E 395 20.85 -4.04 37.26
CA ARG E 395 19.45 -3.86 36.83
C ARG E 395 18.99 -5.10 36.05
N PRO E 396 19.18 -6.28 36.60
CA PRO E 396 18.74 -7.49 35.90
C PRO E 396 17.24 -7.51 35.66
N VAL E 397 16.89 -8.19 34.57
CA VAL E 397 15.51 -8.44 34.22
C VAL E 397 14.90 -9.42 35.20
N ALA E 398 15.61 -10.50 35.44
CA ALA E 398 15.18 -11.51 36.38
C ALA E 398 15.03 -10.90 37.76
N PRO E 399 14.04 -11.34 38.55
CA PRO E 399 13.89 -10.86 39.93
C PRO E 399 15.04 -11.28 40.84
N ILE E 400 15.48 -10.32 41.68
CA ILE E 400 16.46 -10.60 42.72
C ILE E 400 15.78 -10.99 44.04
N LEU E 401 16.38 -11.92 44.79
CA LEU E 401 16.04 -12.15 46.19
C LEU E 401 17.34 -12.06 46.98
N SER E 402 17.39 -11.15 47.95
CA SER E 402 18.62 -10.92 48.73
C SER E 402 18.46 -11.58 50.08
N LEU E 403 19.16 -12.70 50.27
CA LEU E 403 19.03 -13.53 51.45
C LEU E 403 20.18 -13.21 52.42
N THR E 404 19.84 -12.70 53.60
CA THR E 404 20.80 -12.29 54.62
C THR E 404 20.40 -12.80 56.00
N PRO E 405 21.37 -13.15 56.86
CA PRO E 405 21.02 -13.50 58.26
C PRO E 405 20.83 -12.33 59.18
N ASP E 406 21.23 -11.13 58.79
CA ASP E 406 21.30 -9.99 59.71
C ASP E 406 20.04 -9.15 59.51
N ALA E 407 19.13 -9.21 60.51
CA ALA E 407 17.88 -8.47 60.39
C ALA E 407 18.09 -7.00 60.08
N GLU E 408 19.28 -6.45 60.34
CA GLU E 408 19.44 -5.03 60.08
C GLU E 408 19.79 -4.78 58.62
N VAL E 409 20.53 -5.71 58.02
CA VAL E 409 20.79 -5.63 56.60
C VAL E 409 19.51 -5.78 55.80
N ALA E 410 18.63 -6.70 56.23
CA ALA E 410 17.37 -6.91 55.53
C ALA E 410 16.54 -5.65 55.54
N ARG E 411 16.53 -4.95 56.68
CA ARG E 411 15.83 -3.68 56.81
C ARG E 411 16.45 -2.63 55.92
N ARG E 412 17.79 -2.51 55.92
CA ARG E 412 18.47 -1.48 55.13
C ARG E 412 18.22 -1.67 53.64
N LEU E 413 18.16 -2.93 53.18
CA LEU E 413 18.02 -3.23 51.75
C LEU E 413 16.67 -2.81 51.21
N GLY E 414 15.72 -2.47 52.09
CA GLY E 414 14.45 -1.91 51.66
C GLY E 414 14.56 -0.73 50.70
N LEU E 415 15.70 -0.04 50.71
CA LEU E 415 15.87 1.13 49.86
C LEU E 415 16.55 0.81 48.51
N VAL E 416 17.06 -0.39 48.34
CA VAL E 416 17.88 -0.73 47.18
C VAL E 416 16.98 -1.27 46.08
N TRP E 417 17.16 -0.75 44.88
CA TRP E 417 16.34 -1.19 43.75
C TRP E 417 16.25 -2.69 43.68
N GLY E 418 15.02 -3.18 43.63
CA GLY E 418 14.74 -4.58 43.35
C GLY E 418 15.27 -5.58 44.34
N ALA E 419 15.77 -5.16 45.53
CA ALA E 419 16.65 -6.05 46.28
C ALA E 419 15.91 -7.26 46.85
N GLN E 420 14.66 -7.06 47.28
CA GLN E 420 13.79 -8.08 47.88
C GLN E 420 14.50 -8.86 48.98
N PRO E 421 14.80 -8.20 50.09
CA PRO E 421 15.51 -8.86 51.18
C PRO E 421 14.63 -9.87 51.88
N VAL E 422 15.29 -10.92 52.36
CA VAL E 422 14.64 -11.97 53.13
C VAL E 422 15.65 -12.43 54.16
N GLN E 423 15.39 -12.12 55.40
CA GLN E 423 16.23 -12.65 56.48
C GLN E 423 16.09 -14.17 56.49
N VAL E 424 17.21 -14.86 56.64
CA VAL E 424 17.28 -16.31 56.65
C VAL E 424 18.25 -16.72 57.75
N SER E 425 18.27 -18.03 58.00
CA SER E 425 19.25 -18.61 58.89
C SER E 425 20.59 -18.67 58.16
N THR E 426 21.65 -18.69 58.95
CA THR E 426 22.98 -18.98 58.44
C THR E 426 23.00 -20.38 57.81
N VAL E 427 23.41 -20.46 56.56
CA VAL E 427 23.66 -21.73 55.92
C VAL E 427 25.15 -22.04 56.02
N LYS E 428 25.48 -23.33 56.04
CA LYS E 428 26.83 -23.77 56.28
C LYS E 428 27.43 -24.63 55.17
N THR E 429 26.65 -25.04 54.17
CA THR E 429 27.20 -25.75 53.01
C THR E 429 26.57 -25.22 51.72
N LEU E 430 27.24 -25.47 50.61
CA LEU E 430 26.64 -25.12 49.33
C LEU E 430 25.29 -25.83 49.15
N ASP E 431 25.20 -27.10 49.54
CA ASP E 431 23.92 -27.83 49.47
C ASP E 431 22.80 -27.09 50.19
N GLU E 432 23.09 -26.59 51.38
CA GLU E 432 22.09 -25.92 52.19
C GLU E 432 21.68 -24.61 51.54
N ALA E 433 22.65 -23.89 51.00
CA ALA E 433 22.37 -22.67 50.25
C ALA E 433 21.46 -22.96 49.05
N LYS E 434 21.73 -24.05 48.33
CA LYS E 434 20.92 -24.32 47.15
C LYS E 434 19.49 -24.64 47.55
N LYS E 435 19.31 -25.44 48.61
CA LYS E 435 17.97 -25.81 49.02
C LYS E 435 17.24 -24.59 49.57
N LEU E 436 17.93 -23.74 50.33
CA LEU E 436 17.27 -22.55 50.84
C LEU E 436 16.92 -21.60 49.71
N ALA E 437 17.76 -21.54 48.66
CA ALA E 437 17.49 -20.65 47.52
C ALA E 437 16.28 -21.12 46.73
N ALA E 438 16.20 -22.42 46.44
CA ALA E 438 15.04 -22.97 45.73
C ALA E 438 13.75 -22.79 46.56
N GLU E 439 13.78 -23.15 47.85
CA GLU E 439 12.57 -23.05 48.64
C GLU E 439 12.11 -21.59 48.81
N THR E 440 13.04 -20.64 48.92
CA THR E 440 12.62 -19.23 49.04
C THR E 440 11.99 -18.74 47.74
N ALA E 441 12.58 -19.10 46.60
CA ALA E 441 12.00 -18.65 45.33
C ALA E 441 10.62 -19.26 45.09
N LYS E 442 10.40 -20.51 45.53
CA LYS E 442 9.09 -21.11 45.34
C LYS E 442 8.07 -20.50 46.30
N LYS E 443 8.47 -20.24 47.53
CA LYS E 443 7.53 -19.82 48.55
C LYS E 443 6.89 -18.48 48.19
N TYR E 444 7.66 -17.52 47.67
CA TYR E 444 7.10 -16.21 47.34
C TYR E 444 6.64 -16.12 45.89
N GLY E 445 6.64 -17.24 45.19
CA GLY E 445 5.91 -17.33 43.95
C GLY E 445 6.70 -17.04 42.71
N PHE E 446 8.02 -16.91 42.80
CA PHE E 446 8.79 -16.60 41.61
C PHE E 446 9.08 -17.82 40.75
N ALA E 447 9.03 -19.01 41.33
CA ALA E 447 9.42 -20.19 40.58
C ALA E 447 8.56 -21.35 41.03
N LYS E 448 8.54 -22.39 40.20
CA LYS E 448 7.99 -23.67 40.59
C LYS E 448 8.99 -24.75 40.25
N ALA E 449 8.88 -25.89 40.93
CA ALA E 449 9.87 -26.95 40.77
C ALA E 449 10.21 -27.16 39.29
N GLY E 450 11.50 -27.23 39.00
CA GLY E 450 11.98 -27.37 37.64
C GLY E 450 12.50 -26.09 37.00
N ASP E 451 12.08 -24.91 37.49
CA ASP E 451 12.51 -23.64 36.91
C ASP E 451 14.00 -23.37 37.19
N LYS E 452 14.65 -22.63 36.30
CA LYS E 452 16.06 -22.30 36.53
C LYS E 452 16.17 -21.16 37.54
N LEU E 453 17.23 -21.21 38.34
CA LEU E 453 17.58 -20.14 39.27
C LEU E 453 19.08 -19.92 39.20
N VAL E 454 19.51 -18.67 39.35
CA VAL E 454 20.94 -18.35 39.42
C VAL E 454 21.26 -17.93 40.84
N VAL E 455 22.21 -18.59 41.44
CA VAL E 455 22.56 -18.30 42.82
C VAL E 455 23.94 -17.67 42.85
N VAL E 456 24.02 -16.50 43.49
CA VAL E 456 25.26 -15.80 43.76
C VAL E 456 25.53 -15.93 45.24
N ALA E 457 26.75 -16.39 45.58
CA ALA E 457 27.07 -16.71 46.97
C ALA E 457 28.57 -16.63 47.21
N GLY E 458 28.93 -16.72 48.48
CA GLY E 458 30.30 -16.84 48.89
C GLY E 458 30.54 -18.15 49.60
N GLU E 459 31.51 -18.91 49.13
CA GLU E 459 31.87 -20.17 49.76
C GLU E 459 33.37 -20.19 50.00
N PRO E 460 33.83 -20.90 51.06
CA PRO E 460 33.03 -21.50 52.13
C PRO E 460 32.28 -20.42 52.87
N PHE E 461 31.10 -20.73 53.41
CA PHE E 461 30.08 -19.75 53.79
C PHE E 461 30.33 -19.10 55.17
N GLY E 462 29.73 -17.93 55.35
CA GLY E 462 29.66 -17.26 56.63
C GLY E 462 30.40 -15.94 56.73
N LYS E 463 31.16 -15.53 55.72
CA LYS E 463 32.00 -14.35 55.80
C LYS E 463 31.65 -13.33 54.71
N ALA E 464 31.63 -12.04 55.10
CA ALA E 464 31.37 -10.92 54.20
C ALA E 464 32.53 -10.65 53.24
N GLY E 465 32.18 -10.14 52.06
CA GLY E 465 33.18 -9.84 51.04
C GLY E 465 33.82 -11.06 50.41
N THR E 466 33.22 -12.23 50.51
CA THR E 466 33.78 -13.45 49.97
C THR E 466 32.99 -14.01 48.78
N THR E 467 32.20 -13.18 48.11
CA THR E 467 31.34 -13.67 47.04
C THR E 467 32.18 -14.21 45.90
N ASN E 468 31.93 -15.45 45.49
CA ASN E 468 32.75 -16.03 44.44
C ASN E 468 32.10 -17.13 43.61
N ILE E 469 30.81 -17.40 43.75
CA ILE E 469 30.15 -18.46 43.00
C ILE E 469 28.97 -17.90 42.23
N VAL E 470 28.81 -18.37 41.01
CA VAL E 470 27.52 -18.38 40.33
C VAL E 470 27.14 -19.84 40.15
N ASP E 471 25.95 -20.20 40.62
CA ASP E 471 25.47 -21.58 40.54
C ASP E 471 24.08 -21.56 39.93
N VAL E 472 23.93 -22.19 38.76
CA VAL E 472 22.63 -22.35 38.12
C VAL E 472 21.99 -23.66 38.62
N ILE E 473 20.84 -23.55 39.29
CA ILE E 473 20.17 -24.69 39.89
C ILE E 473 18.74 -24.75 39.35
N GLU E 474 18.11 -25.91 39.54
CA GLU E 474 16.67 -26.09 39.34
C GLU E 474 15.91 -25.94 40.66
N ALA E 475 14.82 -25.22 40.61
CA ALA E 475 13.97 -25.12 41.77
C ALA E 475 13.24 -26.46 41.98
N GLY F 4 37.64 -7.93 -19.75
CA GLY F 4 37.70 -6.56 -20.26
C GLY F 4 38.81 -5.78 -19.58
N LEU F 5 39.25 -4.74 -20.28
CA LEU F 5 40.43 -4.00 -19.82
C LEU F 5 40.04 -2.93 -18.81
N PHE F 6 39.04 -2.12 -19.17
CA PHE F 6 38.57 -1.09 -18.34
C PHE F 6 37.05 -1.09 -18.51
N PRO F 7 36.28 -1.17 -17.42
CA PRO F 7 36.67 -1.45 -16.03
C PRO F 7 37.20 -2.87 -15.78
N ARG F 8 37.99 -3.07 -14.75
CA ARG F 8 38.58 -4.37 -14.49
C ARG F 8 37.63 -5.39 -13.89
N GLY F 9 36.61 -4.97 -13.15
CA GLY F 9 35.80 -5.92 -12.41
C GLY F 9 36.21 -6.11 -10.98
N ARG F 10 37.16 -5.31 -10.51
CA ARG F 10 37.71 -5.38 -9.15
C ARG F 10 38.56 -4.14 -8.99
N LYS F 11 38.80 -3.76 -7.73
CA LYS F 11 39.33 -2.46 -7.41
C LYS F 11 40.75 -2.48 -6.91
N VAL F 12 41.23 -3.61 -6.38
CA VAL F 12 42.63 -3.69 -6.05
C VAL F 12 43.44 -3.56 -7.35
N ARG F 13 44.66 -3.06 -7.22
CA ARG F 13 45.53 -2.80 -8.34
C ARG F 13 46.66 -3.83 -8.36
N VAL F 14 46.94 -4.35 -9.56
CA VAL F 14 47.98 -5.35 -9.78
C VAL F 14 49.25 -4.62 -10.23
N VAL F 15 50.32 -4.77 -9.45
CA VAL F 15 51.63 -4.22 -9.79
C VAL F 15 52.49 -5.35 -10.35
N SER F 16 52.93 -5.22 -11.60
CA SER F 16 53.68 -6.26 -12.29
C SER F 16 55.11 -5.81 -12.56
N THR F 17 56.08 -6.60 -12.13
CA THR F 17 57.48 -6.26 -12.40
C THR F 17 57.86 -6.75 -13.79
N LEU F 18 58.42 -5.86 -14.59
CA LEU F 18 58.87 -6.26 -15.92
C LEU F 18 60.33 -6.76 -15.89
N GLY F 19 60.69 -7.48 -16.93
CA GLY F 19 62.01 -8.05 -17.00
C GLY F 19 62.18 -8.98 -18.19
N PRO F 20 63.20 -9.82 -18.11
CA PRO F 20 63.48 -10.72 -19.25
C PRO F 20 62.26 -11.44 -19.78
N ALA F 21 61.40 -11.95 -18.91
CA ALA F 21 60.21 -12.67 -19.36
C ALA F 21 59.08 -11.75 -19.85
N SER F 22 59.09 -10.46 -19.49
CA SER F 22 58.03 -9.54 -19.91
C SER F 22 58.68 -8.20 -20.23
N SER F 23 59.14 -8.04 -21.47
CA SER F 23 59.73 -6.77 -21.86
C SER F 23 59.44 -6.33 -23.28
N THR F 24 58.93 -7.17 -24.15
CA THR F 24 58.69 -6.65 -25.48
C THR F 24 57.38 -5.88 -25.50
N ALA F 25 57.18 -5.11 -26.59
CA ALA F 25 55.88 -4.49 -26.79
C ALA F 25 54.75 -5.53 -26.76
N GLU F 26 54.94 -6.69 -27.39
CA GLU F 26 53.90 -7.71 -27.39
C GLU F 26 53.57 -8.17 -25.98
N GLN F 27 54.61 -8.34 -25.16
CA GLN F 27 54.45 -8.98 -23.87
C GLN F 27 53.90 -7.99 -22.85
N ILE F 28 54.35 -6.75 -22.90
CA ILE F 28 53.79 -5.73 -22.04
C ILE F 28 52.30 -5.59 -22.28
N ARG F 29 51.91 -5.50 -23.56
CA ARG F 29 50.50 -5.41 -23.90
C ARG F 29 49.74 -6.67 -23.44
N ASP F 30 50.38 -7.83 -23.50
CA ASP F 30 49.70 -9.04 -23.04
C ASP F 30 49.44 -8.97 -21.55
N ARG F 31 50.45 -8.59 -20.74
CA ARG F 31 50.26 -8.48 -19.30
C ARG F 31 49.18 -7.44 -18.98
N PHE F 32 49.13 -6.36 -19.76
CA PHE F 32 48.19 -5.28 -19.53
C PHE F 32 46.75 -5.77 -19.68
N LEU F 33 46.49 -6.52 -20.74
CA LEU F 33 45.17 -7.07 -20.95
C LEU F 33 44.86 -8.19 -19.99
N ALA F 34 45.88 -8.82 -19.42
CA ALA F 34 45.65 -9.95 -18.52
C ALA F 34 45.37 -9.53 -17.07
N GLY F 35 45.60 -8.27 -16.70
CA GLY F 35 45.34 -7.80 -15.37
C GLY F 35 46.30 -6.76 -14.82
N ALA F 36 47.47 -6.62 -15.45
CA ALA F 36 48.49 -5.74 -14.90
C ALA F 36 48.09 -4.26 -15.05
N ASP F 37 48.14 -3.54 -13.95
CA ASP F 37 47.78 -2.13 -13.93
C ASP F 37 48.95 -1.20 -13.74
N VAL F 38 49.91 -1.57 -12.93
CA VAL F 38 51.06 -0.76 -12.64
C VAL F 38 52.28 -1.58 -12.99
N PHE F 39 53.17 -1.02 -13.83
CA PHE F 39 54.39 -1.70 -14.27
C PHE F 39 55.55 -1.20 -13.44
N ARG F 40 56.27 -2.13 -12.82
CA ARG F 40 57.43 -1.83 -12.00
C ARG F 40 58.70 -2.03 -12.83
N ILE F 41 59.60 -1.08 -12.76
CA ILE F 41 60.82 -1.11 -13.54
C ILE F 41 61.96 -1.11 -12.54
N ASN F 42 62.59 -2.28 -12.40
CA ASN F 42 63.78 -2.45 -11.56
C ASN F 42 64.97 -1.78 -12.22
N MET F 43 65.58 -0.82 -11.52
CA MET F 43 66.79 -0.20 -12.01
C MET F 43 68.06 -0.95 -11.59
N SER F 44 67.94 -1.97 -10.74
CA SER F 44 69.06 -2.82 -10.38
C SER F 44 69.92 -3.21 -11.58
N HIS F 45 69.27 -3.43 -12.72
CA HIS F 45 69.88 -4.04 -13.88
C HIS F 45 69.57 -3.22 -15.13
N GLY F 46 70.11 -3.67 -16.25
CA GLY F 46 69.79 -3.07 -17.52
C GLY F 46 70.30 -1.65 -17.67
N THR F 47 70.17 -1.14 -18.87
CA THR F 47 70.71 0.13 -19.32
C THR F 47 69.58 1.12 -19.59
N HIS F 48 69.87 2.41 -19.39
CA HIS F 48 68.89 3.44 -19.74
C HIS F 48 68.32 3.25 -21.14
N ASP F 49 69.15 2.84 -22.11
CA ASP F 49 68.65 2.61 -23.46
C ASP F 49 67.63 1.47 -23.47
N GLU F 50 67.94 0.37 -22.77
CA GLU F 50 66.99 -0.74 -22.69
C GLU F 50 65.74 -0.33 -21.90
N LYS F 51 65.92 0.49 -20.86
CA LYS F 51 64.75 1.00 -20.15
C LYS F 51 63.90 1.86 -21.07
N LYS F 52 64.50 2.88 -21.69
CA LYS F 52 63.76 3.77 -22.59
C LYS F 52 62.90 2.96 -23.55
N VAL F 53 63.44 1.88 -24.11
CA VAL F 53 62.60 1.06 -24.98
C VAL F 53 61.32 0.65 -24.26
N ILE F 54 61.46 0.14 -23.04
CA ILE F 54 60.30 -0.40 -22.33
C ILE F 54 59.35 0.74 -21.95
N VAL F 55 59.87 1.87 -21.48
CA VAL F 55 59.00 3.00 -21.15
C VAL F 55 58.06 3.28 -22.31
N ASP F 56 58.60 3.31 -23.52
CA ASP F 56 57.80 3.63 -24.70
C ASP F 56 56.89 2.49 -25.13
N ASN F 57 57.30 1.24 -24.95
CA ASN F 57 56.36 0.17 -25.22
C ASN F 57 55.14 0.24 -24.29
N ILE F 58 55.34 0.76 -23.08
CA ILE F 58 54.24 0.89 -22.15
C ILE F 58 53.33 2.04 -22.56
N ARG F 59 53.92 3.22 -22.80
CA ARG F 59 53.15 4.37 -23.21
C ARG F 59 52.44 4.13 -24.54
N ALA F 60 53.02 3.30 -25.40
CA ALA F 60 52.30 2.90 -26.61
C ALA F 60 50.86 2.56 -26.28
N LEU F 61 50.66 1.79 -25.20
CA LEU F 61 49.33 1.34 -24.79
C LEU F 61 48.36 2.51 -24.65
N GLU F 62 48.87 3.67 -24.23
CA GLU F 62 47.98 4.80 -23.99
C GLU F 62 47.22 5.20 -25.26
N LYS F 63 47.78 4.96 -26.44
CA LYS F 63 47.02 5.31 -27.64
C LYS F 63 46.31 4.13 -28.30
N GLU F 64 46.55 2.92 -27.85
CA GLU F 64 45.77 1.82 -28.36
C GLU F 64 44.47 1.62 -27.60
N PHE F 65 44.45 1.95 -26.30
CA PHE F 65 43.29 1.68 -25.46
C PHE F 65 42.68 2.90 -24.80
N ASN F 66 43.26 4.09 -24.94
CA ASN F 66 42.72 5.29 -24.30
C ASN F 66 42.59 5.11 -22.80
N ARG F 67 43.74 4.87 -22.16
CA ARG F 67 43.78 4.65 -20.74
C ARG F 67 45.13 5.14 -20.26
N PRO F 68 45.19 5.89 -19.15
CA PRO F 68 46.49 6.22 -18.59
C PRO F 68 47.20 4.93 -18.21
N THR F 69 48.51 4.95 -18.34
CA THR F 69 49.36 3.89 -17.81
C THR F 69 50.04 4.40 -16.55
N THR F 70 50.60 3.48 -15.80
CA THR F 70 51.28 3.81 -14.55
C THR F 70 52.58 3.03 -14.46
N ILE F 71 53.70 3.74 -14.29
CA ILE F 71 55.02 3.12 -14.22
C ILE F 71 55.64 3.48 -12.89
N LEU F 72 56.17 2.46 -12.19
CA LEU F 72 56.86 2.61 -10.92
C LEU F 72 58.34 2.35 -11.15
N PHE F 73 59.19 3.34 -10.84
CA PHE F 73 60.62 3.23 -11.03
C PHE F 73 61.26 2.83 -9.71
N ASP F 74 61.73 1.60 -9.65
CA ASP F 74 62.30 1.07 -8.41
C ASP F 74 63.80 1.32 -8.37
N LEU F 75 64.25 2.07 -7.36
CA LEU F 75 65.66 2.35 -7.12
C LEU F 75 66.27 1.33 -6.16
N GLN F 76 67.51 0.93 -6.43
CA GLN F 76 68.12 -0.21 -5.76
C GLN F 76 68.57 0.13 -4.34
N GLY F 77 69.10 1.31 -4.13
CA GLY F 77 69.77 1.63 -2.89
C GLY F 77 71.10 0.91 -2.79
N PRO F 78 71.74 1.00 -1.62
CA PRO F 78 73.10 0.45 -1.51
C PRO F 78 73.16 -1.08 -1.65
N LYS F 79 74.25 -1.54 -2.29
CA LYS F 79 74.65 -2.95 -2.44
C LYS F 79 74.42 -3.80 -1.17
N PHE F 164 74.67 -9.19 1.76
CA PHE F 164 74.61 -9.23 3.22
C PHE F 164 73.84 -8.06 3.92
N ASN F 165 73.11 -8.35 5.01
CA ASN F 165 72.20 -7.42 5.66
C ASN F 165 72.67 -7.03 7.06
N VAL F 166 72.23 -5.85 7.53
CA VAL F 166 72.60 -5.25 8.83
C VAL F 166 71.39 -4.86 9.67
N PRO F 167 70.90 -5.71 10.58
CA PRO F 167 69.54 -5.47 11.11
C PRO F 167 69.41 -4.73 12.43
N ASP F 168 70.46 -4.58 13.22
CA ASP F 168 70.32 -4.11 14.60
C ASP F 168 70.87 -2.71 14.84
N VAL F 169 71.40 -2.06 13.79
CA VAL F 169 71.90 -0.69 13.91
C VAL F 169 71.74 0.01 12.57
N VAL F 170 71.63 1.32 12.63
CA VAL F 170 71.48 2.17 11.45
C VAL F 170 72.88 2.54 11.00
N ILE F 171 73.28 2.04 9.84
CA ILE F 171 74.58 2.37 9.25
C ILE F 171 74.44 3.75 8.59
N PRO F 172 75.48 4.64 8.70
CA PRO F 172 75.36 6.04 8.21
C PRO F 172 75.58 6.15 6.70
N LEU F 173 74.57 5.73 5.96
CA LEU F 173 74.65 5.57 4.51
C LEU F 173 73.30 6.03 3.96
N ALA F 174 73.27 7.17 3.27
CA ALA F 174 71.99 7.65 2.78
C ALA F 174 71.47 6.65 1.75
N ALA F 175 70.14 6.60 1.63
CA ALA F 175 69.45 5.55 0.88
C ALA F 175 69.66 5.63 -0.61
N LEU F 176 70.16 6.75 -1.11
CA LEU F 176 70.33 6.95 -2.55
C LEU F 176 71.82 6.88 -2.89
N THR F 177 72.25 5.74 -3.40
CA THR F 177 73.62 5.63 -3.86
C THR F 177 73.80 6.51 -5.10
N PRO F 178 75.00 6.92 -5.39
CA PRO F 178 75.28 7.64 -6.64
C PRO F 178 74.62 7.02 -7.86
N LYS F 179 74.67 5.69 -7.98
CA LYS F 179 73.92 5.02 -9.03
C LYS F 179 72.44 5.38 -8.98
N ASP F 180 71.90 5.58 -7.77
CA ASP F 180 70.48 5.85 -7.64
C ASP F 180 70.14 7.26 -8.09
N ARG F 181 71.07 8.20 -7.95
CA ARG F 181 70.80 9.57 -8.32
C ARG F 181 70.83 9.76 -9.82
N LYS F 182 71.57 8.92 -10.54
CA LYS F 182 71.53 8.93 -11.99
C LYS F 182 70.29 8.24 -12.52
N ASP F 183 69.90 7.13 -11.90
CA ASP F 183 68.68 6.44 -12.31
C ASP F 183 67.46 7.28 -11.98
N LEU F 184 67.47 7.96 -10.85
CA LEU F 184 66.37 8.85 -10.55
C LEU F 184 66.22 9.88 -11.65
N ASP F 185 67.34 10.46 -12.11
CA ASP F 185 67.26 11.49 -13.14
C ASP F 185 66.79 10.94 -14.46
N PHE F 186 67.14 9.70 -14.78
CA PHE F 186 66.56 9.08 -15.96
C PHE F 186 65.09 8.79 -15.74
N ALA F 187 64.73 8.36 -14.51
CA ALA F 187 63.34 8.11 -14.17
C ALA F 187 62.52 9.38 -14.29
N LEU F 188 63.08 10.52 -13.87
CA LEU F 188 62.32 11.76 -13.97
C LEU F 188 62.25 12.27 -15.40
N LYS F 189 63.30 12.04 -16.20
CA LYS F 189 63.28 12.48 -17.59
C LYS F 189 62.25 11.69 -18.39
N GLU F 190 62.01 10.46 -17.99
CA GLU F 190 61.00 9.61 -18.62
C GLU F 190 59.60 9.78 -18.02
N LYS F 191 59.41 10.75 -17.11
CA LYS F 191 58.09 11.06 -16.56
C LYS F 191 57.60 9.94 -15.64
N ALA F 192 58.48 9.48 -14.76
CA ALA F 192 58.08 8.47 -13.79
C ALA F 192 56.82 8.89 -13.04
N ASP F 193 55.78 8.07 -13.16
CA ASP F 193 54.56 8.26 -12.38
C ASP F 193 54.82 8.09 -10.89
N TRP F 194 55.57 7.05 -10.51
CA TRP F 194 55.93 6.78 -9.12
C TRP F 194 57.40 6.41 -9.05
N VAL F 195 58.03 6.67 -7.91
CA VAL F 195 59.43 6.41 -7.67
C VAL F 195 59.52 5.69 -6.32
N ALA F 196 60.10 4.48 -6.31
CA ALA F 196 60.29 3.73 -5.07
C ALA F 196 61.71 3.88 -4.54
N LEU F 197 61.82 4.17 -3.25
CA LEU F 197 63.07 4.24 -2.52
C LEU F 197 63.30 2.93 -1.79
N SER F 198 64.54 2.48 -1.76
CA SER F 198 64.90 1.33 -0.96
C SER F 198 65.77 1.75 0.23
N PHE F 199 66.06 0.77 1.08
CA PHE F 199 67.04 0.92 2.15
C PHE F 199 66.65 2.06 3.07
N VAL F 200 65.38 2.13 3.38
CA VAL F 200 64.85 3.23 4.17
C VAL F 200 64.99 2.89 5.65
N GLN F 201 65.66 3.74 6.39
CA GLN F 201 65.96 3.51 7.80
C GLN F 201 65.31 4.54 8.70
N ARG F 202 65.24 5.80 8.26
CA ARG F 202 64.75 6.90 9.08
C ARG F 202 63.92 7.81 8.21
N VAL F 203 63.20 8.72 8.85
CA VAL F 203 62.43 9.68 8.07
C VAL F 203 63.36 10.57 7.27
N GLU F 204 64.56 10.81 7.78
CA GLU F 204 65.48 11.73 7.10
C GLU F 204 65.79 11.25 5.69
N ASP F 205 65.84 9.93 5.46
CA ASP F 205 66.09 9.42 4.10
C ASP F 205 64.89 9.66 3.18
N VAL F 206 63.69 9.73 3.73
CA VAL F 206 62.52 10.03 2.92
C VAL F 206 62.52 11.50 2.54
N ILE F 207 62.91 12.35 3.48
CA ILE F 207 62.97 13.79 3.23
C ILE F 207 64.05 14.11 2.21
N GLU F 208 65.25 13.57 2.40
CA GLU F 208 66.32 13.81 1.44
C GLU F 208 65.86 13.40 0.06
N ALA F 209 65.27 12.20 -0.04
CA ALA F 209 64.81 11.74 -1.35
C ALA F 209 63.81 12.71 -1.94
N LYS F 210 62.90 13.23 -1.12
CA LYS F 210 61.90 14.15 -1.65
C LYS F 210 62.53 15.45 -2.12
N GLU F 211 63.32 16.10 -1.26
CA GLU F 211 63.91 17.38 -1.65
C GLU F 211 64.59 17.25 -3.01
N LEU F 212 65.30 16.16 -3.21
CA LEU F 212 65.96 15.93 -4.50
C LEU F 212 64.93 15.85 -5.61
N ILE F 213 63.84 15.12 -5.37
CA ILE F 213 62.85 14.89 -6.41
C ILE F 213 62.13 16.18 -6.77
N LYS F 214 61.88 17.02 -5.77
CA LYS F 214 61.21 18.30 -5.95
C LYS F 214 59.98 18.22 -6.87
N GLY F 215 58.99 17.45 -6.40
CA GLY F 215 57.65 17.53 -6.94
C GLY F 215 57.44 16.92 -8.30
N ARG F 216 58.46 16.29 -8.88
CA ARG F 216 58.33 15.74 -10.21
C ARG F 216 57.68 14.36 -10.22
N ALA F 217 57.71 13.65 -9.08
CA ALA F 217 56.97 12.41 -8.91
C ALA F 217 56.65 12.17 -7.44
N PRO F 218 55.55 11.49 -7.13
CA PRO F 218 55.31 11.08 -5.74
C PRO F 218 56.24 9.95 -5.32
N LEU F 219 56.51 9.87 -4.02
CA LEU F 219 57.45 8.91 -3.47
C LEU F 219 56.68 7.70 -2.94
N LEU F 220 57.18 6.50 -3.25
CA LEU F 220 56.82 5.27 -2.55
C LEU F 220 58.03 4.81 -1.73
N VAL F 221 57.79 4.44 -0.47
CA VAL F 221 58.85 4.00 0.41
C VAL F 221 58.71 2.49 0.59
N LYS F 222 59.78 1.76 0.30
CA LYS F 222 59.81 0.32 0.57
C LYS F 222 60.23 0.10 2.01
N LEU F 223 59.31 -0.47 2.79
CA LEU F 223 59.56 -0.84 4.17
C LEU F 223 60.20 -2.23 4.18
N GLU F 224 61.47 -2.27 4.51
CA GLU F 224 62.28 -3.48 4.39
C GLU F 224 63.03 -3.80 5.66
N LYS F 225 63.31 -2.83 6.51
CA LYS F 225 64.28 -2.91 7.57
C LYS F 225 63.65 -2.65 8.94
N PRO F 226 64.14 -3.30 10.00
CA PRO F 226 63.63 -2.98 11.33
C PRO F 226 63.64 -1.49 11.69
N ALA F 227 64.66 -0.73 11.30
CA ALA F 227 64.68 0.67 11.71
C ALA F 227 63.55 1.46 11.03
N ALA F 228 63.06 0.98 9.88
CA ALA F 228 61.90 1.60 9.25
C ALA F 228 60.64 1.29 10.04
N ILE F 229 60.53 0.07 10.55
CA ILE F 229 59.37 -0.36 11.32
C ILE F 229 59.36 0.32 12.68
N GLU F 230 60.52 0.43 13.33
CA GLU F 230 60.61 1.16 14.60
C GLU F 230 60.15 2.60 14.44
N ASN F 231 60.31 3.14 13.25
CA ASN F 231 59.97 4.54 12.97
C ASN F 231 58.81 4.66 11.99
N LEU F 232 57.83 3.76 12.09
CA LEU F 232 56.86 3.61 11.02
C LEU F 232 55.98 4.85 10.87
N GLU F 233 55.49 5.39 12.00
CA GLU F 233 54.57 6.53 11.94
C GLU F 233 55.24 7.74 11.30
N SER F 234 56.51 7.94 11.62
CA SER F 234 57.27 9.08 11.11
C SER F 234 57.55 8.94 9.61
N ILE F 235 57.90 7.74 9.17
CA ILE F 235 58.09 7.51 7.75
C ILE F 235 56.76 7.55 7.02
N LEU F 236 55.69 7.06 7.65
CA LEU F 236 54.40 6.95 6.95
C LEU F 236 53.83 8.34 6.68
N ALA F 237 54.15 9.31 7.54
CA ALA F 237 53.67 10.68 7.34
C ALA F 237 54.41 11.41 6.23
N ALA F 238 55.70 11.14 6.04
CA ALA F 238 56.45 11.87 5.03
C ALA F 238 56.29 11.27 3.64
N THR F 239 56.02 9.98 3.55
CA THR F 239 55.92 9.31 2.26
C THR F 239 54.59 9.65 1.60
N ASP F 240 54.47 9.28 0.32
CA ASP F 240 53.20 9.35 -0.40
C ASP F 240 52.52 8.00 -0.52
N ALA F 241 53.29 6.93 -0.72
CA ALA F 241 52.79 5.58 -0.86
C ALA F 241 53.78 4.62 -0.21
N VAL F 242 53.37 3.36 -0.10
CA VAL F 242 54.03 2.39 0.78
C VAL F 242 54.06 1.04 0.09
N MET F 243 55.19 0.35 0.22
CA MET F 243 55.30 -1.02 -0.24
C MET F 243 55.64 -1.85 0.97
N VAL F 244 54.86 -2.90 1.20
CA VAL F 244 55.21 -3.87 2.23
C VAL F 244 56.17 -4.85 1.55
N ALA F 245 57.47 -4.64 1.75
CA ALA F 245 58.53 -5.33 0.99
C ALA F 245 58.99 -6.56 1.75
N ARG F 246 58.18 -7.63 1.67
CA ARG F 246 58.24 -8.69 2.67
C ARG F 246 59.48 -9.56 2.53
N GLY F 247 60.06 -9.60 1.35
CA GLY F 247 61.28 -10.34 1.10
C GLY F 247 62.39 -9.94 2.05
N ASP F 248 62.72 -8.66 2.08
CA ASP F 248 63.79 -8.22 2.94
C ASP F 248 63.31 -8.09 4.37
N LEU F 249 62.04 -7.78 4.59
CA LEU F 249 61.53 -7.70 5.96
C LEU F 249 61.68 -9.05 6.65
N GLY F 250 61.33 -10.13 5.95
CA GLY F 250 61.51 -11.49 6.44
C GLY F 250 62.94 -12.01 6.49
N VAL F 251 63.93 -11.24 6.03
CA VAL F 251 65.33 -11.54 6.30
C VAL F 251 65.83 -10.78 7.53
N GLU F 252 65.53 -9.49 7.61
CA GLU F 252 66.13 -8.69 8.68
C GLU F 252 65.36 -8.83 9.97
N CYS F 253 64.06 -9.13 9.88
CA CYS F 253 63.27 -9.57 11.00
C CYS F 253 62.94 -11.05 10.81
N LEU F 254 62.61 -11.71 11.91
CA LEU F 254 62.11 -13.07 11.85
C LEU F 254 61.01 -13.20 10.78
N PRO F 255 61.02 -14.27 9.98
CA PRO F 255 59.92 -14.45 9.02
C PRO F 255 58.54 -14.55 9.67
N GLU F 256 58.45 -15.11 10.88
CA GLU F 256 57.14 -15.19 11.55
C GLU F 256 56.61 -13.83 11.99
N SER F 257 57.43 -12.79 12.00
CA SER F 257 56.98 -11.47 12.40
C SER F 257 56.41 -10.66 11.24
N VAL F 258 56.45 -11.20 10.04
CA VAL F 258 56.00 -10.38 8.92
C VAL F 258 54.49 -10.19 8.97
N PRO F 259 53.66 -11.19 9.21
CA PRO F 259 52.20 -11.01 9.05
C PRO F 259 51.63 -9.95 9.98
N PRO F 260 51.90 -9.99 11.29
CA PRO F 260 51.38 -8.90 12.15
C PRO F 260 51.90 -7.54 11.71
N THR F 261 53.11 -7.50 11.16
CA THR F 261 53.67 -6.23 10.72
C THR F 261 52.97 -5.72 9.48
N GLN F 262 52.56 -6.65 8.62
CA GLN F 262 51.80 -6.33 7.42
C GLN F 262 50.42 -5.81 7.78
N LYS F 263 49.77 -6.42 8.79
CA LYS F 263 48.49 -5.89 9.23
C LYS F 263 48.64 -4.45 9.69
N ARG F 264 49.68 -4.15 10.49
CA ARG F 264 49.87 -2.79 10.99
C ARG F 264 50.13 -1.82 9.84
N ILE F 265 50.97 -2.19 8.88
CA ILE F 265 51.30 -1.26 7.79
C ILE F 265 50.06 -1.01 6.93
N VAL F 266 49.38 -2.07 6.50
CA VAL F 266 48.22 -1.86 5.64
C VAL F 266 47.15 -1.04 6.38
N GLU F 267 46.97 -1.25 7.69
CA GLU F 267 45.87 -0.50 8.33
C GLU F 267 46.28 0.94 8.61
N ARG F 268 47.55 1.17 8.96
CA ARG F 268 47.99 2.54 9.17
C ARG F 268 48.01 3.29 7.85
N SER F 269 48.43 2.62 6.78
CA SER F 269 48.47 3.26 5.46
C SER F 269 47.08 3.71 5.06
N ARG F 270 46.09 2.85 5.26
CA ARG F 270 44.72 3.21 4.94
C ARG F 270 44.25 4.38 5.80
N GLN F 271 44.62 4.38 7.08
CA GLN F 271 44.10 5.43 7.96
C GLN F 271 44.67 6.78 7.62
N LEU F 272 45.86 6.83 7.05
CA LEU F 272 46.47 8.08 6.64
C LEU F 272 46.33 8.34 5.16
N GLY F 273 45.67 7.45 4.42
CA GLY F 273 45.32 7.73 3.05
C GLY F 273 46.53 7.69 2.14
N LYS F 274 47.37 6.70 2.30
CA LYS F 274 48.54 6.57 1.48
C LYS F 274 48.46 5.19 0.85
N PRO F 275 48.56 5.09 -0.48
CA PRO F 275 48.46 3.78 -1.14
C PRO F 275 49.47 2.79 -0.59
N VAL F 276 49.04 1.53 -0.47
CA VAL F 276 49.90 0.49 0.10
C VAL F 276 49.86 -0.72 -0.80
N VAL F 277 51.05 -1.22 -1.15
CA VAL F 277 51.20 -2.39 -2.01
C VAL F 277 51.87 -3.49 -1.21
N VAL F 278 51.31 -4.70 -1.26
CA VAL F 278 51.87 -5.87 -0.59
C VAL F 278 52.69 -6.60 -1.63
N ALA F 279 53.92 -6.98 -1.28
CA ALA F 279 54.83 -7.54 -2.26
C ALA F 279 55.57 -8.75 -1.71
N THR F 280 56.10 -9.53 -2.66
CA THR F 280 57.04 -10.64 -2.52
C THR F 280 56.40 -12.00 -2.35
N ALA F 281 56.60 -12.82 -3.37
CA ALA F 281 56.31 -14.26 -3.36
C ALA F 281 54.83 -14.55 -3.25
N MET F 282 53.97 -13.69 -3.78
CA MET F 282 52.53 -13.95 -3.72
C MET F 282 52.12 -15.16 -4.56
N LEU F 283 52.79 -15.42 -5.66
CA LEU F 283 52.57 -16.60 -6.47
C LEU F 283 53.93 -17.20 -6.84
N GLU F 284 54.80 -17.35 -5.85
CA GLU F 284 56.16 -17.76 -6.12
C GLU F 284 56.23 -19.08 -6.90
N SER F 285 55.40 -20.05 -6.55
CA SER F 285 55.55 -21.33 -7.23
C SER F 285 55.32 -21.22 -8.72
N MET F 286 54.81 -20.09 -9.21
CA MET F 286 54.43 -19.96 -10.61
C MET F 286 55.58 -19.46 -11.48
N ILE F 287 56.69 -19.03 -10.87
CA ILE F 287 57.95 -18.95 -11.60
C ILE F 287 58.17 -20.22 -12.42
N LYS F 288 57.86 -21.36 -11.83
CA LYS F 288 58.09 -22.64 -12.49
C LYS F 288 56.81 -23.34 -12.86
N ALA F 289 55.80 -23.24 -12.05
CA ALA F 289 54.62 -24.05 -12.26
C ALA F 289 53.50 -23.21 -12.83
N PRO F 290 52.67 -23.74 -13.73
CA PRO F 290 51.67 -22.90 -14.40
C PRO F 290 50.47 -22.60 -13.55
N ALA F 291 50.39 -23.13 -12.35
CA ALA F 291 49.29 -22.86 -11.43
C ALA F 291 49.80 -22.77 -10.00
N PRO F 292 49.17 -21.95 -9.17
CA PRO F 292 49.73 -21.60 -7.87
C PRO F 292 49.40 -22.63 -6.79
N THR F 293 50.05 -22.48 -5.62
CA THR F 293 49.66 -23.30 -4.49
C THR F 293 48.49 -22.69 -3.74
N ARG F 294 47.90 -23.51 -2.89
CA ARG F 294 46.74 -23.05 -2.12
C ARG F 294 47.13 -21.95 -1.17
N ALA F 295 48.35 -21.99 -0.65
CA ALA F 295 48.79 -20.94 0.25
C ALA F 295 48.98 -19.64 -0.52
N GLU F 296 49.43 -19.71 -1.75
CA GLU F 296 49.63 -18.48 -2.51
C GLU F 296 48.29 -17.79 -2.83
N VAL F 297 47.25 -18.53 -3.22
CA VAL F 297 45.95 -17.92 -3.44
C VAL F 297 45.39 -17.37 -2.13
N SER F 298 45.63 -18.06 -1.01
CA SER F 298 45.25 -17.53 0.30
C SER F 298 45.94 -16.21 0.58
N ASP F 299 47.26 -16.16 0.35
CA ASP F 299 48.03 -14.94 0.63
C ASP F 299 47.51 -13.75 -0.14
N VAL F 300 47.18 -13.94 -1.42
CA VAL F 300 46.68 -12.84 -2.24
C VAL F 300 45.33 -12.37 -1.72
N ALA F 301 44.44 -13.31 -1.45
CA ALA F 301 43.09 -12.97 -1.06
C ALA F 301 43.08 -12.32 0.32
N ASN F 302 44.04 -12.66 1.20
CA ASN F 302 44.07 -12.00 2.49
C ASN F 302 44.67 -10.61 2.43
N ALA F 303 45.40 -10.25 1.38
CA ALA F 303 45.82 -8.87 1.21
C ALA F 303 44.65 -8.03 0.71
N ILE F 304 43.89 -8.58 -0.22
CA ILE F 304 42.64 -7.94 -0.63
C ILE F 304 41.74 -7.68 0.57
N TYR F 305 41.57 -8.69 1.43
CA TYR F 305 40.66 -8.56 2.56
C TYR F 305 41.12 -7.51 3.55
N GLU F 306 42.44 -7.27 3.63
CA GLU F 306 43.00 -6.23 4.47
C GLU F 306 42.69 -4.84 3.94
N GLY F 307 42.29 -4.78 2.66
CA GLY F 307 41.99 -3.52 2.02
C GLY F 307 43.15 -2.88 1.29
N ALA F 308 44.19 -3.64 0.99
CA ALA F 308 45.36 -3.03 0.38
C ALA F 308 45.03 -2.45 -1.00
N ASP F 309 45.68 -1.33 -1.35
CA ASP F 309 45.52 -0.79 -2.68
C ASP F 309 46.08 -1.71 -3.75
N GLY F 310 47.11 -2.48 -3.44
CA GLY F 310 47.88 -3.12 -4.48
C GLY F 310 48.50 -4.43 -4.08
N ILE F 311 48.64 -5.32 -5.06
CA ILE F 311 49.34 -6.60 -4.91
C ILE F 311 50.27 -6.78 -6.09
N MET F 312 51.50 -7.22 -5.78
CA MET F 312 52.63 -7.15 -6.70
C MET F 312 53.14 -8.55 -7.05
N LEU F 313 53.59 -8.68 -8.28
CA LEU F 313 54.38 -9.82 -8.73
C LEU F 313 55.77 -9.32 -9.05
N SER F 314 56.78 -10.12 -8.68
CA SER F 314 58.17 -9.83 -8.98
C SER F 314 58.64 -10.83 -10.02
N ALA F 315 59.37 -11.89 -9.63
CA ALA F 315 59.89 -12.84 -10.61
C ALA F 315 58.78 -13.55 -11.36
N GLU F 316 57.62 -13.68 -10.73
CA GLU F 316 56.51 -14.37 -11.39
C GLU F 316 56.23 -13.80 -12.79
N SER F 317 56.40 -12.50 -12.99
CA SER F 317 56.16 -11.89 -14.29
C SER F 317 57.42 -11.44 -14.99
N ALA F 318 58.42 -10.95 -14.23
CA ALA F 318 59.66 -10.47 -14.85
C ALA F 318 60.61 -11.59 -15.31
N ALA F 319 60.61 -12.76 -14.67
CA ALA F 319 61.62 -13.75 -15.00
C ALA F 319 61.12 -15.17 -15.21
N GLY F 320 59.98 -15.55 -14.69
CA GLY F 320 59.59 -16.94 -14.74
C GLY F 320 59.03 -17.40 -16.08
N ASP F 321 58.58 -18.64 -16.08
CA ASP F 321 58.11 -19.34 -17.27
C ASP F 321 56.60 -19.20 -17.47
N TRP F 322 55.89 -18.58 -16.55
CA TRP F 322 54.45 -18.40 -16.69
C TRP F 322 54.03 -16.98 -16.35
N PRO F 323 54.67 -15.97 -16.96
CA PRO F 323 54.33 -14.60 -16.57
C PRO F 323 52.90 -14.25 -16.88
N HIS F 324 52.38 -14.67 -18.03
CA HIS F 324 51.02 -14.31 -18.37
C HIS F 324 50.02 -14.91 -17.38
N GLU F 325 50.16 -16.21 -17.12
CA GLU F 325 49.32 -16.90 -16.16
C GLU F 325 49.34 -16.24 -14.78
N ALA F 326 50.51 -15.77 -14.35
CA ALA F 326 50.63 -15.23 -13.01
C ALA F 326 49.94 -13.87 -12.89
N VAL F 327 50.06 -13.02 -13.91
CA VAL F 327 49.28 -11.79 -13.93
C VAL F 327 47.79 -12.13 -13.93
N ASN F 328 47.36 -13.00 -14.83
CA ASN F 328 45.93 -13.24 -14.90
C ASN F 328 45.36 -13.85 -13.62
N MET F 329 46.18 -14.60 -12.87
CA MET F 329 45.71 -15.23 -11.64
C MET F 329 45.50 -14.20 -10.55
N MET F 330 46.36 -13.19 -10.49
CA MET F 330 46.11 -12.07 -9.59
C MET F 330 44.76 -11.44 -9.92
N HIS F 331 44.47 -11.30 -11.20
CA HIS F 331 43.21 -10.67 -11.59
C HIS F 331 42.04 -11.59 -11.24
N ARG F 332 42.24 -12.89 -11.38
CA ARG F 332 41.16 -13.82 -11.09
C ARG F 332 40.83 -13.82 -9.62
N ILE F 333 41.83 -13.69 -8.77
CA ILE F 333 41.63 -13.77 -7.33
C ILE F 333 40.93 -12.52 -6.85
N ALA F 334 41.42 -11.36 -7.27
CA ALA F 334 40.76 -10.11 -6.89
C ALA F 334 39.34 -10.08 -7.39
N SER F 335 39.11 -10.53 -8.64
CA SER F 335 37.79 -10.50 -9.22
C SER F 335 36.82 -11.41 -8.48
N TYR F 336 37.28 -12.58 -8.02
CA TYR F 336 36.35 -13.48 -7.36
C TYR F 336 36.11 -13.06 -5.90
N VAL F 337 37.20 -12.80 -5.18
CA VAL F 337 37.14 -12.43 -3.77
C VAL F 337 36.32 -11.16 -3.56
N GLU F 338 36.53 -10.14 -4.40
CA GLU F 338 35.85 -8.86 -4.16
C GLU F 338 34.35 -8.95 -4.41
N ASN F 339 33.90 -9.93 -5.17
CA ASN F 339 32.51 -10.08 -5.54
C ASN F 339 31.84 -11.26 -4.83
N ALA F 340 32.54 -11.92 -3.94
CA ALA F 340 32.01 -13.00 -3.12
C ALA F 340 31.65 -12.48 -1.73
N PRO F 341 30.82 -13.23 -0.98
CA PRO F 341 30.46 -12.80 0.38
C PRO F 341 31.68 -12.66 1.26
N GLY F 342 31.57 -11.79 2.25
CA GLY F 342 32.57 -11.64 3.29
C GLY F 342 33.64 -10.63 3.01
N TYR F 343 33.53 -9.91 1.90
CA TYR F 343 34.62 -9.02 1.47
C TYR F 343 34.50 -7.66 2.14
N ILE F 344 33.38 -6.97 1.95
CA ILE F 344 33.34 -5.60 2.41
C ILE F 344 33.44 -5.55 3.94
N GLU F 345 32.84 -6.52 4.64
CA GLU F 345 32.89 -6.43 6.10
C GLU F 345 34.31 -6.66 6.65
N ARG F 346 35.19 -7.37 5.92
CA ARG F 346 36.59 -7.50 6.32
C ARG F 346 37.40 -6.25 6.00
N VAL F 347 37.08 -5.57 4.90
CA VAL F 347 37.65 -4.25 4.60
C VAL F 347 37.23 -3.25 5.68
N ARG F 348 35.95 -3.28 6.05
CA ARG F 348 35.43 -2.29 7.01
C ARG F 348 35.99 -2.48 8.40
N PHE F 349 36.58 -3.64 8.68
CA PHE F 349 37.18 -3.93 9.97
C PHE F 349 38.22 -2.88 10.37
N THR F 350 38.86 -2.25 9.38
CA THR F 350 39.80 -1.18 9.66
C THR F 350 39.03 0.14 9.64
N PRO F 351 38.96 0.85 10.76
CA PRO F 351 38.29 2.16 10.75
C PRO F 351 39.15 3.22 10.07
N THR F 352 38.47 4.00 9.20
CA THR F 352 39.05 5.14 8.51
C THR F 352 38.22 6.40 8.78
N PRO F 353 38.28 6.90 10.00
CA PRO F 353 37.47 8.06 10.36
C PRO F 353 37.87 9.29 9.58
N ALA F 354 36.86 10.11 9.28
CA ALA F 354 37.08 11.39 8.62
C ALA F 354 37.91 12.31 9.51
N GLU F 355 38.87 12.96 8.90
CA GLU F 355 39.54 14.05 9.53
C GLU F 355 38.63 15.27 9.59
N PRO F 356 38.96 16.23 10.39
CA PRO F 356 38.11 17.42 10.49
C PRO F 356 38.23 18.37 9.30
N THR F 357 38.01 17.86 8.10
CA THR F 357 38.16 18.66 6.90
C THR F 357 36.93 18.48 6.01
N THR F 358 36.68 19.49 5.19
CA THR F 358 35.57 19.41 4.25
C THR F 358 35.74 18.24 3.31
N VAL F 359 36.96 17.93 2.89
CA VAL F 359 37.12 16.86 1.90
C VAL F 359 36.82 15.51 2.55
N ASP F 360 37.31 15.28 3.77
CA ASP F 360 37.06 13.99 4.41
C ASP F 360 35.60 13.85 4.78
N ALA F 361 34.91 14.97 5.10
CA ALA F 361 33.48 14.87 5.42
C ALA F 361 32.66 14.46 4.21
N LEU F 362 32.97 15.02 3.05
CA LEU F 362 32.20 14.79 1.84
C LEU F 362 32.59 13.49 1.19
N ALA F 363 33.83 13.05 1.39
CA ALA F 363 34.20 11.70 0.97
C ALA F 363 33.41 10.68 1.77
N GLU F 364 33.40 10.83 3.10
CA GLU F 364 32.69 9.87 3.94
C GLU F 364 31.19 9.87 3.62
N ASN F 365 30.62 11.02 3.37
CA ASN F 365 29.17 11.05 3.23
C ASN F 365 28.70 10.91 1.78
N ALA F 366 29.52 11.26 0.78
CA ALA F 366 29.20 10.80 -0.57
C ALA F 366 29.12 9.29 -0.59
N SER F 367 29.99 8.63 0.16
CA SER F 367 30.02 7.17 0.15
C SER F 367 28.71 6.60 0.67
N LYS F 368 28.26 7.12 1.81
CA LYS F 368 27.00 6.73 2.43
C LYS F 368 25.80 7.20 1.62
N THR F 369 25.86 8.38 1.00
CA THR F 369 24.75 8.78 0.14
C THR F 369 24.59 7.80 -1.02
N ALA F 370 25.72 7.34 -1.59
CA ALA F 370 25.66 6.43 -2.74
C ALA F 370 24.97 5.12 -2.37
N GLU F 371 25.29 4.56 -1.18
CA GLU F 371 24.58 3.38 -0.65
C GLU F 371 23.10 3.69 -0.50
N THR F 372 22.76 4.74 0.22
CA THR F 372 21.35 4.97 0.49
C THR F 372 20.50 5.04 -0.79
N VAL F 373 21.01 5.68 -1.85
CA VAL F 373 20.21 5.92 -3.05
C VAL F 373 20.47 4.91 -4.15
N GLY F 374 21.38 3.98 -3.96
CA GLY F 374 21.65 2.98 -5.00
C GLY F 374 22.34 3.60 -6.19
N ALA F 375 23.26 4.54 -5.94
CA ALA F 375 24.01 5.17 -7.02
C ALA F 375 24.96 4.17 -7.67
N LYS F 376 25.07 4.26 -8.98
CA LYS F 376 25.92 3.38 -9.78
C LYS F 376 27.39 3.76 -9.73
N ALA F 377 27.71 4.93 -9.23
CA ALA F 377 29.07 5.40 -9.34
C ALA F 377 29.21 6.66 -8.48
N ILE F 378 30.37 6.82 -7.87
CA ILE F 378 30.77 8.10 -7.32
C ILE F 378 31.76 8.73 -8.30
N ILE F 379 31.49 9.97 -8.71
CA ILE F 379 32.28 10.64 -9.72
C ILE F 379 32.98 11.77 -9.02
N VAL F 380 34.31 11.67 -8.97
CA VAL F 380 35.15 12.63 -8.26
C VAL F 380 35.86 13.50 -9.31
N PHE F 381 35.63 14.80 -9.26
CA PHE F 381 36.42 15.77 -10.00
C PHE F 381 37.61 16.19 -9.15
N THR F 382 38.81 16.07 -9.71
CA THR F 382 40.05 16.27 -8.97
C THR F 382 41.10 16.86 -9.89
N GLU F 383 41.72 17.96 -9.45
CA GLU F 383 42.87 18.54 -10.13
C GLU F 383 44.15 17.75 -9.89
N THR F 384 44.49 17.48 -8.61
CA THR F 384 45.77 16.90 -8.22
C THR F 384 45.70 15.41 -7.89
N GLY F 385 44.49 14.86 -7.70
CA GLY F 385 44.34 13.49 -7.25
C GLY F 385 43.97 13.36 -5.79
N LYS F 386 44.08 14.44 -5.03
CA LYS F 386 43.84 14.39 -3.60
C LYS F 386 42.39 13.98 -3.27
N THR F 387 41.41 14.68 -3.83
CA THR F 387 40.04 14.35 -3.49
C THR F 387 39.77 12.88 -3.83
N ALA F 388 40.33 12.40 -4.95
CA ALA F 388 40.15 11.00 -5.33
C ALA F 388 40.74 10.03 -4.32
N GLN F 389 41.84 10.40 -3.65
CA GLN F 389 42.44 9.54 -2.63
C GLN F 389 41.63 9.55 -1.34
N ARG F 390 40.98 10.67 -0.98
CA ARG F 390 40.20 10.64 0.23
C ARG F 390 38.93 9.83 0.03
N VAL F 391 38.36 9.87 -1.18
CA VAL F 391 37.16 9.09 -1.47
C VAL F 391 37.53 7.61 -1.51
N SER F 392 38.62 7.30 -2.21
CA SER F 392 39.11 5.93 -2.26
C SER F 392 39.37 5.39 -0.85
N ARG F 393 39.95 6.23 0.01
CA ARG F 393 40.22 5.83 1.38
C ARG F 393 38.97 5.27 2.05
N ALA F 394 37.80 5.89 1.84
CA ALA F 394 36.57 5.42 2.43
C ALA F 394 36.16 4.04 1.93
N ARG F 395 36.81 3.53 0.89
CA ARG F 395 36.53 2.21 0.36
C ARG F 395 35.03 2.06 0.09
N PRO F 396 34.45 2.93 -0.71
CA PRO F 396 33.02 2.81 -1.01
C PRO F 396 32.74 1.51 -1.77
N VAL F 397 31.48 1.08 -1.63
CA VAL F 397 30.95 0.00 -2.43
C VAL F 397 30.74 0.46 -3.86
N ALA F 398 30.16 1.62 -4.05
CA ALA F 398 29.90 2.07 -5.40
C ALA F 398 31.23 2.35 -6.13
N PRO F 399 31.32 2.00 -7.43
CA PRO F 399 32.53 2.30 -8.21
C PRO F 399 32.86 3.78 -8.20
N ILE F 400 34.13 4.11 -8.05
CA ILE F 400 34.58 5.48 -8.18
C ILE F 400 35.03 5.71 -9.62
N LEU F 401 34.72 6.88 -10.18
CA LEU F 401 35.38 7.41 -11.39
C LEU F 401 36.02 8.75 -11.06
N SER F 402 37.32 8.86 -11.33
CA SER F 402 38.13 10.01 -10.97
C SER F 402 38.38 10.83 -12.22
N LEU F 403 37.72 11.97 -12.33
CA LEU F 403 37.80 12.81 -13.51
C LEU F 403 38.83 13.92 -13.26
N THR F 404 39.90 13.91 -14.04
CA THR F 404 40.92 14.94 -13.89
C THR F 404 41.31 15.53 -15.24
N PRO F 405 41.61 16.83 -15.32
CA PRO F 405 42.18 17.39 -16.57
C PRO F 405 43.65 17.06 -16.80
N ASP F 406 44.40 16.75 -15.74
CA ASP F 406 45.85 16.60 -15.79
C ASP F 406 46.22 15.15 -16.07
N ALA F 407 46.92 14.93 -17.20
CA ALA F 407 47.33 13.59 -17.62
C ALA F 407 48.30 12.93 -16.66
N GLU F 408 49.19 13.72 -16.07
CA GLU F 408 50.07 13.16 -15.06
C GLU F 408 49.25 12.53 -13.93
N VAL F 409 48.30 13.28 -13.34
CA VAL F 409 47.44 12.76 -12.27
C VAL F 409 46.67 11.53 -12.72
N ALA F 410 46.21 11.53 -13.97
CA ALA F 410 45.52 10.35 -14.46
C ALA F 410 46.45 9.15 -14.39
N ARG F 411 47.72 9.37 -14.71
CA ARG F 411 48.69 8.29 -14.63
C ARG F 411 48.92 7.85 -13.19
N ARG F 412 49.21 8.80 -12.27
CA ARG F 412 49.57 8.43 -10.91
C ARG F 412 48.42 7.71 -10.22
N LEU F 413 47.19 8.11 -10.51
CA LEU F 413 46.03 7.53 -9.84
C LEU F 413 45.92 6.06 -10.09
N GLY F 414 46.65 5.55 -11.10
CA GLY F 414 46.69 4.13 -11.39
C GLY F 414 47.05 3.24 -10.22
N LEU F 415 47.76 3.76 -9.23
CA LEU F 415 48.17 2.93 -8.08
C LEU F 415 47.13 2.93 -6.96
N VAL F 416 46.07 3.72 -7.08
CA VAL F 416 45.14 4.00 -5.99
C VAL F 416 43.97 3.03 -6.08
N TRP F 417 43.63 2.40 -4.97
CA TRP F 417 42.47 1.53 -4.89
C TRP F 417 41.24 2.17 -5.50
N GLY F 418 40.65 1.47 -6.45
CA GLY F 418 39.37 1.85 -6.98
C GLY F 418 39.27 3.18 -7.69
N ALA F 419 40.38 3.88 -7.95
CA ALA F 419 40.25 5.29 -8.37
C ALA F 419 39.71 5.46 -9.79
N GLN F 420 40.00 4.51 -10.71
CA GLN F 420 39.55 4.54 -12.10
C GLN F 420 39.65 5.93 -12.71
N PRO F 421 40.86 6.44 -12.89
CA PRO F 421 41.02 7.78 -13.45
C PRO F 421 40.62 7.84 -14.92
N VAL F 422 39.92 8.91 -15.28
CA VAL F 422 39.64 9.26 -16.66
C VAL F 422 40.11 10.69 -16.89
N GLN F 423 40.93 10.89 -17.93
CA GLN F 423 41.34 12.26 -18.24
C GLN F 423 40.23 12.94 -19.04
N VAL F 424 39.91 14.20 -18.68
CA VAL F 424 38.78 14.96 -19.20
C VAL F 424 39.23 16.37 -19.54
N SER F 425 38.37 17.08 -20.30
CA SER F 425 38.48 18.52 -20.48
C SER F 425 38.28 19.22 -19.15
N THR F 426 38.85 20.42 -19.03
CA THR F 426 38.46 21.29 -17.93
C THR F 426 37.00 21.69 -18.16
N VAL F 427 36.22 21.74 -17.08
CA VAL F 427 34.84 22.20 -17.15
C VAL F 427 34.74 23.53 -16.41
N LYS F 428 33.76 24.33 -16.78
CA LYS F 428 33.61 25.65 -16.18
C LYS F 428 32.21 25.93 -15.67
N THR F 429 31.30 24.97 -15.73
CA THR F 429 30.02 25.16 -15.08
C THR F 429 29.66 23.90 -14.32
N LEU F 430 28.74 24.07 -13.39
CA LEU F 430 28.10 22.91 -12.79
C LEU F 430 27.41 22.07 -13.85
N ASP F 431 26.68 22.72 -14.77
CA ASP F 431 25.97 21.99 -15.81
C ASP F 431 26.94 21.20 -16.67
N GLU F 432 28.07 21.81 -17.03
CA GLU F 432 29.05 21.06 -17.80
C GLU F 432 29.52 19.84 -17.01
N ALA F 433 29.80 20.04 -15.72
CA ALA F 433 30.25 18.95 -14.86
C ALA F 433 29.24 17.81 -14.83
N LYS F 434 27.94 18.13 -14.74
CA LYS F 434 26.95 17.04 -14.65
C LYS F 434 26.86 16.29 -15.96
N LYS F 435 26.90 17.01 -17.08
CA LYS F 435 26.81 16.33 -18.36
C LYS F 435 28.01 15.40 -18.57
N LEU F 436 29.22 15.89 -18.25
CA LEU F 436 30.42 15.07 -18.38
C LEU F 436 30.39 13.88 -17.43
N ALA F 437 29.92 14.08 -16.19
CA ALA F 437 29.81 12.97 -15.24
C ALA F 437 28.89 11.88 -15.76
N ALA F 438 27.69 12.28 -16.16
CA ALA F 438 26.72 11.35 -16.70
C ALA F 438 27.26 10.70 -17.96
N GLU F 439 27.82 11.51 -18.84
CA GLU F 439 28.30 10.94 -20.09
C GLU F 439 29.41 9.95 -19.81
N THR F 440 30.33 10.29 -18.90
CA THR F 440 31.44 9.40 -18.56
C THR F 440 30.94 8.08 -17.98
N ALA F 441 29.99 8.12 -17.03
CA ALA F 441 29.46 6.87 -16.47
C ALA F 441 28.66 6.08 -17.50
N LYS F 442 27.99 6.76 -18.42
CA LYS F 442 27.28 6.04 -19.48
C LYS F 442 28.26 5.39 -20.44
N LYS F 443 29.38 6.07 -20.73
CA LYS F 443 30.32 5.61 -21.75
C LYS F 443 30.99 4.31 -21.34
N TYR F 444 31.40 4.19 -20.10
CA TYR F 444 32.11 2.99 -19.67
C TYR F 444 31.19 1.93 -19.04
N GLY F 445 29.90 2.01 -19.28
CA GLY F 445 29.02 0.93 -18.89
C GLY F 445 28.40 0.99 -17.50
N PHE F 446 28.64 2.06 -16.70
CA PHE F 446 28.21 2.05 -15.31
C PHE F 446 26.74 2.40 -15.10
N ALA F 447 26.11 3.13 -16.04
CA ALA F 447 24.81 3.76 -15.81
C ALA F 447 24.08 3.96 -17.12
N LYS F 448 22.75 4.04 -17.07
CA LYS F 448 21.95 4.54 -18.18
C LYS F 448 21.08 5.71 -17.71
N ALA F 449 20.42 6.34 -18.68
CA ALA F 449 19.49 7.43 -18.39
C ALA F 449 18.62 7.09 -17.19
N GLY F 450 18.54 8.01 -16.25
CA GLY F 450 17.72 7.84 -15.09
C GLY F 450 18.42 7.23 -13.90
N ASP F 451 19.57 6.57 -14.07
CA ASP F 451 20.29 6.04 -12.92
C ASP F 451 20.86 7.18 -12.09
N LYS F 452 21.10 6.90 -10.82
CA LYS F 452 21.66 7.90 -9.93
C LYS F 452 23.16 7.80 -9.90
N LEU F 453 23.80 8.98 -9.79
CA LEU F 453 25.23 9.16 -9.67
C LEU F 453 25.50 10.20 -8.59
N VAL F 454 26.48 9.93 -7.76
CA VAL F 454 26.93 10.88 -6.75
C VAL F 454 28.21 11.56 -7.21
N VAL F 455 28.19 12.90 -7.22
CA VAL F 455 29.29 13.70 -7.77
C VAL F 455 29.95 14.48 -6.66
N VAL F 456 31.28 14.38 -6.53
CA VAL F 456 32.09 15.07 -5.53
C VAL F 456 32.94 16.06 -6.31
N ALA F 457 33.00 17.31 -5.86
CA ALA F 457 33.63 18.33 -6.69
C ALA F 457 34.00 19.58 -5.90
N GLY F 458 34.73 20.46 -6.59
CA GLY F 458 35.06 21.78 -6.13
C GLY F 458 34.42 22.72 -7.11
N GLU F 459 33.40 23.39 -6.64
CA GLU F 459 32.66 24.40 -7.37
C GLU F 459 32.89 25.72 -6.65
N PRO F 460 33.06 26.83 -7.37
CA PRO F 460 33.12 27.08 -8.82
C PRO F 460 34.24 26.32 -9.51
N PHE F 461 34.06 25.97 -10.79
CA PHE F 461 34.72 24.82 -11.40
C PHE F 461 36.12 25.03 -12.05
N GLY F 462 36.86 26.10 -11.80
CA GLY F 462 38.28 26.06 -12.17
C GLY F 462 39.21 26.35 -11.01
N LYS F 463 39.80 25.30 -10.41
CA LYS F 463 40.74 25.44 -9.30
C LYS F 463 42.11 25.05 -9.76
N THR F 466 39.48 22.89 -2.17
CA THR F 466 38.24 23.35 -2.78
C THR F 466 37.15 22.32 -3.01
N THR F 467 37.40 21.05 -2.81
CA THR F 467 36.29 20.11 -2.85
C THR F 467 35.26 20.54 -1.82
N ASN F 468 34.01 20.71 -2.26
CA ASN F 468 33.04 21.34 -1.38
C ASN F 468 31.58 21.06 -1.75
N ILE F 469 31.31 20.23 -2.74
CA ILE F 469 29.92 19.93 -3.10
C ILE F 469 29.76 18.44 -3.41
N VAL F 470 28.70 17.86 -2.85
CA VAL F 470 28.17 16.57 -3.26
C VAL F 470 26.83 16.83 -3.95
N ASP F 471 26.68 16.29 -5.14
CA ASP F 471 25.50 16.47 -5.97
C ASP F 471 25.04 15.10 -6.47
N VAL F 472 23.80 14.75 -6.18
CA VAL F 472 23.19 13.52 -6.66
C VAL F 472 22.43 13.87 -7.93
N ILE F 473 22.88 13.32 -9.07
CA ILE F 473 22.32 13.61 -10.38
C ILE F 473 21.78 12.32 -11.02
N GLU F 474 21.10 12.51 -12.16
CA GLU F 474 20.61 11.40 -12.96
C GLU F 474 21.37 11.37 -14.27
N ALA F 475 21.84 10.17 -14.66
CA ALA F 475 22.60 9.96 -15.89
C ALA F 475 21.81 10.36 -17.13
N GLY G 4 -62.62 14.81 -13.10
CA GLY G 4 -61.20 14.63 -12.82
C GLY G 4 -60.83 14.60 -11.33
N LEU G 5 -61.63 13.83 -10.57
CA LEU G 5 -61.41 13.64 -9.14
C LEU G 5 -60.69 12.32 -8.82
N PHE G 6 -61.18 11.22 -9.38
CA PHE G 6 -60.46 9.94 -9.31
C PHE G 6 -60.53 9.24 -10.65
N PRO G 7 -59.40 8.90 -11.26
CA PRO G 7 -58.03 9.28 -10.90
C PRO G 7 -57.77 10.75 -11.17
N ARG G 8 -56.75 11.30 -10.51
CA ARG G 8 -56.35 12.68 -10.70
C ARG G 8 -55.61 12.94 -12.01
N GLY G 9 -55.00 11.91 -12.61
CA GLY G 9 -54.13 12.14 -13.74
C GLY G 9 -52.71 12.50 -13.33
N ARG G 10 -52.37 12.35 -12.07
CA ARG G 10 -51.00 12.49 -11.62
C ARG G 10 -50.95 11.84 -10.25
N LYS G 11 -49.75 11.66 -9.77
CA LYS G 11 -49.51 10.75 -8.67
C LYS G 11 -48.96 11.44 -7.44
N VAL G 12 -48.28 12.58 -7.59
CA VAL G 12 -48.03 13.42 -6.41
C VAL G 12 -49.37 13.83 -5.77
N ARG G 13 -49.30 14.13 -4.48
CA ARG G 13 -50.45 14.39 -3.64
C ARG G 13 -50.41 15.85 -3.20
N VAL G 14 -51.55 16.53 -3.26
CA VAL G 14 -51.65 17.91 -2.83
C VAL G 14 -52.13 17.95 -1.39
N VAL G 15 -51.45 18.75 -0.57
CA VAL G 15 -51.77 18.90 0.84
C VAL G 15 -52.24 20.33 0.99
N SER G 16 -53.46 20.49 1.45
CA SER G 16 -54.13 21.76 1.53
C SER G 16 -54.42 22.09 3.00
N THR G 17 -53.87 23.20 3.46
CA THR G 17 -54.20 23.66 4.81
C THR G 17 -55.52 24.41 4.81
N LEU G 18 -56.39 24.02 5.74
CA LEU G 18 -57.72 24.63 5.86
C LEU G 18 -57.67 25.76 6.84
N GLY G 19 -58.64 26.64 6.71
CA GLY G 19 -58.68 27.86 7.49
C GLY G 19 -59.82 28.77 7.10
N PRO G 20 -59.79 30.00 7.59
CA PRO G 20 -60.88 30.97 7.29
C PRO G 20 -61.31 31.01 5.84
N ALA G 21 -60.35 30.98 4.92
CA ALA G 21 -60.65 31.04 3.50
C ALA G 21 -61.20 29.74 2.97
N SER G 22 -60.90 28.62 3.63
CA SER G 22 -61.39 27.29 3.20
C SER G 22 -61.79 26.52 4.45
N SER G 23 -63.01 26.73 4.89
CA SER G 23 -63.54 26.05 6.08
C SER G 23 -64.97 25.59 5.92
N THR G 24 -65.75 26.18 5.03
CA THR G 24 -67.12 25.71 4.95
C THR G 24 -67.15 24.38 4.22
N ALA G 25 -68.32 23.72 4.27
CA ALA G 25 -68.47 22.45 3.58
C ALA G 25 -68.31 22.63 2.08
N GLU G 26 -68.88 23.70 1.52
CA GLU G 26 -68.80 23.93 0.08
C GLU G 26 -67.37 24.25 -0.36
N GLN G 27 -66.68 25.07 0.42
CA GLN G 27 -65.28 25.37 0.21
C GLN G 27 -64.43 24.11 0.27
N ILE G 28 -64.62 23.28 1.31
CA ILE G 28 -63.85 22.06 1.45
C ILE G 28 -64.16 21.10 0.31
N ARG G 29 -65.43 20.96 -0.05
CA ARG G 29 -65.77 20.19 -1.23
C ARG G 29 -65.14 20.81 -2.46
N ASP G 30 -65.14 22.14 -2.53
CA ASP G 30 -64.57 22.77 -3.71
C ASP G 30 -63.07 22.46 -3.84
N ARG G 31 -62.30 22.66 -2.78
CA ARG G 31 -60.88 22.35 -2.84
C ARG G 31 -60.65 20.89 -3.21
N PHE G 32 -61.44 19.99 -2.61
CA PHE G 32 -61.29 18.56 -2.91
C PHE G 32 -61.44 18.32 -4.40
N LEU G 33 -62.37 19.03 -5.05
CA LEU G 33 -62.57 18.79 -6.47
C LEU G 33 -61.48 19.47 -7.30
N ALA G 34 -60.91 20.53 -6.79
CA ALA G 34 -59.93 21.27 -7.56
C ALA G 34 -58.52 20.73 -7.45
N GLY G 35 -58.27 19.78 -6.54
CA GLY G 35 -57.01 19.08 -6.51
C GLY G 35 -56.51 18.69 -5.12
N ALA G 36 -57.14 19.19 -4.08
CA ALA G 36 -56.68 18.89 -2.72
C ALA G 36 -56.96 17.45 -2.39
N ASP G 37 -55.92 16.73 -1.96
CA ASP G 37 -55.98 15.30 -1.63
C ASP G 37 -55.94 15.02 -0.14
N VAL G 38 -55.16 15.76 0.63
CA VAL G 38 -55.11 15.62 2.06
C VAL G 38 -55.28 17.00 2.66
N PHE G 39 -56.17 17.12 3.65
CA PHE G 39 -56.42 18.39 4.32
C PHE G 39 -55.63 18.47 5.61
N ARG G 40 -55.01 19.63 5.83
CA ARG G 40 -54.18 19.89 7.00
C ARG G 40 -54.95 20.79 7.98
N ILE G 41 -55.15 20.32 9.20
CA ILE G 41 -55.78 21.10 10.24
C ILE G 41 -54.67 21.57 11.17
N ASN G 42 -54.41 22.88 11.22
CA ASN G 42 -53.33 23.43 12.04
C ASN G 42 -53.85 23.82 13.43
N MET G 43 -53.34 23.14 14.44
CA MET G 43 -53.72 23.40 15.82
C MET G 43 -53.09 24.65 16.39
N SER G 44 -52.20 25.32 15.66
CA SER G 44 -51.62 26.56 16.16
C SER G 44 -52.68 27.57 16.57
N HIS G 45 -53.78 27.61 15.83
CA HIS G 45 -54.87 28.55 16.10
C HIS G 45 -56.23 27.92 15.83
N GLY G 46 -57.26 28.54 16.41
CA GLY G 46 -58.61 28.03 16.33
C GLY G 46 -59.03 27.35 17.62
N THR G 47 -60.27 26.88 17.64
CA THR G 47 -60.79 26.12 18.76
C THR G 47 -61.14 24.70 18.32
N HIS G 48 -61.18 23.81 19.32
CA HIS G 48 -61.54 22.42 19.08
C HIS G 48 -62.93 22.32 18.46
N ASP G 49 -63.83 23.22 18.84
CA ASP G 49 -65.19 23.18 18.33
C ASP G 49 -65.22 23.55 16.86
N GLU G 50 -64.34 24.45 16.41
CA GLU G 50 -64.26 24.74 14.98
C GLU G 50 -63.79 23.52 14.20
N LYS G 51 -62.76 22.82 14.69
CA LYS G 51 -62.19 21.73 13.91
C LYS G 51 -63.18 20.57 13.79
N LYS G 52 -63.93 20.29 14.86
CA LYS G 52 -64.98 19.27 14.79
C LYS G 52 -65.85 19.47 13.56
N VAL G 53 -66.25 20.72 13.33
CA VAL G 53 -67.11 21.06 12.21
C VAL G 53 -66.38 20.82 10.89
N ILE G 54 -65.13 21.31 10.80
CA ILE G 54 -64.33 21.09 9.60
C ILE G 54 -64.10 19.61 9.35
N VAL G 55 -63.73 18.87 10.39
CA VAL G 55 -63.52 17.43 10.21
C VAL G 55 -64.77 16.80 9.64
N ASP G 56 -65.93 17.25 10.09
CA ASP G 56 -67.19 16.65 9.66
C ASP G 56 -67.48 17.01 8.21
N ASN G 57 -67.24 18.25 7.82
CA ASN G 57 -67.43 18.62 6.41
C ASN G 57 -66.48 17.84 5.51
N ILE G 58 -65.26 17.53 5.98
CA ILE G 58 -64.35 16.71 5.20
C ILE G 58 -64.90 15.29 5.07
N ARG G 59 -65.24 14.65 6.17
CA ARG G 59 -65.63 13.24 6.06
C ARG G 59 -66.87 13.08 5.21
N ALA G 60 -67.71 14.13 5.17
CA ALA G 60 -68.92 14.11 4.36
C ALA G 60 -68.63 13.76 2.90
N LEU G 61 -67.52 14.27 2.35
CA LEU G 61 -67.25 14.04 0.94
C LEU G 61 -67.21 12.55 0.62
N GLU G 62 -66.95 11.72 1.63
CA GLU G 62 -66.95 10.26 1.44
C GLU G 62 -68.31 9.71 0.98
N LYS G 63 -69.42 10.29 1.47
CA LYS G 63 -70.74 9.82 1.02
C LYS G 63 -71.01 10.24 -0.41
N GLU G 64 -70.63 11.45 -0.76
CA GLU G 64 -70.94 11.92 -2.10
C GLU G 64 -70.13 11.16 -3.17
N PHE G 65 -68.85 10.85 -2.91
CA PHE G 65 -68.00 10.26 -3.96
C PHE G 65 -67.39 8.90 -3.65
N ASN G 66 -67.77 8.25 -2.54
CA ASN G 66 -67.02 7.15 -1.91
C ASN G 66 -65.58 7.03 -2.38
N ARG G 67 -64.81 8.01 -1.96
CA ARG G 67 -63.39 8.08 -1.85
C ARG G 67 -63.07 8.24 -0.38
N PRO G 68 -62.04 7.60 0.12
CA PRO G 68 -61.57 7.92 1.47
C PRO G 68 -60.99 9.32 1.54
N THR G 69 -61.20 9.99 2.64
CA THR G 69 -60.55 11.28 2.83
C THR G 69 -59.36 11.13 3.76
N THR G 70 -58.52 12.15 3.76
CA THR G 70 -57.31 12.13 4.55
C THR G 70 -57.14 13.42 5.30
N ILE G 71 -56.88 13.32 6.61
CA ILE G 71 -56.76 14.51 7.44
C ILE G 71 -55.48 14.42 8.23
N LEU G 72 -54.61 15.42 8.05
CA LEU G 72 -53.37 15.53 8.80
C LEU G 72 -53.55 16.64 9.83
N PHE G 73 -53.35 16.28 11.11
CA PHE G 73 -53.47 17.21 12.23
C PHE G 73 -52.05 17.62 12.57
N ASP G 74 -51.82 18.92 12.66
CA ASP G 74 -50.50 19.51 12.86
C ASP G 74 -50.43 20.12 14.25
N LEU G 75 -49.64 19.55 15.13
CA LEU G 75 -49.54 20.12 16.46
C LEU G 75 -48.60 21.33 16.45
N GLN G 76 -48.90 22.29 17.31
CA GLN G 76 -48.20 23.58 17.25
C GLN G 76 -46.76 23.44 17.67
N GLY G 77 -46.51 22.66 18.72
CA GLY G 77 -45.18 22.56 19.27
C GLY G 77 -44.77 23.84 19.94
N PRO G 78 -43.54 23.91 20.33
CA PRO G 78 -43.07 25.14 20.99
C PRO G 78 -42.86 26.31 20.04
N LYS G 79 -43.81 26.53 19.11
CA LYS G 79 -43.73 27.69 18.21
C LYS G 79 -43.77 28.96 19.03
N LEU G 80 -42.78 29.81 18.83
CA LEU G 80 -42.72 31.10 19.50
C LEU G 80 -43.36 32.18 18.64
N ARG G 81 -44.25 32.96 19.25
CA ARG G 81 -44.85 34.08 18.54
C ARG G 81 -44.92 35.31 19.43
N VAL G 82 -45.06 36.47 18.78
CA VAL G 82 -45.25 37.72 19.49
C VAL G 82 -46.72 37.90 19.85
N GLY G 83 -46.97 38.84 20.77
CA GLY G 83 -48.31 39.19 21.17
C GLY G 83 -49.00 40.06 20.13
N ASP G 84 -50.12 40.66 20.55
CA ASP G 84 -50.90 41.55 19.68
C ASP G 84 -50.42 43.00 19.78
N PHE G 85 -50.73 43.77 18.74
CA PHE G 85 -50.44 45.20 18.69
C PHE G 85 -51.74 45.99 18.83
N LYS G 86 -51.62 47.26 19.24
CA LYS G 86 -52.82 48.08 19.47
C LYS G 86 -53.60 48.27 18.18
N GLU G 87 -52.92 48.64 17.10
CA GLU G 87 -53.46 48.43 15.76
C GLU G 87 -53.03 47.03 15.33
N GLY G 88 -53.48 46.59 14.17
CA GLY G 88 -53.13 45.25 13.76
C GLY G 88 -51.62 45.05 13.68
N LYS G 89 -50.94 45.96 12.98
CA LYS G 89 -49.56 45.82 12.57
C LYS G 89 -48.79 47.11 12.85
N VAL G 90 -47.47 47.04 12.64
CA VAL G 90 -46.56 48.15 12.92
C VAL G 90 -45.44 48.11 11.88
N GLN G 91 -44.95 49.28 11.47
CA GLN G 91 -43.88 49.36 10.51
C GLN G 91 -42.61 49.80 11.24
N LEU G 92 -41.66 48.87 11.40
CA LEU G 92 -40.41 49.12 12.11
C LEU G 92 -39.39 49.82 11.24
N LYS G 93 -38.47 50.53 11.89
CA LYS G 93 -37.46 51.36 11.23
C LYS G 93 -36.05 50.83 11.51
N GLU G 94 -35.20 50.85 10.48
CA GLU G 94 -33.81 50.49 10.70
C GLU G 94 -33.22 51.42 11.76
N GLY G 95 -32.45 50.85 12.69
CA GLY G 95 -31.81 51.57 13.78
C GLY G 95 -32.67 51.86 15.00
N GLN G 96 -33.98 51.60 14.96
CA GLN G 96 -34.81 51.94 16.10
C GLN G 96 -34.61 50.97 17.26
N THR G 97 -35.13 51.37 18.42
CA THR G 97 -35.21 50.46 19.54
C THR G 97 -36.54 49.75 19.46
N PHE G 98 -36.53 48.45 19.76
CA PHE G 98 -37.76 47.69 19.87
C PHE G 98 -37.64 46.74 21.04
N THR G 99 -38.73 46.63 21.80
CA THR G 99 -38.66 46.04 23.12
C THR G 99 -39.69 44.93 23.27
N PHE G 100 -39.23 43.78 23.79
CA PHE G 100 -40.08 42.62 24.07
C PHE G 100 -40.30 42.50 25.58
N ASP G 101 -41.57 42.58 25.98
CA ASP G 101 -42.06 42.52 27.35
C ASP G 101 -42.73 41.19 27.62
N GLN G 102 -43.05 40.96 28.89
CA GLN G 102 -44.11 40.02 29.26
C GLN G 102 -45.37 40.76 29.70
N ASP G 103 -45.68 41.91 29.06
CA ASP G 103 -46.80 42.77 29.43
C ASP G 103 -47.97 42.54 28.50
N PRO G 104 -49.08 41.96 28.97
CA PRO G 104 -50.24 41.72 28.10
C PRO G 104 -50.74 42.93 27.32
N THR G 105 -50.57 44.15 27.85
CA THR G 105 -51.03 45.35 27.17
C THR G 105 -50.69 45.35 25.68
N LEU G 106 -51.62 45.85 24.87
CA LEU G 106 -51.44 45.80 23.43
C LEU G 106 -50.18 46.57 23.06
N GLY G 107 -49.59 46.17 21.95
CA GLY G 107 -48.33 46.72 21.53
C GLY G 107 -48.47 47.86 20.57
N ASP G 108 -47.32 48.47 20.30
CA ASP G 108 -47.24 49.53 19.33
C ASP G 108 -45.83 49.51 18.74
N GLU G 109 -45.46 50.60 18.10
CA GLU G 109 -44.21 50.65 17.36
C GLU G 109 -42.98 50.61 18.24
N THR G 110 -43.11 50.70 19.56
CA THR G 110 -41.96 50.57 20.45
C THR G 110 -41.89 49.22 21.16
N ARG G 111 -43.03 48.55 21.37
CA ARG G 111 -43.00 47.37 22.21
C ARG G 111 -44.11 46.41 21.84
N VAL G 112 -43.86 45.13 22.11
CA VAL G 112 -44.84 44.04 22.01
C VAL G 112 -44.47 43.09 23.12
N ASN G 113 -45.43 42.26 23.53
CA ASN G 113 -45.08 41.24 24.50
C ASN G 113 -44.80 39.91 23.82
N LEU G 114 -43.95 39.14 24.48
CA LEU G 114 -43.46 37.86 24.03
C LEU G 114 -43.92 36.84 25.05
N PRO G 115 -45.02 36.13 24.79
CA PRO G 115 -45.56 35.17 25.78
C PRO G 115 -44.62 34.07 26.32
N HIS G 116 -43.35 34.02 25.96
CA HIS G 116 -42.53 32.84 26.28
C HIS G 116 -41.43 33.18 27.27
N PRO G 117 -41.69 33.06 28.58
CA PRO G 117 -40.66 33.32 29.60
C PRO G 117 -39.33 32.62 29.40
N GLU G 118 -39.34 31.49 28.66
CA GLU G 118 -38.09 30.77 28.46
C GLU G 118 -37.09 31.55 27.61
N ILE G 119 -37.58 32.46 26.76
CA ILE G 119 -36.68 33.26 25.92
C ILE G 119 -35.96 34.32 26.74
N PHE G 120 -36.64 34.89 27.76
CA PHE G 120 -36.07 35.96 28.57
C PHE G 120 -34.90 35.47 29.41
N LYS G 121 -34.87 34.16 29.75
CA LYS G 121 -33.74 33.56 30.44
C LYS G 121 -32.56 33.19 29.52
N ALA G 122 -32.77 33.07 28.21
CA ALA G 122 -31.78 32.43 27.34
C ALA G 122 -31.02 33.39 26.45
N LEU G 123 -31.27 34.68 26.52
CA LEU G 123 -30.66 35.64 25.62
C LEU G 123 -29.65 36.50 26.36
N ASP G 124 -28.44 36.57 25.82
CA ASP G 124 -27.47 37.57 26.19
C ASP G 124 -27.59 38.77 25.23
N LYS G 125 -26.83 39.83 25.51
CA LYS G 125 -26.60 40.84 24.50
C LYS G 125 -25.88 40.22 23.31
N GLY G 126 -26.34 40.55 22.10
CA GLY G 126 -25.71 40.14 20.87
C GLY G 126 -26.49 39.16 20.00
N HIS G 127 -27.53 38.51 20.56
CA HIS G 127 -28.27 37.49 19.83
C HIS G 127 -29.16 38.10 18.75
N ARG G 128 -29.24 37.44 17.60
CA ARG G 128 -30.21 37.81 16.57
C ARG G 128 -31.58 37.23 16.92
N LEU G 129 -32.60 38.07 16.80
CA LEU G 129 -33.99 37.62 16.79
C LEU G 129 -34.59 37.82 15.39
N LEU G 130 -35.08 36.75 14.78
CA LEU G 130 -35.77 36.89 13.50
C LEU G 130 -37.27 36.77 13.70
N LEU G 131 -38.01 37.64 13.01
CA LEU G 131 -39.47 37.63 13.06
C LEU G 131 -40.01 37.57 11.64
N ASP G 132 -41.25 37.06 11.54
CA ASP G 132 -42.04 36.94 10.31
C ASP G 132 -41.28 36.24 9.18
N ASP G 133 -41.04 34.95 9.38
CA ASP G 133 -40.39 34.10 8.38
C ASP G 133 -39.03 34.70 7.98
N GLY G 134 -38.36 35.29 8.96
CA GLY G 134 -37.02 35.81 8.78
C GLY G 134 -36.93 37.17 8.13
N LYS G 135 -38.05 37.83 7.89
CA LYS G 135 -37.96 39.10 7.17
C LYS G 135 -37.61 40.26 8.09
N ILE G 136 -37.78 40.11 9.40
CA ILE G 136 -37.33 41.10 10.38
C ILE G 136 -36.17 40.52 11.17
N VAL G 137 -35.07 41.29 11.25
CA VAL G 137 -33.94 40.98 12.10
C VAL G 137 -33.79 42.08 13.15
N VAL G 138 -33.76 41.69 14.42
CA VAL G 138 -33.39 42.59 15.49
C VAL G 138 -32.25 41.94 16.26
N ARG G 139 -31.50 42.78 16.97
CA ARG G 139 -30.30 42.38 17.67
C ARG G 139 -30.45 42.82 19.12
N CYS G 140 -30.17 41.91 20.05
CA CYS G 140 -30.40 42.15 21.46
C CYS G 140 -29.28 43.00 22.05
N VAL G 141 -29.63 44.19 22.49
CA VAL G 141 -28.66 45.09 23.10
C VAL G 141 -28.71 45.01 24.63
N GLU G 142 -29.84 44.62 25.21
CA GLU G 142 -29.96 44.35 26.63
C GLU G 142 -31.04 43.30 26.82
N SER G 143 -30.89 42.49 27.86
CA SER G 143 -31.89 41.48 28.17
C SER G 143 -31.94 41.27 29.67
N SER G 144 -33.13 40.94 30.14
CA SER G 144 -33.37 40.64 31.55
C SER G 144 -34.66 39.83 31.62
N PRO G 145 -35.01 39.32 32.80
CA PRO G 145 -36.23 38.47 32.89
C PRO G 145 -37.55 39.11 32.46
N THR G 146 -37.68 40.45 32.40
CA THR G 146 -38.93 41.04 31.92
C THR G 146 -38.80 41.98 30.73
N LYS G 147 -37.57 42.28 30.28
CA LYS G 147 -37.37 43.21 29.16
C LYS G 147 -36.25 42.70 28.27
N ILE G 148 -36.55 42.53 26.99
CA ILE G 148 -35.53 42.38 25.97
C ILE G 148 -35.60 43.61 25.09
N VAL G 149 -34.53 44.38 25.11
CA VAL G 149 -34.39 45.60 24.31
C VAL G 149 -33.49 45.30 23.13
N THR G 150 -33.93 45.68 21.93
CA THR G 150 -33.23 45.34 20.70
C THR G 150 -33.17 46.54 19.75
N ARG G 151 -32.22 46.44 18.81
CA ARG G 151 -32.14 47.33 17.65
C ARG G 151 -32.52 46.57 16.39
N VAL G 152 -33.41 47.18 15.60
CA VAL G 152 -33.76 46.65 14.28
C VAL G 152 -32.57 46.79 13.35
N GLU G 153 -32.04 45.67 12.89
CA GLU G 153 -31.05 45.71 11.83
C GLU G 153 -31.69 45.64 10.45
N VAL G 154 -32.75 44.85 10.31
CA VAL G 154 -33.50 44.75 9.07
C VAL G 154 -34.96 45.05 9.40
N PRO G 155 -35.55 46.10 8.86
CA PRO G 155 -36.88 46.50 9.29
C PRO G 155 -37.96 45.86 8.44
N GLY G 156 -39.19 46.03 8.88
CA GLY G 156 -40.33 45.72 8.07
C GLY G 156 -41.63 45.76 8.86
N PRO G 157 -42.68 45.28 8.20
CA PRO G 157 -43.99 45.17 8.86
C PRO G 157 -44.00 43.99 9.81
N LEU G 158 -44.43 44.27 11.04
CA LEU G 158 -44.52 43.28 12.11
C LEU G 158 -45.96 43.27 12.58
N SER G 159 -46.71 42.25 12.20
CA SER G 159 -48.10 42.16 12.57
C SER G 159 -48.23 41.27 13.80
N ASP G 160 -49.45 41.15 14.31
CA ASP G 160 -49.61 40.44 15.57
C ASP G 160 -49.57 38.94 15.37
N HIS G 161 -49.09 38.24 16.41
CA HIS G 161 -48.91 36.79 16.45
C HIS G 161 -47.89 36.32 15.42
N LYS G 162 -46.96 37.19 15.04
CA LYS G 162 -45.94 36.78 14.10
C LYS G 162 -44.98 35.79 14.76
N GLY G 163 -44.37 34.96 13.91
CA GLY G 163 -43.39 34.03 14.39
C GLY G 163 -42.11 34.71 14.85
N PHE G 164 -41.45 34.05 15.79
CA PHE G 164 -40.29 34.53 16.53
C PHE G 164 -39.32 33.36 16.53
N ASN G 165 -38.12 33.57 16.01
CA ASN G 165 -37.10 32.53 16.03
C ASN G 165 -35.78 33.10 16.51
N VAL G 166 -35.03 32.31 17.28
CA VAL G 166 -33.70 32.71 17.70
C VAL G 166 -32.71 31.70 17.14
N PRO G 167 -32.18 31.91 15.95
CA PRO G 167 -31.50 30.85 15.23
C PRO G 167 -30.62 29.89 16.01
N ASP G 168 -29.62 30.37 16.77
CA ASP G 168 -28.60 29.43 17.21
C ASP G 168 -28.51 29.25 18.72
N VAL G 169 -29.51 29.67 19.45
CA VAL G 169 -29.52 29.51 20.89
C VAL G 169 -30.45 28.37 21.26
N VAL G 170 -30.09 27.64 22.30
CA VAL G 170 -30.81 26.44 22.69
C VAL G 170 -32.07 26.79 23.46
N LEU G 173 -36.43 23.55 25.08
CA LEU G 173 -37.91 23.45 25.06
C LEU G 173 -38.39 22.10 24.49
N ALA G 174 -39.37 21.48 25.16
CA ALA G 174 -39.91 20.22 24.68
C ALA G 174 -40.60 20.44 23.35
N ALA G 175 -40.37 19.51 22.38
CA ALA G 175 -41.07 19.59 21.11
C ALA G 175 -42.51 19.13 21.24
N LEU G 176 -42.82 18.34 22.24
CA LEU G 176 -44.17 17.90 22.56
C LEU G 176 -44.57 18.63 23.86
N THR G 177 -45.28 19.74 23.69
CA THR G 177 -45.61 20.68 24.75
C THR G 177 -46.89 20.24 25.45
N PRO G 178 -47.31 20.98 26.48
CA PRO G 178 -48.56 20.60 27.17
C PRO G 178 -49.83 20.96 26.41
N LYS G 179 -49.85 22.11 25.75
CA LYS G 179 -50.93 22.40 24.81
C LYS G 179 -51.03 21.31 23.75
N ASP G 180 -49.88 20.84 23.27
CA ASP G 180 -49.88 19.79 22.26
C ASP G 180 -50.52 18.50 22.77
N ARG G 181 -50.27 18.14 24.03
CA ARG G 181 -50.86 16.90 24.55
C ARG G 181 -52.39 16.96 24.54
N LYS G 182 -52.97 18.10 24.93
CA LYS G 182 -54.40 18.26 24.82
C LYS G 182 -54.84 18.25 23.37
N ASP G 183 -54.08 18.91 22.49
CA ASP G 183 -54.44 18.98 21.07
C ASP G 183 -54.36 17.60 20.42
N LEU G 184 -53.39 16.79 20.84
CA LEU G 184 -53.21 15.44 20.33
C LEU G 184 -54.37 14.52 20.70
N ASP G 185 -54.79 14.52 21.98
CA ASP G 185 -55.91 13.65 22.36
C ASP G 185 -57.18 14.02 21.60
N PHE G 186 -57.39 15.32 21.34
CA PHE G 186 -58.48 15.77 20.46
C PHE G 186 -58.31 15.24 19.05
N ALA G 187 -57.13 15.46 18.44
CA ALA G 187 -56.87 14.93 17.10
C ALA G 187 -57.19 13.45 17.03
N LEU G 188 -56.77 12.70 18.06
CA LEU G 188 -57.00 11.27 18.04
C LEU G 188 -58.46 10.93 18.32
N LYS G 189 -59.15 11.72 19.16
CA LYS G 189 -60.59 11.53 19.29
C LYS G 189 -61.28 11.70 17.92
N GLU G 190 -60.79 12.61 17.08
CA GLU G 190 -61.38 12.86 15.78
C GLU G 190 -60.86 11.94 14.70
N LYS G 191 -60.10 10.91 15.07
CA LYS G 191 -59.68 9.86 14.13
C LYS G 191 -58.79 10.43 13.03
N ALA G 192 -57.92 11.36 13.43
CA ALA G 192 -56.91 11.89 12.54
C ALA G 192 -56.20 10.75 11.83
N ASP G 193 -56.07 10.91 10.51
CA ASP G 193 -55.36 9.91 9.74
C ASP G 193 -53.86 10.03 9.95
N TRP G 194 -53.34 11.25 10.01
CA TRP G 194 -51.94 11.47 10.30
C TRP G 194 -51.83 12.57 11.34
N VAL G 195 -50.79 12.48 12.16
CA VAL G 195 -50.49 13.44 13.19
C VAL G 195 -49.09 13.98 12.95
N ALA G 196 -48.94 15.29 12.93
CA ALA G 196 -47.67 15.92 12.66
C ALA G 196 -47.11 16.58 13.90
N LEU G 197 -45.82 16.40 14.13
CA LEU G 197 -45.11 16.94 15.27
C LEU G 197 -44.12 18.01 14.81
N SER G 198 -44.20 19.17 15.42
CA SER G 198 -43.38 20.29 15.00
C SER G 198 -42.10 20.32 15.79
N PHE G 199 -41.10 20.97 15.19
CA PHE G 199 -39.85 21.33 15.87
C PHE G 199 -39.13 20.13 16.47
N VAL G 200 -39.30 18.96 15.88
CA VAL G 200 -38.47 17.82 16.23
C VAL G 200 -37.00 18.20 16.19
N GLN G 201 -36.23 17.78 17.21
CA GLN G 201 -34.78 17.97 17.20
C GLN G 201 -33.98 16.70 17.37
N ARG G 202 -34.55 15.64 17.93
CA ARG G 202 -33.84 14.39 18.06
C ARG G 202 -34.83 13.24 18.07
N VAL G 203 -34.32 12.02 17.95
CA VAL G 203 -35.24 10.87 17.92
C VAL G 203 -36.02 10.74 19.23
N GLU G 204 -35.46 11.24 20.33
CA GLU G 204 -36.19 11.26 21.59
C GLU G 204 -37.55 11.92 21.47
N ASP G 205 -37.68 13.02 20.72
CA ASP G 205 -39.02 13.63 20.58
C ASP G 205 -39.95 12.74 19.75
N VAL G 206 -39.41 11.95 18.81
CA VAL G 206 -40.27 11.06 18.01
C VAL G 206 -40.80 9.93 18.89
N ILE G 207 -39.93 9.36 19.71
CA ILE G 207 -40.29 8.24 20.58
C ILE G 207 -41.33 8.69 21.59
N GLU G 208 -41.08 9.81 22.24
CA GLU G 208 -42.07 10.31 23.19
C GLU G 208 -43.43 10.46 22.52
N ALA G 209 -43.47 10.98 21.30
CA ALA G 209 -44.76 11.13 20.63
C ALA G 209 -45.36 9.77 20.27
N LYS G 210 -44.56 8.84 19.74
CA LYS G 210 -45.11 7.54 19.36
C LYS G 210 -45.64 6.79 20.59
N GLU G 211 -44.94 6.85 21.74
CA GLU G 211 -45.37 6.10 22.92
C GLU G 211 -46.69 6.65 23.48
N LEU G 212 -46.89 7.96 23.34
CA LEU G 212 -48.14 8.61 23.66
C LEU G 212 -49.26 8.25 22.67
N ILE G 213 -48.98 8.24 21.37
CA ILE G 213 -49.98 7.91 20.37
C ILE G 213 -50.39 6.42 20.43
N LYS G 214 -49.48 5.54 20.83
CA LYS G 214 -49.84 4.16 21.17
C LYS G 214 -50.57 3.50 20.01
N GLY G 215 -50.11 3.76 18.80
CA GLY G 215 -50.61 3.13 17.60
C GLY G 215 -51.87 3.72 17.02
N ARG G 216 -52.38 4.81 17.56
CA ARG G 216 -53.69 5.23 17.10
C ARG G 216 -53.64 5.92 15.76
N ALA G 217 -52.49 6.49 15.38
CA ALA G 217 -52.31 7.15 14.09
C ALA G 217 -50.83 7.12 13.72
N PRO G 218 -50.49 7.09 12.42
CA PRO G 218 -49.09 7.24 12.03
C PRO G 218 -48.62 8.66 12.24
N LEU G 219 -47.31 8.81 12.30
CA LEU G 219 -46.70 10.05 12.76
C LEU G 219 -45.84 10.65 11.66
N LEU G 220 -46.00 11.94 11.44
CA LEU G 220 -45.22 12.72 10.49
C LEU G 220 -44.37 13.68 11.31
N VAL G 221 -43.07 13.77 10.97
CA VAL G 221 -42.18 14.70 11.65
C VAL G 221 -41.88 15.85 10.72
N LYS G 222 -41.99 17.05 11.28
CA LYS G 222 -41.65 18.30 10.60
C LYS G 222 -40.19 18.59 10.88
N LEU G 223 -39.41 18.74 9.84
CA LEU G 223 -37.99 19.02 10.00
C LEU G 223 -37.81 20.52 9.77
N GLU G 224 -37.32 21.20 10.79
CA GLU G 224 -37.29 22.67 10.77
C GLU G 224 -36.25 23.20 11.74
N LYS G 225 -35.32 22.40 12.21
CA LYS G 225 -34.31 22.80 13.14
C LYS G 225 -32.97 22.21 12.75
N PRO G 226 -31.89 22.94 12.96
CA PRO G 226 -30.57 22.37 12.71
C PRO G 226 -30.36 21.02 13.35
N ALA G 227 -30.78 20.80 14.60
CA ALA G 227 -30.45 19.51 15.22
C ALA G 227 -31.14 18.33 14.53
N ALA G 228 -32.35 18.55 14.01
CA ALA G 228 -33.03 17.49 13.27
C ALA G 228 -32.21 17.05 12.07
N ILE G 229 -31.57 18.00 11.36
CA ILE G 229 -30.80 17.63 10.18
C ILE G 229 -29.53 16.87 10.59
N GLU G 230 -28.90 17.28 11.69
CA GLU G 230 -27.81 16.51 12.29
C GLU G 230 -28.25 15.11 12.64
N ASN G 231 -29.43 14.97 13.27
CA ASN G 231 -29.94 13.68 13.70
C ASN G 231 -30.89 13.05 12.69
N LEU G 232 -30.75 13.42 11.41
CA LEU G 232 -31.72 13.02 10.38
C LEU G 232 -31.92 11.50 10.33
N GLU G 233 -30.85 10.73 10.38
CA GLU G 233 -31.02 9.30 10.15
C GLU G 233 -31.81 8.67 11.28
N SER G 234 -31.50 9.01 12.54
CA SER G 234 -32.22 8.39 13.64
C SER G 234 -33.67 8.81 13.65
N ILE G 235 -33.95 10.10 13.31
CA ILE G 235 -35.31 10.63 13.26
C ILE G 235 -36.11 9.97 12.14
N LEU G 236 -35.53 9.90 10.93
CA LEU G 236 -36.26 9.32 9.81
C LEU G 236 -36.49 7.84 10.04
N ALA G 237 -35.59 7.18 10.76
CA ALA G 237 -35.81 5.76 11.03
C ALA G 237 -37.04 5.56 11.89
N ALA G 238 -37.22 6.46 12.88
CA ALA G 238 -38.30 6.34 13.86
C ALA G 238 -39.66 6.85 13.36
N THR G 239 -39.71 7.71 12.36
CA THR G 239 -40.99 8.29 11.99
C THR G 239 -41.67 7.43 10.92
N ASP G 240 -42.92 7.78 10.61
CA ASP G 240 -43.64 7.15 9.52
C ASP G 240 -43.70 8.01 8.27
N ALA G 241 -43.70 9.33 8.43
CA ALA G 241 -43.70 10.27 7.31
C ALA G 241 -42.88 11.51 7.66
N VAL G 242 -42.65 12.36 6.66
CA VAL G 242 -41.71 13.45 6.78
C VAL G 242 -42.28 14.67 6.11
N MET G 243 -42.03 15.84 6.70
CA MET G 243 -42.34 17.12 6.09
C MET G 243 -41.10 17.99 6.09
N VAL G 244 -40.73 18.46 4.91
CA VAL G 244 -39.70 19.47 4.73
C VAL G 244 -40.37 20.81 5.04
N ALA G 245 -40.28 21.26 6.28
CA ALA G 245 -41.05 22.41 6.77
C ALA G 245 -40.22 23.67 6.59
N ARG G 246 -40.15 24.15 5.34
CA ARG G 246 -39.12 25.11 4.97
C ARG G 246 -39.33 26.48 5.62
N GLY G 247 -40.55 26.83 5.99
CA GLY G 247 -40.76 28.12 6.60
C GLY G 247 -39.83 28.34 7.79
N ASP G 248 -39.90 27.43 8.78
CA ASP G 248 -39.02 27.57 9.93
C ASP G 248 -37.60 27.11 9.62
N LEU G 249 -37.44 26.08 8.80
CA LEU G 249 -36.09 25.57 8.52
C LEU G 249 -35.20 26.66 7.96
N GLY G 250 -35.78 27.57 7.15
CA GLY G 250 -35.06 28.69 6.55
C GLY G 250 -34.81 29.88 7.45
N VAL G 251 -35.27 29.81 8.69
CA VAL G 251 -35.02 30.81 9.70
C VAL G 251 -34.09 30.29 10.79
N GLU G 252 -34.33 29.06 11.24
CA GLU G 252 -33.42 28.36 12.14
C GLU G 252 -32.11 27.95 11.46
N CYS G 253 -32.10 27.74 10.14
CA CYS G 253 -30.87 27.56 9.39
C CYS G 253 -30.77 28.69 8.38
N LEU G 254 -29.63 28.79 7.73
CA LEU G 254 -29.50 29.77 6.67
C LEU G 254 -30.53 29.50 5.58
N PRO G 255 -31.21 30.52 5.05
CA PRO G 255 -32.14 30.25 3.94
C PRO G 255 -31.46 29.63 2.76
N GLU G 256 -30.22 30.01 2.49
CA GLU G 256 -29.56 29.46 1.31
C GLU G 256 -29.22 27.98 1.50
N SER G 257 -29.35 27.46 2.72
CA SER G 257 -29.03 26.07 3.02
C SER G 257 -30.21 25.14 2.85
N VAL G 258 -31.43 25.64 2.66
CA VAL G 258 -32.58 24.75 2.57
C VAL G 258 -32.54 23.86 1.32
N PRO G 259 -32.22 24.37 0.13
CA PRO G 259 -32.36 23.52 -1.08
C PRO G 259 -31.53 22.25 -1.03
N PRO G 260 -30.22 22.34 -0.77
CA PRO G 260 -29.44 21.09 -0.60
C PRO G 260 -30.01 20.19 0.48
N THR G 261 -30.49 20.76 1.60
CA THR G 261 -31.11 19.99 2.68
C THR G 261 -32.37 19.30 2.20
N GLN G 262 -33.23 20.04 1.49
CA GLN G 262 -34.41 19.43 0.91
C GLN G 262 -34.03 18.27 0.00
N LYS G 263 -32.99 18.44 -0.81
CA LYS G 263 -32.63 17.36 -1.72
C LYS G 263 -32.36 16.11 -0.92
N ARG G 264 -31.62 16.27 0.18
CA ARG G 264 -31.16 15.16 1.02
C ARG G 264 -32.33 14.46 1.73
N ILE G 265 -33.23 15.24 2.37
CA ILE G 265 -34.41 14.68 3.04
C ILE G 265 -35.27 13.88 2.07
N VAL G 266 -35.57 14.45 0.90
CA VAL G 266 -36.42 13.76 -0.07
C VAL G 266 -35.76 12.46 -0.56
N GLU G 267 -34.45 12.50 -0.87
CA GLU G 267 -33.72 11.28 -1.23
C GLU G 267 -33.88 10.19 -0.15
N ARG G 268 -33.43 10.51 1.08
CA ARG G 268 -33.41 9.51 2.18
C ARG G 268 -34.82 9.05 2.56
N SER G 269 -35.79 9.98 2.59
CA SER G 269 -37.18 9.58 2.77
C SER G 269 -37.60 8.54 1.74
N ARG G 270 -37.35 8.81 0.47
CA ARG G 270 -37.74 7.87 -0.58
C ARG G 270 -37.03 6.54 -0.42
N GLN G 271 -35.73 6.58 -0.11
CA GLN G 271 -34.95 5.35 0.07
C GLN G 271 -35.34 4.60 1.34
N LEU G 272 -35.89 5.28 2.35
CA LEU G 272 -36.43 4.58 3.50
C LEU G 272 -37.89 4.27 3.36
N GLY G 273 -38.51 4.75 2.29
CA GLY G 273 -39.95 4.55 2.09
C GLY G 273 -40.87 5.26 3.07
N LYS G 274 -40.62 6.52 3.38
CA LYS G 274 -41.49 7.28 4.27
C LYS G 274 -42.08 8.43 3.47
N PRO G 275 -43.40 8.57 3.33
CA PRO G 275 -43.92 9.63 2.45
C PRO G 275 -43.30 10.95 2.88
N VAL G 276 -42.89 11.78 1.92
CA VAL G 276 -42.32 13.08 2.28
C VAL G 276 -43.07 14.20 1.57
N VAL G 277 -43.28 15.29 2.29
CA VAL G 277 -44.06 16.45 1.84
C VAL G 277 -43.16 17.67 1.84
N VAL G 278 -43.11 18.38 0.71
CA VAL G 278 -42.38 19.66 0.66
C VAL G 278 -43.41 20.74 0.92
N ALA G 279 -43.06 21.71 1.77
CA ALA G 279 -43.99 22.65 2.36
C ALA G 279 -43.39 24.04 2.49
N THR G 280 -44.32 25.02 2.43
CA THR G 280 -44.18 26.44 2.76
C THR G 280 -43.81 27.34 1.58
N ALA G 281 -44.63 28.36 1.33
CA ALA G 281 -44.40 29.40 0.32
C ALA G 281 -44.36 28.87 -1.14
N MET G 282 -44.89 27.70 -1.40
CA MET G 282 -44.79 27.16 -2.75
C MET G 282 -45.48 28.07 -3.77
N LEU G 283 -46.64 28.64 -3.42
CA LEU G 283 -47.33 29.61 -4.25
C LEU G 283 -47.62 30.86 -3.44
N GLU G 284 -46.64 31.28 -2.65
CA GLU G 284 -46.86 32.34 -1.65
C GLU G 284 -47.53 33.60 -2.23
N SER G 285 -47.19 34.00 -3.47
CA SER G 285 -47.73 35.22 -4.04
C SER G 285 -49.23 35.13 -4.31
N MET G 286 -49.75 33.90 -4.42
CA MET G 286 -51.17 33.66 -4.69
C MET G 286 -52.05 33.87 -3.46
N ILE G 287 -51.45 34.15 -2.32
CA ILE G 287 -52.22 34.69 -1.21
C ILE G 287 -52.93 35.98 -1.62
N LYS G 288 -52.26 36.83 -2.40
CA LYS G 288 -52.83 38.09 -2.86
C LYS G 288 -53.12 38.12 -4.36
N ALA G 289 -52.38 37.38 -5.17
CA ALA G 289 -52.45 37.44 -6.63
C ALA G 289 -53.17 36.23 -7.18
N PRO G 290 -53.97 36.40 -8.23
CA PRO G 290 -54.74 35.26 -8.75
C PRO G 290 -53.90 34.28 -9.51
N ALA G 291 -52.62 34.56 -9.73
CA ALA G 291 -51.75 33.68 -10.51
C ALA G 291 -50.36 33.67 -9.89
N PRO G 292 -49.59 32.62 -10.15
CA PRO G 292 -48.30 32.45 -9.49
C PRO G 292 -47.15 33.18 -10.17
N THR G 293 -46.05 33.35 -9.42
CA THR G 293 -44.80 33.78 -10.06
C THR G 293 -44.06 32.60 -10.71
N ARG G 294 -43.14 32.93 -11.62
CA ARG G 294 -42.42 31.90 -12.34
C ARG G 294 -41.57 31.06 -11.39
N ALA G 295 -40.95 31.71 -10.38
CA ALA G 295 -40.18 31.01 -9.36
C ALA G 295 -41.03 30.01 -8.60
N GLU G 296 -42.28 30.37 -8.37
CA GLU G 296 -43.19 29.54 -7.59
C GLU G 296 -43.55 28.27 -8.34
N VAL G 297 -43.90 28.39 -9.62
CA VAL G 297 -44.22 27.21 -10.41
C VAL G 297 -42.98 26.33 -10.54
N SER G 298 -41.83 26.97 -10.66
CA SER G 298 -40.58 26.22 -10.73
C SER G 298 -40.34 25.42 -9.45
N ASP G 299 -40.60 26.05 -8.29
CA ASP G 299 -40.44 25.37 -7.00
C ASP G 299 -41.31 24.11 -6.94
N VAL G 300 -42.62 24.27 -7.13
CA VAL G 300 -43.53 23.13 -7.15
C VAL G 300 -43.01 22.04 -8.09
N ALA G 301 -42.62 22.44 -9.31
CA ALA G 301 -42.19 21.48 -10.34
C ALA G 301 -40.93 20.70 -9.92
N ASN G 302 -39.96 21.40 -9.37
CA ASN G 302 -38.73 20.76 -8.94
C ASN G 302 -38.97 19.80 -7.77
N ALA G 303 -39.95 20.10 -6.91
CA ALA G 303 -40.34 19.15 -5.88
C ALA G 303 -40.89 17.86 -6.49
N ILE G 304 -41.68 17.98 -7.56
CA ILE G 304 -42.23 16.81 -8.22
C ILE G 304 -41.13 15.98 -8.86
N TYR G 305 -40.16 16.66 -9.52
CA TYR G 305 -39.04 15.97 -10.17
C TYR G 305 -38.15 15.24 -9.17
N GLU G 306 -38.12 15.70 -7.90
CA GLU G 306 -37.37 14.99 -6.88
C GLU G 306 -38.03 13.69 -6.44
N GLY G 307 -39.29 13.45 -6.83
CA GLY G 307 -40.02 12.26 -6.45
C GLY G 307 -40.78 12.37 -5.13
N ALA G 308 -40.92 13.57 -4.58
CA ALA G 308 -41.58 13.76 -3.30
C ALA G 308 -43.02 13.30 -3.35
N ASP G 309 -43.49 12.76 -2.22
CA ASP G 309 -44.84 12.21 -2.15
C ASP G 309 -45.90 13.31 -2.23
N GLY G 310 -45.66 14.43 -1.56
CA GLY G 310 -46.66 15.46 -1.49
C GLY G 310 -46.03 16.83 -1.63
N ILE G 311 -46.90 17.78 -2.01
CA ILE G 311 -46.60 19.20 -2.14
C ILE G 311 -47.71 19.97 -1.42
N MET G 312 -47.33 20.95 -0.60
CA MET G 312 -48.24 21.51 0.39
C MET G 312 -48.50 23.00 0.16
N LEU G 313 -49.73 23.40 0.48
CA LEU G 313 -50.15 24.77 0.57
C LEU G 313 -50.59 25.07 2.00
N SER G 314 -50.17 26.24 2.52
CA SER G 314 -50.53 26.64 3.86
C SER G 314 -51.51 27.80 3.73
N ALA G 315 -51.05 29.06 3.81
CA ALA G 315 -51.94 30.21 3.83
C ALA G 315 -52.56 30.47 2.47
N GLU G 316 -51.93 30.00 1.40
CA GLU G 316 -52.53 30.09 0.08
C GLU G 316 -53.93 29.50 0.04
N SER G 317 -54.17 28.39 0.72
CA SER G 317 -55.53 27.87 0.79
C SER G 317 -56.22 28.18 2.12
N ALA G 318 -55.47 28.38 3.20
CA ALA G 318 -56.06 28.63 4.51
C ALA G 318 -56.61 30.04 4.71
N ALA G 319 -55.93 31.07 4.22
CA ALA G 319 -56.30 32.44 4.52
C ALA G 319 -56.24 33.39 3.32
N GLY G 320 -55.95 32.92 2.16
CA GLY G 320 -55.67 33.80 1.06
C GLY G 320 -56.91 34.21 0.30
N ASP G 321 -56.69 35.15 -0.62
CA ASP G 321 -57.73 35.72 -1.46
C ASP G 321 -58.04 34.83 -2.64
N TRP G 322 -57.24 33.82 -2.93
CA TRP G 322 -57.48 32.96 -4.10
C TRP G 322 -57.21 31.50 -3.77
N PRO G 323 -57.94 30.93 -2.82
CA PRO G 323 -57.65 29.55 -2.43
C PRO G 323 -58.02 28.54 -3.46
N HIS G 324 -59.11 28.74 -4.20
CA HIS G 324 -59.47 27.82 -5.27
C HIS G 324 -58.39 27.80 -6.36
N GLU G 325 -57.97 28.97 -6.82
CA GLU G 325 -56.97 29.04 -7.88
C GLU G 325 -55.64 28.40 -7.42
N ALA G 326 -55.23 28.67 -6.19
CA ALA G 326 -53.99 28.10 -5.66
C ALA G 326 -54.06 26.58 -5.70
N VAL G 327 -55.07 25.99 -5.06
CA VAL G 327 -55.22 24.54 -5.12
C VAL G 327 -55.15 24.06 -6.57
N ASN G 328 -55.96 24.63 -7.46
CA ASN G 328 -56.00 24.10 -8.82
C ASN G 328 -54.65 24.26 -9.53
N MET G 329 -53.92 25.38 -9.27
CA MET G 329 -52.58 25.54 -9.84
C MET G 329 -51.64 24.39 -9.45
N MET G 330 -51.70 23.95 -8.19
CA MET G 330 -50.93 22.80 -7.76
C MET G 330 -51.30 21.57 -8.58
N HIS G 331 -52.59 21.31 -8.73
CA HIS G 331 -53.02 20.21 -9.58
C HIS G 331 -52.48 20.37 -11.00
N ARG G 332 -52.58 21.57 -11.56
CA ARG G 332 -52.16 21.79 -12.94
C ARG G 332 -50.68 21.49 -13.14
N ILE G 333 -49.84 22.00 -12.25
CA ILE G 333 -48.40 21.82 -12.38
C ILE G 333 -48.05 20.34 -12.35
N ALA G 334 -48.63 19.63 -11.38
CA ALA G 334 -48.37 18.21 -11.29
C ALA G 334 -48.83 17.48 -12.55
N SER G 335 -49.97 17.87 -13.11
CA SER G 335 -50.51 17.22 -14.31
C SER G 335 -49.63 17.45 -15.52
N TYR G 336 -49.21 18.69 -15.72
CA TYR G 336 -48.36 18.94 -16.88
C TYR G 336 -46.99 18.30 -16.67
N VAL G 337 -46.33 18.60 -15.55
CA VAL G 337 -44.97 18.14 -15.37
C VAL G 337 -44.89 16.63 -15.47
N GLU G 338 -45.78 15.94 -14.78
CA GLU G 338 -45.67 14.49 -14.73
C GLU G 338 -45.87 13.83 -16.08
N ASN G 339 -46.57 14.49 -17.00
CA ASN G 339 -46.90 13.90 -18.29
C ASN G 339 -46.12 14.52 -19.41
N ALA G 340 -45.13 15.30 -19.10
CA ALA G 340 -44.26 15.92 -20.07
C ALA G 340 -42.93 15.20 -20.08
N PRO G 341 -42.14 15.39 -21.12
CA PRO G 341 -40.80 14.77 -21.18
C PRO G 341 -39.88 15.28 -20.07
N GLY G 342 -39.03 14.38 -19.59
CA GLY G 342 -38.07 14.69 -18.56
C GLY G 342 -38.41 14.22 -17.15
N TYR G 343 -39.60 13.66 -16.93
CA TYR G 343 -40.08 13.47 -15.55
C TYR G 343 -39.46 12.23 -14.93
N ILE G 344 -39.62 11.07 -15.57
CA ILE G 344 -39.29 9.85 -14.85
C ILE G 344 -37.79 9.75 -14.65
N GLU G 345 -36.99 10.28 -15.60
CA GLU G 345 -35.52 10.19 -15.49
C GLU G 345 -35.01 10.95 -14.27
N ARG G 346 -35.63 12.09 -13.97
CA ARG G 346 -35.33 12.89 -12.79
C ARG G 346 -35.81 12.22 -11.52
N VAL G 347 -36.94 11.52 -11.56
CA VAL G 347 -37.35 10.73 -10.40
C VAL G 347 -36.35 9.60 -10.14
N ARG G 348 -35.98 8.86 -11.20
CA ARG G 348 -35.07 7.72 -11.07
C ARG G 348 -33.63 8.14 -10.75
N PHE G 349 -33.29 9.42 -10.85
CA PHE G 349 -31.96 9.84 -10.46
C PHE G 349 -31.62 9.36 -9.07
N THR G 350 -32.63 9.16 -8.21
CA THR G 350 -32.44 8.72 -6.83
C THR G 350 -32.61 7.21 -6.75
N PRO G 351 -31.61 6.45 -6.31
CA PRO G 351 -31.72 4.99 -6.32
C PRO G 351 -32.43 4.54 -5.06
N THR G 352 -33.36 3.61 -5.24
CA THR G 352 -34.19 3.07 -4.16
C THR G 352 -34.14 1.55 -4.24
N PRO G 353 -32.99 0.95 -3.92
CA PRO G 353 -32.85 -0.51 -4.08
C PRO G 353 -33.68 -1.25 -3.04
N ALA G 354 -34.04 -2.47 -3.41
CA ALA G 354 -34.79 -3.34 -2.52
C ALA G 354 -33.99 -3.71 -1.28
N GLU G 355 -34.65 -3.71 -0.15
CA GLU G 355 -34.13 -4.35 1.02
C GLU G 355 -34.15 -5.84 0.77
N PRO G 356 -33.46 -6.60 1.58
CA PRO G 356 -33.49 -8.07 1.47
C PRO G 356 -34.69 -8.66 2.19
N THR G 357 -35.87 -8.36 1.66
CA THR G 357 -37.15 -8.78 2.21
C THR G 357 -38.02 -9.25 1.07
N THR G 358 -38.97 -10.11 1.37
CA THR G 358 -39.83 -10.62 0.30
C THR G 358 -40.68 -9.50 -0.31
N VAL G 359 -41.25 -8.62 0.52
CA VAL G 359 -42.11 -7.58 -0.04
C VAL G 359 -41.32 -6.63 -0.95
N ASP G 360 -40.09 -6.27 -0.57
CA ASP G 360 -39.33 -5.36 -1.44
C ASP G 360 -38.97 -6.04 -2.77
N ALA G 361 -38.51 -7.29 -2.72
CA ALA G 361 -38.28 -8.04 -3.94
C ALA G 361 -39.49 -7.97 -4.87
N LEU G 362 -40.69 -8.25 -4.35
CA LEU G 362 -41.86 -8.31 -5.20
C LEU G 362 -42.38 -6.94 -5.60
N ALA G 363 -42.07 -5.91 -4.83
CA ALA G 363 -42.34 -4.56 -5.27
C ALA G 363 -41.51 -4.22 -6.50
N GLU G 364 -40.18 -4.30 -6.38
CA GLU G 364 -39.32 -3.94 -7.51
C GLU G 364 -39.59 -4.82 -8.74
N ASN G 365 -39.97 -6.06 -8.54
CA ASN G 365 -40.09 -6.95 -9.69
C ASN G 365 -41.49 -6.98 -10.28
N ALA G 366 -42.52 -6.61 -9.52
CA ALA G 366 -43.77 -6.21 -10.17
C ALA G 366 -43.60 -4.93 -10.98
N SER G 367 -42.82 -3.96 -10.48
CA SER G 367 -42.62 -2.73 -11.25
C SER G 367 -41.98 -3.08 -12.59
N LYS G 368 -40.93 -3.89 -12.55
CA LYS G 368 -40.25 -4.27 -13.78
C LYS G 368 -41.15 -5.12 -14.66
N THR G 369 -41.87 -6.08 -14.06
CA THR G 369 -42.77 -6.91 -14.86
C THR G 369 -43.79 -6.03 -15.59
N ALA G 370 -44.35 -5.04 -14.89
CA ALA G 370 -45.37 -4.19 -15.51
C ALA G 370 -44.81 -3.39 -16.69
N GLU G 371 -43.60 -2.84 -16.55
CA GLU G 371 -42.95 -2.22 -17.69
C GLU G 371 -42.85 -3.21 -18.86
N THR G 372 -42.28 -4.38 -18.60
CA THR G 372 -41.97 -5.28 -19.69
C THR G 372 -43.22 -5.72 -20.43
N VAL G 373 -44.33 -5.92 -19.71
CA VAL G 373 -45.53 -6.58 -20.25
C VAL G 373 -46.56 -5.58 -20.78
N GLY G 374 -46.30 -4.29 -20.69
CA GLY G 374 -47.30 -3.30 -21.04
C GLY G 374 -48.51 -3.21 -20.13
N ALA G 375 -48.36 -3.57 -18.84
CA ALA G 375 -49.47 -3.60 -17.88
C ALA G 375 -50.05 -2.21 -17.65
N LYS G 376 -51.37 -2.16 -17.52
CA LYS G 376 -52.11 -0.91 -17.39
C LYS G 376 -52.29 -0.48 -15.95
N ALA G 377 -52.01 -1.36 -15.00
CA ALA G 377 -52.14 -0.99 -13.60
C ALA G 377 -51.44 -2.04 -12.74
N ILE G 378 -50.91 -1.59 -11.60
CA ILE G 378 -50.37 -2.52 -10.61
C ILE G 378 -51.35 -2.53 -9.44
N ILE G 379 -52.00 -3.67 -9.22
CA ILE G 379 -53.06 -3.80 -8.22
C ILE G 379 -52.50 -4.49 -6.99
N VAL G 380 -52.42 -3.75 -5.89
CA VAL G 380 -51.80 -4.22 -4.65
C VAL G 380 -52.87 -4.52 -3.62
N PHE G 381 -52.87 -5.74 -3.10
CA PHE G 381 -53.68 -6.11 -1.95
C PHE G 381 -52.87 -5.91 -0.67
N THR G 382 -53.37 -5.10 0.26
CA THR G 382 -52.61 -4.70 1.44
C THR G 382 -53.55 -4.67 2.63
N GLU G 383 -53.16 -5.30 3.76
CA GLU G 383 -53.97 -5.23 4.97
C GLU G 383 -53.76 -3.92 5.74
N THR G 384 -52.49 -3.55 5.93
CA THR G 384 -52.08 -2.37 6.69
C THR G 384 -51.63 -1.21 5.82
N GLY G 385 -51.50 -1.39 4.51
CA GLY G 385 -50.90 -0.40 3.64
C GLY G 385 -49.41 -0.58 3.40
N LYS G 386 -48.73 -1.46 4.15
CA LYS G 386 -47.28 -1.51 4.07
C LYS G 386 -46.78 -1.97 2.71
N THR G 387 -47.44 -2.95 2.10
CA THR G 387 -47.03 -3.39 0.77
C THR G 387 -47.30 -2.31 -0.28
N ALA G 388 -48.37 -1.55 -0.11
CA ALA G 388 -48.63 -0.41 -0.98
C ALA G 388 -47.55 0.66 -0.85
N GLN G 389 -47.05 0.89 0.36
CA GLN G 389 -45.94 1.83 0.50
C GLN G 389 -44.70 1.33 -0.23
N ARG G 390 -44.35 0.03 -0.13
CA ARG G 390 -43.17 -0.45 -0.85
C ARG G 390 -43.35 -0.39 -2.36
N VAL G 391 -44.53 -0.78 -2.88
CA VAL G 391 -44.73 -0.66 -4.32
C VAL G 391 -44.59 0.79 -4.74
N SER G 392 -45.22 1.71 -4.02
CA SER G 392 -45.10 3.13 -4.33
C SER G 392 -43.65 3.57 -4.33
N ARG G 393 -42.86 3.04 -3.41
CA ARG G 393 -41.46 3.44 -3.32
C ARG G 393 -40.73 3.23 -4.63
N ALA G 394 -41.03 2.14 -5.33
CA ALA G 394 -40.38 1.89 -6.59
C ALA G 394 -40.75 2.91 -7.66
N ARG G 395 -41.71 3.78 -7.38
CA ARG G 395 -42.11 4.82 -8.32
C ARG G 395 -42.37 4.19 -9.70
N PRO G 396 -43.29 3.23 -9.79
CA PRO G 396 -43.60 2.66 -11.12
C PRO G 396 -44.29 3.63 -12.06
N VAL G 397 -44.07 3.38 -13.37
CA VAL G 397 -44.78 4.04 -14.45
C VAL G 397 -46.27 3.70 -14.42
N ALA G 398 -46.59 2.40 -14.47
CA ALA G 398 -48.00 1.96 -14.44
C ALA G 398 -48.70 2.45 -13.17
N PRO G 399 -49.95 2.89 -13.25
CA PRO G 399 -50.62 3.38 -12.05
C PRO G 399 -50.83 2.27 -11.06
N ILE G 400 -50.69 2.62 -9.79
CA ILE G 400 -51.01 1.74 -8.68
C ILE G 400 -52.48 1.87 -8.31
N LEU G 401 -53.02 0.75 -7.83
CA LEU G 401 -54.30 0.68 -7.12
C LEU G 401 -54.08 -0.09 -5.84
N SER G 402 -54.43 0.52 -4.71
CA SER G 402 -54.19 -0.09 -3.42
C SER G 402 -55.52 -0.53 -2.80
N LEU G 403 -55.74 -1.84 -2.81
CA LEU G 403 -56.96 -2.48 -2.35
C LEU G 403 -56.77 -2.98 -0.92
N THR G 404 -57.55 -2.42 0.00
CA THR G 404 -57.49 -2.74 1.41
C THR G 404 -58.90 -2.96 1.92
N PRO G 405 -59.06 -3.78 2.91
CA PRO G 405 -60.38 -3.93 3.55
C PRO G 405 -60.63 -2.91 4.67
N ASP G 406 -59.55 -2.48 5.32
CA ASP G 406 -59.64 -1.52 6.42
C ASP G 406 -59.84 -0.11 5.86
N ALA G 407 -60.93 0.55 6.26
CA ALA G 407 -61.12 1.92 5.77
C ALA G 407 -60.11 2.89 6.39
N GLU G 408 -59.59 2.57 7.58
CA GLU G 408 -58.58 3.44 8.18
C GLU G 408 -57.32 3.45 7.31
N VAL G 409 -56.91 2.29 6.83
CA VAL G 409 -55.80 2.23 5.88
C VAL G 409 -56.14 2.98 4.58
N ALA G 410 -57.37 2.87 4.09
CA ALA G 410 -57.74 3.58 2.88
C ALA G 410 -57.61 5.08 3.08
N ARG G 411 -57.98 5.56 4.25
CA ARG G 411 -57.79 6.97 4.58
C ARG G 411 -56.32 7.33 4.65
N ARG G 412 -55.50 6.47 5.25
CA ARG G 412 -54.12 6.88 5.49
C ARG G 412 -53.26 6.85 4.25
N LEU G 413 -53.55 5.95 3.30
CA LEU G 413 -52.75 5.87 2.10
C LEU G 413 -52.97 7.09 1.21
N GLY G 414 -53.90 7.97 1.55
CA GLY G 414 -54.05 9.19 0.77
C GLY G 414 -52.83 10.08 0.82
N LEU G 415 -51.94 9.88 1.80
CA LEU G 415 -50.69 10.65 1.81
C LEU G 415 -49.61 10.06 0.90
N VAL G 416 -49.74 8.77 0.49
CA VAL G 416 -48.66 8.03 -0.15
C VAL G 416 -48.69 8.17 -1.67
N TRP G 417 -47.51 8.40 -2.26
CA TRP G 417 -47.38 8.70 -3.70
C TRP G 417 -48.06 7.68 -4.56
N GLY G 418 -48.87 8.16 -5.50
CA GLY G 418 -49.53 7.31 -6.47
C GLY G 418 -50.28 6.10 -5.94
N ALA G 419 -50.69 6.13 -4.67
CA ALA G 419 -51.17 4.91 -4.05
C ALA G 419 -52.58 4.52 -4.49
N GLN G 420 -53.44 5.48 -4.71
CA GLN G 420 -54.82 5.26 -5.16
C GLN G 420 -55.50 4.14 -4.36
N PRO G 421 -55.66 4.31 -3.07
CA PRO G 421 -56.31 3.30 -2.24
C PRO G 421 -57.78 3.23 -2.54
N VAL G 422 -58.28 2.02 -2.54
CA VAL G 422 -59.70 1.74 -2.70
C VAL G 422 -60.05 0.70 -1.67
N GLN G 423 -61.10 0.97 -0.91
CA GLN G 423 -61.55 0.01 0.07
C GLN G 423 -62.43 -1.05 -0.58
N VAL G 424 -62.14 -2.32 -0.27
CA VAL G 424 -62.85 -3.47 -0.82
C VAL G 424 -63.22 -4.42 0.32
N SER G 425 -64.01 -5.42 -0.04
CA SER G 425 -64.31 -6.53 0.85
C SER G 425 -63.11 -7.46 0.92
N THR G 426 -63.06 -8.24 2.00
CA THR G 426 -62.11 -9.32 2.10
C THR G 426 -62.41 -10.36 1.03
N VAL G 427 -61.37 -11.01 0.58
CA VAL G 427 -61.45 -12.07 -0.42
C VAL G 427 -60.71 -13.24 0.21
N LYS G 428 -61.08 -14.45 -0.19
CA LYS G 428 -60.49 -15.62 0.46
C LYS G 428 -59.94 -16.67 -0.49
N THR G 429 -60.06 -16.48 -1.79
CA THR G 429 -59.37 -17.32 -2.76
C THR G 429 -58.64 -16.45 -3.76
N LEU G 430 -57.52 -16.94 -4.28
CA LEU G 430 -56.86 -16.25 -5.38
C LEU G 430 -57.86 -15.90 -6.49
N ASP G 431 -58.78 -16.81 -6.77
CA ASP G 431 -59.70 -16.61 -7.88
C ASP G 431 -60.54 -15.34 -7.69
N GLU G 432 -61.07 -15.15 -6.50
CA GLU G 432 -61.81 -13.92 -6.21
C GLU G 432 -60.89 -12.71 -6.33
N ALA G 433 -59.67 -12.84 -5.83
CA ALA G 433 -58.74 -11.72 -5.84
C ALA G 433 -58.53 -11.20 -7.26
N LYS G 434 -58.39 -12.10 -8.23
CA LYS G 434 -58.14 -11.62 -9.58
C LYS G 434 -59.34 -10.89 -10.15
N LYS G 435 -60.54 -11.39 -9.83
CA LYS G 435 -61.75 -10.78 -10.36
C LYS G 435 -61.92 -9.37 -9.78
N LEU G 436 -61.74 -9.23 -8.46
CA LEU G 436 -61.83 -7.91 -7.84
C LEU G 436 -60.80 -6.96 -8.46
N ALA G 437 -59.60 -7.48 -8.71
CA ALA G 437 -58.55 -6.68 -9.34
C ALA G 437 -59.00 -6.19 -10.70
N ALA G 438 -59.42 -7.13 -11.55
CA ALA G 438 -59.78 -6.77 -12.92
C ALA G 438 -60.98 -5.83 -12.93
N GLU G 439 -62.02 -6.12 -12.14
CA GLU G 439 -63.17 -5.22 -12.09
C GLU G 439 -62.78 -3.85 -11.54
N THR G 440 -61.88 -3.80 -10.55
CA THR G 440 -61.52 -2.47 -10.05
C THR G 440 -60.81 -1.67 -11.14
N ALA G 441 -59.82 -2.26 -11.78
CA ALA G 441 -59.12 -1.53 -12.84
C ALA G 441 -60.08 -1.07 -13.91
N LYS G 442 -61.11 -1.86 -14.20
CA LYS G 442 -62.05 -1.47 -15.25
C LYS G 442 -63.02 -0.41 -14.75
N LYS G 443 -63.66 -0.66 -13.61
CA LYS G 443 -64.59 0.29 -13.00
C LYS G 443 -64.09 1.72 -13.05
N TYR G 444 -62.80 1.93 -12.82
CA TYR G 444 -62.25 3.28 -12.72
C TYR G 444 -61.52 3.71 -13.98
N GLY G 445 -61.45 2.83 -14.98
CA GLY G 445 -61.03 3.24 -16.29
C GLY G 445 -59.59 3.00 -16.66
N PHE G 446 -58.84 2.28 -15.85
CA PHE G 446 -57.43 2.07 -16.19
C PHE G 446 -57.26 1.02 -17.28
N ALA G 447 -58.22 0.12 -17.43
CA ALA G 447 -58.10 -0.97 -18.39
C ALA G 447 -59.45 -1.28 -18.99
N LYS G 448 -59.42 -1.84 -20.19
CA LYS G 448 -60.56 -2.46 -20.85
C LYS G 448 -60.26 -3.95 -20.93
N ALA G 449 -61.30 -4.75 -21.17
CA ALA G 449 -61.15 -6.19 -21.18
C ALA G 449 -59.93 -6.59 -22.00
N GLY G 450 -59.21 -7.60 -21.54
CA GLY G 450 -58.05 -8.07 -22.24
C GLY G 450 -56.76 -7.32 -21.97
N ASP G 451 -56.81 -6.08 -21.45
CA ASP G 451 -55.57 -5.44 -21.02
C ASP G 451 -54.90 -6.29 -19.94
N LYS G 452 -53.62 -6.03 -19.73
CA LYS G 452 -52.85 -6.79 -18.76
C LYS G 452 -52.74 -6.03 -17.43
N LEU G 453 -52.62 -6.79 -16.36
CA LEU G 453 -52.54 -6.24 -15.03
C LEU G 453 -51.57 -7.08 -14.21
N VAL G 454 -50.90 -6.42 -13.27
CA VAL G 454 -49.97 -7.07 -12.36
C VAL G 454 -50.57 -7.01 -10.97
N VAL G 455 -50.82 -8.17 -10.38
CA VAL G 455 -51.43 -8.25 -9.06
C VAL G 455 -50.35 -8.63 -8.07
N VAL G 456 -50.26 -7.88 -6.99
CA VAL G 456 -49.34 -8.14 -5.89
C VAL G 456 -50.18 -8.48 -4.68
N ALA G 457 -49.93 -9.63 -4.07
CA ALA G 457 -50.89 -10.12 -3.09
C ALA G 457 -50.20 -10.99 -2.04
N GLY G 458 -51.01 -11.40 -1.06
CA GLY G 458 -50.59 -12.30 0.00
C GLY G 458 -51.44 -13.57 -0.04
N GLU G 459 -50.77 -14.72 -0.09
CA GLU G 459 -51.43 -15.99 -0.34
C GLU G 459 -50.97 -17.02 0.68
N PRO G 460 -51.90 -17.81 1.24
CA PRO G 460 -53.34 -17.90 1.00
C PRO G 460 -54.05 -16.71 1.63
N PHE G 461 -55.27 -16.42 1.18
CA PHE G 461 -56.02 -15.27 1.69
C PHE G 461 -56.82 -15.59 2.96
N ALA G 464 -55.22 -12.17 6.24
CA ALA G 464 -54.04 -11.30 6.37
C ALA G 464 -52.74 -12.11 6.46
N GLY G 465 -52.24 -12.51 5.29
CA GLY G 465 -50.92 -13.11 5.17
C GLY G 465 -49.95 -12.13 4.54
N THR G 466 -48.65 -12.34 4.68
CA THR G 466 -47.71 -11.37 4.14
C THR G 466 -47.51 -11.57 2.65
N THR G 467 -47.13 -10.49 1.98
CA THR G 467 -47.11 -10.45 0.52
C THR G 467 -46.13 -11.47 -0.04
N ASN G 468 -46.59 -12.27 -1.00
CA ASN G 468 -45.66 -13.21 -1.61
C ASN G 468 -46.02 -13.62 -3.02
N ILE G 469 -46.91 -12.95 -3.71
CA ILE G 469 -47.19 -13.40 -5.05
C ILE G 469 -47.41 -12.22 -5.98
N VAL G 470 -46.73 -12.26 -7.11
CA VAL G 470 -46.99 -11.40 -8.24
C VAL G 470 -47.68 -12.28 -9.27
N ASP G 471 -48.75 -11.78 -9.84
CA ASP G 471 -49.58 -12.53 -10.75
C ASP G 471 -49.98 -11.59 -11.87
N VAL G 472 -49.55 -11.87 -13.10
CA VAL G 472 -49.99 -11.13 -14.28
C VAL G 472 -51.28 -11.76 -14.79
N ILE G 473 -52.33 -10.94 -14.91
CA ILE G 473 -53.64 -11.40 -15.33
C ILE G 473 -54.13 -10.53 -16.47
N GLU G 474 -55.21 -10.97 -17.10
CA GLU G 474 -55.94 -10.17 -18.07
C GLU G 474 -57.24 -9.65 -17.49
N ALA G 475 -57.69 -8.52 -18.03
CA ALA G 475 -58.84 -7.83 -17.48
C ALA G 475 -60.13 -8.34 -18.11
N GLY H 4 -23.09 -38.44 -5.57
CA GLY H 4 -22.81 -37.31 -6.45
C GLY H 4 -23.33 -37.31 -7.90
N LEU H 5 -24.55 -37.82 -8.10
CA LEU H 5 -25.14 -37.94 -9.43
C LEU H 5 -26.07 -36.77 -9.74
N PHE H 6 -27.09 -36.61 -8.94
CA PHE H 6 -28.08 -35.57 -9.06
C PHE H 6 -28.43 -35.16 -7.65
N PRO H 7 -28.16 -33.93 -7.23
CA PRO H 7 -27.61 -32.73 -7.88
C PRO H 7 -26.18 -32.96 -8.34
N ARG H 8 -25.82 -32.38 -9.49
CA ARG H 8 -24.45 -32.49 -9.98
C ARG H 8 -23.50 -31.54 -9.25
N GLY H 9 -23.97 -30.40 -8.76
CA GLY H 9 -23.08 -29.42 -8.16
C GLY H 9 -22.48 -28.45 -9.16
N ARG H 10 -22.93 -28.51 -10.40
CA ARG H 10 -22.58 -27.57 -11.46
C ARG H 10 -23.74 -27.62 -12.44
N LYS H 11 -23.86 -26.57 -13.24
CA LYS H 11 -25.04 -26.38 -14.05
C LYS H 11 -24.80 -26.60 -15.53
N VAL H 12 -23.54 -26.56 -15.97
CA VAL H 12 -23.22 -26.93 -17.34
C VAL H 12 -23.47 -28.42 -17.54
N ARG H 13 -23.93 -28.77 -18.76
CA ARG H 13 -24.23 -30.14 -19.14
C ARG H 13 -23.01 -30.77 -19.83
N VAL H 14 -22.64 -31.97 -19.41
CA VAL H 14 -21.61 -32.74 -20.08
C VAL H 14 -22.25 -33.65 -21.13
N VAL H 15 -21.83 -33.50 -22.40
CA VAL H 15 -22.31 -34.31 -23.54
C VAL H 15 -21.24 -35.33 -23.90
N SER H 16 -21.56 -36.62 -23.74
CA SER H 16 -20.61 -37.72 -23.90
C SER H 16 -20.97 -38.61 -25.08
N THR H 17 -20.02 -38.80 -25.98
CA THR H 17 -20.24 -39.57 -27.20
C THR H 17 -19.91 -41.02 -26.90
N LEU H 18 -20.82 -41.92 -27.28
CA LEU H 18 -20.62 -43.35 -27.07
C LEU H 18 -20.06 -44.02 -28.34
N GLY H 19 -19.19 -45.01 -28.12
CA GLY H 19 -18.57 -45.79 -29.16
C GLY H 19 -17.86 -46.97 -28.50
N PRO H 20 -16.92 -47.60 -29.22
CA PRO H 20 -16.26 -48.80 -28.67
C PRO H 20 -15.75 -48.70 -27.22
N ALA H 21 -15.15 -47.57 -26.82
CA ALA H 21 -14.55 -47.44 -25.49
C ALA H 21 -15.58 -47.22 -24.39
N SER H 22 -16.82 -46.96 -24.74
CA SER H 22 -17.86 -46.85 -23.73
C SER H 22 -19.16 -47.18 -24.49
N SER H 23 -19.44 -48.48 -24.57
CA SER H 23 -20.59 -48.95 -25.34
C SER H 23 -21.45 -49.89 -24.53
N THR H 24 -20.85 -50.56 -23.55
CA THR H 24 -21.61 -51.59 -22.87
C THR H 24 -22.59 -50.92 -21.92
N ALA H 25 -23.54 -51.72 -21.43
CA ALA H 25 -24.42 -51.25 -20.37
C ALA H 25 -23.60 -50.84 -19.15
N GLU H 26 -22.60 -51.66 -18.80
CA GLU H 26 -21.82 -51.40 -17.60
C GLU H 26 -21.01 -50.12 -17.75
N GLN H 27 -20.43 -49.92 -18.93
CA GLN H 27 -19.64 -48.72 -19.21
C GLN H 27 -20.50 -47.47 -19.15
N ILE H 28 -21.63 -47.50 -19.87
CA ILE H 28 -22.51 -46.34 -19.97
C ILE H 28 -22.98 -45.89 -18.61
N ARG H 29 -23.15 -46.83 -17.70
CA ARG H 29 -23.52 -46.49 -16.35
C ARG H 29 -22.35 -45.84 -15.63
N ASP H 30 -21.12 -46.27 -15.93
CA ASP H 30 -19.96 -45.61 -15.32
C ASP H 30 -19.77 -44.19 -15.84
N ARG H 31 -19.97 -43.95 -17.14
CA ARG H 31 -19.95 -42.57 -17.65
C ARG H 31 -21.01 -41.72 -16.96
N PHE H 32 -22.21 -42.27 -16.76
CA PHE H 32 -23.30 -41.50 -16.16
C PHE H 32 -22.96 -41.10 -14.73
N LEU H 33 -22.39 -42.01 -13.95
CA LEU H 33 -22.03 -41.66 -12.57
C LEU H 33 -20.84 -40.71 -12.51
N ALA H 34 -19.98 -40.72 -13.52
CA ALA H 34 -18.80 -39.87 -13.47
C ALA H 34 -19.06 -38.46 -13.99
N GLY H 35 -20.18 -38.23 -14.68
CA GLY H 35 -20.54 -36.88 -15.07
C GLY H 35 -21.39 -36.72 -16.31
N ALA H 36 -21.42 -37.71 -17.20
CA ALA H 36 -22.14 -37.54 -18.45
C ALA H 36 -23.63 -37.35 -18.19
N ASP H 37 -24.23 -36.38 -18.89
CA ASP H 37 -25.62 -36.03 -18.74
C ASP H 37 -26.40 -36.27 -20.00
N VAL H 38 -25.76 -36.08 -21.12
CA VAL H 38 -26.35 -36.31 -22.42
C VAL H 38 -25.44 -37.32 -23.08
N PHE H 39 -26.03 -38.32 -23.71
CA PHE H 39 -25.25 -39.29 -24.46
C PHE H 39 -25.44 -38.97 -25.92
N ARG H 40 -24.33 -38.89 -26.62
CA ARG H 40 -24.32 -38.69 -28.05
C ARG H 40 -24.16 -40.05 -28.72
N ILE H 41 -25.03 -40.31 -29.69
CA ILE H 41 -24.96 -41.50 -30.52
C ILE H 41 -24.66 -41.03 -31.93
N ASN H 42 -23.53 -41.46 -32.45
CA ASN H 42 -23.06 -41.02 -33.75
C ASN H 42 -23.51 -41.99 -34.84
N MET H 43 -24.43 -41.54 -35.70
CA MET H 43 -25.04 -42.40 -36.71
C MET H 43 -24.13 -42.71 -37.88
N SER H 44 -22.97 -42.07 -37.97
CA SER H 44 -22.02 -42.42 -39.02
C SER H 44 -21.69 -43.91 -38.94
N HIS H 45 -21.60 -44.45 -37.72
CA HIS H 45 -21.09 -45.78 -37.43
C HIS H 45 -22.21 -46.70 -36.99
N GLY H 46 -22.29 -47.89 -37.59
CA GLY H 46 -23.05 -48.97 -37.03
C GLY H 46 -24.44 -49.14 -37.64
N THR H 47 -25.07 -50.23 -37.18
CA THR H 47 -26.36 -50.71 -37.62
C THR H 47 -27.46 -50.14 -36.72
N HIS H 48 -28.66 -50.02 -37.27
CA HIS H 48 -29.80 -49.69 -36.43
C HIS H 48 -29.96 -50.69 -35.28
N ASP H 49 -29.78 -51.98 -35.55
CA ASP H 49 -29.73 -52.97 -34.47
C ASP H 49 -28.67 -52.59 -33.43
N GLU H 50 -27.44 -52.27 -33.88
CA GLU H 50 -26.38 -51.96 -32.94
C GLU H 50 -26.78 -50.85 -31.99
N LYS H 51 -27.44 -49.81 -32.52
CA LYS H 51 -27.82 -48.65 -31.73
C LYS H 51 -29.04 -48.94 -30.90
N LYS H 52 -30.05 -49.62 -31.47
CA LYS H 52 -31.23 -50.00 -30.69
C LYS H 52 -30.81 -50.65 -29.37
N VAL H 53 -29.71 -51.40 -29.38
CA VAL H 53 -29.20 -51.95 -28.12
C VAL H 53 -28.70 -50.82 -27.22
N ILE H 54 -27.79 -49.98 -27.74
CA ILE H 54 -27.12 -49.00 -26.88
C ILE H 54 -28.13 -48.09 -26.20
N VAL H 55 -29.25 -47.81 -26.87
CA VAL H 55 -30.31 -47.01 -26.30
C VAL H 55 -30.88 -47.71 -25.07
N ASP H 56 -31.60 -48.82 -25.29
CA ASP H 56 -32.11 -49.64 -24.19
C ASP H 56 -31.09 -49.72 -23.05
N ASN H 57 -29.79 -49.62 -23.34
CA ASN H 57 -28.79 -49.60 -22.26
C ASN H 57 -28.83 -48.32 -21.45
N ILE H 58 -28.93 -47.17 -22.12
CA ILE H 58 -28.90 -45.94 -21.33
C ILE H 58 -30.25 -45.75 -20.63
N ARG H 59 -31.36 -45.98 -21.35
CA ARG H 59 -32.69 -45.79 -20.79
C ARG H 59 -32.95 -46.68 -19.57
N ALA H 60 -32.20 -47.76 -19.39
CA ALA H 60 -32.31 -48.54 -18.18
C ALA H 60 -31.85 -47.75 -16.96
N LEU H 61 -31.01 -46.75 -17.17
CA LEU H 61 -30.61 -45.90 -16.06
C LEU H 61 -31.81 -45.31 -15.34
N GLU H 62 -32.88 -44.96 -16.10
CA GLU H 62 -34.02 -44.26 -15.53
C GLU H 62 -34.66 -45.05 -14.40
N LYS H 63 -34.54 -46.38 -14.41
CA LYS H 63 -35.13 -47.17 -13.34
C LYS H 63 -34.19 -47.27 -12.14
N GLU H 64 -32.92 -47.62 -12.36
CA GLU H 64 -32.03 -47.82 -11.22
C GLU H 64 -31.82 -46.53 -10.43
N PHE H 65 -31.68 -45.44 -11.17
CA PHE H 65 -31.68 -44.09 -10.62
C PHE H 65 -33.04 -43.53 -10.99
N ASN H 66 -33.40 -42.41 -10.41
CA ASN H 66 -34.75 -41.96 -10.78
C ASN H 66 -34.67 -40.61 -11.44
N ARG H 67 -33.99 -40.61 -12.57
CA ARG H 67 -33.56 -39.45 -13.30
C ARG H 67 -33.92 -39.67 -14.76
N PRO H 68 -34.32 -38.64 -15.50
CA PRO H 68 -34.45 -38.79 -16.93
C PRO H 68 -33.08 -38.94 -17.57
N THR H 69 -33.06 -39.58 -18.72
CA THR H 69 -31.85 -39.69 -19.53
C THR H 69 -32.08 -38.91 -20.81
N THR H 70 -30.98 -38.56 -21.46
CA THR H 70 -31.04 -37.69 -22.62
C THR H 70 -30.16 -38.28 -23.70
N ILE H 71 -30.72 -38.40 -24.90
CA ILE H 71 -30.06 -38.98 -26.05
C ILE H 71 -30.07 -37.98 -27.20
N LEU H 72 -28.88 -37.73 -27.74
CA LEU H 72 -28.68 -36.88 -28.90
C LEU H 72 -28.24 -37.75 -30.07
N PHE H 73 -29.04 -37.76 -31.15
CA PHE H 73 -28.77 -38.56 -32.34
C PHE H 73 -28.16 -37.68 -33.44
N ASP H 74 -26.91 -37.94 -33.78
CA ASP H 74 -26.17 -37.14 -34.75
C ASP H 74 -26.26 -37.78 -36.14
N LEU H 75 -27.00 -37.14 -37.04
CA LEU H 75 -26.97 -37.52 -38.44
C LEU H 75 -25.65 -37.05 -39.08
N GLN H 76 -24.97 -37.97 -39.75
CA GLN H 76 -23.63 -37.71 -40.23
C GLN H 76 -23.59 -36.72 -41.39
N GLY H 77 -24.61 -36.72 -42.25
CA GLY H 77 -24.63 -35.83 -43.40
C GLY H 77 -23.68 -36.27 -44.50
N PRO H 78 -23.64 -35.54 -45.62
CA PRO H 78 -22.78 -35.96 -46.74
C PRO H 78 -21.34 -36.11 -46.31
N LYS H 79 -20.69 -37.15 -46.82
CA LYS H 79 -19.28 -37.39 -46.51
C LYS H 79 -18.50 -37.41 -47.82
N LEU H 80 -17.91 -36.27 -48.12
CA LEU H 80 -17.20 -36.08 -49.38
C LEU H 80 -15.82 -36.72 -49.30
N ARG H 81 -15.55 -37.66 -50.20
CA ARG H 81 -14.29 -38.37 -50.21
C ARG H 81 -13.79 -38.52 -51.64
N VAL H 82 -12.47 -38.61 -51.76
CA VAL H 82 -11.77 -38.53 -53.03
C VAL H 82 -10.59 -39.43 -53.02
N LYS H 89 -2.20 -44.22 -51.71
CA LYS H 89 -1.00 -43.54 -51.24
C LYS H 89 -0.12 -42.93 -52.34
N VAL H 90 -0.46 -41.70 -52.72
CA VAL H 90 0.34 -40.88 -53.62
C VAL H 90 0.94 -39.69 -52.88
N GLN H 91 2.11 -39.21 -53.35
CA GLN H 91 2.83 -38.07 -52.77
C GLN H 91 2.75 -36.87 -53.69
N LEU H 92 2.00 -35.84 -53.30
CA LEU H 92 1.90 -34.63 -54.10
C LEU H 92 3.06 -33.69 -53.79
N LYS H 93 3.23 -32.68 -54.65
CA LYS H 93 4.31 -31.71 -54.52
C LYS H 93 3.82 -30.35 -54.97
N GLU H 94 4.51 -29.33 -54.49
CA GLU H 94 4.04 -27.96 -54.65
C GLU H 94 4.03 -27.52 -56.10
N GLY H 95 2.98 -26.79 -56.50
CA GLY H 95 2.86 -26.27 -57.85
C GLY H 95 2.56 -27.31 -58.91
N GLN H 96 2.57 -28.57 -58.54
CA GLN H 96 2.10 -29.66 -59.36
C GLN H 96 0.72 -29.37 -59.91
N THR H 97 0.40 -29.98 -61.03
CA THR H 97 -0.99 -30.00 -61.45
C THR H 97 -1.60 -31.27 -60.85
N PHE H 98 -2.91 -31.25 -60.62
CA PHE H 98 -3.53 -32.43 -60.05
C PHE H 98 -5.00 -32.39 -60.41
N THR H 99 -5.46 -33.34 -61.21
CA THR H 99 -6.82 -33.28 -61.71
C THR H 99 -7.72 -34.22 -60.92
N PHE H 100 -8.92 -33.74 -60.66
CA PHE H 100 -10.02 -34.53 -60.13
C PHE H 100 -10.98 -34.74 -61.27
N ASP H 101 -11.41 -35.98 -61.48
CA ASP H 101 -12.37 -36.22 -62.54
C ASP H 101 -13.47 -37.14 -62.05
N GLN H 102 -14.47 -37.27 -62.89
CA GLN H 102 -15.74 -37.90 -62.58
C GLN H 102 -15.83 -39.28 -63.17
N ASP H 103 -14.68 -39.94 -63.34
CA ASP H 103 -14.63 -41.25 -63.96
C ASP H 103 -14.09 -42.24 -62.96
N PRO H 104 -14.77 -43.37 -62.74
CA PRO H 104 -14.41 -44.27 -61.62
C PRO H 104 -13.00 -44.86 -61.64
N THR H 105 -12.30 -44.86 -62.75
CA THR H 105 -11.04 -45.61 -62.77
C THR H 105 -10.09 -45.11 -61.69
N LEU H 106 -9.20 -46.02 -61.26
CA LEU H 106 -8.21 -45.78 -60.22
C LEU H 106 -7.27 -44.61 -60.56
N GLY H 107 -6.62 -44.11 -59.53
CA GLY H 107 -5.96 -42.84 -59.60
C GLY H 107 -4.46 -42.97 -59.74
N ASP H 108 -3.86 -41.86 -60.15
CA ASP H 108 -2.42 -41.65 -60.30
C ASP H 108 -2.02 -40.59 -59.29
N GLU H 109 -0.75 -40.24 -59.33
CA GLU H 109 -0.33 -39.00 -58.70
C GLU H 109 -0.57 -37.78 -59.57
N THR H 110 -1.17 -37.94 -60.73
CA THR H 110 -1.66 -36.81 -61.49
C THR H 110 -3.18 -36.75 -61.48
N ARG H 111 -3.84 -37.80 -61.03
CA ARG H 111 -5.28 -37.72 -60.98
C ARG H 111 -5.84 -38.65 -59.91
N VAL H 112 -7.15 -38.50 -59.73
CA VAL H 112 -7.96 -39.37 -58.90
C VAL H 112 -9.38 -38.95 -59.20
N ASN H 113 -10.34 -39.84 -59.04
CA ASN H 113 -11.70 -39.44 -59.33
C ASN H 113 -12.35 -38.81 -58.11
N LEU H 114 -13.36 -37.98 -58.38
CA LEU H 114 -14.14 -37.28 -57.37
C LEU H 114 -15.55 -37.82 -57.38
N PRO H 115 -15.85 -38.79 -56.59
CA PRO H 115 -17.17 -39.40 -56.64
C PRO H 115 -18.37 -38.47 -56.56
N HIS H 116 -18.20 -37.17 -56.37
CA HIS H 116 -19.36 -36.34 -56.06
C HIS H 116 -19.68 -35.34 -57.16
N PRO H 117 -20.75 -35.55 -57.91
CA PRO H 117 -21.09 -34.64 -59.03
C PRO H 117 -21.51 -33.24 -58.64
N GLU H 118 -21.83 -32.95 -57.38
CA GLU H 118 -22.21 -31.58 -57.03
C GLU H 118 -21.01 -30.66 -56.86
N ILE H 119 -19.80 -31.21 -56.91
CA ILE H 119 -18.59 -30.40 -56.91
C ILE H 119 -18.29 -29.87 -58.29
N PHE H 120 -18.46 -30.72 -59.31
CA PHE H 120 -18.26 -30.28 -60.68
C PHE H 120 -19.29 -29.25 -61.10
N LYS H 121 -20.42 -29.17 -60.38
CA LYS H 121 -21.47 -28.19 -60.68
C LYS H 121 -21.31 -26.85 -59.97
N ALA H 122 -20.47 -26.74 -58.94
CA ALA H 122 -20.25 -25.44 -58.32
C ALA H 122 -18.80 -24.97 -58.31
N LEU H 123 -17.82 -25.86 -58.24
CA LEU H 123 -16.44 -25.40 -58.13
C LEU H 123 -16.02 -24.68 -59.42
N ASP H 124 -15.10 -23.73 -59.27
CA ASP H 124 -14.73 -22.83 -60.34
C ASP H 124 -13.35 -22.25 -60.04
N LYS H 125 -12.80 -21.48 -60.97
CA LYS H 125 -11.42 -21.02 -60.83
C LYS H 125 -11.20 -20.28 -59.52
N GLY H 126 -10.01 -20.48 -58.96
CA GLY H 126 -9.66 -19.83 -57.73
C GLY H 126 -10.19 -20.49 -56.48
N HIS H 127 -11.26 -21.28 -56.57
CA HIS H 127 -11.74 -22.05 -55.43
C HIS H 127 -10.75 -23.13 -55.02
N ARG H 128 -10.70 -23.37 -53.73
CA ARG H 128 -9.80 -24.38 -53.19
C ARG H 128 -10.54 -25.67 -52.87
N LEU H 129 -9.75 -26.72 -52.70
CA LEU H 129 -10.19 -27.99 -52.13
C LEU H 129 -9.21 -28.35 -51.04
N LEU H 130 -9.73 -28.73 -49.89
CA LEU H 130 -8.93 -29.05 -48.72
C LEU H 130 -9.08 -30.54 -48.47
N LEU H 131 -7.96 -31.24 -48.39
CA LEU H 131 -7.97 -32.70 -48.41
C LEU H 131 -7.24 -33.23 -47.20
N ASP H 132 -7.80 -34.29 -46.60
CA ASP H 132 -7.16 -34.99 -45.48
C ASP H 132 -7.07 -34.03 -44.28
N ASP H 133 -8.25 -33.56 -43.85
CA ASP H 133 -8.38 -32.58 -42.76
C ASP H 133 -7.52 -31.35 -43.00
N GLY H 134 -7.70 -30.73 -44.17
CA GLY H 134 -6.97 -29.52 -44.49
C GLY H 134 -5.46 -29.63 -44.61
N LYS H 135 -4.91 -30.85 -44.57
CA LYS H 135 -3.46 -31.02 -44.68
C LYS H 135 -2.93 -30.66 -46.07
N ILE H 136 -3.75 -30.81 -47.09
CA ILE H 136 -3.29 -30.63 -48.46
C ILE H 136 -4.21 -29.60 -49.10
N VAL H 137 -3.62 -28.50 -49.57
CA VAL H 137 -4.38 -27.42 -50.20
C VAL H 137 -4.12 -27.46 -51.69
N VAL H 138 -5.18 -27.28 -52.43
CA VAL H 138 -5.22 -27.49 -53.86
C VAL H 138 -6.08 -26.37 -54.35
N ARG H 139 -5.70 -25.76 -55.47
CA ARG H 139 -6.44 -24.59 -55.96
C ARG H 139 -6.80 -24.79 -57.42
N CYS H 140 -8.02 -24.41 -57.78
CA CYS H 140 -8.56 -24.74 -59.08
C CYS H 140 -8.08 -23.79 -60.17
N VAL H 141 -7.53 -24.34 -61.25
CA VAL H 141 -7.05 -23.58 -62.41
C VAL H 141 -8.05 -23.62 -63.55
N GLU H 142 -8.58 -24.81 -63.86
CA GLU H 142 -9.63 -25.01 -64.85
C GLU H 142 -10.67 -25.92 -64.23
N SER H 143 -11.93 -25.52 -64.30
CA SER H 143 -13.02 -26.39 -63.87
C SER H 143 -13.86 -26.69 -65.11
N SER H 144 -14.27 -27.94 -65.20
CA SER H 144 -15.06 -28.45 -66.30
C SER H 144 -16.09 -29.43 -65.76
N PRO H 145 -17.22 -29.58 -66.46
CA PRO H 145 -18.22 -30.57 -66.03
C PRO H 145 -17.71 -31.98 -65.74
N THR H 146 -16.53 -32.36 -66.24
CA THR H 146 -15.96 -33.68 -65.96
C THR H 146 -14.51 -33.68 -65.49
N LYS H 147 -13.80 -32.55 -65.57
CA LYS H 147 -12.45 -32.42 -65.05
C LYS H 147 -12.35 -31.20 -64.15
N ILE H 148 -11.46 -31.31 -63.14
CA ILE H 148 -11.15 -30.20 -62.24
C ILE H 148 -9.63 -30.19 -62.11
N VAL H 149 -8.96 -29.36 -62.92
CA VAL H 149 -7.50 -29.26 -62.83
C VAL H 149 -7.17 -28.36 -61.64
N THR H 150 -6.10 -28.68 -60.93
CA THR H 150 -5.73 -27.85 -59.81
C THR H 150 -4.22 -27.77 -59.72
N ARG H 151 -3.79 -26.70 -59.06
CA ARG H 151 -2.42 -26.50 -58.62
C ARG H 151 -2.33 -26.80 -57.12
N VAL H 152 -1.16 -27.27 -56.70
CA VAL H 152 -0.99 -27.82 -55.37
C VAL H 152 -0.14 -26.88 -54.52
N GLU H 153 -0.69 -26.47 -53.37
CA GLU H 153 -0.01 -25.68 -52.33
C GLU H 153 0.17 -26.60 -51.11
N VAL H 154 1.29 -27.35 -51.11
CA VAL H 154 1.62 -28.41 -50.13
C VAL H 154 3.08 -28.82 -50.25
N PRO H 157 0.83 -35.95 -49.39
CA PRO H 157 0.47 -37.34 -49.13
C PRO H 157 -1.00 -37.54 -49.27
N LEU H 158 -1.43 -38.62 -49.90
CA LEU H 158 -2.86 -38.77 -50.16
C LEU H 158 -3.22 -40.25 -50.22
N SER H 159 -3.96 -40.74 -49.25
CA SER H 159 -4.40 -42.12 -49.23
C SER H 159 -5.80 -42.23 -49.81
N ASP H 160 -6.24 -43.47 -50.00
CA ASP H 160 -7.46 -43.73 -50.74
C ASP H 160 -8.68 -43.14 -50.04
N HIS H 161 -9.63 -42.68 -50.86
CA HIS H 161 -10.87 -42.01 -50.47
C HIS H 161 -10.73 -41.21 -49.17
N LYS H 162 -9.68 -40.40 -49.10
CA LYS H 162 -9.59 -39.43 -48.01
C LYS H 162 -10.70 -38.40 -48.16
N GLY H 163 -11.02 -37.76 -47.04
CA GLY H 163 -12.05 -36.74 -47.04
C GLY H 163 -11.49 -35.40 -47.45
N PHE H 164 -12.33 -34.59 -48.06
CA PHE H 164 -11.91 -33.25 -48.45
C PHE H 164 -12.96 -32.25 -47.97
N ASN H 165 -12.71 -30.98 -48.21
CA ASN H 165 -13.59 -29.92 -47.75
C ASN H 165 -13.64 -28.86 -48.82
N VAL H 166 -14.83 -28.30 -49.04
CA VAL H 166 -15.02 -27.24 -50.02
C VAL H 166 -15.28 -25.91 -49.31
N PRO H 167 -14.25 -25.09 -49.08
CA PRO H 167 -14.50 -23.87 -48.27
C PRO H 167 -15.27 -22.78 -48.98
N ASP H 168 -15.08 -22.58 -50.29
CA ASP H 168 -15.35 -21.30 -50.93
C ASP H 168 -16.52 -21.27 -51.87
N VAL H 169 -17.31 -22.34 -51.96
CA VAL H 169 -18.64 -22.20 -52.51
C VAL H 169 -19.56 -23.06 -51.68
N VAL H 170 -20.81 -22.65 -51.66
CA VAL H 170 -21.86 -23.57 -51.31
C VAL H 170 -21.97 -24.57 -52.44
N ILE H 171 -22.26 -25.81 -52.11
CA ILE H 171 -22.33 -26.86 -53.10
C ILE H 171 -23.77 -27.37 -53.14
N PRO H 172 -24.39 -27.49 -54.34
CA PRO H 172 -25.85 -27.70 -54.40
C PRO H 172 -26.25 -29.04 -53.82
N LEU H 173 -25.94 -29.21 -52.55
CA LEU H 173 -26.39 -30.32 -51.72
C LEU H 173 -27.29 -29.77 -50.65
N ALA H 174 -28.14 -30.62 -50.12
CA ALA H 174 -28.82 -30.33 -48.88
C ALA H 174 -28.19 -31.22 -47.82
N ALA H 175 -28.25 -30.76 -46.57
CA ALA H 175 -27.55 -31.44 -45.49
C ALA H 175 -28.02 -32.89 -45.30
N LEU H 176 -29.26 -33.18 -45.59
CA LEU H 176 -29.81 -34.50 -45.31
C LEU H 176 -29.55 -35.43 -46.48
N THR H 177 -28.71 -36.44 -46.26
CA THR H 177 -28.56 -37.48 -47.24
C THR H 177 -29.86 -38.27 -47.34
N PRO H 178 -30.10 -38.91 -48.47
CA PRO H 178 -31.06 -40.02 -48.47
C PRO H 178 -30.74 -41.06 -47.40
N LYS H 179 -29.45 -41.27 -47.07
CA LYS H 179 -29.12 -42.17 -45.96
C LYS H 179 -29.59 -41.61 -44.60
N ASP H 180 -29.34 -40.33 -44.34
CA ASP H 180 -29.65 -39.80 -43.02
C ASP H 180 -31.15 -39.85 -42.76
N ARG H 181 -31.94 -39.72 -43.81
CA ARG H 181 -33.37 -39.90 -43.70
C ARG H 181 -33.73 -41.20 -43.01
N LYS H 182 -33.04 -42.28 -43.38
CA LYS H 182 -33.15 -43.55 -42.66
C LYS H 182 -32.83 -43.39 -41.19
N ASP H 183 -31.63 -42.88 -40.93
CA ASP H 183 -31.15 -42.86 -39.55
C ASP H 183 -32.08 -42.01 -38.71
N LEU H 184 -32.69 -41.01 -39.33
CA LEU H 184 -33.68 -40.16 -38.68
C LEU H 184 -34.93 -40.96 -38.29
N ASP H 185 -35.59 -41.62 -39.27
CA ASP H 185 -36.74 -42.47 -38.96
C ASP H 185 -36.42 -43.49 -37.86
N PHE H 186 -35.18 -43.99 -37.82
CA PHE H 186 -34.77 -44.88 -36.75
C PHE H 186 -34.62 -44.16 -35.43
N ALA H 187 -33.87 -43.06 -35.41
CA ALA H 187 -33.74 -42.30 -34.17
C ALA H 187 -35.11 -41.91 -33.67
N LEU H 188 -35.98 -41.45 -34.55
CA LEU H 188 -37.29 -40.99 -34.12
C LEU H 188 -38.13 -42.12 -33.54
N LYS H 189 -38.11 -43.31 -34.17
CA LYS H 189 -38.87 -44.43 -33.63
C LYS H 189 -38.31 -44.93 -32.30
N GLU H 190 -37.07 -44.60 -31.97
CA GLU H 190 -36.55 -44.90 -30.63
C GLU H 190 -36.63 -43.71 -29.69
N LYS H 191 -37.51 -42.75 -29.98
CA LYS H 191 -37.83 -41.64 -29.08
C LYS H 191 -36.56 -40.87 -28.71
N ALA H 192 -35.98 -40.28 -29.75
CA ALA H 192 -34.83 -39.42 -29.58
C ALA H 192 -35.26 -38.14 -28.90
N ASP H 193 -34.41 -37.65 -28.02
CA ASP H 193 -34.71 -36.43 -27.29
C ASP H 193 -34.25 -35.19 -28.05
N TRP H 194 -33.09 -35.32 -28.68
CA TRP H 194 -32.55 -34.31 -29.59
C TRP H 194 -31.98 -35.01 -30.81
N VAL H 195 -32.06 -34.33 -31.95
CA VAL H 195 -31.49 -34.82 -33.19
C VAL H 195 -30.59 -33.73 -33.77
N ALA H 196 -29.38 -34.11 -34.16
CA ALA H 196 -28.39 -33.17 -34.65
C ALA H 196 -28.24 -33.29 -36.16
N LEU H 197 -28.26 -32.16 -36.84
CA LEU H 197 -28.10 -32.04 -38.29
C LEU H 197 -26.68 -31.58 -38.62
N SER H 198 -26.01 -32.28 -39.55
CA SER H 198 -24.68 -31.87 -40.01
C SER H 198 -24.75 -31.18 -41.38
N PHE H 199 -23.64 -30.56 -41.76
CA PHE H 199 -23.47 -29.98 -43.10
C PHE H 199 -24.53 -28.94 -43.43
N VAL H 200 -24.95 -28.18 -42.42
CA VAL H 200 -25.90 -27.11 -42.68
C VAL H 200 -25.21 -25.96 -43.41
N GLN H 201 -25.76 -25.58 -44.56
CA GLN H 201 -25.19 -24.48 -45.35
C GLN H 201 -26.11 -23.27 -45.41
N ARG H 202 -27.41 -23.44 -45.15
CA ARG H 202 -28.38 -22.39 -45.38
C ARG H 202 -29.59 -22.74 -44.55
N VAL H 203 -30.50 -21.76 -44.43
CA VAL H 203 -31.62 -21.96 -43.53
C VAL H 203 -32.60 -23.01 -44.10
N GLU H 204 -32.61 -23.21 -45.43
CA GLU H 204 -33.48 -24.21 -46.05
C GLU H 204 -33.21 -25.63 -45.53
N ASP H 205 -31.93 -26.00 -45.33
CA ASP H 205 -31.60 -27.33 -44.82
C ASP H 205 -32.24 -27.58 -43.46
N VAL H 206 -32.36 -26.54 -42.64
CA VAL H 206 -32.97 -26.69 -41.31
C VAL H 206 -34.47 -26.87 -41.44
N ILE H 207 -35.11 -26.11 -42.33
CA ILE H 207 -36.56 -26.24 -42.48
C ILE H 207 -36.94 -27.61 -43.01
N GLU H 208 -36.19 -28.13 -43.99
CA GLU H 208 -36.42 -29.49 -44.47
C GLU H 208 -36.45 -30.47 -43.32
N ALA H 209 -35.34 -30.59 -42.59
CA ALA H 209 -35.31 -31.46 -41.43
C ALA H 209 -36.43 -31.14 -40.45
N LYS H 210 -36.80 -29.87 -40.32
CA LYS H 210 -37.95 -29.56 -39.46
C LYS H 210 -39.23 -30.11 -40.09
N GLU H 211 -39.37 -30.02 -41.41
CA GLU H 211 -40.54 -30.58 -42.10
C GLU H 211 -40.61 -32.09 -41.96
N LEU H 212 -39.50 -32.79 -42.27
CA LEU H 212 -39.44 -34.25 -42.18
C LEU H 212 -39.70 -34.73 -40.77
N ILE H 213 -39.13 -34.04 -39.82
CA ILE H 213 -39.49 -34.31 -38.45
C ILE H 213 -40.85 -33.67 -38.22
N LYS H 214 -41.59 -34.20 -37.27
CA LYS H 214 -42.74 -33.43 -36.82
C LYS H 214 -42.71 -33.39 -35.30
N GLY H 215 -42.23 -34.44 -34.66
CA GLY H 215 -42.12 -34.38 -33.22
C GLY H 215 -41.06 -35.33 -32.71
N ARG H 216 -40.90 -35.29 -31.39
CA ARG H 216 -39.81 -35.95 -30.69
C ARG H 216 -38.47 -35.49 -31.23
N ALA H 217 -38.43 -34.27 -31.74
CA ALA H 217 -37.23 -33.76 -32.39
C ALA H 217 -37.22 -32.26 -32.32
N PRO H 218 -36.91 -31.73 -31.16
CA PRO H 218 -36.12 -30.50 -31.15
C PRO H 218 -34.85 -30.81 -31.95
N LEU H 219 -34.50 -29.89 -32.83
CA LEU H 219 -33.37 -30.09 -33.71
C LEU H 219 -32.19 -29.25 -33.23
N LEU H 220 -31.04 -29.90 -33.11
CA LEU H 220 -29.77 -29.22 -32.88
C LEU H 220 -29.05 -29.08 -34.22
N VAL H 221 -28.63 -27.88 -34.56
CA VAL H 221 -27.93 -27.64 -35.82
C VAL H 221 -26.46 -27.46 -35.51
N LYS H 222 -25.62 -28.21 -36.22
CA LYS H 222 -24.18 -28.14 -36.03
C LYS H 222 -23.63 -27.08 -36.99
N LEU H 223 -22.99 -26.07 -36.43
CA LEU H 223 -22.36 -25.02 -37.22
C LEU H 223 -20.96 -25.48 -37.60
N GLU H 224 -20.80 -25.82 -38.87
CA GLU H 224 -19.57 -26.40 -39.42
C GLU H 224 -19.09 -25.67 -40.66
N LYS H 225 -19.93 -24.88 -41.30
CA LYS H 225 -19.58 -24.39 -42.62
C LYS H 225 -19.60 -22.87 -42.70
N PRO H 226 -18.76 -22.29 -43.58
CA PRO H 226 -18.81 -20.83 -43.84
C PRO H 226 -20.17 -20.29 -44.21
N ALA H 227 -20.92 -20.99 -45.06
CA ALA H 227 -22.24 -20.49 -45.42
C ALA H 227 -23.14 -20.41 -44.20
N ALA H 228 -22.92 -21.28 -43.19
CA ALA H 228 -23.73 -21.25 -41.98
C ALA H 228 -23.39 -20.04 -41.13
N ILE H 229 -22.12 -19.63 -41.15
CA ILE H 229 -21.70 -18.44 -40.42
C ILE H 229 -22.21 -17.20 -41.13
N GLU H 230 -22.16 -17.18 -42.48
CA GLU H 230 -22.72 -16.07 -43.25
C GLU H 230 -24.22 -15.92 -42.97
N ASN H 231 -24.91 -17.00 -42.61
CA ASN H 231 -26.35 -16.99 -42.38
C ASN H 231 -26.68 -17.29 -40.93
N LEU H 232 -25.76 -16.94 -40.03
CA LEU H 232 -25.91 -17.37 -38.65
C LEU H 232 -27.26 -16.97 -38.08
N GLU H 233 -27.73 -15.77 -38.37
CA GLU H 233 -28.99 -15.30 -37.79
C GLU H 233 -30.17 -16.14 -38.28
N SER H 234 -30.34 -16.25 -39.61
CA SER H 234 -31.41 -17.09 -40.18
C SER H 234 -31.41 -18.51 -39.60
N ILE H 235 -30.23 -19.12 -39.51
CA ILE H 235 -30.18 -20.52 -39.09
C ILE H 235 -30.56 -20.65 -37.63
N LEU H 236 -30.13 -19.71 -36.81
CA LEU H 236 -30.38 -19.80 -35.38
C LEU H 236 -31.80 -19.43 -34.98
N ALA H 237 -32.52 -18.66 -35.79
CA ALA H 237 -33.96 -18.48 -35.52
C ALA H 237 -34.76 -19.73 -35.85
N ALA H 238 -34.34 -20.49 -36.86
CA ALA H 238 -35.00 -21.72 -37.31
C ALA H 238 -34.78 -22.93 -36.39
N THR H 239 -33.72 -22.94 -35.60
CA THR H 239 -33.30 -24.12 -34.85
C THR H 239 -33.77 -24.06 -33.40
N ASP H 240 -33.52 -25.15 -32.69
CA ASP H 240 -33.89 -25.32 -31.29
C ASP H 240 -32.69 -25.43 -30.39
N ALA H 241 -31.57 -25.95 -30.91
CA ALA H 241 -30.29 -25.98 -30.21
C ALA H 241 -29.18 -25.81 -31.24
N VAL H 242 -27.95 -25.70 -30.74
CA VAL H 242 -26.80 -25.35 -31.56
C VAL H 242 -25.60 -26.06 -30.98
N MET H 243 -24.77 -26.62 -31.85
CA MET H 243 -23.45 -27.11 -31.46
C MET H 243 -22.42 -26.35 -32.31
N VAL H 244 -21.42 -25.81 -31.62
CA VAL H 244 -20.30 -25.17 -32.28
C VAL H 244 -19.34 -26.31 -32.57
N ALA H 245 -19.38 -26.79 -33.80
CA ALA H 245 -18.63 -27.98 -34.20
C ALA H 245 -17.30 -27.51 -34.72
N ARG H 246 -16.31 -27.46 -33.82
CA ARG H 246 -15.09 -26.74 -34.14
C ARG H 246 -14.13 -27.57 -34.97
N GLY H 247 -14.26 -28.90 -34.95
CA GLY H 247 -13.53 -29.76 -35.87
C GLY H 247 -13.68 -29.33 -37.31
N ASP H 248 -14.89 -29.33 -37.82
CA ASP H 248 -15.07 -28.92 -39.21
C ASP H 248 -14.95 -27.41 -39.36
N LEU H 249 -15.31 -26.66 -38.31
CA LEU H 249 -15.26 -25.20 -38.41
C LEU H 249 -13.82 -24.73 -38.66
N GLY H 250 -12.84 -25.35 -37.99
CA GLY H 250 -11.47 -24.89 -38.10
C GLY H 250 -10.72 -25.40 -39.32
N VAL H 251 -11.21 -26.45 -39.95
CA VAL H 251 -10.68 -26.85 -41.24
C VAL H 251 -11.18 -25.92 -42.33
N GLU H 252 -12.49 -25.68 -42.35
CA GLU H 252 -13.13 -25.05 -43.46
C GLU H 252 -13.10 -23.53 -43.40
N CYS H 253 -12.93 -22.95 -42.22
CA CYS H 253 -12.43 -21.60 -42.03
C CYS H 253 -11.04 -21.69 -41.41
N LEU H 254 -10.34 -20.57 -41.37
CA LEU H 254 -9.06 -20.53 -40.69
C LEU H 254 -9.22 -21.05 -39.26
N PRO H 255 -8.32 -21.92 -38.77
CA PRO H 255 -8.42 -22.34 -37.36
C PRO H 255 -8.38 -21.16 -36.39
N GLU H 256 -7.66 -20.10 -36.74
CA GLU H 256 -7.52 -18.96 -35.86
C GLU H 256 -8.81 -18.15 -35.78
N SER H 257 -9.77 -18.40 -36.65
CA SER H 257 -11.01 -17.64 -36.61
C SER H 257 -12.10 -18.33 -35.81
N VAL H 258 -11.85 -19.52 -35.27
CA VAL H 258 -12.88 -20.20 -34.50
C VAL H 258 -13.18 -19.46 -33.18
N PRO H 259 -12.19 -19.11 -32.38
CA PRO H 259 -12.49 -18.49 -31.05
C PRO H 259 -13.41 -17.29 -31.18
N PRO H 260 -13.11 -16.30 -32.03
CA PRO H 260 -14.06 -15.17 -32.15
C PRO H 260 -15.44 -15.62 -32.63
N THR H 261 -15.48 -16.67 -33.45
CA THR H 261 -16.75 -17.19 -33.95
C THR H 261 -17.51 -17.99 -32.88
N GLN H 262 -16.79 -18.68 -31.99
CA GLN H 262 -17.44 -19.29 -30.84
C GLN H 262 -18.05 -18.24 -29.91
N LYS H 263 -17.35 -17.11 -29.71
CA LYS H 263 -17.88 -16.11 -28.80
C LYS H 263 -19.20 -15.57 -29.35
N ARG H 264 -19.27 -15.41 -30.67
CA ARG H 264 -20.47 -14.87 -31.29
C ARG H 264 -21.62 -15.88 -31.33
N ILE H 265 -21.32 -17.16 -31.56
CA ILE H 265 -22.37 -18.18 -31.57
C ILE H 265 -22.96 -18.35 -30.18
N VAL H 266 -22.11 -18.51 -29.17
CA VAL H 266 -22.60 -18.66 -27.79
C VAL H 266 -23.43 -17.45 -27.37
N GLU H 267 -22.88 -16.24 -27.50
CA GLU H 267 -23.62 -15.00 -27.23
C GLU H 267 -25.04 -15.07 -27.78
N ARG H 268 -25.15 -15.22 -29.11
CA ARG H 268 -26.42 -15.08 -29.80
C ARG H 268 -27.37 -16.22 -29.47
N SER H 269 -26.83 -17.41 -29.21
CA SER H 269 -27.65 -18.52 -28.76
C SER H 269 -28.18 -18.21 -27.37
N ARG H 270 -27.31 -17.73 -26.48
CA ARG H 270 -27.79 -17.40 -25.15
C ARG H 270 -28.84 -16.31 -25.23
N GLN H 271 -28.64 -15.34 -26.12
CA GLN H 271 -29.59 -14.23 -26.24
C GLN H 271 -30.90 -14.66 -26.85
N LEU H 272 -30.89 -15.71 -27.69
CA LEU H 272 -32.10 -16.24 -28.32
C LEU H 272 -32.71 -17.38 -27.55
N GLY H 273 -32.05 -17.85 -26.50
CA GLY H 273 -32.61 -18.91 -25.69
C GLY H 273 -32.35 -20.32 -26.19
N LYS H 274 -31.55 -20.50 -27.22
CA LYS H 274 -31.31 -21.84 -27.77
C LYS H 274 -30.08 -22.48 -27.11
N PRO H 275 -30.23 -23.65 -26.45
CA PRO H 275 -29.06 -24.26 -25.79
C PRO H 275 -27.91 -24.41 -26.77
N VAL H 276 -26.70 -24.26 -26.27
CA VAL H 276 -25.52 -24.25 -27.12
C VAL H 276 -24.46 -25.18 -26.53
N VAL H 277 -23.95 -26.08 -27.36
CA VAL H 277 -22.92 -27.04 -26.97
C VAL H 277 -21.62 -26.66 -27.66
N VAL H 278 -20.53 -26.68 -26.90
CA VAL H 278 -19.19 -26.46 -27.46
C VAL H 278 -18.50 -27.81 -27.65
N ALA H 279 -18.00 -28.08 -28.87
CA ALA H 279 -17.49 -29.40 -29.21
C ALA H 279 -16.12 -29.38 -29.85
N THR H 280 -15.53 -30.58 -29.84
CA THR H 280 -14.29 -30.99 -30.47
C THR H 280 -13.03 -30.66 -29.67
N ALA H 281 -12.26 -31.70 -29.34
CA ALA H 281 -10.89 -31.65 -28.82
C ALA H 281 -10.74 -30.91 -27.48
N MET H 282 -11.81 -30.80 -26.71
CA MET H 282 -11.71 -30.15 -25.42
C MET H 282 -10.73 -30.85 -24.50
N LEU H 283 -10.62 -32.18 -24.59
CA LEU H 283 -9.66 -32.94 -23.79
C LEU H 283 -8.89 -33.96 -24.65
N GLU H 284 -8.33 -33.48 -25.78
CA GLU H 284 -7.88 -34.39 -26.82
C GLU H 284 -6.76 -35.29 -26.32
N SER H 285 -5.77 -34.70 -25.65
CA SER H 285 -4.63 -35.48 -25.17
C SER H 285 -5.07 -36.64 -24.28
N MET H 286 -6.34 -36.66 -23.88
CA MET H 286 -6.80 -37.72 -23.01
C MET H 286 -7.30 -38.94 -23.77
N ILE H 287 -7.43 -38.85 -25.10
CA ILE H 287 -7.60 -40.06 -25.90
C ILE H 287 -6.53 -41.06 -25.52
N LYS H 288 -5.36 -40.56 -25.12
CA LYS H 288 -4.19 -41.39 -24.87
C LYS H 288 -3.58 -41.20 -23.50
N ALA H 289 -3.86 -40.10 -22.81
CA ALA H 289 -3.22 -39.84 -21.55
C ALA H 289 -4.27 -39.68 -20.46
N PRO H 290 -3.93 -40.05 -19.22
CA PRO H 290 -4.94 -40.04 -18.15
C PRO H 290 -5.24 -38.66 -17.56
N ALA H 291 -4.48 -37.63 -17.91
CA ALA H 291 -4.69 -36.26 -17.41
C ALA H 291 -4.56 -35.26 -18.56
N PRO H 292 -5.35 -34.20 -18.57
CA PRO H 292 -5.35 -33.29 -19.70
C PRO H 292 -4.12 -32.38 -19.67
N THR H 293 -3.92 -31.68 -20.77
CA THR H 293 -2.95 -30.57 -20.76
C THR H 293 -3.59 -29.31 -20.15
N ARG H 294 -2.75 -28.32 -19.80
CA ARG H 294 -3.31 -27.04 -19.32
C ARG H 294 -4.20 -26.34 -20.36
N ALA H 295 -3.80 -26.35 -21.64
CA ALA H 295 -4.61 -25.68 -22.64
C ALA H 295 -6.01 -26.27 -22.67
N GLU H 296 -6.12 -27.56 -22.49
CA GLU H 296 -7.40 -28.22 -22.57
C GLU H 296 -8.28 -27.81 -21.39
N VAL H 297 -7.72 -27.76 -20.17
CA VAL H 297 -8.53 -27.43 -19.00
C VAL H 297 -9.05 -26.01 -19.12
N SER H 298 -8.23 -25.13 -19.69
CA SER H 298 -8.62 -23.74 -19.90
C SER H 298 -9.71 -23.64 -20.95
N ASP H 299 -9.57 -24.38 -22.04
CA ASP H 299 -10.59 -24.37 -23.09
C ASP H 299 -11.95 -24.70 -22.49
N VAL H 300 -11.99 -25.73 -21.64
CA VAL H 300 -13.24 -26.18 -21.00
C VAL H 300 -13.80 -25.07 -20.11
N ALA H 301 -12.99 -24.62 -19.14
CA ALA H 301 -13.36 -23.54 -18.24
C ALA H 301 -13.81 -22.31 -19.02
N ASN H 302 -13.19 -22.02 -20.16
CA ASN H 302 -13.57 -20.81 -20.90
C ASN H 302 -14.91 -20.99 -21.61
N ALA H 303 -15.25 -22.21 -22.02
CA ALA H 303 -16.61 -22.46 -22.46
C ALA H 303 -17.61 -22.16 -21.36
N ILE H 304 -17.28 -22.57 -20.14
CA ILE H 304 -18.18 -22.37 -19.01
C ILE H 304 -18.37 -20.87 -18.75
N TYR H 305 -17.26 -20.12 -18.73
CA TYR H 305 -17.37 -18.69 -18.45
C TYR H 305 -18.19 -17.99 -19.54
N GLU H 306 -18.16 -18.50 -20.77
CA GLU H 306 -19.05 -17.90 -21.78
C GLU H 306 -20.51 -18.16 -21.44
N GLY H 307 -20.78 -19.04 -20.48
CA GLY H 307 -22.13 -19.42 -20.19
C GLY H 307 -22.77 -20.42 -21.13
N ALA H 308 -21.99 -21.29 -21.75
CA ALA H 308 -22.57 -22.29 -22.65
C ALA H 308 -23.37 -23.34 -21.87
N ASP H 309 -24.42 -23.87 -22.53
CA ASP H 309 -25.23 -24.94 -21.93
C ASP H 309 -24.42 -26.20 -21.76
N GLY H 310 -23.61 -26.55 -22.76
CA GLY H 310 -22.96 -27.83 -22.76
C GLY H 310 -21.53 -27.80 -23.26
N ILE H 311 -20.84 -28.89 -22.95
CA ILE H 311 -19.43 -29.11 -23.31
C ILE H 311 -19.29 -30.58 -23.71
N MET H 312 -18.81 -30.83 -24.93
CA MET H 312 -18.88 -32.17 -25.51
C MET H 312 -17.54 -32.88 -25.47
N LEU H 313 -17.62 -34.20 -25.33
CA LEU H 313 -16.51 -35.12 -25.54
C LEU H 313 -16.85 -35.97 -26.75
N SER H 314 -15.91 -36.14 -27.68
CA SER H 314 -16.13 -37.04 -28.79
C SER H 314 -15.24 -38.26 -28.62
N ALA H 315 -14.10 -38.35 -29.29
CA ALA H 315 -13.28 -39.57 -29.15
C ALA H 315 -12.85 -39.80 -27.71
N GLU H 316 -12.74 -38.74 -26.90
CA GLU H 316 -12.17 -38.92 -25.56
C GLU H 316 -12.98 -39.88 -24.72
N SER H 317 -14.30 -39.92 -24.92
CA SER H 317 -15.17 -40.86 -24.24
C SER H 317 -15.63 -41.98 -25.15
N ALA H 318 -15.69 -41.74 -26.45
CA ALA H 318 -16.23 -42.72 -27.37
C ALA H 318 -15.23 -43.78 -27.79
N ALA H 319 -13.94 -43.42 -27.92
CA ALA H 319 -12.95 -44.35 -28.44
C ALA H 319 -11.59 -44.32 -27.74
N GLY H 320 -11.39 -43.47 -26.76
CA GLY H 320 -10.06 -43.28 -26.23
C GLY H 320 -9.76 -44.38 -25.26
N ASP H 321 -8.66 -44.19 -24.52
CA ASP H 321 -8.15 -45.14 -23.56
C ASP H 321 -8.46 -44.77 -22.11
N TRP H 322 -9.04 -43.59 -21.85
CA TRP H 322 -9.37 -43.16 -20.49
C TRP H 322 -10.74 -42.46 -20.48
N PRO H 323 -11.78 -43.16 -20.92
CA PRO H 323 -13.09 -42.51 -20.91
C PRO H 323 -13.56 -42.11 -19.52
N HIS H 324 -13.45 -42.97 -18.53
CA HIS H 324 -13.99 -42.59 -17.22
C HIS H 324 -13.25 -41.37 -16.69
N GLU H 325 -11.94 -41.27 -16.95
CA GLU H 325 -11.18 -40.13 -16.46
C GLU H 325 -11.53 -38.86 -17.22
N ALA H 326 -11.83 -38.98 -18.51
CA ALA H 326 -12.17 -37.80 -19.30
C ALA H 326 -13.55 -37.28 -18.95
N VAL H 327 -14.54 -38.17 -18.91
CA VAL H 327 -15.86 -37.70 -18.53
C VAL H 327 -15.79 -37.00 -17.17
N ASN H 328 -15.04 -37.59 -16.23
CA ASN H 328 -14.97 -37.03 -14.88
C ASN H 328 -14.25 -35.69 -14.87
N MET H 329 -13.29 -35.48 -15.78
CA MET H 329 -12.54 -34.24 -15.79
C MET H 329 -13.43 -33.08 -16.22
N MET H 330 -14.27 -33.27 -17.23
CA MET H 330 -15.31 -32.31 -17.53
C MET H 330 -16.04 -31.94 -16.26
N HIS H 331 -16.35 -32.94 -15.44
CA HIS H 331 -17.15 -32.66 -14.26
C HIS H 331 -16.38 -31.89 -13.21
N ARG H 332 -15.11 -32.25 -12.99
CA ARG H 332 -14.36 -31.54 -11.96
C ARG H 332 -14.12 -30.10 -12.36
N ILE H 333 -13.83 -29.86 -13.65
CA ILE H 333 -13.64 -28.49 -14.13
C ILE H 333 -14.95 -27.71 -13.97
N ALA H 334 -16.05 -28.28 -14.43
CA ALA H 334 -17.32 -27.61 -14.24
C ALA H 334 -17.47 -27.25 -12.78
N SER H 335 -17.31 -28.25 -11.91
CA SER H 335 -17.65 -28.08 -10.50
C SER H 335 -16.73 -27.09 -9.79
N TYR H 336 -15.43 -27.08 -10.13
CA TYR H 336 -14.54 -26.06 -9.57
C TYR H 336 -14.84 -24.69 -10.16
N VAL H 337 -14.90 -24.59 -11.49
CA VAL H 337 -14.85 -23.27 -12.10
C VAL H 337 -16.08 -22.46 -11.71
N GLU H 338 -17.28 -23.06 -11.77
CA GLU H 338 -18.45 -22.21 -11.50
C GLU H 338 -18.75 -22.02 -9.99
N ASN H 339 -17.98 -22.62 -9.09
CA ASN H 339 -18.12 -22.33 -7.67
C ASN H 339 -16.94 -21.56 -7.14
N ALA H 340 -16.08 -21.05 -8.00
CA ALA H 340 -14.91 -20.27 -7.64
C ALA H 340 -15.13 -18.84 -8.07
N PRO H 341 -14.28 -17.93 -7.58
CA PRO H 341 -14.49 -16.49 -7.86
C PRO H 341 -14.35 -16.20 -9.35
N GLY H 342 -15.11 -15.19 -9.79
CA GLY H 342 -15.10 -14.71 -11.15
C GLY H 342 -16.08 -15.40 -12.08
N TYR H 343 -16.76 -16.46 -11.65
CA TYR H 343 -17.65 -17.17 -12.57
C TYR H 343 -18.79 -16.28 -13.01
N ILE H 344 -19.61 -15.82 -12.08
CA ILE H 344 -20.90 -15.24 -12.47
C ILE H 344 -20.71 -13.91 -13.22
N GLU H 345 -19.70 -13.11 -12.91
CA GLU H 345 -19.59 -11.87 -13.68
C GLU H 345 -19.15 -12.15 -15.14
N ARG H 346 -18.44 -13.24 -15.40
CA ARG H 346 -18.13 -13.54 -16.80
C ARG H 346 -19.36 -14.04 -17.56
N VAL H 347 -20.26 -14.74 -16.89
CA VAL H 347 -21.53 -15.11 -17.51
C VAL H 347 -22.39 -13.87 -17.73
N ARG H 348 -22.44 -12.96 -16.75
CA ARG H 348 -23.26 -11.76 -16.89
C ARG H 348 -22.72 -10.83 -17.97
N PHE H 349 -21.50 -11.07 -18.45
CA PHE H 349 -20.94 -10.18 -19.46
C PHE H 349 -21.82 -10.11 -20.70
N THR H 350 -22.56 -11.18 -20.99
CA THR H 350 -23.44 -11.25 -22.15
C THR H 350 -24.85 -10.84 -21.76
N PRO H 351 -25.36 -9.71 -22.22
CA PRO H 351 -26.71 -9.30 -21.82
C PRO H 351 -27.77 -10.16 -22.51
N THR H 352 -28.79 -10.55 -21.74
CA THR H 352 -29.89 -11.38 -22.21
C THR H 352 -31.21 -10.78 -21.77
N PRO H 353 -31.58 -9.65 -22.34
CA PRO H 353 -32.75 -8.91 -21.85
C PRO H 353 -34.05 -9.64 -22.17
N ALA H 354 -35.10 -9.21 -21.49
CA ALA H 354 -36.39 -9.87 -21.55
C ALA H 354 -37.10 -9.50 -22.84
N GLU H 355 -37.63 -10.51 -23.54
CA GLU H 355 -38.60 -10.25 -24.59
C GLU H 355 -39.84 -9.63 -23.93
N PRO H 356 -40.60 -8.84 -24.66
CA PRO H 356 -41.80 -8.25 -24.03
C PRO H 356 -42.90 -9.28 -23.97
N THR H 357 -42.80 -10.13 -22.97
CA THR H 357 -43.71 -11.23 -22.78
C THR H 357 -43.81 -11.53 -21.30
N THR H 358 -44.95 -12.10 -20.92
CA THR H 358 -45.15 -12.45 -19.53
C THR H 358 -44.05 -13.39 -19.03
N VAL H 359 -43.77 -14.45 -19.79
CA VAL H 359 -42.85 -15.45 -19.27
C VAL H 359 -41.46 -14.83 -19.11
N ASP H 360 -41.05 -14.01 -20.07
CA ASP H 360 -39.72 -13.43 -19.96
C ASP H 360 -39.64 -12.45 -18.79
N ALA H 361 -40.71 -11.67 -18.56
CA ALA H 361 -40.73 -10.81 -17.38
C ALA H 361 -40.65 -11.63 -16.10
N LEU H 362 -41.41 -12.72 -16.00
CA LEU H 362 -41.38 -13.49 -14.77
C LEU H 362 -40.10 -14.28 -14.60
N ALA H 363 -39.47 -14.74 -15.68
CA ALA H 363 -38.18 -15.39 -15.54
C ALA H 363 -37.13 -14.41 -15.00
N GLU H 364 -37.04 -13.23 -15.63
CA GLU H 364 -36.07 -12.21 -15.24
C GLU H 364 -36.25 -11.81 -13.78
N ASN H 365 -37.48 -11.68 -13.36
CA ASN H 365 -37.77 -11.12 -12.06
C ASN H 365 -37.87 -12.17 -10.97
N ALA H 366 -38.13 -13.44 -11.33
CA ALA H 366 -37.97 -14.54 -10.38
C ALA H 366 -36.52 -14.76 -10.02
N SER H 367 -35.64 -14.56 -10.99
CA SER H 367 -34.21 -14.63 -10.75
C SER H 367 -33.78 -13.57 -9.75
N LYS H 368 -34.14 -12.31 -10.03
CA LYS H 368 -33.74 -11.21 -9.15
C LYS H 368 -34.34 -11.39 -7.76
N THR H 369 -35.64 -11.76 -7.71
CA THR H 369 -36.32 -12.00 -6.45
C THR H 369 -35.56 -13.02 -5.62
N ALA H 370 -35.04 -14.07 -6.27
CA ALA H 370 -34.35 -15.13 -5.54
C ALA H 370 -33.03 -14.64 -4.94
N GLU H 371 -32.29 -13.82 -5.66
CA GLU H 371 -31.11 -13.17 -5.08
C GLU H 371 -31.51 -12.28 -3.89
N THR H 372 -32.54 -11.44 -4.08
CA THR H 372 -32.94 -10.51 -3.02
C THR H 372 -33.42 -11.21 -1.75
N VAL H 373 -34.11 -12.35 -1.87
CA VAL H 373 -34.65 -13.03 -0.70
C VAL H 373 -33.77 -14.16 -0.20
N GLY H 374 -32.71 -14.49 -0.94
CA GLY H 374 -31.86 -15.60 -0.55
C GLY H 374 -32.52 -16.96 -0.72
N ALA H 375 -33.32 -17.15 -1.76
CA ALA H 375 -33.97 -18.43 -1.96
C ALA H 375 -32.97 -19.52 -2.32
N LYS H 376 -33.20 -20.72 -1.75
CA LYS H 376 -32.35 -21.89 -2.01
C LYS H 376 -32.63 -22.55 -3.35
N ALA H 377 -33.77 -22.27 -3.97
CA ALA H 377 -34.01 -22.80 -5.30
C ALA H 377 -35.08 -21.99 -5.98
N ILE H 378 -35.14 -22.16 -7.29
CA ILE H 378 -36.18 -21.57 -8.13
C ILE H 378 -36.93 -22.74 -8.76
N ILE H 379 -38.15 -22.97 -8.30
CA ILE H 379 -38.95 -24.10 -8.76
C ILE H 379 -39.81 -23.62 -9.91
N VAL H 380 -39.65 -24.24 -11.07
CA VAL H 380 -40.37 -23.82 -12.27
C VAL H 380 -41.33 -24.95 -12.64
N PHE H 381 -42.58 -24.60 -12.87
CA PHE H 381 -43.56 -25.57 -13.35
C PHE H 381 -43.69 -25.37 -14.84
N THR H 382 -43.58 -26.45 -15.61
CA THR H 382 -43.64 -26.31 -17.06
C THR H 382 -44.23 -27.56 -17.69
N GLU H 383 -45.06 -27.34 -18.71
CA GLU H 383 -45.71 -28.45 -19.41
C GLU H 383 -44.85 -28.96 -20.55
N THR H 384 -44.38 -28.05 -21.40
CA THR H 384 -43.55 -28.37 -22.56
C THR H 384 -42.08 -28.03 -22.36
N GLY H 385 -41.74 -27.31 -21.28
CA GLY H 385 -40.38 -26.94 -20.95
C GLY H 385 -39.94 -25.56 -21.39
N LYS H 386 -40.83 -24.76 -21.99
CA LYS H 386 -40.45 -23.42 -22.45
C LYS H 386 -40.10 -22.52 -21.28
N THR H 387 -40.89 -22.56 -20.21
CA THR H 387 -40.59 -21.70 -19.07
C THR H 387 -39.25 -22.09 -18.48
N ALA H 388 -38.95 -23.38 -18.44
CA ALA H 388 -37.66 -23.78 -17.92
C ALA H 388 -36.54 -23.18 -18.75
N GLN H 389 -36.76 -23.07 -20.07
CA GLN H 389 -35.74 -22.49 -20.94
C GLN H 389 -35.55 -21.01 -20.65
N ARG H 390 -36.65 -20.24 -20.59
CA ARG H 390 -36.53 -18.81 -20.38
C ARG H 390 -35.91 -18.48 -19.01
N VAL H 391 -36.23 -19.26 -17.98
CA VAL H 391 -35.58 -19.08 -16.69
C VAL H 391 -34.10 -19.50 -16.73
N SER H 392 -33.77 -20.57 -17.45
CA SER H 392 -32.37 -20.96 -17.57
C SER H 392 -31.56 -19.93 -18.32
N ARG H 393 -32.19 -19.29 -19.32
CA ARG H 393 -31.55 -18.26 -20.09
C ARG H 393 -31.09 -17.09 -19.23
N ALA H 394 -31.90 -16.69 -18.24
CA ALA H 394 -31.48 -15.65 -17.30
C ALA H 394 -30.29 -16.08 -16.49
N ARG H 395 -29.90 -17.35 -16.55
CA ARG H 395 -28.70 -17.84 -15.88
C ARG H 395 -28.70 -17.45 -14.40
N PRO H 396 -29.72 -17.87 -13.65
CA PRO H 396 -29.79 -17.51 -12.22
C PRO H 396 -28.69 -18.15 -11.41
N VAL H 397 -28.53 -17.60 -10.21
CA VAL H 397 -27.56 -18.12 -9.27
C VAL H 397 -28.17 -19.28 -8.50
N ALA H 398 -29.38 -19.11 -8.02
CA ALA H 398 -30.04 -20.18 -7.29
C ALA H 398 -30.32 -21.35 -8.23
N PRO H 399 -30.09 -22.59 -7.80
CA PRO H 399 -30.40 -23.73 -8.68
C PRO H 399 -31.85 -23.72 -9.14
N ILE H 400 -32.06 -24.06 -10.39
CA ILE H 400 -33.40 -24.30 -10.90
C ILE H 400 -33.81 -25.74 -10.57
N LEU H 401 -35.11 -25.96 -10.34
CA LEU H 401 -35.74 -27.28 -10.43
C LEU H 401 -36.91 -27.17 -11.40
N SER H 402 -36.84 -27.87 -12.53
CA SER H 402 -37.87 -27.80 -13.55
C SER H 402 -38.80 -29.00 -13.38
N LEU H 403 -40.04 -28.74 -12.96
CA LEU H 403 -41.02 -29.77 -12.67
C LEU H 403 -42.01 -29.85 -13.82
N THR H 404 -41.98 -30.96 -14.54
CA THR H 404 -42.92 -31.17 -15.62
C THR H 404 -43.70 -32.47 -15.40
N PRO H 405 -44.92 -32.57 -15.92
CA PRO H 405 -45.62 -33.85 -15.89
C PRO H 405 -45.10 -34.83 -16.93
N ASP H 406 -44.68 -34.31 -18.07
CA ASP H 406 -44.28 -35.13 -19.21
C ASP H 406 -42.90 -35.75 -19.01
N ALA H 407 -42.78 -37.05 -19.29
CA ALA H 407 -41.45 -37.65 -19.23
C ALA H 407 -40.63 -37.33 -20.47
N GLU H 408 -41.27 -36.98 -21.59
CA GLU H 408 -40.56 -36.51 -22.77
C GLU H 408 -39.85 -35.20 -22.50
N VAL H 409 -40.60 -34.19 -22.00
CA VAL H 409 -40.01 -32.89 -21.70
C VAL H 409 -38.90 -33.05 -20.66
N ALA H 410 -39.14 -33.89 -19.65
CA ALA H 410 -38.10 -34.12 -18.67
C ALA H 410 -36.79 -34.61 -19.31
N ARG H 411 -36.90 -35.56 -20.24
CA ARG H 411 -35.72 -36.01 -20.97
C ARG H 411 -35.14 -34.89 -21.83
N ARG H 412 -35.99 -34.30 -22.67
CA ARG H 412 -35.59 -33.22 -23.57
C ARG H 412 -34.80 -32.14 -22.83
N LEU H 413 -35.25 -31.74 -21.64
CA LEU H 413 -34.57 -30.74 -20.81
C LEU H 413 -33.20 -31.17 -20.30
N GLY H 414 -32.74 -32.38 -20.63
CA GLY H 414 -31.41 -32.76 -20.18
C GLY H 414 -30.27 -32.01 -20.83
N LEU H 415 -30.56 -31.16 -21.84
CA LEU H 415 -29.58 -30.34 -22.52
C LEU H 415 -29.62 -28.86 -22.13
N VAL H 416 -30.56 -28.42 -21.30
CA VAL H 416 -30.70 -27.02 -20.98
C VAL H 416 -29.91 -26.70 -19.73
N TRP H 417 -29.07 -25.67 -19.80
CA TRP H 417 -28.26 -25.24 -18.66
C TRP H 417 -29.06 -25.21 -17.38
N GLY H 418 -28.49 -25.79 -16.32
CA GLY H 418 -29.08 -25.82 -14.99
C GLY H 418 -30.55 -26.23 -14.82
N ALA H 419 -31.17 -26.76 -15.87
CA ALA H 419 -32.60 -26.97 -15.82
C ALA H 419 -33.01 -27.94 -14.73
N GLN H 420 -32.22 -29.00 -14.52
CA GLN H 420 -32.48 -30.01 -13.50
C GLN H 420 -33.92 -30.52 -13.56
N PRO H 421 -34.28 -31.22 -14.62
CA PRO H 421 -35.69 -31.61 -14.78
C PRO H 421 -36.11 -32.68 -13.79
N VAL H 422 -37.42 -32.72 -13.55
CA VAL H 422 -38.01 -33.65 -12.62
C VAL H 422 -39.42 -33.98 -13.07
N GLN H 423 -39.71 -35.27 -13.24
CA GLN H 423 -41.06 -35.67 -13.60
C GLN H 423 -41.90 -35.75 -12.33
N VAL H 424 -43.11 -35.16 -12.40
CA VAL H 424 -44.03 -35.13 -11.27
C VAL H 424 -45.46 -35.29 -11.77
N SER H 425 -46.30 -35.77 -10.88
CA SER H 425 -47.72 -35.88 -11.18
C SER H 425 -48.28 -34.48 -11.31
N THR H 426 -49.27 -34.31 -12.17
CA THR H 426 -49.78 -32.98 -12.35
C THR H 426 -50.34 -32.44 -11.03
N VAL H 427 -50.51 -31.12 -10.99
CA VAL H 427 -51.13 -30.43 -9.89
C VAL H 427 -52.14 -29.47 -10.50
N LYS H 428 -53.29 -29.33 -9.84
CA LYS H 428 -54.41 -28.60 -10.40
C LYS H 428 -54.78 -27.37 -9.59
N THR H 429 -54.08 -27.11 -8.47
CA THR H 429 -54.27 -25.91 -7.66
C THR H 429 -52.93 -25.34 -7.20
N LEU H 430 -52.96 -24.06 -6.85
CA LEU H 430 -51.76 -23.39 -6.36
C LEU H 430 -51.29 -24.00 -5.04
N ASP H 431 -52.22 -24.42 -4.19
CA ASP H 431 -51.80 -25.08 -2.97
C ASP H 431 -51.04 -26.37 -3.27
N GLU H 432 -51.51 -27.17 -4.22
CA GLU H 432 -50.83 -28.41 -4.54
C GLU H 432 -49.40 -28.13 -5.02
N ALA H 433 -49.26 -27.13 -5.89
CA ALA H 433 -47.98 -26.82 -6.51
C ALA H 433 -46.92 -26.43 -5.49
N LYS H 434 -47.29 -25.63 -4.48
CA LYS H 434 -46.26 -25.16 -3.57
C LYS H 434 -45.93 -26.19 -2.52
N LYS H 435 -46.85 -27.12 -2.24
CA LYS H 435 -46.46 -28.25 -1.41
C LYS H 435 -45.52 -29.19 -2.18
N LEU H 436 -45.75 -29.33 -3.48
CA LEU H 436 -44.86 -30.17 -4.26
C LEU H 436 -43.51 -29.50 -4.49
N ALA H 437 -43.52 -28.19 -4.76
CA ALA H 437 -42.25 -27.46 -4.89
C ALA H 437 -41.42 -27.63 -3.63
N ALA H 438 -42.02 -27.40 -2.47
CA ALA H 438 -41.24 -27.44 -1.24
C ALA H 438 -40.78 -28.86 -0.95
N GLU H 439 -41.66 -29.85 -1.15
CA GLU H 439 -41.26 -31.22 -0.84
C GLU H 439 -40.17 -31.70 -1.80
N THR H 440 -40.31 -31.37 -3.09
CA THR H 440 -39.28 -31.70 -4.06
C THR H 440 -37.94 -31.09 -3.70
N ALA H 441 -37.93 -29.81 -3.29
CA ALA H 441 -36.66 -29.14 -2.99
C ALA H 441 -36.02 -29.71 -1.74
N LYS H 442 -36.84 -30.22 -0.81
CA LYS H 442 -36.30 -30.81 0.41
C LYS H 442 -35.75 -32.22 0.14
N LYS H 443 -36.45 -32.99 -0.69
CA LYS H 443 -36.06 -34.39 -0.91
C LYS H 443 -34.65 -34.49 -1.47
N TYR H 444 -34.37 -33.75 -2.53
CA TYR H 444 -33.06 -33.69 -3.15
C TYR H 444 -32.13 -32.69 -2.48
N GLY H 445 -32.44 -32.25 -1.27
CA GLY H 445 -31.48 -31.54 -0.44
C GLY H 445 -31.08 -30.13 -0.83
N PHE H 446 -31.91 -29.39 -1.55
CA PHE H 446 -31.60 -27.97 -1.78
C PHE H 446 -32.05 -27.08 -0.64
N ALA H 447 -33.07 -27.49 0.12
CA ALA H 447 -33.66 -26.66 1.16
C ALA H 447 -33.98 -27.50 2.37
N LYS H 448 -33.65 -26.99 3.56
CA LYS H 448 -34.21 -27.49 4.81
C LYS H 448 -35.46 -26.68 5.11
N ALA H 449 -36.32 -27.21 5.98
CA ALA H 449 -37.62 -26.56 6.16
C ALA H 449 -37.42 -25.12 6.60
N GLY H 450 -38.23 -24.22 6.05
CA GLY H 450 -38.16 -22.81 6.37
C GLY H 450 -37.25 -21.98 5.48
N ASP H 451 -36.23 -22.58 4.86
CA ASP H 451 -35.56 -21.89 3.76
C ASP H 451 -36.60 -21.38 2.77
N LYS H 452 -36.19 -20.48 1.88
CA LYS H 452 -37.13 -19.84 0.97
C LYS H 452 -36.93 -20.39 -0.43
N LEU H 453 -38.02 -20.42 -1.18
CA LEU H 453 -38.04 -20.91 -2.53
C LEU H 453 -38.84 -19.91 -3.36
N VAL H 454 -38.51 -19.80 -4.63
CA VAL H 454 -39.29 -19.01 -5.57
C VAL H 454 -39.99 -20.00 -6.49
N VAL H 455 -41.31 -19.87 -6.63
CA VAL H 455 -42.09 -20.77 -7.46
C VAL H 455 -42.56 -19.99 -8.68
N VAL H 456 -42.40 -20.57 -9.86
CA VAL H 456 -42.85 -20.03 -11.13
C VAL H 456 -43.83 -21.02 -11.72
N ALA H 457 -44.98 -20.53 -12.18
CA ALA H 457 -46.04 -21.45 -12.57
C ALA H 457 -47.10 -20.73 -13.36
N GLY H 458 -48.01 -21.54 -13.95
CA GLY H 458 -49.18 -21.05 -14.67
C GLY H 458 -50.49 -21.14 -13.90
N GLU H 459 -51.09 -19.99 -13.56
CA GLU H 459 -52.25 -19.99 -12.67
C GLU H 459 -53.41 -20.78 -13.26
N PRO H 460 -53.82 -20.57 -14.52
CA PRO H 460 -54.62 -21.60 -15.22
C PRO H 460 -53.95 -22.97 -15.19
N PHE H 461 -54.06 -23.70 -14.08
CA PHE H 461 -53.19 -24.86 -13.92
C PHE H 461 -53.42 -25.93 -15.00
N GLY H 462 -52.31 -26.49 -15.45
CA GLY H 462 -52.31 -27.69 -16.23
C GLY H 462 -52.16 -27.49 -17.73
N LYS H 463 -52.34 -26.28 -18.25
CA LYS H 463 -52.19 -26.05 -19.68
C LYS H 463 -50.92 -25.25 -20.00
N ALA H 464 -50.37 -25.50 -21.20
CA ALA H 464 -49.13 -24.95 -21.68
C ALA H 464 -49.21 -23.45 -21.91
N GLY H 465 -48.04 -22.80 -21.95
CA GLY H 465 -47.90 -21.37 -22.27
C GLY H 465 -48.68 -20.40 -21.40
N THR H 466 -48.88 -20.73 -20.11
CA THR H 466 -49.68 -19.87 -19.25
C THR H 466 -48.97 -19.43 -17.98
N THR H 467 -47.64 -19.47 -17.94
CA THR H 467 -46.96 -19.09 -16.71
C THR H 467 -47.23 -17.63 -16.43
N ASN H 468 -47.67 -17.34 -15.21
CA ASN H 468 -48.04 -15.97 -14.88
C ASN H 468 -47.87 -15.68 -13.41
N ILE H 469 -47.15 -16.52 -12.67
CA ILE H 469 -47.09 -16.47 -11.21
C ILE H 469 -45.63 -16.47 -10.79
N VAL H 470 -45.27 -15.56 -9.90
CA VAL H 470 -44.10 -15.76 -9.04
C VAL H 470 -44.63 -15.73 -7.62
N ASP H 471 -44.22 -16.70 -6.81
CA ASP H 471 -44.77 -16.91 -5.49
C ASP H 471 -43.64 -17.29 -4.57
N VAL H 472 -43.34 -16.45 -3.60
CA VAL H 472 -42.31 -16.76 -2.62
C VAL H 472 -42.96 -17.53 -1.48
N ILE H 473 -42.37 -18.68 -1.16
CA ILE H 473 -42.88 -19.59 -0.15
C ILE H 473 -41.73 -20.03 0.73
N GLU H 474 -42.06 -20.77 1.77
CA GLU H 474 -41.05 -21.36 2.62
C GLU H 474 -41.11 -22.89 2.47
N ALA H 475 -40.03 -23.55 2.83
CA ALA H 475 -39.98 -24.98 2.66
C ALA H 475 -40.22 -25.68 4.00
C1 GOL I . 16.95 7.31 28.46
O1 GOL I . 16.43 7.09 29.76
C2 GOL I . 15.98 8.32 27.70
O2 GOL I . 15.90 9.64 28.25
C3 GOL I . 16.54 8.36 26.26
O3 GOL I . 15.85 9.43 25.61
H11 GOL I . 17.84 7.69 28.48
H12 GOL I . 17.02 6.49 27.94
HO1 GOL I . 16.90 6.48 30.12
H2 GOL I . 15.06 7.98 27.76
HO2 GOL I . 16.50 9.71 28.85
H31 GOL I . 17.50 8.48 26.30
H32 GOL I . 16.40 7.49 25.84
HO3 GOL I . 16.25 9.56 24.87
C1 GOL J . 11.32 30.75 16.52
O1 GOL J . 12.47 31.23 16.03
C2 GOL J . 10.06 31.74 16.29
O2 GOL J . 9.01 31.43 17.16
C3 GOL J . 10.42 33.22 16.48
O3 GOL J . 9.71 33.88 15.36
H11 GOL J . 11.09 29.90 16.11
H12 GOL J . 11.38 30.58 17.47
H2 GOL J . 9.82 31.60 15.37
HO2 GOL J . 9.33 31.28 17.93
H31 GOL J . 10.13 33.53 17.36
H32 GOL J . 11.38 33.35 16.46
HO3 GOL J . 9.04 34.29 15.69
C1 GOL K . -4.26 27.05 0.43
O1 GOL K . -4.69 27.86 1.60
C2 GOL K . -3.18 27.81 -0.51
O2 GOL K . -2.72 26.98 -1.66
C3 GOL K . -3.92 29.13 -1.03
O3 GOL K . -3.70 30.24 -0.14
H11 GOL K . -3.85 26.21 0.71
H12 GOL K . -5.01 26.81 -0.13
HO1 GOL K . -5.07 27.33 2.13
H2 GOL K . -2.39 28.01 0.02
HO2 GOL K . -3.40 26.80 -2.13
H31 GOL K . -3.60 29.31 -1.93
H32 GOL K . -4.86 28.91 -1.13
HO3 GOL K . -3.59 29.92 0.64
P PO4 L . 10.88 20.93 -1.25
O1 PO4 L . 10.73 19.55 -1.89
O2 PO4 L . 11.73 20.88 -0.01
O3 PO4 L . 9.49 21.42 -0.89
O4 PO4 L . 11.51 21.88 -2.23
C1 GOL M . 24.58 -0.96 -17.62
O1 GOL M . 24.49 -1.70 -18.81
C2 GOL M . 23.18 -0.31 -17.43
O2 GOL M . 22.19 -1.28 -17.23
C3 GOL M . 23.35 0.70 -16.28
O3 GOL M . 22.35 0.49 -15.25
H11 GOL M . 24.80 -1.51 -16.85
H12 GOL M . 25.26 -0.27 -17.65
H2 GOL M . 22.88 0.17 -18.22
HO2 GOL M . 21.64 -1.22 -17.87
H31 GOL M . 24.25 0.61 -15.93
H32 GOL M . 23.31 1.59 -16.65
HO3 GOL M . 21.88 -0.17 -15.50
P PO4 N . 10.01 7.82 -18.08
O1 PO4 N . 10.91 6.66 -17.86
O2 PO4 N . 9.52 8.34 -16.74
O3 PO4 N . 8.87 7.43 -18.98
O4 PO4 N . 10.91 8.83 -18.74
P PO4 O . -9.33 30.11 -29.42
O1 PO4 O . -9.74 29.61 -28.08
O2 PO4 O . -9.72 29.04 -30.44
O3 PO4 O . -10.02 31.41 -29.72
O4 PO4 O . -7.87 30.47 -29.41
P PO4 P . 30.84 -32.75 30.09
O1 PO4 P . 30.80 -33.27 31.50
O2 PO4 P . 31.49 -33.79 29.20
O3 PO4 P . 29.40 -32.56 29.68
O4 PO4 P . 31.65 -31.48 30.02
C1 GOL Q . 9.42 -3.69 30.34
O1 GOL Q . 8.37 -4.65 30.42
C2 GOL Q . 10.64 -4.24 29.40
O2 GOL Q . 11.16 -3.22 28.59
C3 GOL Q . 11.65 -4.83 30.41
O3 GOL Q . 12.42 -5.88 29.86
H11 GOL Q . 9.10 -2.85 29.97
H12 GOL Q . 9.78 -3.47 31.21
HO1 GOL Q . 7.68 -4.31 30.05
H2 GOL Q . 10.35 -4.93 28.78
HO2 GOL Q . 11.19 -3.51 27.79
H31 GOL Q . 11.15 -5.10 31.19
H32 GOL Q . 12.20 -4.08 30.72
HO3 GOL Q . 13.03 -6.06 30.43
P PO4 R . 28.67 -9.39 51.42
O1 PO4 R . 28.59 -10.78 52.07
O2 PO4 R . 28.19 -8.35 52.43
O3 PO4 R . 27.74 -9.40 50.27
O4 PO4 R . 30.05 -9.02 50.91
P PO4 S . 41.90 18.23 -5.71
O1 PO4 S . 41.45 16.80 -5.82
O2 PO4 S . 41.85 18.64 -4.25
O3 PO4 S . 40.96 18.97 -6.65
O4 PO4 S . 43.33 18.43 -6.19
P PO4 T . -49.59 -5.65 4.33
O1 PO4 T . -50.66 -6.64 3.98
O2 PO4 T . -48.23 -6.25 4.59
O3 PO4 T . -50.06 -4.93 5.56
O4 PO4 T . -49.45 -4.71 3.17
P PO4 U . -44.77 -24.08 -20.44
O1 PO4 U . -45.82 -24.36 -19.40
O2 PO4 U . -44.36 -25.37 -21.16
O3 PO4 U . -43.54 -23.57 -19.74
O4 PO4 U . -45.28 -23.08 -21.44
#